data_6N1W
#
_entry.id   6N1W
#
loop_
_entity.id
_entity.type
_entity.pdbx_description
1 polymer 'Envelope glycoprotein gp120'
2 polymer 'DFPH-a.15 heavy chain'
3 polymer 'DFPH-a.15 Light chain'
4 polymer 'PGT122 Heavy chain'
5 polymer 'PGT122 Light chain'
6 polymer 'VRC03 Light chain'
7 polymer 'VRC03 Heavy chain'
8 polymer 'Envelope glycoprotein gp41'
9 branched 2-acetamido-2-deoxy-beta-D-glucopyranose-(1-4)-2-acetamido-2-deoxy-beta-D-glucopyranose
10 branched alpha-D-mannopyranose-(1-3)-beta-D-mannopyranose-(1-4)-2-acetamido-2-deoxy-beta-D-glucopyranose-(1-4)-2-acetamido-2-deoxy-beta-D-glucopyranose
11 branched alpha-D-mannopyranose-(1-3)-[alpha-D-mannopyranose-(1-6)]beta-D-mannopyranose-(1-4)-2-acetamido-2-deoxy-beta-D-glucopyranose-(1-4)-2-acetamido-2-deoxy-beta-D-glucopyranose
12 branched beta-D-mannopyranose-(1-4)-2-acetamido-2-deoxy-beta-D-glucopyranose-(1-4)-2-acetamido-2-deoxy-beta-D-glucopyranose
13 branched alpha-D-mannopyranose-(1-2)-alpha-D-mannopyranose-(1-2)-alpha-D-mannopyranose-(1-3)-[alpha-D-mannopyranose-(1-3)-[alpha-D-mannopyranose-(1-6)]alpha-D-mannopyranose-(1-6)]beta-D-mannopyranose-(1-4)-2-acetamido-2-deoxy-beta-D-glucopyranose-(1-4)-2-acetamido-2-deoxy-beta-D-glucopyranose
14 non-polymer 2-acetamido-2-deoxy-beta-D-glucopyranose
#
loop_
_entity_poly.entity_id
_entity_poly.type
_entity_poly.pdbx_seq_one_letter_code
_entity_poly.pdbx_strand_id
1 'polypeptide(L)'
;AENLWVTVYYGVPVWKDAETTLFCASDAKAYETEKHNVWATHACVPTDPNPQEIHLENVTEEFNMWKNNMVEQMHTDIIS
LWDQSLKPCVKLTPLCVTLQCTNVTNNITDDMRGELKNCSFNMTTELRDKKQKVYSLFYRLDVVQINENQGNRSNNSNKE
YRLINCNTSACTQACPKVSFEPIPIHYCAPAGFAILKCKDKKFNGTGPCPSVSTVQCTHGIKPVVSTQLLLNGSLAEEEV
MIRSENITNNAKNILVQFNTPVQINCTRPNNNTRKSIRIGPGQAFYATGDIIGDIRQAHCNVSKATWNETLGKVVKQLRK
HFGNNTIIRFANSSGGDLEVTTHSFNCGGEFFYCNTSGLFNSTWISNTSVQGSNSTGSNDSITLPCRIKQIINMWQRIGQ
CMYAPPIQGVIRCVSNITGLILTRDGGSTNSTTETFRPGGGDMRDNWRSELYKYKVVKIEPLGVAPTRCKRRV
;
2,C,c
2 'polypeptide(L)'
;QVQLQVSGPGVVRPSETLSLTCEVSSGSTSRDFFYWSWVRQTPGKGLEWIGGMYSNSEETNHNPSLKSRVIISKDTSKNE
FSLRLTSVTAADTAVYFCSSRAKIYYSASYSGGRIDVWGPGLLVTVSSASTKGPSVFPLAPSSESTAALGCLVKDYFPEP
VTVSWNSGSLTSGVHTFPAVLQSSGLYSLSSVVTVPSSSLGTQTYVCNVNHKPSNTKVDKRVEI
;
3,H,h
3 'polypeptide(L)'
;DIQMTQSPSSLSASIGDRVTVTCRASQGIDKDLSWFQQKPGKAPTLLIYTASTLQTGVSSRFSGSGSGTDFSLTINNLQP
EDVATYFCQQDFSFPLTFGGGTKVDFKRTVAAPSVFIFPPSEDQVKSGTVSVVCLLNNFYPREASVKWKVDGVLKTGNSQ
ESVTEQDSKDNTYSLSSTLTLSNTDYQSHNVYACEVTHQGLSSPVTKSFNRG
;
4,L,l
4 'polypeptide(L)'
;QVHLQESGPGLVKPSETLSLTCNVSGTLVRDNYWSWIRQPLGKQPEWIGYVHDSGDTNYNPSLKSRVHLSLDKSKNLVSL
RLTGVTAADSAIYYCATTKHGRRIYGVVAFKEWFTYFYMDVWGKGTSVTVSS
;
5,M,m
5 'polypeptide(L)'
;TFVSVAPGQTARITCGEESLGSRSVIWYQQRPGQAPSLIIYNNNDRPSGIPDRFSGSPGSTFGTTATLTITSVEAGDEAD
YYCHIWDSRRPTNWVFGEGTTLIVL
;
6,N,n
6 'polypeptide(L)'
;EIVLTQSPGILSLSPGETATLFCKASQGGNAMTWYQKRRGQVPRLLIYDTSRRASGVPDRFVGSGSGTDFFLTINKLDRE
DFAVYYCQQFEFFGLGSELEVH
;
7,R,r
7 'polypeptide(L)'
;QVQLVQSGAVIKTPGSSVKISCRASGYNFRDYSIHWVRLIPDKGFEWIGWIKPLWGAVSYARQLQGRVSMTRQLSQDPDD
PDWGVAYMEFSGLTPADTAEYFCVRRGSCDYCGDFPWQYWGQGTVVVV
;
8,Q,q
8 'polypeptide(L)'
;AVGIGAVFLGFLGAAGSTMGAASMTLTVQARNLLSGIVQQQSNLLRAIEAQQHLLKLTVWGIKQLQARVLAVERYLRDQQ
LLGIWGCSGKLICCTNVPWNSSWSNRNLSEIWDNMTWLQWDKEISNYTQIIYGLLEESQNQQEKNEQDLLALD
;
A,D,d
#
loop_
_chem_comp.id
_chem_comp.type
_chem_comp.name
_chem_comp.formula
BMA D-saccharide, beta linking beta-D-mannopyranose 'C6 H12 O6'
MAN D-saccharide, alpha linking alpha-D-mannopyranose 'C6 H12 O6'
NAG D-saccharide, beta linking 2-acetamido-2-deoxy-beta-D-glucopyranose 'C8 H15 N O6'
#
# COMPACT_ATOMS: atom_id res chain seq x y z
N ALA A 1 26.85 -30.20 -49.02
CA ALA A 1 27.61 -29.36 -48.10
C ALA A 1 27.25 -27.89 -48.28
N GLU A 2 26.86 -27.53 -49.51
CA GLU A 2 26.38 -26.17 -49.77
C GLU A 2 25.02 -25.91 -49.14
N ASN A 3 24.25 -26.96 -48.88
CA ASN A 3 22.98 -26.82 -48.18
C ASN A 3 23.22 -26.71 -46.68
N LEU A 4 22.81 -25.60 -46.09
CA LEU A 4 23.00 -25.36 -44.66
C LEU A 4 21.74 -25.65 -43.87
N TRP A 5 21.94 -25.87 -42.57
CA TRP A 5 20.88 -26.18 -41.62
C TRP A 5 20.85 -25.14 -40.52
N VAL A 6 19.65 -24.80 -40.07
CA VAL A 6 19.45 -23.76 -39.07
C VAL A 6 19.81 -24.31 -37.70
N THR A 7 20.35 -23.46 -36.83
CA THR A 7 20.65 -23.81 -35.45
C THR A 7 20.24 -22.64 -34.57
N VAL A 8 19.68 -22.96 -33.41
CA VAL A 8 19.31 -21.95 -32.42
C VAL A 8 20.32 -22.02 -31.28
N TYR A 9 20.87 -20.87 -30.95
CA TYR A 9 21.81 -20.76 -29.84
C TYR A 9 21.16 -19.90 -28.77
N TYR A 10 21.18 -20.37 -27.53
CA TYR A 10 20.55 -19.67 -26.44
C TYR A 10 21.61 -19.08 -25.53
N GLY A 11 21.38 -17.84 -25.06
CA GLY A 11 22.40 -17.07 -24.36
C GLY A 11 23.31 -16.25 -25.23
N VAL A 12 22.91 -15.97 -26.47
CA VAL A 12 23.70 -15.16 -27.39
C VAL A 12 23.73 -13.73 -26.88
N PRO A 13 24.90 -13.14 -26.71
CA PRO A 13 24.96 -11.75 -26.27
C PRO A 13 24.59 -10.78 -27.38
N VAL A 14 23.37 -10.27 -27.28
CA VAL A 14 22.84 -9.25 -28.18
C VAL A 14 21.69 -8.57 -27.44
N TRP A 15 21.66 -7.26 -27.53
CA TRP A 15 20.71 -6.45 -26.77
C TRP A 15 19.93 -5.56 -27.73
N LYS A 16 18.80 -5.07 -27.24
CA LYS A 16 18.10 -4.00 -27.93
C LYS A 16 17.90 -2.81 -27.01
N ASP A 17 17.56 -1.68 -27.61
CA ASP A 17 17.26 -0.47 -26.85
C ASP A 17 15.91 -0.62 -26.21
N ALA A 18 15.82 -0.25 -24.93
CA ALA A 18 14.60 -0.54 -24.20
C ALA A 18 14.37 0.50 -23.11
N GLU A 19 13.18 0.42 -22.52
CA GLU A 19 12.76 1.25 -21.39
C GLU A 19 12.22 0.33 -20.31
N THR A 20 12.94 0.26 -19.19
CA THR A 20 12.46 -0.47 -18.03
C THR A 20 12.69 0.36 -16.78
N THR A 21 12.32 -0.20 -15.64
CA THR A 21 12.43 0.47 -14.36
C THR A 21 13.66 -0.06 -13.62
N LEU A 22 14.70 0.75 -13.54
CA LEU A 22 15.84 0.43 -12.69
C LEU A 22 15.45 0.64 -11.22
N PHE A 23 16.07 -0.13 -10.33
CA PHE A 23 15.79 0.00 -8.90
C PHE A 23 16.93 0.71 -8.20
N CYS A 24 16.58 1.59 -7.27
CA CYS A 24 17.57 2.32 -6.49
C CYS A 24 18.30 1.38 -5.54
N ALA A 25 19.54 1.75 -5.20
CA ALA A 25 20.35 1.00 -4.23
C ALA A 25 21.35 1.98 -3.64
N SER A 26 21.16 2.34 -2.38
CA SER A 26 22.11 3.20 -1.71
C SER A 26 23.19 2.36 -1.02
N ASP A 27 24.24 3.03 -0.57
CA ASP A 27 25.35 2.34 0.07
C ASP A 27 25.00 2.00 1.51
N ALA A 28 25.58 0.89 2.00
CA ALA A 28 25.36 0.44 3.36
C ALA A 28 26.04 1.32 4.40
N LYS A 29 26.98 2.19 3.98
CA LYS A 29 27.61 3.11 4.91
C LYS A 29 26.63 4.13 5.45
N ALA A 30 25.64 4.53 4.64
CA ALA A 30 24.60 5.42 5.13
C ALA A 30 23.64 4.70 6.07
N TYR A 31 23.55 3.37 5.98
CA TYR A 31 22.76 2.62 6.94
C TYR A 31 23.43 2.57 8.31
N GLU A 32 24.75 2.74 8.36
CA GLU A 32 25.46 2.82 9.63
C GLU A 32 25.07 4.05 10.43
N THR A 33 24.73 5.14 9.74
CA THR A 33 24.14 6.32 10.37
C THR A 33 22.63 6.20 10.17
N GLU A 34 22.01 5.46 11.07
CA GLU A 34 20.67 4.92 10.86
C GLU A 34 19.61 5.91 11.36
N LYS A 35 18.39 5.40 11.53
CA LYS A 35 17.25 6.07 12.15
C LYS A 35 16.76 7.26 11.36
N HIS A 36 16.54 7.06 10.05
CA HIS A 36 15.73 7.91 9.19
C HIS A 36 16.26 9.34 9.10
N ASN A 37 17.58 9.49 9.14
CA ASN A 37 18.19 10.80 9.12
C ASN A 37 18.10 11.46 7.75
N VAL A 38 18.08 10.65 6.68
CA VAL A 38 17.73 11.12 5.34
C VAL A 38 16.73 10.14 4.76
N TRP A 39 16.32 10.43 3.53
CA TRP A 39 15.53 9.49 2.78
C TRP A 39 16.43 8.38 2.25
N ALA A 40 15.82 7.23 1.99
CA ALA A 40 16.44 6.03 1.42
C ALA A 40 17.57 5.45 2.27
N THR A 41 17.66 5.79 3.56
CA THR A 41 18.59 5.08 4.44
C THR A 41 17.99 3.80 5.00
N HIS A 42 16.70 3.57 4.75
CA HIS A 42 16.00 2.37 5.16
C HIS A 42 15.20 1.75 4.04
N ALA A 43 14.98 2.48 2.95
CA ALA A 43 14.22 2.00 1.80
C ALA A 43 15.10 1.73 0.59
N CYS A 44 16.29 1.17 0.81
CA CYS A 44 17.21 0.94 -0.30
C CYS A 44 18.05 -0.29 -0.01
N VAL A 45 18.14 -1.16 -0.99
CA VAL A 45 18.99 -2.35 -0.90
C VAL A 45 20.45 -1.91 -0.84
N PRO A 46 21.27 -2.48 0.05
CA PRO A 46 22.67 -2.05 0.15
C PRO A 46 23.48 -2.46 -1.06
N THR A 47 24.49 -1.64 -1.37
CA THR A 47 25.24 -1.75 -2.61
C THR A 47 26.14 -2.97 -2.64
N ASP A 48 26.61 -3.29 -3.83
CA ASP A 48 27.66 -4.27 -4.03
C ASP A 48 29.01 -3.62 -3.81
N PRO A 49 29.86 -4.15 -2.92
CA PRO A 49 31.17 -3.53 -2.67
C PRO A 49 32.15 -3.61 -3.83
N ASN A 50 31.88 -4.43 -4.85
CA ASN A 50 32.69 -4.47 -6.05
C ASN A 50 31.81 -4.13 -7.25
N PRO A 51 31.65 -2.83 -7.56
CA PRO A 51 31.05 -2.48 -8.85
C PRO A 51 31.97 -2.92 -9.97
N GLN A 52 31.44 -3.76 -10.86
CA GLN A 52 32.25 -4.58 -11.75
C GLN A 52 31.95 -4.18 -13.18
N GLU A 53 32.63 -3.14 -13.65
CA GLU A 53 32.47 -2.74 -15.05
C GLU A 53 33.40 -3.55 -15.94
N ILE A 54 32.91 -3.89 -17.11
CA ILE A 54 33.59 -4.80 -18.01
C ILE A 54 33.81 -4.07 -19.32
N HIS A 55 35.07 -3.85 -19.68
CA HIS A 55 35.41 -3.05 -20.84
C HIS A 55 35.31 -3.87 -22.12
N LEU A 56 34.55 -3.37 -23.08
CA LEU A 56 34.25 -4.16 -24.26
C LEU A 56 35.29 -3.92 -25.37
N GLU A 57 35.11 -4.64 -26.47
CA GLU A 57 36.04 -4.61 -27.59
C GLU A 57 35.28 -4.55 -28.90
N ASN A 58 35.78 -3.70 -29.82
CA ASN A 58 35.33 -3.62 -31.21
C ASN A 58 33.85 -3.29 -31.35
N VAL A 59 33.31 -2.55 -30.40
CA VAL A 59 31.87 -2.34 -30.33
C VAL A 59 31.59 -0.85 -30.37
N THR A 60 30.42 -0.50 -30.91
CA THR A 60 30.02 0.89 -31.09
C THR A 60 28.51 0.97 -31.08
N GLU A 61 27.95 1.71 -30.13
CA GLU A 61 26.52 1.97 -30.07
C GLU A 61 26.26 3.47 -30.11
N GLU A 62 25.13 3.85 -30.69
CA GLU A 62 24.73 5.24 -30.77
C GLU A 62 23.87 5.61 -29.57
N PHE A 63 24.26 6.69 -28.89
CA PHE A 63 23.59 7.10 -27.66
C PHE A 63 22.88 8.42 -27.93
N ASN A 64 21.98 8.78 -27.01
CA ASN A 64 21.28 10.05 -27.10
C ASN A 64 20.85 10.43 -25.69
N MET A 65 21.46 11.48 -25.14
CA MET A 65 21.10 11.88 -23.78
C MET A 65 19.76 12.59 -23.74
N TRP A 66 19.25 13.08 -24.86
CA TRP A 66 18.10 13.96 -24.81
C TRP A 66 16.78 13.20 -24.93
N LYS A 67 16.73 12.19 -25.79
CA LYS A 67 15.59 11.28 -25.83
C LYS A 67 15.79 10.07 -24.93
N ASN A 68 16.70 10.15 -23.98
CA ASN A 68 16.99 9.01 -23.11
C ASN A 68 15.88 8.80 -22.11
N ASN A 69 15.69 7.54 -21.72
CA ASN A 69 14.83 7.19 -20.61
C ASN A 69 15.62 7.36 -19.31
N MET A 70 15.00 6.97 -18.19
CA MET A 70 15.58 6.83 -16.84
C MET A 70 16.11 8.12 -16.22
N VAL A 71 16.08 9.23 -16.96
CA VAL A 71 16.19 10.54 -16.34
C VAL A 71 14.81 10.99 -15.90
N GLU A 72 13.78 10.71 -16.71
CA GLU A 72 12.39 10.86 -16.31
C GLU A 72 12.09 9.99 -15.10
N GLN A 73 12.61 8.76 -15.09
CA GLN A 73 12.39 7.87 -13.96
C GLN A 73 13.06 8.38 -12.70
N MET A 74 14.26 8.97 -12.84
CA MET A 74 14.94 9.56 -11.69
C MET A 74 14.15 10.75 -11.16
N HIS A 75 13.61 11.57 -12.06
CA HIS A 75 12.82 12.73 -11.67
C HIS A 75 11.56 12.31 -10.92
N THR A 76 10.84 11.33 -11.46
CA THR A 76 9.61 10.85 -10.83
C THR A 76 9.91 10.17 -9.50
N ASP A 77 11.01 9.42 -9.43
CA ASP A 77 11.36 8.70 -8.21
C ASP A 77 11.75 9.67 -7.10
N ILE A 78 12.51 10.71 -7.43
CA ILE A 78 12.93 11.66 -6.42
C ILE A 78 11.77 12.53 -5.97
N ILE A 79 10.86 12.89 -6.89
CA ILE A 79 9.68 13.66 -6.51
C ILE A 79 8.78 12.85 -5.59
N SER A 80 8.50 11.60 -5.94
CA SER A 80 7.62 10.78 -5.14
C SER A 80 8.25 10.41 -3.80
N LEU A 81 9.57 10.20 -3.77
CA LEU A 81 10.24 9.90 -2.51
C LEU A 81 10.34 11.13 -1.62
N TRP A 82 10.48 12.31 -2.23
CA TRP A 82 10.42 13.56 -1.50
C TRP A 82 9.04 13.77 -0.88
N ASP A 83 7.99 13.41 -1.62
CA ASP A 83 6.64 13.47 -1.08
C ASP A 83 6.45 12.44 0.03
N GLN A 84 7.17 11.31 -0.05
CA GLN A 84 7.00 10.25 0.94
C GLN A 84 7.65 10.57 2.27
N SER A 85 8.57 11.53 2.33
CA SER A 85 9.17 11.92 3.60
C SER A 85 8.47 13.10 4.24
N LEU A 86 7.18 13.29 3.95
CA LEU A 86 6.40 14.35 4.55
C LEU A 86 5.15 13.86 5.26
N LYS A 87 4.67 12.66 4.93
CA LYS A 87 3.47 12.14 5.57
C LYS A 87 3.57 11.91 7.08
N PRO A 88 4.67 11.42 7.66
CA PRO A 88 4.70 11.37 9.14
C PRO A 88 4.83 12.72 9.81
N CYS A 89 5.17 13.77 9.08
CA CYS A 89 5.45 15.04 9.73
C CYS A 89 4.17 15.85 9.91
N VAL A 90 4.32 17.04 10.47
CA VAL A 90 3.22 17.82 11.03
C VAL A 90 2.70 18.80 9.97
N LYS A 91 1.38 18.86 9.82
CA LYS A 91 0.74 19.90 9.04
C LYS A 91 0.58 21.16 9.89
N LEU A 92 0.82 22.31 9.29
CA LEU A 92 0.70 23.59 10.00
C LEU A 92 -0.71 24.16 9.84
N THR A 93 -1.70 23.36 10.17
CA THR A 93 -3.09 23.82 10.04
C THR A 93 -3.46 24.93 11.04
N PRO A 94 -3.09 24.87 12.33
CA PRO A 94 -3.41 26.03 13.17
C PRO A 94 -2.44 27.18 13.07
N LEU A 95 -1.61 27.26 12.03
CA LEU A 95 -0.62 28.33 11.96
C LEU A 95 -0.97 29.43 10.99
N CYS A 96 -1.85 29.18 10.01
CA CYS A 96 -2.27 30.24 9.11
C CYS A 96 -3.25 31.15 9.85
N VAL A 97 -2.74 32.18 10.51
CA VAL A 97 -3.50 32.89 11.53
C VAL A 97 -3.09 34.35 11.50
N THR A 98 -3.82 35.19 12.24
CA THR A 98 -3.53 36.62 12.28
C THR A 98 -2.21 36.89 12.98
N LEU A 99 -1.26 37.47 12.26
CA LEU A 99 0.09 37.71 12.78
C LEU A 99 0.28 39.20 13.05
N GLN A 100 0.54 39.54 14.30
CA GLN A 100 0.88 40.92 14.66
C GLN A 100 2.39 41.06 14.55
N CYS A 101 2.85 41.69 13.47
CA CYS A 101 4.27 41.79 13.17
C CYS A 101 4.73 43.23 13.32
N THR A 102 5.91 43.40 13.91
CA THR A 102 6.62 44.66 13.95
C THR A 102 7.97 44.49 13.25
N ASN A 103 8.70 45.60 13.14
CA ASN A 103 10.08 45.54 12.70
C ASN A 103 10.91 44.80 13.74
N VAL A 104 11.94 44.12 13.26
CA VAL A 104 12.91 43.51 14.18
C VAL A 104 13.71 44.62 14.85
N THR A 105 14.09 44.39 16.10
CA THR A 105 14.86 45.38 16.85
C THR A 105 16.24 45.51 16.23
N ASN A 106 16.48 46.65 15.60
CA ASN A 106 17.65 46.88 14.77
C ASN A 106 17.75 48.37 14.49
N ASN A 107 18.96 48.85 14.22
CA ASN A 107 19.14 50.23 13.78
C ASN A 107 18.58 50.35 12.37
N ILE A 108 17.40 50.94 12.24
CA ILE A 108 16.66 50.90 10.99
C ILE A 108 17.18 51.96 10.03
N THR A 109 17.44 51.55 8.79
CA THR A 109 17.75 52.46 7.71
C THR A 109 16.51 52.65 6.85
N ASP A 110 16.10 53.90 6.67
CA ASP A 110 14.86 54.18 5.94
C ASP A 110 15.01 53.93 4.44
N ASP A 111 16.23 53.99 3.90
CA ASP A 111 16.42 53.72 2.49
C ASP A 111 16.35 52.22 2.19
N MET A 112 17.03 51.42 3.02
CA MET A 112 17.00 49.97 2.88
C MET A 112 15.78 49.41 3.62
N ARG A 113 15.71 48.08 3.72
CA ARG A 113 14.62 47.42 4.42
C ARG A 113 15.19 46.33 5.31
N GLY A 114 14.59 46.18 6.49
CA GLY A 114 14.93 45.07 7.34
C GLY A 114 14.34 43.78 6.81
N GLU A 115 15.16 42.73 6.73
CA GLU A 115 14.73 41.45 6.19
C GLU A 115 14.15 40.53 7.23
N LEU A 116 13.88 41.03 8.44
CA LEU A 116 13.28 40.21 9.49
C LEU A 116 12.12 40.97 10.11
N LYS A 117 10.97 40.30 10.19
CA LYS A 117 9.81 40.85 10.85
C LYS A 117 9.50 39.98 12.06
N ASN A 118 9.29 40.63 13.19
CA ASN A 118 9.07 39.97 14.47
C ASN A 118 7.56 39.90 14.72
N CYS A 119 7.00 38.69 14.67
CA CYS A 119 5.56 38.49 14.67
C CYS A 119 5.13 37.73 15.93
N SER A 120 4.22 38.31 16.70
CA SER A 120 3.55 37.64 17.80
C SER A 120 2.12 37.32 17.39
N PHE A 121 1.56 36.25 17.96
CA PHE A 121 0.25 35.80 17.54
C PHE A 121 -0.39 34.89 18.57
N ASN A 122 -1.70 34.71 18.42
CA ASN A 122 -2.46 33.72 19.16
C ASN A 122 -2.09 32.34 18.66
N MET A 123 -1.81 31.42 19.57
CA MET A 123 -1.64 30.02 19.21
C MET A 123 -2.34 29.13 20.22
N THR A 124 -2.97 28.06 19.72
CA THR A 124 -3.58 27.08 20.60
C THR A 124 -2.51 26.31 21.35
N THR A 125 -2.75 26.09 22.64
CA THR A 125 -1.83 25.31 23.46
C THR A 125 -2.09 23.83 23.23
N GLU A 126 -1.50 22.98 24.06
CA GLU A 126 -1.86 21.57 24.03
C GLU A 126 -3.26 21.33 24.55
N LEU A 127 -3.77 22.22 25.40
CA LEU A 127 -5.13 22.14 25.90
C LEU A 127 -6.05 22.95 24.99
N ARG A 128 -7.23 22.40 24.71
CA ARG A 128 -8.13 23.01 23.75
C ARG A 128 -8.78 24.29 24.25
N ASP A 129 -8.83 24.49 25.56
CA ASP A 129 -9.51 25.67 26.09
C ASP A 129 -8.56 26.86 26.16
N LYS A 130 -7.35 26.64 26.65
CA LYS A 130 -6.40 27.72 26.84
C LYS A 130 -5.59 27.96 25.57
N LYS A 131 -5.42 29.24 25.23
CA LYS A 131 -4.57 29.67 24.13
C LYS A 131 -3.54 30.67 24.67
N GLN A 132 -2.41 30.74 23.98
CA GLN A 132 -1.27 31.53 24.43
C GLN A 132 -0.89 32.56 23.39
N LYS A 133 -0.04 33.50 23.81
CA LYS A 133 0.53 34.51 22.94
C LYS A 133 2.01 34.20 22.78
N VAL A 134 2.43 33.93 21.54
CA VAL A 134 3.79 33.50 21.31
C VAL A 134 4.35 34.24 20.10
N TYR A 135 5.66 34.53 20.14
CA TYR A 135 6.29 35.33 19.10
C TYR A 135 7.40 34.56 18.41
N SER A 136 7.76 35.04 17.22
CA SER A 136 8.75 34.41 16.36
C SER A 136 9.29 35.44 15.39
N LEU A 137 10.23 34.99 14.55
CA LEU A 137 10.89 35.85 13.58
C LEU A 137 10.76 35.22 12.19
N PHE A 138 10.40 36.04 11.20
CA PHE A 138 10.34 35.55 9.83
C PHE A 138 11.00 36.55 8.89
N TYR A 139 11.10 36.16 7.63
CA TYR A 139 11.63 37.01 6.58
C TYR A 139 10.50 37.72 5.85
N ARG A 140 10.87 38.72 5.05
CA ARG A 140 9.89 39.42 4.22
C ARG A 140 9.29 38.49 3.17
N LEU A 141 10.06 37.52 2.71
CA LEU A 141 9.65 36.68 1.60
C LEU A 141 8.64 35.59 1.99
N ASP A 142 8.22 35.51 3.25
CA ASP A 142 7.23 34.52 3.66
C ASP A 142 5.92 35.12 4.13
N VAL A 143 5.86 36.42 4.39
CA VAL A 143 4.65 37.04 4.92
C VAL A 143 4.22 38.15 3.98
N VAL A 144 2.93 38.45 4.01
CA VAL A 144 2.36 39.54 3.23
C VAL A 144 1.38 40.32 4.08
N GLN A 145 1.27 41.61 3.78
CA GLN A 145 0.34 42.48 4.47
C GLN A 145 -1.06 42.26 3.95
N ILE A 146 -1.99 42.02 4.85
CA ILE A 146 -3.41 41.97 4.51
C ILE A 146 -4.01 43.32 4.88
N ASN A 147 -5.02 43.75 4.12
CA ASN A 147 -5.62 45.06 4.34
C ASN A 147 -7.04 44.92 4.84
N SER A 157 -1.98 53.02 10.49
CA SER A 157 -2.95 52.23 11.24
C SER A 157 -2.30 50.98 11.81
N ASN A 158 -3.12 49.93 11.97
CA ASN A 158 -2.62 48.63 12.41
C ASN A 158 -1.82 47.97 11.29
N LYS A 159 -0.97 47.02 11.68
CA LYS A 159 -0.10 46.32 10.74
C LYS A 159 -0.18 44.84 11.05
N GLU A 160 -1.11 44.15 10.40
CA GLU A 160 -1.31 42.72 10.57
C GLU A 160 -0.92 41.99 9.30
N TYR A 161 -0.16 40.92 9.45
CA TYR A 161 0.35 40.19 8.30
C TYR A 161 -0.29 38.80 8.28
N ARG A 162 0.08 38.03 7.26
CA ARG A 162 -0.30 36.63 7.19
C ARG A 162 0.78 35.89 6.39
N LEU A 163 0.70 34.57 6.41
CA LEU A 163 1.64 33.80 5.60
C LEU A 163 1.22 33.86 4.14
N ILE A 164 2.19 33.67 3.25
CA ILE A 164 1.91 33.82 1.82
C ILE A 164 1.14 32.60 1.30
N ASN A 165 1.28 31.46 1.97
CA ASN A 165 0.62 30.24 1.55
C ASN A 165 -0.70 30.00 2.28
N CYS A 166 -1.33 31.05 2.79
CA CYS A 166 -2.59 30.88 3.48
C CYS A 166 -3.76 30.57 2.55
N ASN A 167 -3.60 30.79 1.25
CA ASN A 167 -4.71 30.64 0.33
C ASN A 167 -4.44 29.61 -0.77
N THR A 168 -3.46 28.74 -0.58
CA THR A 168 -3.24 27.69 -1.57
C THR A 168 -3.15 26.30 -0.97
N SER A 169 -2.54 26.19 0.21
CA SER A 169 -2.24 24.88 0.78
C SER A 169 -1.84 25.05 2.24
N ALA A 170 -2.08 24.02 3.02
CA ALA A 170 -1.47 23.93 4.34
C ALA A 170 -0.05 23.42 4.17
N CYS A 171 0.90 24.08 4.81
CA CYS A 171 2.31 23.76 4.65
C CYS A 171 2.67 22.65 5.61
N THR A 172 3.04 21.49 5.07
CA THR A 172 3.61 20.43 5.87
C THR A 172 4.97 20.89 6.38
N GLN A 173 5.12 20.97 7.70
CA GLN A 173 6.42 21.24 8.28
C GLN A 173 7.32 20.05 8.05
N ALA A 174 8.55 20.31 7.60
CA ALA A 174 9.53 19.25 7.46
C ALA A 174 9.94 18.75 8.84
N CYS A 175 10.13 17.44 8.96
CA CYS A 175 10.59 16.87 10.21
C CYS A 175 12.02 17.33 10.49
N PRO A 176 12.29 17.93 11.66
CA PRO A 176 13.67 18.31 11.97
C PRO A 176 14.59 17.14 12.24
N LYS A 177 14.05 15.93 12.42
CA LYS A 177 14.88 14.75 12.55
C LYS A 177 15.57 14.42 11.24
N VAL A 178 14.84 14.46 10.15
CA VAL A 178 15.39 14.09 8.85
C VAL A 178 16.14 15.28 8.25
N SER A 179 17.25 15.00 7.57
CA SER A 179 18.06 16.03 6.93
C SER A 179 17.99 15.90 5.41
N PHE A 180 18.52 16.92 4.73
CA PHE A 180 18.46 17.00 3.28
C PHE A 180 19.83 16.94 2.63
N GLU A 181 20.80 16.29 3.25
CA GLU A 181 22.09 16.14 2.60
C GLU A 181 22.02 15.04 1.54
N PRO A 182 22.79 15.18 0.46
CA PRO A 182 22.75 14.15 -0.59
C PRO A 182 23.61 12.94 -0.22
N ILE A 183 23.14 11.77 -0.60
CA ILE A 183 23.91 10.53 -0.47
C ILE A 183 23.92 9.87 -1.84
N PRO A 184 24.98 9.13 -2.19
CA PRO A 184 25.05 8.56 -3.54
C PRO A 184 24.07 7.40 -3.71
N ILE A 185 23.18 7.55 -4.67
CA ILE A 185 22.29 6.48 -5.08
C ILE A 185 22.84 5.82 -6.32
N HIS A 186 22.87 4.50 -6.34
CA HIS A 186 23.26 3.77 -7.54
C HIS A 186 22.02 3.10 -8.09
N TYR A 187 21.67 3.40 -9.34
CA TYR A 187 20.51 2.80 -9.99
C TYR A 187 20.99 1.51 -10.64
N CYS A 188 20.55 0.37 -10.11
CA CYS A 188 20.94 -0.92 -10.65
C CYS A 188 19.81 -1.49 -11.48
N ALA A 189 20.17 -2.12 -12.53
CA ALA A 189 19.25 -2.74 -13.46
C ALA A 189 18.88 -4.14 -12.99
N PRO A 190 17.66 -4.58 -13.24
CA PRO A 190 17.28 -5.96 -12.91
C PRO A 190 17.93 -6.96 -13.86
N ALA A 191 17.69 -8.24 -13.58
CA ALA A 191 18.23 -9.31 -14.41
C ALA A 191 17.55 -9.30 -15.77
N GLY A 192 18.32 -9.67 -16.80
CA GLY A 192 17.88 -9.55 -18.17
C GLY A 192 18.16 -8.20 -18.80
N PHE A 193 18.47 -7.20 -18.00
CA PHE A 193 18.84 -5.90 -18.51
C PHE A 193 20.28 -5.60 -18.14
N ALA A 194 20.92 -4.72 -18.92
CA ALA A 194 22.25 -4.27 -18.62
C ALA A 194 22.34 -2.77 -18.84
N ILE A 195 23.38 -2.17 -18.28
CA ILE A 195 23.63 -0.74 -18.39
C ILE A 195 24.95 -0.55 -19.10
N LEU A 196 24.97 0.29 -20.12
CA LEU A 196 26.15 0.57 -20.90
C LEU A 196 26.60 2.00 -20.63
N LYS A 197 27.88 2.19 -20.33
CA LYS A 197 28.46 3.50 -20.09
C LYS A 197 29.54 3.78 -21.12
N CYS A 198 29.53 4.98 -21.71
CA CYS A 198 30.46 5.32 -22.78
C CYS A 198 31.71 5.96 -22.16
N LYS A 199 32.86 5.35 -22.39
CA LYS A 199 34.10 5.83 -21.81
C LYS A 199 34.94 6.67 -22.77
N ASP A 200 34.36 7.12 -23.89
CA ASP A 200 35.09 8.00 -24.79
C ASP A 200 35.27 9.37 -24.16
N LYS A 201 36.46 9.96 -24.34
CA LYS A 201 36.73 11.27 -23.77
C LYS A 201 35.94 12.35 -24.49
N LYS A 202 36.17 12.51 -25.78
CA LYS A 202 35.48 13.55 -26.55
C LYS A 202 34.14 13.02 -27.07
N PHE A 203 33.22 12.85 -26.13
CA PHE A 203 31.87 12.39 -26.45
C PHE A 203 30.90 13.47 -26.05
N ASN A 204 30.23 14.07 -27.03
CA ASN A 204 29.29 15.16 -26.79
C ASN A 204 27.89 14.65 -26.50
N GLY A 205 27.73 13.39 -26.10
CA GLY A 205 26.47 12.91 -25.61
C GLY A 205 25.43 12.61 -26.67
N THR A 206 25.81 12.57 -27.94
CA THR A 206 24.89 12.22 -29.01
C THR A 206 25.69 11.51 -30.09
N GLY A 207 25.16 10.42 -30.62
CA GLY A 207 25.80 9.75 -31.72
C GLY A 207 26.55 8.51 -31.27
N PRO A 208 27.31 7.90 -32.18
CA PRO A 208 28.00 6.65 -31.85
C PRO A 208 29.22 6.88 -30.98
N CYS A 209 29.30 6.14 -29.87
CA CYS A 209 30.46 6.17 -28.99
C CYS A 209 31.32 4.94 -29.26
N PRO A 210 32.65 5.10 -29.39
CA PRO A 210 33.47 3.97 -29.83
C PRO A 210 33.95 3.04 -28.72
N SER A 211 33.94 3.47 -27.46
CA SER A 211 34.46 2.67 -26.35
C SER A 211 33.43 2.66 -25.23
N VAL A 212 32.59 1.63 -25.21
CA VAL A 212 31.58 1.50 -24.17
C VAL A 212 31.90 0.29 -23.32
N SER A 213 31.28 0.25 -22.14
CA SER A 213 31.55 -0.79 -21.17
C SER A 213 30.29 -1.02 -20.36
N THR A 214 29.97 -2.29 -20.12
CA THR A 214 28.77 -2.62 -19.36
C THR A 214 29.07 -2.67 -17.86
N VAL A 215 28.04 -2.35 -17.08
CA VAL A 215 28.17 -2.30 -15.63
C VAL A 215 26.86 -2.74 -15.02
N GLN A 216 26.92 -3.24 -13.78
CA GLN A 216 25.69 -3.68 -13.13
C GLN A 216 24.97 -2.53 -12.44
N CYS A 217 25.70 -1.61 -11.84
CA CYS A 217 25.11 -0.42 -11.22
C CYS A 217 25.87 0.82 -11.67
N THR A 218 25.18 1.95 -11.61
CA THR A 218 25.79 3.21 -12.01
C THR A 218 26.70 3.73 -10.91
N HIS A 219 27.50 4.74 -11.26
CA HIS A 219 28.38 5.37 -10.30
C HIS A 219 27.60 6.35 -9.43
N GLY A 220 28.32 6.96 -8.49
CA GLY A 220 27.71 7.82 -7.49
C GLY A 220 27.08 9.06 -8.04
N ILE A 221 25.79 9.21 -7.82
CA ILE A 221 25.02 10.37 -8.24
C ILE A 221 24.57 11.07 -6.97
N LYS A 222 25.27 12.10 -6.57
CA LYS A 222 24.78 12.91 -5.47
C LYS A 222 23.67 13.82 -5.98
N PRO A 223 22.43 13.64 -5.55
CA PRO A 223 21.34 14.44 -6.10
C PRO A 223 21.29 15.83 -5.49
N VAL A 224 21.63 16.83 -6.27
CA VAL A 224 21.66 18.21 -5.81
C VAL A 224 20.41 18.92 -6.28
N VAL A 225 20.01 19.94 -5.53
CA VAL A 225 18.92 20.81 -5.91
C VAL A 225 19.56 22.15 -6.21
N SER A 226 19.87 22.38 -7.48
CA SER A 226 20.60 23.56 -7.89
C SER A 226 20.07 24.00 -9.24
N THR A 227 19.55 25.23 -9.29
CA THR A 227 18.97 25.72 -10.53
C THR A 227 20.06 26.13 -11.52
N GLN A 228 20.76 27.20 -11.22
CA GLN A 228 21.97 27.57 -11.95
C GLN A 228 23.17 27.09 -11.15
N LEU A 229 24.28 26.86 -11.87
CA LEU A 229 25.57 26.50 -11.29
C LEU A 229 25.48 25.20 -10.48
N LEU A 230 25.33 24.10 -11.22
CA LEU A 230 25.15 22.78 -10.62
C LEU A 230 26.34 22.39 -9.75
N LEU A 231 26.04 21.87 -8.56
CA LEU A 231 27.02 21.63 -7.52
C LEU A 231 27.36 20.15 -7.42
N ASN A 232 28.59 19.88 -6.98
CA ASN A 232 29.07 18.55 -6.59
C ASN A 232 28.98 17.52 -7.72
N GLY A 233 29.08 17.96 -8.97
CA GLY A 233 28.87 17.08 -10.09
C GLY A 233 30.08 16.20 -10.37
N SER A 234 30.06 15.57 -11.53
CA SER A 234 31.19 14.79 -12.01
C SER A 234 32.01 15.68 -12.94
N LEU A 235 33.29 15.82 -12.62
CA LEU A 235 34.17 16.69 -13.38
C LEU A 235 34.48 16.09 -14.74
N ALA A 236 34.78 16.95 -15.70
CA ALA A 236 35.14 16.50 -17.03
C ALA A 236 36.55 15.92 -17.02
N GLU A 237 36.93 15.28 -18.13
CA GLU A 237 38.20 14.55 -18.15
C GLU A 237 39.39 15.49 -18.29
N GLU A 238 39.52 16.15 -19.45
CA GLU A 238 40.69 16.96 -19.72
C GLU A 238 40.38 18.39 -20.13
N GLU A 239 39.20 18.68 -20.65
CA GLU A 239 38.87 20.03 -21.07
C GLU A 239 37.40 20.29 -20.81
N VAL A 240 37.00 21.53 -21.03
CA VAL A 240 35.60 21.90 -20.90
C VAL A 240 34.82 21.30 -22.05
N MET A 241 33.62 20.79 -21.76
CA MET A 241 32.73 20.24 -22.77
C MET A 241 31.37 20.89 -22.65
N ILE A 242 30.90 21.48 -23.75
CA ILE A 242 29.55 21.98 -23.87
C ILE A 242 28.71 20.94 -24.58
N ARG A 243 27.45 20.82 -24.17
CA ARG A 243 26.55 19.83 -24.74
C ARG A 243 25.20 20.49 -24.96
N SER A 244 24.59 20.20 -26.11
CA SER A 244 23.23 20.62 -26.38
C SER A 244 22.57 19.63 -27.32
N GLU A 245 21.24 19.65 -27.33
CA GLU A 245 20.51 18.85 -28.30
C GLU A 245 20.57 19.47 -29.69
N ASN A 246 20.48 20.80 -29.77
CA ASN A 246 20.55 21.48 -31.06
C ASN A 246 21.08 22.88 -30.78
N ILE A 247 22.27 23.19 -31.33
CA ILE A 247 22.98 24.42 -30.98
C ILE A 247 22.24 25.64 -31.50
N THR A 248 21.78 25.57 -32.74
CA THR A 248 21.04 26.68 -33.33
C THR A 248 19.67 26.88 -32.68
N ASN A 249 19.17 25.88 -31.99
CA ASN A 249 17.99 26.07 -31.15
C ASN A 249 18.38 26.85 -29.92
N ASN A 250 17.79 28.02 -29.75
CA ASN A 250 18.02 28.81 -28.56
C ASN A 250 16.98 28.56 -27.47
N ALA A 251 15.99 27.70 -27.72
CA ALA A 251 15.11 27.26 -26.67
C ALA A 251 15.61 26.00 -25.99
N LYS A 252 16.73 25.45 -26.44
CA LYS A 252 17.37 24.31 -25.80
C LYS A 252 18.51 24.80 -24.93
N ASN A 253 18.56 24.31 -23.69
CA ASN A 253 19.59 24.73 -22.76
C ASN A 253 20.92 24.08 -23.12
N ILE A 254 21.99 24.77 -22.77
CA ILE A 254 23.35 24.29 -23.04
C ILE A 254 23.99 23.91 -21.71
N LEU A 255 24.43 22.67 -21.59
CA LEU A 255 25.05 22.16 -20.38
C LEU A 255 26.55 22.28 -20.54
N VAL A 256 27.19 23.08 -19.70
CA VAL A 256 28.63 23.26 -19.72
C VAL A 256 29.20 22.50 -18.54
N GLN A 257 30.08 21.54 -18.80
CA GLN A 257 30.77 20.83 -17.74
C GLN A 257 32.27 21.05 -17.94
N PHE A 258 32.93 21.62 -16.94
CA PHE A 258 34.34 21.93 -17.09
C PHE A 258 35.20 21.02 -16.21
N ASN A 259 36.51 21.11 -16.45
CA ASN A 259 37.46 20.14 -15.92
C ASN A 259 37.79 20.41 -14.46
N THR A 260 38.34 21.56 -14.18
CA THR A 260 38.74 21.84 -12.80
C THR A 260 37.58 22.47 -12.04
N PRO A 261 37.29 22.02 -10.83
CA PRO A 261 36.17 22.58 -10.09
C PRO A 261 36.48 23.96 -9.53
N VAL A 262 35.43 24.72 -9.28
CA VAL A 262 35.54 26.03 -8.67
C VAL A 262 35.02 25.93 -7.25
N GLN A 263 35.86 26.27 -6.28
CA GLN A 263 35.45 26.21 -4.88
C GLN A 263 34.55 27.39 -4.56
N ILE A 264 33.40 27.12 -3.96
CA ILE A 264 32.47 28.16 -3.53
C ILE A 264 32.15 27.95 -2.06
N ASN A 265 32.30 29.01 -1.27
CA ASN A 265 31.93 28.97 0.13
C ASN A 265 30.62 29.73 0.31
N CYS A 266 29.77 29.23 1.20
CA CYS A 266 28.52 29.91 1.44
C CYS A 266 28.23 29.87 2.93
N THR A 267 27.68 30.96 3.46
CA THR A 267 27.42 31.00 4.89
C THR A 267 26.30 31.96 5.23
N ARG A 268 25.57 31.61 6.29
CA ARG A 268 24.77 32.54 7.07
C ARG A 268 25.50 32.82 8.36
N PRO A 269 25.92 34.07 8.59
CA PRO A 269 26.63 34.41 9.82
C PRO A 269 25.71 34.78 10.98
N ASN A 270 24.41 34.83 10.77
CA ASN A 270 23.51 35.20 11.85
C ASN A 270 23.28 33.99 12.77
N ASN A 271 23.56 34.19 14.05
CA ASN A 271 23.39 33.13 15.05
C ASN A 271 21.96 33.12 15.53
N ASN A 272 21.24 32.03 15.27
CA ASN A 272 19.82 31.93 15.57
C ASN A 272 19.57 31.03 16.76
N THR A 273 18.35 31.11 17.29
CA THR A 273 17.92 30.34 18.44
C THR A 273 16.68 29.55 18.07
N ARG A 274 16.77 28.22 18.10
CA ARG A 274 15.59 27.39 17.90
C ARG A 274 14.69 27.46 19.12
N LYS A 275 13.41 27.79 18.90
CA LYS A 275 12.43 27.80 19.97
C LYS A 275 11.28 26.89 19.59
N SER A 276 10.89 26.02 20.52
CA SER A 276 9.77 25.13 20.30
C SER A 276 8.47 25.76 20.80
N ILE A 277 7.42 25.61 20.02
CA ILE A 277 6.07 26.01 20.42
C ILE A 277 5.21 24.76 20.34
N ARG A 278 4.38 24.55 21.35
CA ARG A 278 3.51 23.38 21.37
C ARG A 278 2.22 23.72 20.66
N ILE A 279 2.00 23.11 19.49
CA ILE A 279 0.76 23.32 18.76
C ILE A 279 -0.37 22.57 19.44
N GLY A 280 -0.18 21.28 19.68
CA GLY A 280 -1.12 20.46 20.37
C GLY A 280 -0.43 19.26 20.99
N PRO A 281 -1.18 18.19 21.22
CA PRO A 281 -0.56 16.97 21.73
C PRO A 281 0.38 16.32 20.72
N GLY A 282 1.67 16.30 21.04
CA GLY A 282 2.65 15.69 20.16
C GLY A 282 2.91 16.49 18.90
N GLN A 283 2.65 17.79 18.92
CA GLN A 283 2.84 18.66 17.76
C GLN A 283 3.75 19.81 18.16
N ALA A 284 4.90 19.91 17.51
CA ALA A 284 5.90 20.91 17.87
C ALA A 284 6.21 21.77 16.65
N PHE A 285 6.18 23.08 16.82
CA PHE A 285 6.47 24.05 15.78
C PHE A 285 7.78 24.76 16.13
N TYR A 286 8.76 24.66 15.25
CA TYR A 286 10.10 25.16 15.53
C TYR A 286 10.26 26.52 14.85
N ALA A 287 10.38 27.56 15.66
CA ALA A 287 10.49 28.92 15.18
C ALA A 287 11.83 29.54 15.56
N THR A 288 12.06 30.73 15.04
CA THR A 288 13.27 31.48 15.30
C THR A 288 13.13 32.29 16.58
N GLY A 289 14.16 32.23 17.43
CA GLY A 289 14.08 32.84 18.74
C GLY A 289 14.73 34.20 18.79
N ASP A 290 15.96 34.26 19.30
CA ASP A 290 16.73 35.50 19.26
C ASP A 290 17.89 35.38 18.27
N ILE A 291 18.25 36.50 17.69
CA ILE A 291 19.38 36.58 16.77
C ILE A 291 20.58 37.03 17.59
N ILE A 292 21.49 36.10 17.86
CA ILE A 292 22.58 36.33 18.81
C ILE A 292 23.71 37.03 18.06
N GLY A 293 23.77 38.35 18.22
CA GLY A 293 24.87 39.12 17.67
C GLY A 293 24.49 40.15 16.64
N ASP A 294 25.21 40.18 15.52
CA ASP A 294 24.93 41.16 14.47
C ASP A 294 23.97 40.57 13.45
N ILE A 295 23.16 41.46 12.88
CA ILE A 295 22.19 41.10 11.85
C ILE A 295 22.89 41.35 10.52
N ARG A 296 23.38 40.28 9.91
CA ARG A 296 24.18 40.39 8.70
C ARG A 296 23.48 39.66 7.56
N GLN A 297 23.98 39.88 6.35
CA GLN A 297 23.41 39.29 5.16
C GLN A 297 24.18 38.04 4.77
N ALA A 298 23.44 36.95 4.58
CA ALA A 298 24.06 35.68 4.20
C ALA A 298 24.56 35.74 2.77
N HIS A 299 25.70 35.09 2.53
CA HIS A 299 26.41 35.36 1.29
C HIS A 299 27.22 34.15 0.86
N CYS A 300 27.90 34.32 -0.28
CA CYS A 300 28.78 33.30 -0.83
C CYS A 300 30.00 33.97 -1.44
N ASN A 301 31.07 33.18 -1.58
CA ASN A 301 32.34 33.62 -2.13
C ASN A 301 32.84 32.64 -3.17
N VAL A 302 33.37 33.17 -4.26
CA VAL A 302 34.24 32.42 -5.16
C VAL A 302 35.54 33.20 -5.34
N SER A 303 36.55 32.50 -5.84
CA SER A 303 37.82 33.14 -6.16
C SER A 303 37.67 33.93 -7.46
N LYS A 304 38.25 35.13 -7.49
CA LYS A 304 38.17 35.96 -8.69
C LYS A 304 38.98 35.36 -9.84
N ALA A 305 40.19 34.89 -9.54
CA ALA A 305 41.10 34.47 -10.60
C ALA A 305 40.66 33.16 -11.24
N THR A 306 40.21 32.19 -10.43
CA THR A 306 39.74 30.94 -11.00
C THR A 306 38.44 31.13 -11.76
N TRP A 307 37.61 32.08 -11.33
CA TRP A 307 36.38 32.35 -12.07
C TRP A 307 36.68 32.98 -13.41
N ASN A 308 37.62 33.94 -13.45
CA ASN A 308 38.01 34.55 -14.71
C ASN A 308 38.69 33.55 -15.63
N GLU A 309 39.49 32.64 -15.07
CA GLU A 309 40.16 31.62 -15.86
C GLU A 309 39.17 30.62 -16.45
N THR A 310 38.21 30.16 -15.64
CA THR A 310 37.25 29.19 -16.13
C THR A 310 36.29 29.82 -17.13
N LEU A 311 35.97 31.10 -16.98
CA LEU A 311 35.19 31.76 -18.01
C LEU A 311 35.98 31.92 -19.30
N GLY A 312 37.31 32.11 -19.18
CA GLY A 312 38.14 32.05 -20.37
C GLY A 312 38.13 30.68 -21.02
N LYS A 313 38.09 29.62 -20.21
CA LYS A 313 38.05 28.26 -20.73
C LYS A 313 36.74 28.00 -21.47
N VAL A 314 35.62 28.43 -20.90
CA VAL A 314 34.34 28.18 -21.58
C VAL A 314 34.19 29.10 -22.78
N VAL A 315 34.87 30.24 -22.81
CA VAL A 315 34.90 31.06 -24.01
C VAL A 315 35.70 30.37 -25.11
N LYS A 316 36.84 29.79 -24.74
CA LYS A 316 37.67 29.05 -25.68
C LYS A 316 36.93 27.85 -26.25
N GLN A 317 36.09 27.20 -25.44
CA GLN A 317 35.32 26.08 -25.96
C GLN A 317 34.08 26.52 -26.71
N LEU A 318 33.48 27.66 -26.33
CA LEU A 318 32.30 28.16 -27.02
C LEU A 318 32.61 28.71 -28.39
N ARG A 319 33.87 29.11 -28.64
CA ARG A 319 34.17 29.58 -29.98
C ARG A 319 34.30 28.45 -31.00
N LYS A 320 34.22 27.19 -30.59
CA LYS A 320 34.26 26.10 -31.56
C LYS A 320 32.93 25.94 -32.28
N HIS A 321 31.83 26.42 -31.69
CA HIS A 321 30.52 26.23 -32.28
C HIS A 321 30.01 27.46 -33.02
N PHE A 322 30.70 28.60 -32.92
CA PHE A 322 30.21 29.83 -33.54
C PHE A 322 31.29 30.56 -34.33
N GLY A 323 32.38 29.90 -34.66
CA GLY A 323 33.47 30.55 -35.36
C GLY A 323 34.35 31.37 -34.42
N ASN A 324 35.53 31.73 -34.94
CA ASN A 324 36.51 32.39 -34.10
C ASN A 324 36.17 33.86 -33.89
N ASN A 325 35.81 34.57 -34.95
CA ASN A 325 35.57 36.01 -34.85
C ASN A 325 34.17 36.27 -34.31
N THR A 326 34.00 35.95 -33.03
CA THR A 326 32.72 36.06 -32.35
C THR A 326 32.93 36.70 -30.99
N ILE A 327 32.10 37.68 -30.66
CA ILE A 327 32.20 38.41 -29.41
C ILE A 327 31.23 37.79 -28.42
N ILE A 328 31.76 37.25 -27.31
CA ILE A 328 30.94 36.51 -26.36
C ILE A 328 30.82 37.32 -25.08
N ARG A 329 29.60 37.61 -24.65
CA ARG A 329 29.39 38.34 -23.41
C ARG A 329 28.47 37.55 -22.49
N PHE A 330 28.64 37.78 -21.20
CA PHE A 330 27.86 37.13 -20.15
C PHE A 330 27.08 38.19 -19.41
N ALA A 331 25.75 38.05 -19.43
CA ALA A 331 24.83 38.93 -18.74
C ALA A 331 23.94 38.09 -17.83
N ASN A 332 23.29 38.75 -16.88
CA ASN A 332 22.57 38.05 -15.84
C ASN A 332 21.23 37.55 -16.37
N SER A 333 20.47 36.91 -15.49
CA SER A 333 19.20 36.33 -15.89
C SER A 333 18.16 37.41 -16.14
N SER A 334 17.25 37.11 -17.05
CA SER A 334 16.38 38.16 -17.56
C SER A 334 15.18 38.44 -16.68
N GLY A 335 14.57 37.43 -16.09
CA GLY A 335 13.41 37.65 -15.25
C GLY A 335 12.52 36.43 -15.21
N GLY A 336 11.70 36.38 -14.17
CA GLY A 336 10.84 35.25 -13.87
C GLY A 336 10.54 35.20 -12.39
N ASP A 337 10.48 33.98 -11.85
CA ASP A 337 10.26 33.81 -10.42
C ASP A 337 11.59 33.98 -9.68
N LEU A 338 11.61 33.60 -8.41
CA LEU A 338 12.83 33.78 -7.63
C LEU A 338 13.87 32.74 -8.00
N GLU A 339 13.46 31.49 -8.10
CA GLU A 339 14.40 30.36 -8.20
C GLU A 339 14.66 29.94 -9.62
N VAL A 340 14.63 30.87 -10.57
CA VAL A 340 15.03 30.53 -11.94
C VAL A 340 15.88 31.66 -12.48
N THR A 341 15.83 32.81 -11.81
CA THR A 341 16.67 33.95 -12.13
C THR A 341 17.87 34.07 -11.22
N THR A 342 17.72 33.65 -9.99
CA THR A 342 18.82 33.60 -9.03
C THR A 342 19.12 32.12 -8.82
N HIS A 343 20.32 31.80 -8.36
CA HIS A 343 20.66 30.40 -8.19
C HIS A 343 20.31 29.94 -6.78
N SER A 344 19.56 28.85 -6.68
CA SER A 344 19.07 28.34 -5.41
C SER A 344 19.70 27.01 -5.07
N PHE A 345 19.99 26.81 -3.79
CA PHE A 345 20.56 25.55 -3.34
C PHE A 345 20.21 25.34 -1.88
N ASN A 346 20.65 24.21 -1.33
CA ASN A 346 20.30 23.81 0.03
C ASN A 346 21.56 23.46 0.79
N CYS A 347 21.97 24.34 1.69
CA CYS A 347 23.20 24.21 2.47
C CYS A 347 22.85 23.60 3.82
N GLY A 348 22.63 22.28 3.81
CA GLY A 348 22.38 21.52 5.01
C GLY A 348 21.05 21.86 5.66
N GLY A 349 19.95 21.66 4.96
CA GLY A 349 18.65 21.97 5.51
C GLY A 349 18.37 23.44 5.62
N GLU A 350 18.98 24.27 4.77
CA GLU A 350 18.67 25.68 4.75
C GLU A 350 18.80 26.17 3.31
N PHE A 351 17.76 26.83 2.82
CA PHE A 351 17.62 27.12 1.40
C PHE A 351 18.11 28.52 1.09
N PHE A 352 19.15 28.62 0.30
CA PHE A 352 19.69 29.90 -0.13
C PHE A 352 19.25 30.21 -1.55
N TYR A 353 19.05 31.51 -1.81
CA TYR A 353 18.68 32.05 -3.12
C TYR A 353 19.66 33.19 -3.39
N CYS A 354 20.76 32.89 -4.07
CA CYS A 354 21.89 33.79 -4.18
C CYS A 354 21.92 34.46 -5.53
N ASN A 355 22.32 35.74 -5.53
CA ASN A 355 22.36 36.59 -6.71
C ASN A 355 23.60 36.28 -7.52
N THR A 356 23.42 35.97 -8.81
CA THR A 356 24.53 35.65 -9.68
C THR A 356 24.84 36.77 -10.67
N SER A 357 24.52 38.01 -10.32
CA SER A 357 24.90 39.13 -11.18
C SER A 357 26.39 39.39 -11.15
N GLY A 358 27.06 39.06 -10.06
CA GLY A 358 28.49 39.30 -9.97
C GLY A 358 29.33 38.34 -10.79
N LEU A 359 28.72 37.27 -11.28
CA LEU A 359 29.48 36.28 -12.03
C LEU A 359 29.35 36.46 -13.53
N PHE A 360 28.13 36.55 -14.04
CA PHE A 360 27.89 36.61 -15.48
C PHE A 360 27.79 38.07 -15.88
N ASN A 361 28.94 38.73 -15.96
CA ASN A 361 29.02 40.17 -16.17
C ASN A 361 30.24 40.52 -17.03
N SER A 362 30.49 39.76 -18.10
CA SER A 362 31.77 39.87 -18.77
C SER A 362 31.61 40.04 -20.27
N THR A 363 32.72 40.36 -20.94
CA THR A 363 32.78 40.42 -22.40
C THR A 363 34.13 39.90 -22.86
N TRP A 364 34.14 39.24 -24.02
CA TRP A 364 35.31 38.52 -24.51
C TRP A 364 35.43 38.73 -26.00
N ILE A 365 36.59 39.28 -26.40
CA ILE A 365 36.88 39.68 -27.77
C ILE A 365 37.71 38.59 -28.43
N SER A 366 37.70 38.57 -29.77
CA SER A 366 38.29 37.49 -30.56
C SER A 366 39.72 37.76 -30.97
N ASN A 367 40.48 38.46 -30.14
CA ASN A 367 41.90 38.71 -30.39
C ASN A 367 42.73 37.42 -30.35
N ASN A 379 43.96 37.33 -5.77
CA ASN A 379 43.87 37.21 -4.33
C ASN A 379 42.50 37.60 -3.83
N ASP A 380 41.78 38.38 -4.63
CA ASP A 380 40.46 38.85 -4.24
C ASP A 380 39.43 37.73 -4.42
N SER A 381 38.19 38.04 -4.10
CA SER A 381 37.14 37.03 -4.12
C SER A 381 35.81 37.70 -4.39
N ILE A 382 35.09 37.19 -5.38
CA ILE A 382 33.77 37.71 -5.67
C ILE A 382 32.80 37.24 -4.60
N THR A 383 32.26 38.19 -3.85
CA THR A 383 31.21 37.94 -2.88
C THR A 383 29.87 38.25 -3.51
N LEU A 384 28.86 37.44 -3.20
CA LEU A 384 27.54 37.68 -3.72
C LEU A 384 26.51 37.43 -2.63
N PRO A 385 25.56 38.34 -2.44
CA PRO A 385 24.58 38.18 -1.37
C PRO A 385 23.47 37.19 -1.75
N CYS A 386 22.79 36.71 -0.72
CA CYS A 386 21.72 35.74 -0.88
C CYS A 386 20.50 36.20 -0.09
N ARG A 387 19.36 35.61 -0.43
CA ARG A 387 18.16 35.66 0.39
C ARG A 387 17.87 34.28 0.95
N ILE A 388 17.17 34.26 2.08
CA ILE A 388 16.84 33.01 2.77
C ILE A 388 15.32 32.94 2.94
N LYS A 389 14.72 31.92 2.35
CA LYS A 389 13.30 31.65 2.52
C LYS A 389 13.13 30.44 3.41
N GLN A 390 12.04 30.43 4.16
CA GLN A 390 11.71 29.28 4.98
C GLN A 390 10.67 28.37 4.36
N ILE A 391 9.67 28.91 3.69
CA ILE A 391 8.67 28.10 3.01
C ILE A 391 9.00 28.04 1.53
N ILE A 392 8.89 26.85 0.98
CA ILE A 392 9.30 26.57 -0.39
C ILE A 392 8.12 25.94 -1.11
N ASN A 393 8.18 26.00 -2.42
CA ASN A 393 7.15 25.44 -3.28
C ASN A 393 7.78 24.54 -4.31
N MET A 394 8.64 23.63 -3.83
CA MET A 394 9.48 22.78 -4.67
C MET A 394 8.69 21.96 -5.67
N TRP A 395 9.15 21.99 -6.92
CA TRP A 395 8.54 21.43 -8.13
C TRP A 395 7.21 22.08 -8.50
N GLN A 396 6.82 23.17 -7.82
CA GLN A 396 5.69 24.03 -8.15
C GLN A 396 4.38 23.25 -8.22
N ARG A 397 4.13 22.48 -7.17
CA ARG A 397 2.90 21.72 -7.12
C ARG A 397 1.74 22.64 -6.76
N ILE A 398 0.52 22.16 -6.99
CA ILE A 398 -0.63 23.04 -6.87
C ILE A 398 -1.05 23.21 -5.41
N GLY A 399 -0.81 22.21 -4.58
CA GLY A 399 -1.25 22.26 -3.20
C GLY A 399 -0.26 21.69 -2.21
N GLN A 400 1.03 21.78 -2.51
CA GLN A 400 2.06 21.16 -1.70
C GLN A 400 3.17 22.17 -1.40
N CYS A 401 3.08 22.85 -0.26
CA CYS A 401 4.17 23.70 0.20
C CYS A 401 4.84 23.06 1.42
N MET A 402 5.97 23.62 1.85
CA MET A 402 6.78 23.00 2.89
C MET A 402 7.53 24.06 3.68
N TYR A 403 7.28 24.11 4.98
CA TYR A 403 8.07 24.93 5.89
C TYR A 403 9.38 24.22 6.22
N ALA A 404 10.43 25.00 6.45
CA ALA A 404 11.72 24.47 6.83
C ALA A 404 12.10 25.00 8.20
N PRO A 405 12.54 24.15 9.12
CA PRO A 405 12.82 24.63 10.48
C PRO A 405 14.14 25.37 10.52
N PRO A 406 14.27 26.37 11.38
CA PRO A 406 15.57 27.02 11.57
C PRO A 406 16.56 26.09 12.23
N ILE A 407 17.84 26.30 11.94
CA ILE A 407 18.90 25.45 12.44
C ILE A 407 19.89 26.31 13.21
N GLN A 408 20.55 25.70 14.19
CA GLN A 408 21.33 26.45 15.15
C GLN A 408 22.68 26.88 14.58
N GLY A 409 23.15 28.03 15.03
CA GLY A 409 24.52 28.45 14.82
C GLY A 409 24.78 29.03 13.44
N VAL A 410 25.99 29.54 13.29
CA VAL A 410 26.49 30.01 12.00
C VAL A 410 26.59 28.81 11.07
N ILE A 411 26.07 28.95 9.86
CA ILE A 411 25.96 27.82 8.94
C ILE A 411 26.83 28.09 7.73
N ARG A 412 27.83 27.24 7.51
CA ARG A 412 28.69 27.40 6.36
C ARG A 412 28.86 26.07 5.64
N CYS A 413 29.08 26.16 4.34
CA CYS A 413 29.25 24.99 3.50
C CYS A 413 30.25 25.31 2.41
N VAL A 414 31.03 24.30 2.06
CA VAL A 414 31.98 24.37 0.97
C VAL A 414 31.51 23.44 -0.13
N SER A 415 31.40 23.96 -1.34
CA SER A 415 30.95 23.15 -2.46
C SER A 415 31.81 23.47 -3.67
N ASN A 416 31.61 22.70 -4.72
CA ASN A 416 32.34 22.84 -5.97
C ASN A 416 31.37 23.10 -7.10
N ILE A 417 31.43 24.30 -7.68
CA ILE A 417 30.77 24.58 -8.95
C ILE A 417 31.46 23.77 -10.02
N THR A 418 30.70 22.89 -10.67
CA THR A 418 31.19 21.98 -11.69
C THR A 418 30.74 22.37 -13.09
N GLY A 419 29.50 22.82 -13.25
CA GLY A 419 29.04 23.22 -14.56
C GLY A 419 28.07 24.39 -14.59
N LEU A 420 27.56 24.68 -15.77
CA LEU A 420 26.64 25.77 -15.99
C LEU A 420 25.48 25.31 -16.87
N ILE A 421 24.36 26.00 -16.72
CA ILE A 421 23.20 25.82 -17.59
C ILE A 421 22.95 27.17 -18.27
N LEU A 422 23.33 27.27 -19.54
CA LEU A 422 23.26 28.53 -20.25
C LEU A 422 22.17 28.51 -21.30
N THR A 423 21.84 29.71 -21.77
CA THR A 423 20.80 29.90 -22.77
C THR A 423 21.22 31.05 -23.68
N ARG A 424 21.30 30.79 -24.98
CA ARG A 424 21.68 31.82 -25.93
C ARG A 424 20.48 32.69 -26.25
N ASP A 425 20.70 34.00 -26.30
CA ASP A 425 19.59 34.92 -26.49
C ASP A 425 19.10 34.89 -27.93
N GLY A 426 17.91 35.46 -28.13
CA GLY A 426 17.18 35.38 -29.38
C GLY A 426 17.76 36.24 -30.47
N GLY A 427 18.94 35.87 -30.92
CA GLY A 427 19.65 36.63 -31.94
C GLY A 427 19.01 36.61 -33.30
N SER A 428 18.60 37.79 -33.76
CA SER A 428 18.24 38.04 -35.14
C SER A 428 18.72 39.43 -35.48
N THR A 429 18.45 39.84 -36.72
CA THR A 429 18.77 41.16 -37.26
C THR A 429 20.26 41.49 -37.15
N ASN A 430 21.06 40.62 -37.79
CA ASN A 430 22.50 40.79 -38.02
C ASN A 430 23.27 40.94 -36.70
N SER A 431 23.15 39.89 -35.91
CA SER A 431 23.77 39.82 -34.59
C SER A 431 25.25 39.53 -34.73
N THR A 432 26.09 40.51 -34.40
CA THR A 432 27.53 40.27 -34.44
C THR A 432 28.02 39.52 -33.21
N THR A 433 27.43 39.79 -32.05
CA THR A 433 27.81 39.13 -30.80
C THR A 433 26.76 38.10 -30.43
N GLU A 434 27.12 37.20 -29.51
CA GLU A 434 26.19 36.21 -29.00
C GLU A 434 26.32 36.18 -27.49
N THR A 435 25.24 36.50 -26.79
CA THR A 435 25.26 36.56 -25.35
C THR A 435 24.66 35.29 -24.76
N PHE A 436 25.05 35.00 -23.52
CA PHE A 436 24.64 33.79 -22.83
C PHE A 436 24.11 34.18 -21.46
N ARG A 437 22.91 33.75 -21.14
CA ARG A 437 22.38 34.00 -19.82
C ARG A 437 22.29 32.71 -19.03
N PRO A 438 22.40 32.75 -17.71
CA PRO A 438 22.10 31.57 -16.90
C PRO A 438 20.61 31.34 -16.78
N GLY A 439 20.23 30.08 -16.58
CA GLY A 439 18.85 29.73 -16.32
C GLY A 439 18.66 28.28 -15.93
N GLY A 440 17.97 28.04 -14.81
CA GLY A 440 17.78 26.69 -14.31
C GLY A 440 16.66 25.97 -15.02
N GLY A 441 15.45 26.50 -14.90
CA GLY A 441 14.31 25.94 -15.61
C GLY A 441 13.89 24.61 -15.01
N ASP A 442 13.81 23.60 -15.86
CA ASP A 442 13.46 22.27 -15.41
C ASP A 442 14.60 21.68 -14.60
N MET A 443 14.24 20.85 -13.62
CA MET A 443 15.24 20.17 -12.82
C MET A 443 15.92 19.05 -13.59
N ARG A 444 15.35 18.61 -14.71
CA ARG A 444 15.89 17.48 -15.46
C ARG A 444 17.22 17.81 -16.13
N ASP A 445 17.49 19.10 -16.34
CA ASP A 445 18.78 19.51 -16.85
C ASP A 445 19.90 19.19 -15.86
N ASN A 446 19.61 19.19 -14.56
CA ASN A 446 20.61 18.78 -13.58
C ASN A 446 20.89 17.30 -13.66
N TRP A 447 19.86 16.48 -13.83
CA TRP A 447 20.06 15.05 -13.80
C TRP A 447 20.64 14.53 -15.10
N ARG A 448 20.47 15.28 -16.19
CA ARG A 448 21.06 14.86 -17.44
C ARG A 448 22.56 15.09 -17.49
N SER A 449 23.11 15.88 -16.57
CA SER A 449 24.56 16.04 -16.47
C SER A 449 25.23 14.87 -15.76
N GLU A 450 24.46 13.92 -15.25
CA GLU A 450 25.01 12.79 -14.54
C GLU A 450 24.69 11.45 -15.18
N LEU A 451 23.54 11.33 -15.83
CA LEU A 451 23.19 10.12 -16.55
C LEU A 451 23.45 10.25 -18.04
N TYR A 452 24.37 11.13 -18.43
CA TYR A 452 24.63 11.33 -19.84
C TYR A 452 25.45 10.20 -20.43
N LYS A 453 26.19 9.47 -19.61
CA LYS A 453 27.01 8.38 -20.12
C LYS A 453 26.17 7.12 -20.34
N TYR A 454 25.24 6.85 -19.43
CA TYR A 454 24.61 5.54 -19.36
C TYR A 454 23.43 5.40 -20.32
N LYS A 455 23.19 4.16 -20.75
CA LYS A 455 21.95 3.78 -21.41
C LYS A 455 21.57 2.39 -20.92
N VAL A 456 20.30 2.04 -21.08
CA VAL A 456 19.75 0.81 -20.54
C VAL A 456 19.31 -0.07 -21.70
N VAL A 457 19.81 -1.31 -21.74
CA VAL A 457 19.51 -2.20 -22.85
C VAL A 457 18.97 -3.52 -22.33
N LYS A 458 18.13 -4.15 -23.15
CA LYS A 458 17.47 -5.39 -22.81
C LYS A 458 18.20 -6.54 -23.49
N ILE A 459 18.63 -7.51 -22.70
CA ILE A 459 19.32 -8.68 -23.24
C ILE A 459 18.28 -9.65 -23.78
N GLU A 460 18.38 -9.93 -25.07
CA GLU A 460 17.53 -10.94 -25.70
C GLU A 460 18.40 -12.08 -26.18
N PRO A 461 18.42 -13.20 -25.48
CA PRO A 461 19.16 -14.36 -25.94
C PRO A 461 18.48 -15.08 -27.10
N LEU A 462 18.98 -16.28 -27.39
CA LEU A 462 18.45 -17.16 -28.44
C LEU A 462 18.56 -16.51 -29.81
N GLY A 463 19.81 -16.37 -30.27
CA GLY A 463 20.06 -16.10 -31.66
C GLY A 463 19.90 -17.35 -32.53
N VAL A 464 19.98 -17.14 -33.84
CA VAL A 464 19.75 -18.21 -34.80
C VAL A 464 20.72 -18.00 -35.96
N ALA A 465 21.39 -19.08 -36.37
CA ALA A 465 22.38 -18.99 -37.44
C ALA A 465 22.48 -20.34 -38.13
N PRO A 466 22.82 -20.37 -39.43
CA PRO A 466 23.02 -21.66 -40.08
C PRO A 466 24.43 -22.19 -39.87
N THR A 467 24.52 -23.52 -39.79
CA THR A 467 25.78 -24.24 -39.91
C THR A 467 25.52 -25.54 -40.67
N ARG A 468 26.60 -26.26 -40.96
CA ARG A 468 26.54 -27.50 -41.73
C ARG A 468 26.47 -28.69 -40.77
N CYS A 469 25.34 -28.77 -40.07
CA CYS A 469 25.06 -29.94 -39.25
C CYS A 469 23.55 -30.13 -39.16
N LYS A 470 23.05 -31.24 -39.70
CA LYS A 470 21.66 -31.64 -39.61
C LYS A 470 21.51 -32.66 -38.49
N ARG A 471 20.41 -32.61 -37.77
CA ARG A 471 20.22 -33.46 -36.60
C ARG A 471 20.04 -34.91 -37.02
N ARG A 472 20.84 -35.79 -36.43
CA ARG A 472 20.66 -37.23 -36.59
C ARG A 472 19.40 -37.67 -35.86
N VAL A 473 18.53 -38.40 -36.56
CA VAL A 473 17.32 -38.93 -35.94
C VAL A 473 17.64 -40.18 -35.15
N GLN B 1 52.28 1.79 -30.59
CA GLN B 1 53.10 0.62 -30.34
C GLN B 1 52.24 -0.59 -30.00
N VAL B 2 52.81 -1.78 -30.13
CA VAL B 2 52.11 -3.03 -29.86
C VAL B 2 51.96 -3.21 -28.36
N GLN B 3 51.14 -4.19 -27.95
CA GLN B 3 51.04 -4.53 -26.54
C GLN B 3 52.34 -5.13 -26.05
N LEU B 4 52.71 -4.79 -24.81
CA LEU B 4 53.96 -5.20 -24.16
C LEU B 4 55.18 -4.79 -24.97
N GLN B 5 55.13 -3.59 -25.55
CA GLN B 5 56.28 -3.03 -26.24
C GLN B 5 57.17 -2.32 -25.24
N VAL B 6 58.41 -2.76 -25.13
CA VAL B 6 59.38 -2.16 -24.22
C VAL B 6 60.16 -1.08 -24.98
N SER B 7 60.16 0.13 -24.41
CA SER B 7 60.89 1.26 -24.95
C SER B 7 61.73 1.87 -23.83
N GLY B 8 62.53 2.86 -24.21
CA GLY B 8 63.45 3.49 -23.29
C GLY B 8 64.82 3.63 -23.93
N PRO B 9 65.84 3.93 -23.11
CA PRO B 9 67.20 4.02 -23.64
C PRO B 9 67.76 2.64 -23.96
N GLY B 10 68.50 2.56 -25.07
CA GLY B 10 69.17 1.35 -25.49
C GLY B 10 70.60 1.22 -25.03
N VAL B 11 71.20 2.29 -24.52
CA VAL B 11 72.56 2.30 -24.01
C VAL B 11 72.53 2.85 -22.59
N VAL B 12 73.06 2.08 -21.64
CA VAL B 12 73.15 2.50 -20.24
C VAL B 12 74.62 2.69 -19.90
N ARG B 13 74.95 3.83 -19.30
CA ARG B 13 76.30 4.11 -18.83
C ARG B 13 76.70 3.13 -17.74
N PRO B 14 78.01 2.87 -17.57
CA PRO B 14 78.45 1.92 -16.54
C PRO B 14 78.13 2.38 -15.12
N SER B 15 77.53 1.46 -14.36
CA SER B 15 77.13 1.62 -12.96
C SER B 15 76.06 2.70 -12.76
N GLU B 16 75.33 3.06 -13.81
CA GLU B 16 74.17 3.95 -13.68
C GLU B 16 72.89 3.10 -13.64
N THR B 17 71.73 3.75 -13.74
CA THR B 17 70.44 3.09 -13.59
C THR B 17 69.81 2.88 -14.96
N LEU B 18 69.73 1.62 -15.39
CA LEU B 18 68.87 1.26 -16.50
C LEU B 18 67.43 1.54 -16.13
N SER B 19 66.72 2.26 -16.99
CA SER B 19 65.31 2.55 -16.74
C SER B 19 64.54 2.34 -18.03
N LEU B 20 63.74 1.27 -18.07
CA LEU B 20 62.95 0.93 -19.24
C LEU B 20 61.47 0.94 -18.92
N THR B 21 60.67 1.35 -19.90
CA THR B 21 59.22 1.34 -19.75
C THR B 21 58.61 0.41 -20.79
N CYS B 22 57.35 0.09 -20.60
CA CYS B 22 56.69 -0.93 -21.38
C CYS B 22 55.21 -0.58 -21.47
N GLU B 23 54.67 -0.64 -22.69
CA GLU B 23 53.26 -0.34 -22.95
C GLU B 23 52.41 -1.47 -22.43
N VAL B 24 51.80 -1.26 -21.27
CA VAL B 24 50.87 -2.21 -20.69
C VAL B 24 49.46 -1.65 -20.84
N SER B 25 48.47 -2.49 -20.52
CA SER B 25 47.09 -2.06 -20.60
C SER B 25 46.30 -2.72 -19.49
N SER B 26 45.15 -2.12 -19.18
CA SER B 26 44.25 -2.69 -18.20
C SER B 26 43.53 -3.91 -18.79
N GLY B 27 42.93 -4.71 -17.91
CA GLY B 27 42.20 -5.88 -18.33
C GLY B 27 40.83 -5.53 -18.85
N SER B 28 40.08 -6.58 -19.20
CA SER B 28 38.70 -6.39 -19.63
C SER B 28 37.79 -6.02 -18.48
N THR B 29 38.20 -6.30 -17.25
CA THR B 29 37.43 -5.97 -16.06
C THR B 29 38.30 -5.17 -15.10
N SER B 30 37.66 -4.32 -14.30
CA SER B 30 38.32 -3.76 -13.13
C SER B 30 38.67 -4.83 -12.11
N ARG B 31 37.96 -5.96 -12.13
CA ARG B 31 38.25 -7.10 -11.27
C ARG B 31 39.47 -7.89 -11.73
N ASP B 32 39.92 -7.68 -12.97
CA ASP B 32 41.09 -8.39 -13.48
C ASP B 32 42.35 -7.96 -12.75
N PHE B 33 43.39 -8.79 -12.89
CA PHE B 33 44.72 -8.40 -12.42
C PHE B 33 45.75 -9.09 -13.30
N PHE B 34 46.78 -8.33 -13.65
CA PHE B 34 47.93 -8.88 -14.36
C PHE B 34 49.12 -8.93 -13.42
N TYR B 35 50.12 -9.69 -13.84
CA TYR B 35 51.45 -9.62 -13.28
C TYR B 35 52.38 -9.25 -14.43
N TRP B 36 52.93 -8.06 -14.39
CA TRP B 36 53.85 -7.64 -15.41
C TRP B 36 55.25 -8.04 -14.99
N SER B 37 56.02 -8.59 -15.93
CA SER B 37 57.31 -9.19 -15.60
C SER B 37 58.38 -8.77 -16.59
N TRP B 38 59.55 -8.40 -16.08
CA TRP B 38 60.73 -8.17 -16.89
C TRP B 38 61.53 -9.45 -16.98
N VAL B 39 61.86 -9.86 -18.20
CA VAL B 39 62.69 -11.02 -18.49
C VAL B 39 63.78 -10.57 -19.45
N ARG B 40 65.01 -11.02 -19.26
CA ARG B 40 66.06 -10.72 -20.20
C ARG B 40 66.46 -11.97 -20.98
N GLN B 41 66.83 -11.75 -22.23
CA GLN B 41 67.41 -12.77 -23.10
C GLN B 41 68.87 -12.41 -23.31
N THR B 42 69.75 -13.25 -22.83
CA THR B 42 71.17 -13.01 -22.95
C THR B 42 71.75 -13.88 -24.06
N PRO B 43 72.82 -13.43 -24.72
CA PRO B 43 73.53 -14.34 -25.62
C PRO B 43 74.23 -15.47 -24.89
N GLY B 44 74.82 -15.19 -23.73
CA GLY B 44 75.51 -16.19 -22.94
C GLY B 44 74.59 -17.23 -22.32
N LYS B 45 73.72 -16.80 -21.42
CA LYS B 45 72.76 -17.69 -20.79
C LYS B 45 71.51 -17.77 -21.64
N GLY B 46 70.45 -18.36 -21.10
CA GLY B 46 69.16 -18.42 -21.77
C GLY B 46 68.31 -17.22 -21.43
N LEU B 47 67.00 -17.45 -21.42
CA LEU B 47 66.06 -16.43 -20.94
C LEU B 47 66.17 -16.35 -19.42
N GLU B 48 66.33 -15.14 -18.90
CA GLU B 48 66.41 -14.92 -17.46
C GLU B 48 65.35 -13.93 -17.03
N TRP B 49 64.47 -14.37 -16.13
CA TRP B 49 63.48 -13.48 -15.55
C TRP B 49 64.16 -12.47 -14.63
N ILE B 50 63.86 -11.20 -14.85
CA ILE B 50 64.43 -10.14 -14.02
C ILE B 50 63.56 -9.86 -12.82
N GLY B 51 62.27 -9.61 -13.04
CA GLY B 51 61.39 -9.29 -11.93
C GLY B 51 59.98 -9.10 -12.40
N GLY B 52 59.17 -8.48 -11.55
CA GLY B 52 57.82 -8.13 -11.92
C GLY B 52 57.02 -7.70 -10.71
N MET B 53 55.76 -7.38 -10.98
CA MET B 53 54.85 -6.95 -9.94
C MET B 53 53.41 -7.18 -10.38
N TYR B 54 52.55 -7.40 -9.40
CA TYR B 54 51.11 -7.45 -9.63
C TYR B 54 50.59 -6.10 -10.09
N SER B 55 49.54 -6.13 -10.89
CA SER B 55 48.83 -4.89 -11.19
C SER B 55 47.91 -4.47 -10.05
N ASN B 56 47.55 -5.41 -9.17
CA ASN B 56 46.69 -5.07 -8.03
C ASN B 56 47.44 -4.30 -6.97
N SER B 57 48.57 -4.85 -6.51
CA SER B 57 49.31 -4.32 -5.39
C SER B 57 50.53 -3.56 -5.88
N GLU B 58 51.37 -3.12 -4.94
CA GLU B 58 52.63 -2.46 -5.26
C GLU B 58 53.84 -3.26 -4.82
N GLU B 59 53.64 -4.46 -4.27
CA GLU B 59 54.75 -5.33 -3.91
C GLU B 59 55.46 -5.83 -5.17
N THR B 60 56.78 -5.91 -5.09
CA THR B 60 57.60 -6.34 -6.21
C THR B 60 58.14 -7.73 -5.92
N ASN B 61 57.96 -8.65 -6.87
CA ASN B 61 58.54 -9.98 -6.78
C ASN B 61 59.59 -10.09 -7.88
N HIS B 62 60.83 -10.36 -7.49
CA HIS B 62 61.92 -10.34 -8.45
C HIS B 62 62.83 -11.53 -8.20
N ASN B 63 63.78 -11.71 -9.13
CA ASN B 63 64.76 -12.77 -9.01
C ASN B 63 65.88 -12.29 -8.09
N PRO B 64 66.16 -12.99 -6.99
CA PRO B 64 67.25 -12.56 -6.10
C PRO B 64 68.65 -12.86 -6.64
N SER B 65 68.74 -13.39 -7.86
CA SER B 65 70.04 -13.53 -8.53
C SER B 65 70.60 -12.19 -8.95
N LEU B 66 69.75 -11.17 -9.11
CA LEU B 66 70.19 -9.79 -9.27
C LEU B 66 70.34 -9.08 -7.94
N LYS B 67 70.02 -9.75 -6.83
CA LYS B 67 70.37 -9.35 -5.46
C LYS B 67 69.69 -8.04 -5.04
N SER B 68 68.38 -7.94 -5.35
CA SER B 68 67.49 -6.84 -4.94
C SER B 68 67.98 -5.48 -5.44
N ARG B 69 68.51 -5.45 -6.65
CA ARG B 69 69.02 -4.22 -7.26
C ARG B 69 68.01 -3.57 -8.19
N VAL B 70 66.78 -4.08 -8.23
CA VAL B 70 65.75 -3.62 -9.15
C VAL B 70 64.78 -2.72 -8.41
N ILE B 71 64.21 -1.76 -9.14
CA ILE B 71 63.07 -0.98 -8.70
C ILE B 71 61.99 -1.20 -9.75
N ILE B 72 61.00 -2.03 -9.42
CA ILE B 72 59.97 -2.41 -10.36
C ILE B 72 58.73 -1.58 -10.06
N SER B 73 58.35 -0.69 -10.98
CA SER B 73 57.22 0.18 -10.75
C SER B 73 56.26 0.12 -11.93
N LYS B 74 55.09 0.72 -11.73
CA LYS B 74 54.05 0.68 -12.75
C LYS B 74 53.23 1.95 -12.65
N ASP B 75 52.62 2.31 -13.77
CA ASP B 75 51.62 3.39 -13.83
C ASP B 75 50.58 2.93 -14.84
N THR B 76 49.45 2.43 -14.32
CA THR B 76 48.40 1.90 -15.19
C THR B 76 47.71 3.01 -15.96
N SER B 77 47.66 4.21 -15.40
CA SER B 77 47.07 5.35 -16.09
C SER B 77 47.90 5.79 -17.29
N LYS B 78 49.21 5.59 -17.23
CA LYS B 78 50.10 6.06 -18.28
C LYS B 78 50.66 4.93 -19.13
N ASN B 79 50.13 3.70 -18.98
CA ASN B 79 50.54 2.51 -19.73
C ASN B 79 52.03 2.22 -19.53
N GLU B 80 52.49 2.31 -18.28
CA GLU B 80 53.90 2.26 -17.96
C GLU B 80 54.19 1.04 -17.11
N PHE B 81 55.06 0.16 -17.60
CA PHE B 81 55.74 -0.81 -16.77
C PHE B 81 57.21 -0.44 -16.77
N SER B 82 57.79 -0.25 -15.59
CA SER B 82 59.12 0.33 -15.53
C SER B 82 60.05 -0.52 -14.69
N LEU B 83 61.22 -0.80 -15.25
CA LEU B 83 62.35 -1.36 -14.54
C LEU B 83 63.39 -0.26 -14.32
N ARG B 84 63.81 -0.08 -13.07
CA ARG B 84 64.97 0.74 -12.74
C ARG B 84 65.99 -0.21 -12.12
N LEU B 85 66.78 -0.83 -12.98
CA LEU B 85 67.88 -1.67 -12.54
C LEU B 85 69.05 -0.76 -12.17
N THR B 86 69.59 -0.94 -10.99
CA THR B 86 70.68 -0.10 -10.51
C THR B 86 72.00 -0.86 -10.55
N SER B 87 73.10 -0.09 -10.60
CA SER B 87 74.48 -0.59 -10.68
C SER B 87 74.67 -1.53 -11.86
N VAL B 88 74.27 -1.05 -13.04
CA VAL B 88 74.24 -1.88 -14.24
C VAL B 88 75.64 -2.01 -14.82
N THR B 89 76.15 -3.22 -14.86
CA THR B 89 77.41 -3.52 -15.51
C THR B 89 77.14 -4.14 -16.88
N ALA B 90 78.21 -4.50 -17.58
CA ALA B 90 78.11 -5.09 -18.91
C ALA B 90 77.50 -6.48 -18.92
N ALA B 91 77.34 -7.12 -17.76
CA ALA B 91 76.65 -8.41 -17.68
C ALA B 91 75.16 -8.29 -17.95
N ASP B 92 74.58 -7.10 -17.82
CA ASP B 92 73.17 -6.87 -18.07
C ASP B 92 72.90 -6.38 -19.50
N THR B 93 73.87 -6.56 -20.39
CA THR B 93 73.66 -6.35 -21.82
C THR B 93 72.80 -7.49 -22.36
N ALA B 94 71.54 -7.21 -22.69
CA ALA B 94 70.60 -8.25 -23.03
C ALA B 94 69.40 -7.65 -23.75
N VAL B 95 68.62 -8.49 -24.41
CA VAL B 95 67.38 -8.06 -25.03
C VAL B 95 66.27 -8.28 -24.01
N TYR B 96 65.63 -7.19 -23.58
CA TYR B 96 64.66 -7.25 -22.50
C TYR B 96 63.26 -7.39 -23.09
N PHE B 97 62.51 -8.38 -22.61
CA PHE B 97 61.09 -8.51 -22.88
C PHE B 97 60.31 -8.13 -21.64
N CYS B 98 59.15 -7.52 -21.84
CA CYS B 98 58.18 -7.32 -20.78
C CYS B 98 56.97 -8.18 -21.09
N SER B 99 56.50 -8.93 -20.09
CA SER B 99 55.53 -9.98 -20.27
C SER B 99 54.30 -9.72 -19.41
N SER B 100 53.14 -10.02 -20.00
CA SER B 100 51.88 -10.07 -19.28
C SER B 100 51.71 -11.48 -18.71
N ARG B 101 51.31 -11.56 -17.44
CA ARG B 101 51.15 -12.83 -16.76
C ARG B 101 49.74 -12.91 -16.16
N ALA B 102 48.90 -13.77 -16.74
CA ALA B 102 47.50 -13.85 -16.38
C ALA B 102 46.91 -15.18 -16.85
N LYS B 103 45.70 -15.46 -16.42
CA LYS B 103 44.97 -16.63 -16.90
C LYS B 103 43.72 -16.20 -17.66
N ILE B 104 43.32 -17.03 -18.63
CA ILE B 104 42.04 -16.90 -19.31
C ILE B 104 41.13 -17.98 -18.73
N TYR B 105 40.39 -17.64 -17.69
CA TYR B 105 39.35 -18.54 -17.20
C TYR B 105 38.00 -17.98 -17.64
N TYR B 106 37.05 -18.89 -17.86
CA TYR B 106 35.79 -18.56 -18.50
C TYR B 106 34.68 -18.20 -17.51
N SER B 107 34.38 -19.09 -16.58
CA SER B 107 33.34 -18.86 -15.60
C SER B 107 33.93 -18.99 -14.21
N ALA B 108 33.23 -18.41 -13.23
CA ALA B 108 33.78 -17.96 -11.95
C ALA B 108 34.41 -19.07 -11.09
N SER B 109 34.28 -20.34 -11.47
CA SER B 109 34.84 -21.43 -10.68
C SER B 109 36.28 -21.75 -11.07
N TYR B 110 36.50 -22.18 -12.30
CA TYR B 110 37.66 -22.99 -12.66
C TYR B 110 38.74 -22.15 -13.35
N SER B 111 39.72 -22.83 -13.94
CA SER B 111 40.96 -22.25 -14.43
C SER B 111 40.99 -22.02 -15.94
N GLY B 112 40.53 -22.99 -16.73
CA GLY B 112 40.22 -22.80 -18.14
C GLY B 112 41.28 -22.33 -19.13
N GLY B 113 42.50 -22.06 -18.67
CA GLY B 113 43.52 -21.52 -19.56
C GLY B 113 44.36 -20.40 -18.96
N ARG B 114 45.65 -20.40 -19.28
CA ARG B 114 46.58 -19.35 -18.88
C ARG B 114 47.24 -18.77 -20.11
N ILE B 115 47.29 -17.44 -20.20
CA ILE B 115 47.97 -16.75 -21.30
C ILE B 115 49.16 -15.99 -20.72
N ASP B 116 50.35 -16.34 -21.19
CA ASP B 116 51.59 -15.70 -20.76
C ASP B 116 52.38 -15.22 -21.96
N VAL B 117 51.70 -14.54 -22.90
CA VAL B 117 52.38 -14.07 -24.10
C VAL B 117 53.33 -12.92 -23.76
N TRP B 118 54.35 -12.76 -24.61
CA TRP B 118 55.39 -11.76 -24.41
C TRP B 118 55.33 -10.75 -25.55
N GLY B 119 55.89 -9.57 -25.30
CA GLY B 119 56.01 -8.56 -26.32
C GLY B 119 57.42 -8.52 -26.86
N PRO B 120 57.62 -7.88 -28.02
CA PRO B 120 58.95 -7.86 -28.63
C PRO B 120 59.92 -7.01 -27.83
N GLY B 121 61.14 -7.54 -27.68
CA GLY B 121 62.09 -6.98 -26.73
C GLY B 121 62.88 -5.82 -27.28
N LEU B 122 63.68 -5.23 -26.39
CA LEU B 122 64.55 -4.11 -26.71
C LEU B 122 65.95 -4.45 -26.23
N LEU B 123 66.91 -4.45 -27.14
CA LEU B 123 68.29 -4.75 -26.78
C LEU B 123 68.91 -3.57 -26.05
N VAL B 124 69.37 -3.79 -24.83
CA VAL B 124 70.05 -2.78 -24.03
C VAL B 124 71.48 -3.23 -23.83
N THR B 125 72.43 -2.40 -24.26
CA THR B 125 73.85 -2.68 -24.21
C THR B 125 74.52 -1.76 -23.19
N VAL B 126 75.36 -2.35 -22.33
CA VAL B 126 76.01 -1.63 -21.23
C VAL B 126 77.50 -1.58 -21.52
N SER B 127 78.01 -0.41 -21.88
CA SER B 127 79.44 -0.19 -22.04
C SER B 127 79.71 1.30 -21.87
N ASP C 1 66.10 -21.52 -5.95
CA ASP C 1 65.96 -21.62 -7.40
C ASP C 1 65.88 -23.08 -7.84
N ILE C 2 65.24 -23.31 -8.98
CA ILE C 2 65.07 -24.64 -9.55
C ILE C 2 65.68 -24.64 -10.94
N GLN C 3 66.69 -25.47 -11.15
CA GLN C 3 67.37 -25.52 -12.44
C GLN C 3 66.51 -26.21 -13.47
N MET C 4 66.50 -25.66 -14.68
CA MET C 4 65.78 -26.23 -15.81
C MET C 4 66.75 -26.48 -16.94
N THR C 5 66.84 -27.73 -17.39
CA THR C 5 67.74 -28.10 -18.48
C THR C 5 66.91 -28.54 -19.67
N GLN C 6 67.09 -27.87 -20.79
CA GLN C 6 66.40 -28.18 -22.03
C GLN C 6 67.37 -28.78 -23.03
N SER C 7 66.94 -29.85 -23.69
CA SER C 7 67.78 -30.58 -24.61
C SER C 7 66.98 -30.93 -25.85
N PRO C 8 67.59 -30.87 -27.04
CA PRO C 8 68.96 -30.42 -27.30
C PRO C 8 69.06 -28.92 -27.48
N SER C 9 70.27 -28.42 -27.69
CA SER C 9 70.44 -27.03 -28.11
C SER C 9 69.94 -26.84 -29.54
N SER C 10 70.19 -27.83 -30.40
CA SER C 10 69.71 -27.80 -31.78
C SER C 10 69.44 -29.23 -32.23
N LEU C 11 68.37 -29.40 -33.02
CA LEU C 11 68.04 -30.70 -33.58
C LEU C 11 67.67 -30.50 -35.05
N SER C 12 68.19 -31.37 -35.91
CA SER C 12 68.00 -31.29 -37.35
C SER C 12 67.10 -32.43 -37.81
N ALA C 13 66.12 -32.10 -38.64
CA ALA C 13 65.19 -33.08 -39.18
C ALA C 13 64.63 -32.56 -40.49
N SER C 14 64.10 -33.48 -41.30
CA SER C 14 63.56 -33.14 -42.60
C SER C 14 62.11 -32.66 -42.44
N ILE C 15 61.44 -32.40 -43.57
CA ILE C 15 60.08 -31.88 -43.54
C ILE C 15 59.12 -33.04 -43.26
N GLY C 16 58.53 -33.02 -42.06
CA GLY C 16 57.55 -34.01 -41.69
C GLY C 16 57.95 -34.98 -40.60
N ASP C 17 58.99 -34.69 -39.83
CA ASP C 17 59.46 -35.60 -38.80
C ASP C 17 58.90 -35.23 -37.43
N ARG C 18 58.57 -36.25 -36.65
CA ARG C 18 58.11 -36.08 -35.28
C ARG C 18 59.34 -35.98 -34.39
N VAL C 19 59.62 -34.78 -33.88
CA VAL C 19 60.80 -34.55 -33.06
C VAL C 19 60.34 -34.40 -31.61
N THR C 20 61.31 -34.45 -30.70
CA THR C 20 61.03 -34.44 -29.27
C THR C 20 62.07 -33.59 -28.55
N VAL C 21 61.60 -32.64 -27.74
CA VAL C 21 62.44 -31.79 -26.93
C VAL C 21 62.25 -32.19 -25.48
N THR C 22 63.34 -32.50 -24.78
CA THR C 22 63.30 -33.03 -23.43
C THR C 22 63.70 -31.94 -22.45
N CYS C 23 62.81 -31.65 -21.50
CA CYS C 23 63.06 -30.64 -20.47
C CYS C 23 63.04 -31.34 -19.11
N ARG C 24 64.15 -31.25 -18.38
CA ARG C 24 64.28 -31.87 -17.08
C ARG C 24 64.47 -30.81 -15.99
N ALA C 25 63.92 -31.11 -14.82
CA ALA C 25 63.97 -30.25 -13.66
C ALA C 25 64.72 -30.92 -12.52
N SER C 26 65.27 -30.08 -11.62
CA SER C 26 65.96 -30.60 -10.44
C SER C 26 65.00 -30.99 -9.33
N GLN C 27 63.83 -30.34 -9.24
CA GLN C 27 62.89 -30.54 -8.15
C GLN C 27 61.48 -30.75 -8.70
N GLY C 28 60.54 -30.96 -7.78
CA GLY C 28 59.17 -31.24 -8.16
C GLY C 28 58.47 -29.99 -8.68
N ILE C 29 58.22 -29.94 -9.99
CA ILE C 29 57.53 -28.83 -10.63
C ILE C 29 56.27 -29.37 -11.32
N ASP C 30 55.63 -30.34 -10.68
CA ASP C 30 54.91 -31.50 -11.22
C ASP C 30 54.25 -31.34 -12.59
N LYS C 31 53.44 -30.29 -12.77
CA LYS C 31 52.91 -30.00 -14.10
C LYS C 31 52.96 -28.51 -14.40
N ASP C 32 53.89 -27.79 -13.79
CA ASP C 32 54.09 -26.38 -14.05
C ASP C 32 55.27 -26.18 -15.01
N LEU C 33 55.01 -26.49 -16.28
CA LEU C 33 55.99 -26.27 -17.34
C LEU C 33 55.31 -25.67 -18.56
N SER C 34 55.88 -24.60 -19.08
CA SER C 34 55.38 -23.98 -20.30
C SER C 34 56.35 -24.22 -21.44
N TRP C 35 55.81 -24.26 -22.66
CA TRP C 35 56.59 -24.38 -23.88
C TRP C 35 56.34 -23.17 -24.74
N PHE C 36 57.42 -22.50 -25.15
CA PHE C 36 57.42 -21.25 -25.88
C PHE C 36 58.20 -21.41 -27.19
N GLN C 37 57.71 -20.72 -28.24
CA GLN C 37 58.33 -20.68 -29.56
C GLN C 37 58.80 -19.26 -29.83
N GLN C 38 60.07 -19.10 -30.19
CA GLN C 38 60.66 -17.79 -30.40
C GLN C 38 61.36 -17.74 -31.76
N LYS C 39 60.83 -16.93 -32.68
CA LYS C 39 61.54 -16.62 -33.91
C LYS C 39 62.81 -15.85 -33.58
N PRO C 40 63.89 -16.06 -34.32
CA PRO C 40 65.15 -15.35 -34.04
C PRO C 40 65.03 -13.86 -34.32
N GLY C 41 65.15 -13.06 -33.26
CA GLY C 41 64.91 -11.64 -33.30
C GLY C 41 63.55 -11.22 -32.77
N LYS C 42 62.58 -12.13 -32.76
CA LYS C 42 61.22 -11.83 -32.33
C LYS C 42 60.97 -12.33 -30.90
N ALA C 43 59.78 -12.00 -30.39
CA ALA C 43 59.36 -12.36 -29.05
C ALA C 43 58.94 -13.83 -29.00
N PRO C 44 59.20 -14.50 -27.87
CA PRO C 44 58.66 -15.85 -27.69
C PRO C 44 57.15 -15.83 -27.53
N THR C 45 56.48 -16.71 -28.28
CA THR C 45 55.04 -16.86 -28.19
C THR C 45 54.70 -18.21 -27.57
N LEU C 46 53.54 -18.28 -26.93
CA LEU C 46 53.16 -19.46 -26.16
C LEU C 46 52.76 -20.61 -27.07
N LEU C 47 53.21 -21.82 -26.71
CA LEU C 47 52.74 -23.05 -27.33
C LEU C 47 51.94 -23.90 -26.37
N ILE C 48 52.52 -24.26 -25.22
CA ILE C 48 51.91 -25.20 -24.29
C ILE C 48 51.91 -24.60 -22.90
N TYR C 49 50.76 -24.61 -22.24
CA TYR C 49 50.67 -24.27 -20.83
C TYR C 49 50.23 -25.50 -20.04
N THR C 50 50.72 -25.58 -18.79
CA THR C 50 50.54 -26.70 -17.85
C THR C 50 51.04 -28.02 -18.40
N ALA C 51 51.99 -27.96 -19.35
CA ALA C 51 52.82 -29.07 -19.85
C ALA C 51 52.08 -30.17 -20.59
N SER C 52 50.75 -30.15 -20.62
CA SER C 52 50.00 -31.14 -21.38
C SER C 52 48.79 -30.57 -22.10
N THR C 53 48.48 -29.29 -21.94
CA THR C 53 47.27 -28.69 -22.49
C THR C 53 47.63 -27.82 -23.68
N LEU C 54 47.00 -28.09 -24.82
CA LEU C 54 47.24 -27.31 -26.03
C LEU C 54 46.60 -25.94 -25.92
N GLN C 55 47.41 -24.90 -26.12
CA GLN C 55 46.88 -23.53 -26.12
C GLN C 55 46.09 -23.28 -27.39
N THR C 56 44.96 -22.58 -27.24
CA THR C 56 44.16 -22.15 -28.39
C THR C 56 44.97 -21.22 -29.28
N GLY C 57 45.04 -21.57 -30.56
CA GLY C 57 45.77 -20.75 -31.52
C GLY C 57 46.87 -21.51 -32.25
N VAL C 58 47.65 -22.31 -31.55
CA VAL C 58 48.65 -23.15 -32.19
C VAL C 58 48.01 -24.46 -32.60
N SER C 59 48.63 -25.14 -33.55
CA SER C 59 48.06 -26.34 -34.12
C SER C 59 48.20 -27.53 -33.17
N SER C 60 47.60 -28.65 -33.56
CA SER C 60 47.68 -29.88 -32.80
C SER C 60 49.00 -30.62 -33.02
N ARG C 61 49.90 -30.08 -33.84
CA ARG C 61 51.23 -30.66 -34.00
C ARG C 61 52.01 -30.59 -32.70
N PHE C 62 51.92 -29.47 -31.99
CA PHE C 62 52.59 -29.29 -30.71
C PHE C 62 51.83 -30.08 -29.65
N SER C 63 52.38 -31.21 -29.24
CA SER C 63 51.81 -31.98 -28.13
C SER C 63 52.84 -32.06 -27.00
N GLY C 64 52.36 -32.38 -25.82
CA GLY C 64 53.23 -32.44 -24.67
C GLY C 64 52.97 -33.64 -23.79
N SER C 65 54.04 -34.28 -23.32
CA SER C 65 53.93 -35.42 -22.44
C SER C 65 54.89 -35.23 -21.28
N GLY C 66 54.78 -36.09 -20.28
CA GLY C 66 55.68 -36.08 -19.16
C GLY C 66 55.02 -35.52 -17.90
N SER C 67 55.74 -35.69 -16.79
CA SER C 67 55.24 -35.29 -15.48
C SER C 67 56.43 -35.12 -14.54
N GLY C 68 56.15 -34.58 -13.36
CA GLY C 68 57.12 -34.45 -12.30
C GLY C 68 58.29 -33.55 -12.63
N THR C 69 59.45 -34.17 -12.84
CA THR C 69 60.64 -33.45 -13.26
C THR C 69 60.89 -33.50 -14.76
N ASP C 70 60.31 -34.46 -15.47
CA ASP C 70 60.69 -34.72 -16.87
C ASP C 70 59.50 -34.52 -17.79
N PHE C 71 59.70 -33.69 -18.83
CA PHE C 71 58.65 -33.43 -19.81
C PHE C 71 59.26 -33.53 -21.20
N SER C 72 58.39 -33.79 -22.19
CA SER C 72 58.82 -33.93 -23.57
C SER C 72 57.80 -33.26 -24.48
N LEU C 73 58.24 -32.22 -25.17
CA LEU C 73 57.45 -31.64 -26.25
C LEU C 73 57.64 -32.48 -27.50
N THR C 74 56.56 -32.62 -28.27
CA THR C 74 56.53 -33.50 -29.41
C THR C 74 55.95 -32.74 -30.59
N ILE C 75 56.68 -32.74 -31.70
CA ILE C 75 56.28 -32.09 -32.93
C ILE C 75 56.03 -33.15 -33.98
N ASN C 76 54.77 -33.42 -34.28
CA ASN C 76 54.40 -34.28 -35.40
C ASN C 76 54.29 -33.41 -36.65
N ASN C 77 54.85 -33.90 -37.75
CA ASN C 77 54.84 -33.24 -39.07
C ASN C 77 55.48 -31.86 -38.99
N LEU C 78 56.80 -31.87 -38.76
CA LEU C 78 57.61 -30.67 -38.63
C LEU C 78 57.50 -29.76 -39.85
N GLN C 79 57.25 -28.48 -39.60
CA GLN C 79 56.87 -27.49 -40.58
C GLN C 79 57.96 -26.43 -40.78
N PRO C 80 57.94 -25.70 -41.90
CA PRO C 80 58.88 -24.56 -42.05
C PRO C 80 58.62 -23.41 -41.10
N GLU C 81 57.43 -23.30 -40.51
CA GLU C 81 57.18 -22.31 -39.48
C GLU C 81 57.66 -22.75 -38.11
N ASP C 82 58.21 -23.95 -37.98
CA ASP C 82 58.77 -24.44 -36.74
C ASP C 82 60.23 -24.09 -36.57
N VAL C 83 60.80 -23.30 -37.47
CA VAL C 83 62.18 -22.84 -37.35
C VAL C 83 62.18 -21.76 -36.28
N ALA C 84 62.48 -22.16 -35.04
CA ALA C 84 62.39 -21.28 -33.89
C ALA C 84 63.13 -21.91 -32.72
N THR C 85 63.50 -21.08 -31.77
CA THR C 85 64.08 -21.54 -30.51
C THR C 85 62.96 -21.82 -29.53
N TYR C 86 63.00 -22.99 -28.91
CA TYR C 86 61.94 -23.40 -27.99
C TYR C 86 62.44 -23.33 -26.56
N PHE C 87 61.54 -22.93 -25.66
CA PHE C 87 61.93 -22.74 -24.26
C PHE C 87 60.90 -23.36 -23.35
N CYS C 88 61.38 -24.10 -22.36
CA CYS C 88 60.51 -24.63 -21.30
C CYS C 88 60.68 -23.77 -20.05
N GLN C 89 59.56 -23.33 -19.51
CA GLN C 89 59.51 -22.35 -18.42
C GLN C 89 58.99 -23.03 -17.17
N GLN C 90 59.74 -22.91 -16.08
CA GLN C 90 59.26 -23.28 -14.77
C GLN C 90 58.50 -22.12 -14.14
N ASP C 91 57.32 -22.41 -13.59
CA ASP C 91 56.56 -21.41 -12.86
C ASP C 91 56.01 -21.97 -11.56
N PHE C 92 56.74 -22.91 -10.95
CA PHE C 92 56.25 -23.55 -9.73
C PHE C 92 56.55 -22.72 -8.49
N SER C 93 57.79 -22.29 -8.32
CA SER C 93 58.20 -21.47 -7.19
C SER C 93 59.07 -20.34 -7.70
N PHE C 94 59.21 -19.31 -6.88
CA PHE C 94 60.12 -18.22 -7.21
C PHE C 94 61.56 -18.72 -7.10
N PRO C 95 62.45 -18.33 -8.01
CA PRO C 95 62.20 -17.48 -9.18
C PRO C 95 61.81 -18.25 -10.44
N LEU C 96 61.41 -17.49 -11.45
CA LEU C 96 61.10 -18.05 -12.76
C LEU C 96 62.39 -18.40 -13.49
N THR C 97 62.62 -19.70 -13.69
CA THR C 97 63.77 -20.18 -14.45
C THR C 97 63.26 -20.85 -15.72
N PHE C 98 63.93 -20.59 -16.83
CA PHE C 98 63.48 -20.99 -18.14
C PHE C 98 64.49 -21.96 -18.76
N GLY C 99 64.17 -22.44 -19.95
CA GLY C 99 64.96 -23.47 -20.60
C GLY C 99 66.25 -22.94 -21.20
N GLY C 100 67.01 -23.87 -21.79
CA GLY C 100 68.24 -23.49 -22.46
C GLY C 100 68.06 -23.01 -23.88
N GLY C 101 67.06 -23.55 -24.59
CA GLY C 101 66.83 -23.18 -25.96
C GLY C 101 67.08 -24.30 -26.95
N THR C 102 66.09 -24.59 -27.80
CA THR C 102 66.17 -25.69 -28.76
C THR C 102 65.88 -25.16 -30.15
N LYS C 103 66.90 -25.17 -31.01
CA LYS C 103 66.80 -24.62 -32.35
C LYS C 103 66.42 -25.72 -33.35
N VAL C 104 65.55 -25.38 -34.29
CA VAL C 104 65.07 -26.30 -35.31
C VAL C 104 65.60 -25.85 -36.67
N ASP C 105 66.37 -26.72 -37.32
CA ASP C 105 66.87 -26.49 -38.68
C ASP C 105 66.59 -27.71 -39.53
N GLN D 1 -69.17 48.55 -28.28
CA GLN D 1 -68.82 49.78 -27.58
C GLN D 1 -69.37 49.74 -26.16
N VAL D 2 -68.49 49.98 -25.19
CA VAL D 2 -68.87 50.00 -23.79
C VAL D 2 -68.33 51.26 -23.15
N HIS D 3 -69.08 51.79 -22.19
CA HIS D 3 -68.59 52.88 -21.35
C HIS D 3 -69.25 52.75 -19.99
N LEU D 4 -68.49 53.07 -18.95
CA LEU D 4 -68.94 52.87 -17.58
C LEU D 4 -69.15 54.21 -16.90
N GLN D 5 -69.89 54.17 -15.79
CA GLN D 5 -70.27 55.41 -15.11
C GLN D 5 -70.40 55.14 -13.62
N GLU D 6 -69.59 55.84 -12.82
CA GLU D 6 -69.65 55.71 -11.38
C GLU D 6 -70.53 56.79 -10.76
N SER D 7 -70.80 56.64 -9.47
CA SER D 7 -71.59 57.59 -8.71
C SER D 7 -71.28 57.40 -7.23
N GLY D 8 -71.17 58.51 -6.50
CA GLY D 8 -70.85 58.45 -5.10
C GLY D 8 -71.24 59.72 -4.34
N PRO D 9 -71.03 59.71 -3.02
CA PRO D 9 -71.35 60.91 -2.23
C PRO D 9 -70.38 62.05 -2.46
N GLY D 10 -69.09 61.76 -2.58
CA GLY D 10 -68.06 62.77 -2.79
C GLY D 10 -67.49 63.35 -1.52
N LEU D 11 -68.35 63.72 -0.57
CA LEU D 11 -67.95 64.20 0.73
C LEU D 11 -68.24 63.11 1.77
N VAL D 12 -67.20 62.69 2.49
CA VAL D 12 -67.29 61.58 3.42
C VAL D 12 -66.89 62.06 4.80
N LYS D 13 -67.71 61.75 5.79
CA LYS D 13 -67.25 61.89 7.17
C LYS D 13 -66.37 60.69 7.53
N PRO D 14 -65.33 60.90 8.34
CA PRO D 14 -64.47 59.77 8.73
C PRO D 14 -65.21 58.78 9.62
N SER D 15 -64.68 57.55 9.61
CA SER D 15 -65.28 56.37 10.25
C SER D 15 -66.71 56.13 9.79
N GLU D 16 -66.89 56.08 8.48
CA GLU D 16 -68.20 55.87 7.86
C GLU D 16 -68.05 54.90 6.71
N THR D 17 -69.06 54.03 6.53
CA THR D 17 -69.03 53.04 5.46
C THR D 17 -69.28 53.72 4.12
N LEU D 18 -68.26 53.77 3.28
CA LEU D 18 -68.38 54.33 1.94
C LEU D 18 -68.87 53.26 0.96
N SER D 19 -69.77 53.68 0.06
CA SER D 19 -70.33 52.76 -0.93
C SER D 19 -70.41 53.47 -2.27
N LEU D 20 -70.02 52.76 -3.33
CA LEU D 20 -70.04 53.29 -4.68
C LEU D 20 -70.75 52.33 -5.62
N THR D 21 -71.31 52.90 -6.69
CA THR D 21 -72.05 52.16 -7.71
C THR D 21 -71.42 52.43 -9.07
N CYS D 22 -71.74 51.55 -10.02
CA CYS D 22 -71.07 51.56 -11.32
C CYS D 22 -72.03 51.06 -12.38
N ASN D 23 -72.39 51.93 -13.33
CA ASN D 23 -73.37 51.58 -14.35
C ASN D 23 -72.70 50.81 -15.49
N VAL D 24 -73.53 50.27 -16.38
CA VAL D 24 -73.07 49.54 -17.56
C VAL D 24 -73.66 50.18 -18.80
N SER D 25 -73.12 49.78 -19.95
CA SER D 25 -73.63 50.23 -21.24
C SER D 25 -73.23 49.20 -22.28
N GLY D 26 -74.22 48.50 -22.83
CA GLY D 26 -73.95 47.49 -23.83
C GLY D 26 -73.74 46.10 -23.28
N THR D 27 -72.64 45.88 -22.57
CA THR D 27 -72.27 44.56 -22.07
C THR D 27 -72.69 44.42 -20.62
N LEU D 28 -73.33 43.30 -20.30
CA LEU D 28 -73.91 43.07 -18.98
C LEU D 28 -72.85 42.68 -17.95
N VAL D 29 -73.31 42.33 -16.76
CA VAL D 29 -72.40 42.00 -15.67
C VAL D 29 -71.93 40.55 -15.77
N ARG D 30 -72.71 39.68 -16.43
CA ARG D 30 -72.36 38.28 -16.51
C ARG D 30 -71.27 38.00 -17.54
N ASP D 31 -71.20 38.80 -18.60
CA ASP D 31 -70.35 38.48 -19.73
C ASP D 31 -68.87 38.76 -19.50
N ASN D 32 -68.49 39.41 -18.41
CA ASN D 32 -67.09 39.78 -18.26
C ASN D 32 -66.73 39.91 -16.78
N TYR D 33 -65.43 39.92 -16.52
CA TYR D 33 -64.89 40.22 -15.21
C TYR D 33 -65.13 41.69 -14.87
N TRP D 34 -64.94 42.03 -13.60
CA TRP D 34 -65.01 43.42 -13.16
C TRP D 34 -63.89 43.70 -12.19
N SER D 35 -63.53 44.98 -12.05
CA SER D 35 -62.43 45.35 -11.18
C SER D 35 -62.64 46.76 -10.66
N TRP D 36 -62.07 47.02 -9.48
CA TRP D 36 -61.97 48.35 -8.92
C TRP D 36 -60.51 48.71 -8.72
N ILE D 37 -60.17 49.96 -9.03
CA ILE D 37 -58.83 50.54 -8.89
C ILE D 37 -58.98 51.92 -8.27
N ARG D 38 -58.11 52.29 -7.34
CA ARG D 38 -58.16 53.62 -6.77
C ARG D 38 -56.85 54.36 -7.02
N GLN D 39 -56.93 55.70 -7.04
CA GLN D 39 -55.75 56.49 -7.30
C GLN D 39 -55.83 57.87 -6.65
N PRO D 40 -54.87 58.25 -5.82
CA PRO D 40 -54.84 59.62 -5.29
C PRO D 40 -54.32 60.60 -6.33
N LEU D 41 -54.32 61.87 -5.94
CA LEU D 41 -53.88 62.93 -6.84
C LEU D 41 -52.37 62.90 -7.02
N GLY D 42 -51.93 62.91 -8.27
CA GLY D 42 -50.51 62.89 -8.58
C GLY D 42 -49.82 61.61 -8.19
N LYS D 43 -50.54 60.50 -8.17
CA LYS D 43 -50.00 59.23 -7.72
C LYS D 43 -50.24 58.15 -8.77
N GLN D 44 -49.50 57.06 -8.64
CA GLN D 44 -49.78 55.89 -9.44
C GLN D 44 -51.05 55.23 -8.93
N PRO D 45 -51.79 54.54 -9.80
CA PRO D 45 -53.02 53.90 -9.36
C PRO D 45 -52.76 52.70 -8.46
N GLU D 46 -53.78 52.34 -7.70
CA GLU D 46 -53.73 51.21 -6.78
C GLU D 46 -54.90 50.30 -7.13
N TRP D 47 -54.57 49.12 -7.67
CA TRP D 47 -55.59 48.14 -8.05
C TRP D 47 -56.20 47.57 -6.77
N ILE D 48 -57.46 47.90 -6.51
CA ILE D 48 -58.14 47.40 -5.33
C ILE D 48 -58.45 45.91 -5.48
N GLY D 49 -58.86 45.49 -6.67
CA GLY D 49 -59.10 44.08 -6.87
C GLY D 49 -60.12 43.83 -7.96
N TYR D 50 -60.62 42.60 -7.98
CA TYR D 50 -61.51 42.17 -9.05
C TYR D 50 -62.63 41.30 -8.49
N VAL D 51 -63.76 41.34 -9.18
CA VAL D 51 -64.97 40.63 -8.79
C VAL D 51 -65.56 39.96 -10.04
N HIS D 52 -66.00 38.73 -9.86
CA HIS D 52 -66.70 37.98 -10.89
C HIS D 52 -67.56 36.93 -10.20
N ASP D 53 -68.61 36.48 -10.89
CA ASP D 53 -69.39 35.33 -10.48
C ASP D 53 -68.52 34.08 -10.36
N SER D 54 -69.02 33.13 -9.56
CA SER D 54 -68.35 31.86 -9.25
C SER D 54 -66.99 32.07 -8.58
N GLY D 55 -67.02 32.79 -7.45
CA GLY D 55 -65.90 32.85 -6.53
C GLY D 55 -64.68 33.63 -6.96
N ASP D 56 -64.70 34.25 -8.14
CA ASP D 56 -63.54 34.97 -8.66
C ASP D 56 -63.55 36.39 -8.10
N THR D 57 -63.30 36.50 -6.80
CA THR D 57 -63.46 37.74 -6.05
C THR D 57 -62.27 37.98 -5.13
N ASN D 58 -61.06 37.81 -5.65
CA ASN D 58 -59.88 38.01 -4.82
C ASN D 58 -59.58 39.49 -4.64
N TYR D 59 -59.23 39.85 -3.41
CA TYR D 59 -59.09 41.25 -3.01
C TYR D 59 -57.62 41.56 -2.76
N ASN D 60 -57.34 42.85 -2.66
CA ASN D 60 -56.01 43.31 -2.25
C ASN D 60 -55.76 42.91 -0.81
N PRO D 61 -54.72 42.14 -0.53
CA PRO D 61 -54.45 41.74 0.87
C PRO D 61 -53.98 42.88 1.76
N SER D 62 -53.70 44.06 1.21
CA SER D 62 -53.40 45.21 2.05
C SER D 62 -54.64 45.65 2.83
N LEU D 63 -55.77 45.80 2.13
CA LEU D 63 -57.00 46.16 2.84
C LEU D 63 -57.70 44.92 3.40
N LYS D 64 -58.18 44.06 2.51
CA LYS D 64 -58.50 42.64 2.74
C LYS D 64 -59.71 42.40 3.66
N SER D 65 -60.16 43.40 4.37
CA SER D 65 -61.29 43.22 5.28
C SER D 65 -62.33 44.32 5.15
N ARG D 66 -61.90 45.56 4.96
CA ARG D 66 -62.79 46.71 5.00
C ARG D 66 -63.33 47.08 3.63
N VAL D 67 -63.35 46.15 2.70
CA VAL D 67 -63.78 46.41 1.33
C VAL D 67 -64.45 45.16 0.77
N HIS D 68 -65.62 45.35 0.17
CA HIS D 68 -66.43 44.22 -0.31
C HIS D 68 -67.03 44.59 -1.65
N LEU D 69 -66.75 43.77 -2.66
CA LEU D 69 -67.16 44.01 -4.02
C LEU D 69 -68.39 43.16 -4.33
N SER D 70 -69.28 43.69 -5.17
CA SER D 70 -70.52 43.00 -5.43
C SER D 70 -71.05 43.39 -6.80
N LEU D 71 -71.98 42.58 -7.30
CA LEU D 71 -72.62 42.79 -8.59
C LEU D 71 -74.11 42.98 -8.39
N ASP D 72 -74.81 43.37 -9.46
CA ASP D 72 -76.26 43.57 -9.44
C ASP D 72 -76.79 43.04 -10.77
N LYS D 73 -77.12 41.76 -10.81
CA LYS D 73 -77.65 41.16 -12.02
C LYS D 73 -79.09 41.53 -12.26
N SER D 74 -79.81 41.92 -11.20
CA SER D 74 -81.18 42.39 -11.35
C SER D 74 -81.22 43.74 -12.04
N LYS D 75 -80.38 44.69 -11.61
CA LYS D 75 -80.31 45.99 -12.24
C LYS D 75 -79.11 46.15 -13.15
N ASN D 76 -78.23 45.14 -13.22
CA ASN D 76 -77.04 45.09 -14.09
C ASN D 76 -76.09 46.26 -13.79
N LEU D 77 -75.57 46.23 -12.57
CA LEU D 77 -74.62 47.24 -12.09
C LEU D 77 -73.49 46.55 -11.34
N VAL D 78 -72.47 47.33 -10.99
CA VAL D 78 -71.39 46.90 -10.13
C VAL D 78 -71.44 47.78 -8.88
N SER D 79 -70.99 47.22 -7.76
CA SER D 79 -71.04 47.95 -6.50
C SER D 79 -69.84 47.62 -5.65
N LEU D 80 -69.51 48.55 -4.75
CA LEU D 80 -68.41 48.40 -3.83
C LEU D 80 -68.79 49.02 -2.50
N ARG D 81 -68.42 48.37 -1.41
CA ARG D 81 -68.64 48.87 -0.07
C ARG D 81 -67.30 48.98 0.65
N LEU D 82 -67.09 50.10 1.33
CA LEU D 82 -65.88 50.33 2.10
C LEU D 82 -66.25 50.45 3.57
N THR D 83 -65.24 50.32 4.44
CA THR D 83 -65.46 50.44 5.88
C THR D 83 -64.32 51.23 6.49
N GLY D 84 -64.66 52.20 7.34
CA GLY D 84 -63.66 52.95 8.05
C GLY D 84 -62.87 53.89 7.16
N VAL D 85 -63.53 54.94 6.67
CA VAL D 85 -62.86 55.89 5.79
C VAL D 85 -61.86 56.72 6.58
N THR D 86 -60.60 56.64 6.18
CA THR D 86 -59.53 57.43 6.76
C THR D 86 -59.13 58.52 5.77
N ALA D 87 -58.13 59.32 6.16
CA ALA D 87 -57.68 60.44 5.34
C ALA D 87 -56.96 59.98 4.08
N ALA D 88 -56.41 58.77 4.09
CA ALA D 88 -55.75 58.24 2.90
C ALA D 88 -56.73 57.79 1.84
N ASP D 89 -58.01 57.62 2.19
CA ASP D 89 -59.00 57.11 1.25
C ASP D 89 -59.51 58.16 0.28
N SER D 90 -59.05 59.40 0.38
CA SER D 90 -59.42 60.45 -0.57
C SER D 90 -58.72 60.19 -1.89
N ALA D 91 -59.47 59.67 -2.87
CA ALA D 91 -58.90 59.26 -4.15
C ALA D 91 -60.02 59.17 -5.17
N ILE D 92 -59.64 59.15 -6.45
CA ILE D 92 -60.59 58.87 -7.52
C ILE D 92 -60.60 57.37 -7.78
N TYR D 93 -61.79 56.80 -7.86
CA TYR D 93 -61.97 55.36 -7.94
C TYR D 93 -62.51 55.01 -9.32
N TYR D 94 -62.24 53.78 -9.75
CA TYR D 94 -62.56 53.33 -11.10
C TYR D 94 -63.12 51.92 -11.03
N CYS D 95 -64.28 51.71 -11.65
CA CYS D 95 -64.69 50.37 -12.04
C CYS D 95 -64.33 50.15 -13.50
N ALA D 96 -63.86 48.94 -13.80
CA ALA D 96 -63.34 48.67 -15.14
C ALA D 96 -63.36 47.18 -15.42
N THR D 97 -63.62 46.83 -16.68
CA THR D 97 -63.57 45.44 -17.09
C THR D 97 -62.13 45.01 -17.32
N THR D 98 -61.88 43.71 -17.20
CA THR D 98 -60.55 43.18 -17.40
C THR D 98 -60.61 41.80 -18.03
N LYS D 99 -59.47 41.37 -18.58
CA LYS D 99 -59.36 40.09 -19.26
C LYS D 99 -58.18 39.31 -18.72
N HIS D 100 -58.34 38.01 -18.59
CA HIS D 100 -57.27 37.14 -18.13
C HIS D 100 -56.45 36.65 -19.32
N GLY D 101 -55.59 35.65 -19.07
CA GLY D 101 -54.70 35.12 -20.08
C GLY D 101 -53.53 34.39 -19.44
N ARG D 102 -53.13 33.25 -20.00
CA ARG D 102 -52.13 32.39 -19.36
C ARG D 102 -50.75 32.71 -19.90
N ARG D 103 -49.85 33.13 -19.03
CA ARG D 103 -48.42 33.18 -19.33
C ARG D 103 -47.82 31.86 -18.88
N ILE D 104 -47.31 31.09 -19.84
CA ILE D 104 -46.80 29.75 -19.60
C ILE D 104 -45.30 29.77 -19.83
N TYR D 105 -44.54 29.34 -18.82
CA TYR D 105 -43.08 29.34 -18.89
C TYR D 105 -42.46 27.97 -18.75
N GLY D 106 -43.20 26.98 -18.28
CA GLY D 106 -42.65 25.66 -18.11
C GLY D 106 -43.66 24.60 -18.46
N VAL D 107 -43.74 23.56 -17.65
CA VAL D 107 -44.68 22.47 -17.89
C VAL D 107 -46.07 22.92 -17.46
N VAL D 108 -47.07 22.58 -18.28
CA VAL D 108 -48.44 22.98 -17.98
C VAL D 108 -48.99 22.16 -16.83
N ALA D 109 -48.65 20.87 -16.78
CA ALA D 109 -49.21 19.98 -15.77
C ALA D 109 -48.63 20.21 -14.39
N PHE D 110 -47.44 20.79 -14.29
CA PHE D 110 -46.81 21.02 -12.99
C PHE D 110 -47.09 22.41 -12.46
N LYS D 111 -48.10 23.09 -13.00
CA LYS D 111 -48.52 24.45 -12.61
C LYS D 111 -47.38 25.46 -12.76
N GLU D 112 -46.61 25.32 -13.83
CA GLU D 112 -45.54 26.27 -14.13
C GLU D 112 -46.04 27.33 -15.11
N TRP D 113 -47.10 28.02 -14.69
CA TRP D 113 -47.74 29.06 -15.47
C TRP D 113 -48.54 29.93 -14.53
N PHE D 114 -49.03 31.06 -15.04
CA PHE D 114 -49.89 31.91 -14.23
C PHE D 114 -50.85 32.68 -15.12
N THR D 115 -51.77 33.38 -14.45
CA THR D 115 -52.84 34.13 -15.11
C THR D 115 -52.67 35.60 -14.80
N TYR D 116 -52.46 36.41 -15.81
CA TYR D 116 -52.32 37.85 -15.61
C TYR D 116 -53.61 38.57 -15.98
N PHE D 117 -53.73 39.79 -15.47
CA PHE D 117 -54.89 40.63 -15.70
C PHE D 117 -54.48 41.92 -16.39
N TYR D 118 -55.42 42.53 -17.11
CA TYR D 118 -55.21 43.82 -17.76
C TYR D 118 -56.57 44.44 -18.02
N MET D 119 -56.70 45.72 -17.72
CA MET D 119 -57.97 46.44 -17.86
C MET D 119 -58.04 47.09 -19.23
N ASP D 120 -58.97 46.63 -20.06
CA ASP D 120 -59.06 47.12 -21.44
C ASP D 120 -59.76 48.47 -21.51
N VAL D 121 -60.95 48.58 -20.94
CA VAL D 121 -61.66 49.86 -20.89
C VAL D 121 -61.73 50.28 -19.43
N TRP D 122 -62.15 51.52 -19.19
CA TRP D 122 -62.19 52.07 -17.86
C TRP D 122 -63.48 52.84 -17.69
N GLY D 123 -63.73 53.28 -16.46
CA GLY D 123 -64.82 54.19 -16.17
C GLY D 123 -64.39 55.62 -16.36
N LYS D 124 -64.99 56.51 -15.58
CA LYS D 124 -64.62 57.92 -15.62
C LYS D 124 -64.16 58.48 -14.28
N GLY D 125 -64.58 57.90 -13.17
CA GLY D 125 -64.04 58.31 -11.88
C GLY D 125 -65.09 58.97 -11.00
N THR D 126 -64.83 58.92 -9.70
CA THR D 126 -65.60 59.67 -8.72
C THR D 126 -64.62 60.24 -7.71
N SER D 127 -64.56 61.58 -7.62
CA SER D 127 -63.63 62.25 -6.73
C SER D 127 -64.14 62.12 -5.30
N VAL D 128 -63.78 61.01 -4.66
CA VAL D 128 -64.13 60.79 -3.27
C VAL D 128 -63.19 61.60 -2.40
N THR D 129 -63.75 62.37 -1.47
CA THR D 129 -62.97 63.21 -0.57
C THR D 129 -63.50 63.10 0.85
N VAL D 130 -62.62 62.79 1.79
CA VAL D 130 -62.97 62.68 3.20
C VAL D 130 -62.62 64.01 3.87
N SER D 131 -63.61 64.60 4.54
CA SER D 131 -63.45 65.89 5.19
C SER D 131 -64.54 66.03 6.23
N SER D 132 -64.31 66.94 7.17
CA SER D 132 -65.30 67.20 8.22
C SER D 132 -65.79 68.64 8.14
N THR E 1 -38.73 61.92 -12.88
CA THR E 1 -38.76 61.05 -14.05
C THR E 1 -39.24 61.88 -15.23
N PHE E 2 -38.43 62.83 -15.68
CA PHE E 2 -38.84 63.67 -16.79
C PHE E 2 -37.96 63.38 -18.00
N VAL E 3 -38.58 62.83 -19.04
CA VAL E 3 -37.91 62.49 -20.28
C VAL E 3 -38.48 63.39 -21.38
N SER E 4 -37.62 64.17 -22.06
CA SER E 4 -38.06 64.97 -23.22
C SER E 4 -37.26 64.65 -24.48
N VAL E 5 -38.00 64.42 -25.57
CA VAL E 5 -37.44 64.12 -26.89
C VAL E 5 -38.26 64.92 -27.86
N ALA E 6 -37.64 65.91 -28.53
CA ALA E 6 -38.17 66.66 -29.66
C ALA E 6 -38.87 65.73 -30.65
N PRO E 7 -40.07 66.10 -31.11
CA PRO E 7 -40.98 65.10 -31.72
C PRO E 7 -40.48 64.52 -33.03
N GLY E 8 -40.93 63.32 -33.34
CA GLY E 8 -40.44 62.58 -34.47
C GLY E 8 -39.22 61.73 -34.20
N GLN E 9 -38.62 61.84 -33.02
CA GLN E 9 -37.48 61.02 -32.66
C GLN E 9 -37.93 59.77 -31.89
N THR E 10 -36.97 58.96 -31.43
CA THR E 10 -37.24 57.75 -30.66
C THR E 10 -37.24 58.06 -29.16
N ALA E 11 -37.64 57.07 -28.39
CA ALA E 11 -37.90 57.25 -26.96
C ALA E 11 -37.87 55.89 -26.27
N ARG E 12 -37.21 55.85 -25.11
CA ARG E 12 -37.08 54.65 -24.31
C ARG E 12 -37.46 55.00 -22.88
N ILE E 13 -38.58 54.47 -22.41
CA ILE E 13 -39.07 54.73 -21.06
C ILE E 13 -38.94 53.44 -20.26
N THR E 14 -38.13 53.48 -19.22
CA THR E 14 -38.00 52.34 -18.31
C THR E 14 -38.91 52.52 -17.11
N CYS E 15 -39.32 51.39 -16.51
CA CYS E 15 -40.20 51.41 -15.36
C CYS E 15 -40.06 50.10 -14.60
N GLY E 16 -40.23 50.19 -13.29
CA GLY E 16 -40.36 49.00 -12.47
C GLY E 16 -39.05 48.37 -12.05
N GLU E 17 -39.19 47.34 -11.23
CA GLU E 17 -38.07 46.62 -10.65
C GLU E 17 -37.39 45.76 -11.71
N GLU E 18 -36.14 45.39 -11.44
CA GLU E 18 -35.40 44.51 -12.32
C GLU E 18 -36.01 43.10 -12.29
N SER E 19 -35.95 42.42 -13.42
CA SER E 19 -36.61 41.13 -13.57
C SER E 19 -35.87 40.05 -12.80
N LEU E 20 -36.63 39.06 -12.32
CA LEU E 20 -36.07 37.91 -11.60
C LEU E 20 -36.29 36.62 -12.38
N GLY E 21 -37.49 36.38 -12.85
CA GLY E 21 -37.81 35.23 -13.67
C GLY E 21 -38.55 35.68 -14.93
N SER E 22 -39.49 34.84 -15.38
CA SER E 22 -40.30 35.21 -16.52
C SER E 22 -41.37 36.21 -16.10
N ARG E 23 -41.60 37.20 -16.96
CA ARG E 23 -42.48 38.31 -16.63
C ARG E 23 -43.53 38.50 -17.70
N SER E 24 -44.63 39.15 -17.30
CA SER E 24 -45.70 39.56 -18.20
C SER E 24 -46.03 41.01 -17.88
N VAL E 25 -45.41 41.93 -18.61
CA VAL E 25 -45.58 43.35 -18.32
C VAL E 25 -46.90 43.84 -18.93
N ILE E 26 -47.45 44.90 -18.35
CA ILE E 26 -48.64 45.58 -18.86
C ILE E 26 -48.35 47.07 -18.81
N TRP E 27 -48.46 47.74 -19.96
CA TRP E 27 -48.22 49.17 -20.04
C TRP E 27 -49.55 49.90 -20.21
N TYR E 28 -49.78 50.88 -19.31
CA TYR E 28 -50.93 51.78 -19.34
C TYR E 28 -50.44 53.20 -19.57
N GLN E 29 -51.33 54.04 -20.10
CA GLN E 29 -51.04 55.45 -20.24
C GLN E 29 -52.20 56.26 -19.66
N GLN E 30 -51.90 57.53 -19.36
CA GLN E 30 -52.84 58.37 -18.63
C GLN E 30 -52.65 59.81 -19.13
N ARG E 31 -53.61 60.28 -19.91
CA ARG E 31 -53.66 61.70 -20.22
C ARG E 31 -54.07 62.46 -18.96
N PRO E 32 -53.63 63.71 -18.82
CA PRO E 32 -53.99 64.49 -17.62
C PRO E 32 -55.48 64.80 -17.59
N GLY E 33 -56.11 64.41 -16.48
CA GLY E 33 -57.54 64.62 -16.31
C GLY E 33 -58.42 63.51 -16.82
N GLN E 34 -57.87 62.58 -17.59
CA GLN E 34 -58.67 61.51 -18.17
C GLN E 34 -58.60 60.26 -17.31
N ALA E 35 -59.31 59.23 -17.73
CA ALA E 35 -59.17 57.89 -17.19
C ALA E 35 -57.90 57.28 -17.78
N PRO E 36 -57.39 56.19 -17.18
CA PRO E 36 -56.29 55.47 -17.83
C PRO E 36 -56.75 54.76 -19.10
N SER E 37 -55.78 54.18 -19.79
CA SER E 37 -56.07 53.45 -21.01
C SER E 37 -54.96 52.45 -21.27
N LEU E 38 -55.34 51.26 -21.70
CA LEU E 38 -54.36 50.25 -22.05
C LEU E 38 -53.66 50.64 -23.34
N ILE E 39 -52.34 50.43 -23.39
CA ILE E 39 -51.60 50.44 -24.64
C ILE E 39 -50.95 49.09 -24.91
N ILE E 40 -50.35 48.44 -23.90
CA ILE E 40 -49.71 47.15 -24.08
C ILE E 40 -50.22 46.20 -23.01
N TYR E 41 -50.66 45.00 -23.40
CA TYR E 41 -51.17 44.05 -22.42
C TYR E 41 -50.28 42.83 -22.19
N ASN E 42 -49.29 42.60 -23.05
CA ASN E 42 -48.36 41.49 -22.86
C ASN E 42 -46.98 42.10 -22.89
N ASN E 43 -45.95 41.26 -23.06
CA ASN E 43 -44.61 41.78 -23.20
C ASN E 43 -44.45 42.59 -24.49
N ASN E 44 -44.97 42.09 -25.60
CA ASN E 44 -44.93 42.85 -26.84
C ASN E 44 -46.21 42.66 -27.66
N ASP E 45 -47.37 42.69 -27.01
CA ASP E 45 -48.63 42.54 -27.71
C ASP E 45 -49.53 43.72 -27.41
N ARG E 46 -50.18 44.24 -28.44
CA ARG E 46 -51.07 45.38 -28.32
C ARG E 46 -52.47 45.01 -28.80
N PRO E 47 -53.51 45.58 -28.21
CA PRO E 47 -54.86 45.37 -28.72
C PRO E 47 -55.19 46.33 -29.84
N SER E 48 -56.42 46.30 -30.32
CA SER E 48 -56.85 47.24 -31.36
C SER E 48 -57.01 48.63 -30.78
N GLY E 49 -57.00 49.63 -31.67
CA GLY E 49 -57.13 51.01 -31.28
C GLY E 49 -55.81 51.74 -31.12
N ILE E 50 -54.83 51.08 -30.51
CA ILE E 50 -53.49 51.66 -30.35
C ILE E 50 -52.62 51.16 -31.51
N PRO E 51 -51.92 52.05 -32.21
CA PRO E 51 -51.11 51.63 -33.35
C PRO E 51 -49.81 50.97 -32.89
N ASP E 52 -48.94 50.70 -33.87
CA ASP E 52 -47.63 50.12 -33.62
C ASP E 52 -46.65 51.20 -33.17
N ARG E 53 -45.36 50.87 -33.23
CA ARG E 53 -44.18 51.61 -32.77
C ARG E 53 -44.07 51.71 -31.25
N PHE E 54 -45.01 51.13 -30.50
CA PHE E 54 -44.92 51.08 -29.05
C PHE E 54 -44.43 49.67 -28.69
N SER E 55 -43.15 49.45 -28.91
CA SER E 55 -42.56 48.14 -28.71
C SER E 55 -42.25 47.91 -27.25
N GLY E 56 -42.20 46.64 -26.85
CA GLY E 56 -41.93 46.28 -25.48
C GLY E 56 -40.76 45.33 -25.40
N SER E 57 -40.08 45.39 -24.26
CA SER E 57 -39.01 44.45 -23.99
C SER E 57 -39.58 43.06 -23.77
N PRO E 58 -38.98 42.03 -24.35
CA PRO E 58 -39.49 40.68 -24.15
C PRO E 58 -39.19 40.17 -22.75
N GLY E 59 -40.10 39.35 -22.24
CA GLY E 59 -39.98 38.88 -20.88
C GLY E 59 -39.03 37.71 -20.67
N SER E 60 -38.48 37.16 -21.75
CA SER E 60 -37.59 36.01 -21.63
C SER E 60 -36.19 36.40 -21.16
N THR E 61 -35.89 37.69 -21.08
CA THR E 61 -34.61 38.13 -20.56
C THR E 61 -34.62 38.05 -19.03
N PHE E 62 -33.49 37.64 -18.47
CA PHE E 62 -33.35 37.45 -17.03
C PHE E 62 -32.47 38.56 -16.48
N GLY E 63 -32.99 39.30 -15.51
CA GLY E 63 -32.20 40.35 -14.88
C GLY E 63 -32.11 41.62 -15.69
N THR E 64 -33.24 42.14 -16.17
CA THR E 64 -33.28 43.40 -16.88
C THR E 64 -34.46 44.22 -16.38
N THR E 65 -34.54 45.46 -16.86
CA THR E 65 -35.64 46.35 -16.53
C THR E 65 -36.63 46.36 -17.68
N ALA E 66 -37.91 46.47 -17.34
CA ALA E 66 -38.94 46.62 -18.35
C ALA E 66 -38.82 47.98 -19.02
N THR E 67 -38.73 47.98 -20.34
CA THR E 67 -38.60 49.20 -21.11
C THR E 67 -39.82 49.35 -22.01
N LEU E 68 -39.98 50.56 -22.53
CA LEU E 68 -41.07 50.89 -23.45
C LEU E 68 -40.48 51.73 -24.57
N THR E 69 -40.43 51.17 -25.77
CA THR E 69 -39.72 51.78 -26.89
C THR E 69 -40.73 52.46 -27.80
N ILE E 70 -40.62 53.78 -27.92
CA ILE E 70 -41.51 54.58 -28.75
C ILE E 70 -40.68 55.28 -29.81
N THR E 71 -41.11 55.17 -31.06
CA THR E 71 -40.53 55.92 -32.16
C THR E 71 -41.59 56.82 -32.77
N SER E 72 -41.13 57.96 -33.32
CA SER E 72 -41.96 58.97 -33.97
C SER E 72 -43.05 59.49 -33.01
N VAL E 73 -42.58 60.10 -31.94
CA VAL E 73 -43.45 60.60 -30.88
C VAL E 73 -44.17 61.86 -31.33
N GLU E 74 -45.20 62.25 -30.60
CA GLU E 74 -46.04 63.37 -30.97
C GLU E 74 -46.61 64.01 -29.71
N ALA E 75 -47.50 64.99 -29.91
CA ALA E 75 -48.15 65.65 -28.78
C ALA E 75 -49.26 64.80 -28.19
N GLY E 76 -49.77 63.81 -28.92
CA GLY E 76 -50.72 62.88 -28.33
C GLY E 76 -50.09 61.89 -27.37
N ASP E 77 -48.83 61.54 -27.59
CA ASP E 77 -48.12 60.61 -26.72
C ASP E 77 -47.64 61.28 -25.45
N GLU E 78 -47.80 62.61 -25.36
CA GLU E 78 -47.50 63.38 -24.15
C GLU E 78 -48.50 62.99 -23.07
N ALA E 79 -48.10 62.07 -22.19
CA ALA E 79 -48.96 61.56 -21.14
C ALA E 79 -48.09 60.99 -20.03
N ASP E 80 -48.75 60.45 -19.00
CA ASP E 80 -48.08 59.78 -17.89
C ASP E 80 -48.14 58.27 -18.13
N TYR E 81 -47.00 57.61 -18.14
CA TYR E 81 -46.96 56.19 -18.41
C TYR E 81 -46.84 55.39 -17.12
N TYR E 82 -47.35 54.16 -17.14
CA TYR E 82 -47.30 53.28 -15.99
C TYR E 82 -47.04 51.85 -16.44
N CYS E 83 -46.30 51.12 -15.63
CA CYS E 83 -46.00 49.73 -15.88
C CYS E 83 -46.59 48.85 -14.79
N HIS E 84 -46.89 47.61 -15.16
CA HIS E 84 -47.48 46.62 -14.27
C HIS E 84 -46.82 45.28 -14.60
N ILE E 85 -45.78 44.99 -13.90
CA ILE E 85 -45.01 43.78 -14.16
C ILE E 85 -45.69 42.62 -13.44
N TRP E 86 -45.64 41.44 -14.06
CA TRP E 86 -46.20 40.23 -13.47
C TRP E 86 -45.09 39.19 -13.55
N ASP E 87 -44.21 39.17 -12.56
CA ASP E 87 -43.10 38.24 -12.56
C ASP E 87 -43.53 36.89 -11.99
N SER E 88 -42.97 35.83 -12.56
CA SER E 88 -43.24 34.47 -12.12
C SER E 88 -42.47 34.08 -10.87
N ARG E 89 -41.67 34.96 -10.30
CA ARG E 89 -41.02 34.71 -9.03
C ARG E 89 -41.49 35.67 -7.94
N ARG E 90 -41.62 36.96 -8.25
CA ARG E 90 -42.16 37.89 -7.28
C ARG E 90 -43.68 37.70 -7.17
N PRO E 91 -44.29 38.09 -6.02
CA PRO E 91 -45.75 37.91 -5.89
C PRO E 91 -46.58 38.90 -6.69
N THR E 92 -47.90 38.84 -6.48
CA THR E 92 -48.84 39.64 -7.24
C THR E 92 -48.77 41.10 -6.83
N ASN E 93 -48.56 41.99 -7.81
CA ASN E 93 -48.44 43.42 -7.55
C ASN E 93 -49.83 44.05 -7.55
N TRP E 94 -50.36 44.32 -6.37
CA TRP E 94 -51.65 44.98 -6.26
C TRP E 94 -51.55 46.50 -6.41
N VAL E 95 -50.35 47.03 -6.52
CA VAL E 95 -50.14 48.42 -6.88
C VAL E 95 -49.28 48.44 -8.14
N PHE E 96 -49.39 49.51 -8.91
CA PHE E 96 -48.59 49.67 -10.11
C PHE E 96 -47.19 50.15 -9.77
N GLY E 97 -46.39 50.36 -10.82
CA GLY E 97 -45.04 50.87 -10.69
C GLY E 97 -45.00 52.36 -10.46
N GLU E 98 -43.88 52.96 -10.84
CA GLU E 98 -43.65 54.37 -10.60
C GLU E 98 -44.07 55.19 -11.83
N GLY E 99 -44.59 56.38 -11.59
CA GLY E 99 -45.09 57.21 -12.67
C GLY E 99 -43.96 57.80 -13.50
N THR E 100 -43.88 57.40 -14.76
CA THR E 100 -42.93 58.00 -15.69
C THR E 100 -43.72 58.86 -16.67
N THR E 101 -43.33 60.12 -16.75
CA THR E 101 -44.05 61.13 -17.49
C THR E 101 -43.30 61.38 -18.78
N LEU E 102 -44.05 61.58 -19.87
CA LEU E 102 -43.47 61.97 -21.15
C LEU E 102 -43.93 63.39 -21.51
N ILE E 103 -43.01 64.21 -22.00
CA ILE E 103 -43.32 65.57 -22.43
C ILE E 103 -42.52 65.90 -23.68
N VAL E 104 -43.15 66.67 -24.57
CA VAL E 104 -42.66 66.83 -25.93
C VAL E 104 -42.52 68.32 -26.23
N LEU E 105 -41.72 68.62 -27.23
CA LEU E 105 -41.43 70.01 -27.55
C LEU E 105 -42.52 70.66 -28.40
N GLU F 1 -52.13 -20.14 -8.41
CA GLU F 1 -51.61 -20.41 -7.08
C GLU F 1 -51.34 -21.89 -6.91
N ILE F 2 -50.61 -22.25 -5.86
CA ILE F 2 -50.28 -23.63 -5.55
C ILE F 2 -51.05 -24.03 -4.31
N VAL F 3 -51.67 -25.20 -4.35
CA VAL F 3 -52.44 -25.75 -3.23
C VAL F 3 -51.70 -26.97 -2.71
N LEU F 4 -51.42 -26.99 -1.41
CA LEU F 4 -50.82 -28.14 -0.75
C LEU F 4 -51.91 -28.96 -0.07
N THR F 5 -51.81 -30.28 -0.16
CA THR F 5 -52.77 -31.19 0.45
C THR F 5 -52.03 -32.28 1.22
N GLN F 6 -52.33 -32.42 2.50
CA GLN F 6 -51.74 -33.46 3.32
C GLN F 6 -52.72 -34.62 3.48
N SER F 7 -52.23 -35.85 3.31
CA SER F 7 -53.13 -37.01 3.28
C SER F 7 -53.57 -37.54 4.65
N PRO F 8 -52.69 -37.89 5.62
CA PRO F 8 -53.19 -38.71 6.74
C PRO F 8 -54.00 -37.93 7.75
N GLY F 9 -53.79 -36.62 7.87
CA GLY F 9 -54.49 -35.84 8.86
C GLY F 9 -53.98 -36.15 10.24
N ILE F 10 -54.79 -36.83 11.04
CA ILE F 10 -54.39 -37.25 12.37
C ILE F 10 -53.80 -38.66 12.29
N LEU F 11 -52.61 -38.83 12.84
CA LEU F 11 -51.91 -40.12 12.85
C LEU F 11 -51.61 -40.49 14.29
N SER F 12 -52.22 -41.55 14.78
CA SER F 12 -52.04 -42.00 16.16
C SER F 12 -51.17 -43.26 16.16
N LEU F 13 -49.96 -43.13 16.69
CA LEU F 13 -49.03 -44.25 16.75
C LEU F 13 -48.38 -44.28 18.12
N SER F 14 -47.59 -45.32 18.37
CA SER F 14 -46.91 -45.58 19.63
C SER F 14 -45.45 -45.13 19.56
N PRO F 15 -44.84 -44.78 20.70
CA PRO F 15 -43.42 -44.43 20.71
C PRO F 15 -42.53 -45.62 20.37
N GLY F 16 -41.40 -45.31 19.75
CA GLY F 16 -40.50 -46.32 19.22
C GLY F 16 -40.81 -46.74 17.80
N GLU F 17 -42.01 -46.48 17.32
CA GLU F 17 -42.43 -46.88 15.99
C GLU F 17 -41.89 -45.91 14.94
N THR F 18 -42.16 -46.22 13.67
CA THR F 18 -41.89 -45.34 12.55
C THR F 18 -43.20 -44.73 12.04
N ALA F 19 -43.06 -43.73 11.19
CA ALA F 19 -44.22 -43.05 10.63
C ALA F 19 -43.83 -42.42 9.30
N THR F 20 -44.84 -42.26 8.43
CA THR F 20 -44.62 -41.69 7.09
C THR F 20 -45.78 -40.76 6.77
N LEU F 21 -45.48 -39.47 6.68
CA LEU F 21 -46.44 -38.47 6.26
C LEU F 21 -46.24 -38.16 4.78
N PHE F 22 -47.32 -37.75 4.13
CA PHE F 22 -47.31 -37.54 2.69
C PHE F 22 -48.01 -36.23 2.35
N CYS F 23 -47.41 -35.47 1.43
CA CYS F 23 -48.03 -34.25 0.94
C CYS F 23 -48.02 -34.25 -0.58
N LYS F 24 -49.04 -33.61 -1.13
CA LYS F 24 -49.25 -33.54 -2.58
C LYS F 24 -49.43 -32.09 -2.98
N ALA F 25 -48.77 -31.70 -4.08
CA ALA F 25 -48.79 -30.33 -4.57
C ALA F 25 -49.54 -30.27 -5.90
N SER F 26 -50.06 -29.08 -6.21
CA SER F 26 -50.74 -28.90 -7.48
C SER F 26 -49.76 -28.71 -8.63
N GLN F 27 -48.68 -27.96 -8.41
CA GLN F 27 -47.71 -27.67 -9.44
C GLN F 27 -46.37 -28.28 -9.07
N GLY F 28 -45.87 -29.19 -9.90
CA GLY F 28 -44.62 -29.87 -9.61
C GLY F 28 -43.42 -29.16 -10.22
N GLY F 29 -42.24 -29.55 -9.74
CA GLY F 29 -41.00 -29.00 -10.27
C GLY F 29 -40.21 -28.18 -9.27
N ASN F 30 -40.68 -28.01 -8.05
CA ASN F 30 -40.01 -27.19 -7.05
C ASN F 30 -39.75 -28.01 -5.79
N ALA F 31 -39.17 -27.35 -4.80
CA ALA F 31 -38.78 -28.03 -3.57
C ALA F 31 -39.96 -28.12 -2.61
N MET F 32 -39.66 -28.54 -1.37
CA MET F 32 -40.68 -28.70 -0.35
C MET F 32 -40.02 -28.52 1.01
N THR F 33 -40.71 -27.81 1.90
CA THR F 33 -40.23 -27.55 3.25
C THR F 33 -41.09 -28.32 4.23
N TRP F 34 -40.44 -28.90 5.23
CA TRP F 34 -41.12 -29.63 6.28
C TRP F 34 -40.85 -28.94 7.60
N TYR F 35 -41.92 -28.57 8.30
CA TYR F 35 -41.89 -27.85 9.55
C TYR F 35 -42.47 -28.70 10.67
N GLN F 36 -41.90 -28.58 11.87
CA GLN F 36 -42.42 -29.20 13.07
C GLN F 36 -42.82 -28.11 14.07
N LYS F 37 -43.98 -28.26 14.68
CA LYS F 37 -44.41 -27.35 15.73
C LYS F 37 -45.04 -28.14 16.85
N ARG F 38 -44.49 -28.02 18.06
CA ARG F 38 -45.05 -28.68 19.23
C ARG F 38 -46.22 -27.87 19.80
N ARG F 39 -46.77 -28.33 20.91
CA ARG F 39 -47.99 -27.77 21.47
C ARG F 39 -47.67 -26.45 22.18
N GLY F 40 -48.14 -25.35 21.62
CA GLY F 40 -47.98 -24.05 22.24
C GLY F 40 -46.55 -23.54 22.30
N GLN F 41 -45.74 -23.84 21.28
CA GLN F 41 -44.33 -23.50 21.27
C GLN F 41 -43.95 -22.85 19.95
N VAL F 42 -42.70 -22.43 19.89
CA VAL F 42 -42.15 -21.86 18.65
C VAL F 42 -41.90 -22.98 17.65
N PRO F 43 -42.33 -22.83 16.39
CA PRO F 43 -42.07 -23.87 15.38
C PRO F 43 -40.60 -24.00 15.02
N ARG F 44 -40.28 -25.00 14.21
CA ARG F 44 -38.89 -25.36 13.96
C ARG F 44 -38.79 -26.06 12.62
N LEU F 45 -37.81 -25.66 11.82
CA LEU F 45 -37.63 -26.18 10.47
C LEU F 45 -37.08 -27.61 10.56
N LEU F 46 -37.79 -28.57 9.97
CA LEU F 46 -37.18 -29.89 9.84
C LEU F 46 -36.34 -29.99 8.58
N ILE F 47 -36.97 -29.91 7.41
CA ILE F 47 -36.31 -30.25 6.15
C ILE F 47 -36.48 -29.10 5.17
N TYR F 48 -35.36 -28.63 4.61
CA TYR F 48 -35.40 -27.74 3.46
C TYR F 48 -34.79 -28.45 2.27
N ASP F 49 -35.20 -28.02 1.07
CA ASP F 49 -34.85 -28.59 -0.24
C ASP F 49 -35.25 -30.07 -0.35
N THR F 50 -36.19 -30.51 0.49
CA THR F 50 -36.89 -31.81 0.45
C THR F 50 -35.97 -32.98 0.80
N SER F 51 -34.66 -32.75 0.96
CA SER F 51 -33.76 -33.82 1.36
C SER F 51 -32.67 -33.39 2.33
N ARG F 52 -32.57 -32.11 2.68
CA ARG F 52 -31.51 -31.63 3.55
C ARG F 52 -32.06 -31.38 4.95
N ARG F 53 -31.35 -31.86 5.96
CA ARG F 53 -31.73 -31.68 7.34
C ARG F 53 -31.12 -30.39 7.87
N ALA F 54 -31.89 -29.65 8.66
CA ALA F 54 -31.47 -28.34 9.12
C ALA F 54 -30.53 -28.47 10.33
N SER F 55 -30.23 -27.36 10.97
CA SER F 55 -29.37 -27.38 12.15
C SER F 55 -30.16 -27.86 13.36
N GLY F 56 -29.50 -28.64 14.21
CA GLY F 56 -30.16 -29.24 15.36
C GLY F 56 -31.16 -30.31 14.99
N VAL F 57 -30.94 -31.01 13.89
CA VAL F 57 -31.88 -32.01 13.38
C VAL F 57 -31.20 -33.37 13.44
N PRO F 58 -31.78 -34.35 14.13
CA PRO F 58 -31.24 -35.71 14.06
C PRO F 58 -31.55 -36.37 12.72
N ASP F 59 -30.75 -37.36 12.38
CA ASP F 59 -30.84 -38.02 11.08
C ASP F 59 -32.00 -39.00 10.97
N ARG F 60 -32.82 -39.18 12.01
CA ARG F 60 -33.95 -40.09 11.91
C ARG F 60 -35.07 -39.51 11.06
N PHE F 61 -35.05 -38.20 10.81
CA PHE F 61 -35.96 -37.58 9.86
C PHE F 61 -35.39 -37.70 8.46
N VAL F 62 -36.14 -38.33 7.55
CA VAL F 62 -35.72 -38.44 6.16
C VAL F 62 -36.82 -37.88 5.28
N GLY F 63 -36.51 -36.89 4.47
CA GLY F 63 -37.42 -36.36 3.48
C GLY F 63 -37.11 -36.95 2.13
N SER F 64 -38.14 -37.19 1.33
CA SER F 64 -37.97 -37.78 0.02
C SER F 64 -39.15 -37.38 -0.85
N GLY F 65 -39.10 -37.77 -2.11
CA GLY F 65 -40.20 -37.53 -3.02
C GLY F 65 -39.75 -36.77 -4.25
N SER F 66 -40.70 -36.64 -5.18
CA SER F 66 -40.45 -35.97 -6.45
C SER F 66 -41.78 -35.60 -7.07
N GLY F 67 -41.72 -34.70 -8.06
CA GLY F 67 -42.89 -34.27 -8.79
C GLY F 67 -43.89 -33.53 -7.93
N THR F 68 -45.02 -34.18 -7.66
CA THR F 68 -46.00 -33.67 -6.71
C THR F 68 -46.01 -34.43 -5.40
N ASP F 69 -45.40 -35.60 -5.33
CA ASP F 69 -45.53 -36.51 -4.20
C ASP F 69 -44.31 -36.41 -3.30
N PHE F 70 -44.52 -36.03 -2.03
CA PHE F 70 -43.41 -35.89 -1.10
C PHE F 70 -43.70 -36.65 0.19
N PHE F 71 -42.68 -37.34 0.68
CA PHE F 71 -42.75 -38.13 1.90
C PHE F 71 -41.84 -37.54 2.97
N LEU F 72 -42.31 -37.55 4.21
CA LEU F 72 -41.49 -37.28 5.39
C LEU F 72 -41.58 -38.52 6.28
N THR F 73 -40.47 -39.19 6.48
CA THR F 73 -40.42 -40.41 7.26
C THR F 73 -39.67 -40.17 8.55
N ILE F 74 -40.29 -40.54 9.68
CA ILE F 74 -39.64 -40.49 10.98
C ILE F 74 -39.42 -41.91 11.45
N ASN F 75 -38.19 -42.24 11.79
CA ASN F 75 -37.82 -43.57 12.27
C ASN F 75 -37.54 -43.49 13.77
N LYS F 76 -38.06 -44.47 14.51
CA LYS F 76 -37.86 -44.63 15.96
C LYS F 76 -38.32 -43.39 16.72
N LEU F 77 -39.65 -43.20 16.68
CA LEU F 77 -40.31 -42.04 17.26
C LEU F 77 -40.01 -41.88 18.75
N ASP F 78 -40.00 -40.63 19.18
CA ASP F 78 -39.88 -40.26 20.58
C ASP F 78 -41.11 -39.48 20.98
N ARG F 79 -41.34 -39.34 22.29
CA ARG F 79 -42.49 -38.60 22.78
C ARG F 79 -42.36 -37.11 22.50
N GLU F 80 -41.12 -36.60 22.37
CA GLU F 80 -40.93 -35.22 21.95
C GLU F 80 -41.34 -35.01 20.51
N ASP F 81 -41.31 -36.06 19.70
CA ASP F 81 -41.60 -35.95 18.28
C ASP F 81 -43.09 -35.98 17.97
N PHE F 82 -43.95 -36.17 18.97
CA PHE F 82 -45.40 -36.11 18.74
C PHE F 82 -45.81 -34.65 18.71
N ALA F 83 -46.03 -34.12 17.52
CA ALA F 83 -46.31 -32.71 17.33
C ALA F 83 -47.10 -32.54 16.04
N VAL F 84 -47.21 -31.29 15.59
CA VAL F 84 -47.86 -30.95 14.32
C VAL F 84 -46.78 -30.79 13.27
N TYR F 85 -47.07 -31.21 12.04
CA TYR F 85 -46.12 -31.17 10.95
C TYR F 85 -46.73 -30.49 9.73
N TYR F 86 -46.05 -29.49 9.19
CA TYR F 86 -46.53 -28.72 8.06
C TYR F 86 -45.66 -28.94 6.83
N CYS F 87 -46.29 -28.85 5.66
CA CYS F 87 -45.60 -28.82 4.38
C CYS F 87 -45.70 -27.42 3.81
N GLN F 88 -44.63 -26.94 3.17
CA GLN F 88 -44.58 -25.56 2.70
C GLN F 88 -43.90 -25.44 1.35
N GLN F 89 -44.61 -24.82 0.40
CA GLN F 89 -44.08 -24.37 -0.87
C GLN F 89 -44.35 -22.87 -0.87
N PHE F 90 -43.65 -22.13 -1.74
CA PHE F 90 -42.94 -20.85 -1.47
C PHE F 90 -43.64 -20.04 -0.38
N GLU F 91 -44.85 -19.51 -0.62
CA GLU F 91 -45.57 -18.81 0.42
C GLU F 91 -46.82 -19.54 0.89
N PHE F 92 -47.14 -20.69 0.30
CA PHE F 92 -48.35 -21.41 0.63
C PHE F 92 -48.09 -22.39 1.78
N PHE F 93 -49.16 -22.94 2.34
CA PHE F 93 -49.01 -23.86 3.46
C PHE F 93 -50.06 -24.96 3.37
N GLY F 94 -49.73 -26.10 3.96
CA GLY F 94 -50.73 -27.11 4.21
C GLY F 94 -51.47 -26.85 5.52
N LEU F 95 -52.46 -27.68 5.80
CA LEU F 95 -53.23 -27.50 7.02
C LEU F 95 -52.63 -28.21 8.22
N GLY F 96 -51.56 -28.97 8.02
CA GLY F 96 -50.85 -29.57 9.14
C GLY F 96 -51.35 -30.93 9.55
N SER F 97 -50.43 -31.89 9.66
CA SER F 97 -50.73 -33.24 10.09
C SER F 97 -50.43 -33.37 11.58
N GLU F 98 -51.34 -34.00 12.31
CA GLU F 98 -51.19 -34.18 13.74
C GLU F 98 -50.70 -35.59 14.05
N LEU F 99 -49.67 -35.69 14.88
CA LEU F 99 -49.13 -36.96 15.33
C LEU F 99 -49.51 -37.15 16.79
N GLU F 100 -50.13 -38.27 17.11
CA GLU F 100 -50.72 -38.48 18.43
C GLU F 100 -50.24 -39.81 19.01
N VAL F 101 -50.17 -39.86 20.34
CA VAL F 101 -49.71 -41.06 21.05
C VAL F 101 -50.86 -42.05 21.15
N HIS F 102 -50.75 -43.17 20.45
CA HIS F 102 -51.79 -44.19 20.49
C HIS F 102 -51.81 -44.94 21.81
N GLN G 1 -24.90 -16.52 17.66
CA GLN G 1 -26.32 -16.83 17.77
C GLN G 1 -27.15 -15.87 16.90
N VAL G 2 -28.37 -16.26 16.60
CA VAL G 2 -29.31 -15.44 15.86
C VAL G 2 -30.55 -15.27 16.71
N GLN G 3 -30.81 -14.05 17.14
CA GLN G 3 -31.91 -13.79 18.06
C GLN G 3 -32.93 -12.86 17.44
N LEU G 4 -34.19 -13.22 17.62
CA LEU G 4 -35.33 -12.43 17.15
C LEU G 4 -36.22 -12.16 18.34
N VAL G 5 -36.27 -10.91 18.77
CA VAL G 5 -37.01 -10.51 19.95
C VAL G 5 -38.21 -9.71 19.49
N GLN G 6 -39.40 -10.18 19.82
CA GLN G 6 -40.60 -9.49 19.45
C GLN G 6 -41.03 -8.60 20.62
N SER G 7 -42.20 -7.98 20.50
CA SER G 7 -42.79 -7.27 21.61
C SER G 7 -43.81 -8.17 22.29
N GLY G 8 -44.38 -7.67 23.38
CA GLY G 8 -45.39 -8.42 24.09
C GLY G 8 -46.70 -8.49 23.33
N ALA G 9 -47.54 -9.43 23.74
CA ALA G 9 -48.87 -9.56 23.16
C ALA G 9 -49.74 -8.37 23.52
N VAL G 10 -50.63 -7.99 22.62
CA VAL G 10 -51.42 -6.78 22.78
C VAL G 10 -52.88 -7.09 22.47
N ILE G 11 -53.77 -6.29 23.05
CA ILE G 11 -55.21 -6.38 22.84
C ILE G 11 -55.68 -5.07 22.22
N LYS G 12 -56.33 -5.16 21.06
CA LYS G 12 -56.82 -3.99 20.37
C LYS G 12 -58.32 -4.09 20.14
N THR G 13 -58.89 -3.00 19.64
CA THR G 13 -60.29 -2.84 19.29
C THR G 13 -60.46 -2.97 17.78
N PRO G 14 -61.67 -3.30 17.31
CA PRO G 14 -61.89 -3.34 15.85
C PRO G 14 -61.77 -1.96 15.22
N GLY G 15 -61.06 -1.92 14.09
CA GLY G 15 -60.83 -0.69 13.37
C GLY G 15 -59.57 0.07 13.74
N SER G 16 -58.77 -0.44 14.66
CA SER G 16 -57.54 0.21 15.06
C SER G 16 -56.38 -0.28 14.19
N SER G 17 -55.16 0.03 14.60
CA SER G 17 -53.96 -0.36 13.86
C SER G 17 -52.88 -0.71 14.86
N VAL G 18 -52.35 -1.92 14.75
CA VAL G 18 -51.37 -2.44 15.70
C VAL G 18 -49.98 -2.35 15.09
N LYS G 19 -49.02 -1.83 15.85
CA LYS G 19 -47.63 -1.76 15.43
C LYS G 19 -46.85 -2.81 16.20
N ILE G 20 -46.25 -3.75 15.48
CA ILE G 20 -45.49 -4.84 16.07
C ILE G 20 -44.04 -4.71 15.65
N SER G 21 -43.15 -4.67 16.63
CA SER G 21 -41.72 -4.54 16.41
C SER G 21 -41.06 -5.91 16.37
N CYS G 22 -39.86 -5.95 15.79
CA CYS G 22 -39.07 -7.19 15.72
C CYS G 22 -37.59 -6.78 15.70
N ARG G 23 -36.92 -6.94 16.82
CA ARG G 23 -35.50 -6.64 16.90
C ARG G 23 -34.68 -7.88 16.59
N ALA G 24 -33.75 -7.77 15.65
CA ALA G 24 -32.91 -8.88 15.25
C ALA G 24 -31.47 -8.58 15.61
N SER G 25 -30.75 -9.62 16.08
CA SER G 25 -29.38 -9.41 16.52
C SER G 25 -28.58 -10.68 16.32
N GLY G 26 -27.30 -10.49 16.01
CA GLY G 26 -26.37 -11.60 15.84
C GLY G 26 -25.92 -11.87 14.42
N TYR G 27 -26.22 -10.99 13.48
CA TYR G 27 -25.78 -11.16 12.10
C TYR G 27 -25.76 -9.79 11.44
N ASN G 28 -25.22 -9.74 10.23
CA ASN G 28 -25.22 -8.51 9.47
C ASN G 28 -26.61 -8.24 8.95
N PHE G 29 -27.29 -7.26 9.57
CA PHE G 29 -28.72 -7.05 9.36
C PHE G 29 -29.08 -6.60 7.96
N ARG G 30 -28.13 -6.01 7.24
CA ARG G 30 -28.42 -5.48 5.91
C ARG G 30 -28.45 -6.54 4.82
N ASP G 31 -28.12 -7.79 5.15
CA ASP G 31 -27.93 -8.79 4.11
C ASP G 31 -29.16 -9.67 3.89
N TYR G 32 -29.86 -10.04 4.95
CA TYR G 32 -30.90 -11.05 4.86
C TYR G 32 -32.29 -10.44 4.98
N SER G 33 -33.22 -10.98 4.20
CA SER G 33 -34.59 -10.50 4.18
C SER G 33 -35.34 -10.92 5.43
N ILE G 34 -36.40 -10.20 5.75
CA ILE G 34 -37.25 -10.47 6.90
C ILE G 34 -38.64 -10.80 6.39
N HIS G 35 -39.17 -11.96 6.76
CA HIS G 35 -40.53 -12.30 6.41
C HIS G 35 -41.44 -12.12 7.63
N TRP G 36 -42.71 -11.86 7.35
CA TRP G 36 -43.76 -11.85 8.36
C TRP G 36 -44.74 -12.95 8.05
N VAL G 37 -45.10 -13.76 9.05
CA VAL G 37 -46.06 -14.83 8.87
C VAL G 37 -47.05 -14.79 10.02
N ARG G 38 -48.22 -15.35 9.76
CA ARG G 38 -49.28 -15.38 10.75
C ARG G 38 -49.71 -16.82 10.99
N LEU G 39 -50.33 -17.07 12.14
CA LEU G 39 -50.89 -18.36 12.50
C LEU G 39 -52.25 -18.11 13.13
N ILE G 40 -53.30 -18.51 12.44
CA ILE G 40 -54.68 -18.40 12.91
C ILE G 40 -55.16 -19.80 13.26
N PRO G 41 -55.81 -20.00 14.41
CA PRO G 41 -56.39 -21.31 14.70
C PRO G 41 -57.49 -21.67 13.73
N ASP G 42 -57.50 -22.95 13.34
CA ASP G 42 -58.37 -23.53 12.30
C ASP G 42 -58.18 -22.87 10.94
N LYS G 43 -57.04 -22.22 10.72
CA LYS G 43 -56.66 -21.71 9.40
C LYS G 43 -55.23 -22.05 9.03
N GLY G 44 -54.39 -22.44 9.99
CA GLY G 44 -53.01 -22.69 9.68
C GLY G 44 -52.25 -21.39 9.48
N PHE G 45 -51.14 -21.50 8.78
CA PHE G 45 -50.32 -20.35 8.50
C PHE G 45 -50.81 -19.60 7.27
N GLU G 46 -50.48 -18.31 7.22
CA GLU G 46 -50.82 -17.48 6.08
C GLU G 46 -49.76 -16.39 5.95
N TRP G 47 -49.24 -16.23 4.74
CA TRP G 47 -48.09 -15.36 4.51
C TRP G 47 -48.52 -13.92 4.38
N ILE G 48 -47.70 -13.01 4.91
CA ILE G 48 -47.97 -11.59 4.86
C ILE G 48 -47.08 -10.90 3.85
N GLY G 49 -45.78 -10.97 4.03
CA GLY G 49 -44.89 -10.23 3.16
C GLY G 49 -43.45 -10.38 3.58
N TRP G 50 -42.58 -9.80 2.76
CA TRP G 50 -41.16 -9.72 3.10
C TRP G 50 -40.67 -8.30 2.91
N ILE G 51 -39.54 -8.02 3.54
CA ILE G 51 -38.89 -6.72 3.46
C ILE G 51 -37.38 -6.93 3.49
N LYS G 52 -36.68 -6.35 2.53
CA LYS G 52 -35.22 -6.34 2.53
C LYS G 52 -34.77 -5.05 3.21
N PRO G 53 -34.13 -5.12 4.39
CA PRO G 53 -33.82 -3.89 5.12
C PRO G 53 -32.66 -3.10 4.57
N LEU G 54 -32.01 -3.58 3.51
CA LEU G 54 -30.92 -2.86 2.87
C LEU G 54 -31.41 -1.54 2.31
N TRP G 55 -32.55 -1.55 1.65
CA TRP G 55 -33.22 -0.33 1.24
C TRP G 55 -34.59 -0.15 1.86
N GLY G 56 -35.24 -1.22 2.29
CA GLY G 56 -36.64 -1.17 2.64
C GLY G 56 -37.57 -1.63 1.54
N ALA G 57 -37.05 -2.34 0.54
CA ALA G 57 -37.89 -2.86 -0.52
C ALA G 57 -38.80 -3.95 0.02
N VAL G 58 -40.10 -3.77 -0.16
CA VAL G 58 -41.09 -4.64 0.48
C VAL G 58 -41.87 -5.38 -0.59
N SER G 59 -42.59 -6.41 -0.13
CA SER G 59 -43.60 -7.07 -0.92
C SER G 59 -44.65 -7.59 0.03
N TYR G 60 -45.92 -7.39 -0.32
CA TYR G 60 -47.03 -7.82 0.51
C TYR G 60 -47.78 -8.96 -0.17
N ALA G 61 -48.60 -9.64 0.61
CA ALA G 61 -49.56 -10.57 0.04
C ALA G 61 -50.62 -9.80 -0.73
N ARG G 62 -51.23 -10.46 -1.71
CA ARG G 62 -52.17 -9.77 -2.58
C ARG G 62 -53.46 -9.40 -1.86
N GLN G 63 -53.97 -10.30 -1.02
CA GLN G 63 -55.24 -10.11 -0.36
C GLN G 63 -55.16 -9.23 0.89
N LEU G 64 -53.98 -8.71 1.21
CA LEU G 64 -53.82 -7.86 2.38
C LEU G 64 -53.33 -6.47 2.02
N GLN G 65 -53.29 -6.12 0.74
CA GLN G 65 -52.78 -4.81 0.34
C GLN G 65 -53.77 -3.72 0.70
N GLY G 66 -53.22 -2.55 1.02
CA GLY G 66 -54.00 -1.45 1.54
C GLY G 66 -54.16 -1.46 3.05
N ARG G 67 -53.84 -2.57 3.71
CA ARG G 67 -53.99 -2.71 5.14
C ARG G 67 -52.67 -2.82 5.88
N VAL G 68 -51.67 -3.49 5.33
CA VAL G 68 -50.42 -3.71 6.01
C VAL G 68 -49.37 -2.70 5.54
N SER G 69 -48.34 -2.50 6.35
CA SER G 69 -47.22 -1.63 6.01
C SER G 69 -45.98 -2.09 6.77
N MET G 70 -44.83 -2.01 6.12
CA MET G 70 -43.58 -2.47 6.71
C MET G 70 -42.52 -1.39 6.58
N THR G 71 -41.79 -1.14 7.66
CA THR G 71 -40.66 -0.23 7.66
C THR G 71 -39.49 -0.91 8.35
N ARG G 72 -38.32 -0.29 8.27
CA ARG G 72 -37.18 -0.75 9.03
C ARG G 72 -36.36 0.44 9.50
N GLN G 73 -35.55 0.21 10.53
CA GLN G 73 -34.60 1.19 11.02
C GLN G 73 -33.26 0.50 11.23
N LEU G 74 -32.24 0.99 10.54
CA LEU G 74 -30.93 0.37 10.62
C LEU G 74 -30.15 0.93 11.80
N SER G 75 -28.98 0.33 12.03
CA SER G 75 -28.06 0.75 13.08
C SER G 75 -26.93 1.52 12.44
N GLN G 76 -26.85 2.81 12.75
CA GLN G 76 -25.89 3.68 12.09
C GLN G 76 -24.85 4.09 13.13
N ASP G 77 -23.86 3.23 13.32
CA ASP G 77 -22.67 3.47 14.11
C ASP G 77 -21.65 2.41 13.71
N PRO G 78 -20.36 2.73 13.69
CA PRO G 78 -19.36 1.74 13.30
C PRO G 78 -19.00 0.75 14.40
N ASP G 79 -19.70 0.78 15.53
CA ASP G 79 -19.45 -0.12 16.63
C ASP G 79 -20.46 -1.24 16.75
N ASP G 80 -21.74 -0.97 16.49
CA ASP G 80 -22.80 -1.97 16.54
C ASP G 80 -23.49 -2.07 15.20
N PRO G 81 -22.88 -2.75 14.23
CA PRO G 81 -23.52 -2.89 12.91
C PRO G 81 -24.49 -4.06 12.81
N ASP G 82 -24.61 -4.87 13.86
CA ASP G 82 -25.30 -6.14 13.74
C ASP G 82 -26.80 -6.02 13.97
N TRP G 83 -27.20 -5.32 15.02
CA TRP G 83 -28.60 -5.30 15.39
C TRP G 83 -29.41 -4.43 14.44
N GLY G 84 -30.70 -4.72 14.36
CA GLY G 84 -31.59 -3.95 13.51
C GLY G 84 -33.03 -4.14 13.92
N VAL G 85 -33.87 -3.20 13.53
CA VAL G 85 -35.27 -3.19 13.91
C VAL G 85 -36.13 -3.27 12.66
N ALA G 86 -37.06 -4.22 12.64
CA ALA G 86 -38.11 -4.25 11.64
C ALA G 86 -39.44 -3.95 12.31
N TYR G 87 -40.39 -3.46 11.51
CA TYR G 87 -41.71 -3.11 12.00
C TYR G 87 -42.77 -3.75 11.13
N MET G 88 -43.99 -3.79 11.67
CA MET G 88 -45.16 -4.13 10.88
C MET G 88 -46.34 -3.37 11.44
N GLU G 89 -46.89 -2.46 10.66
CA GLU G 89 -48.09 -1.71 11.03
C GLU G 89 -49.28 -2.34 10.32
N PHE G 90 -50.15 -3.00 11.08
CA PHE G 90 -51.31 -3.69 10.54
C PHE G 90 -52.56 -2.89 10.84
N SER G 91 -53.24 -2.45 9.80
CA SER G 91 -54.42 -1.61 9.91
C SER G 91 -55.66 -2.33 9.38
N GLY G 92 -56.81 -1.70 9.57
CA GLY G 92 -58.09 -2.28 9.19
C GLY G 92 -58.44 -3.47 10.05
N LEU G 93 -58.42 -3.30 11.36
CA LEU G 93 -58.54 -4.43 12.28
C LEU G 93 -59.98 -4.94 12.34
N THR G 94 -60.13 -6.24 12.14
CA THR G 94 -61.37 -6.98 12.28
C THR G 94 -61.19 -8.05 13.33
N PRO G 95 -62.27 -8.56 13.93
CA PRO G 95 -62.12 -9.66 14.90
C PRO G 95 -61.65 -10.98 14.30
N ALA G 96 -61.64 -11.12 12.97
CA ALA G 96 -61.11 -12.33 12.36
C ALA G 96 -59.59 -12.39 12.42
N ASP G 97 -58.92 -11.26 12.65
CA ASP G 97 -57.46 -11.20 12.61
C ASP G 97 -56.80 -11.60 13.93
N THR G 98 -57.55 -12.14 14.89
CA THR G 98 -56.97 -12.57 16.16
C THR G 98 -56.13 -13.82 15.91
N ALA G 99 -54.82 -13.70 16.11
CA ALA G 99 -53.88 -14.71 15.65
C ALA G 99 -52.53 -14.47 16.32
N GLU G 100 -51.60 -15.38 16.06
CA GLU G 100 -50.24 -15.22 16.55
C GLU G 100 -49.31 -14.90 15.37
N TYR G 101 -48.52 -13.85 15.51
CA TYR G 101 -47.68 -13.33 14.45
C TYR G 101 -46.21 -13.65 14.72
N PHE G 102 -45.45 -13.85 13.64
CA PHE G 102 -44.05 -14.21 13.71
C PHE G 102 -43.26 -13.41 12.68
N CYS G 103 -42.04 -13.00 13.06
CA CYS G 103 -41.10 -12.38 12.14
C CYS G 103 -39.89 -13.30 12.02
N VAL G 104 -39.60 -13.76 10.80
CA VAL G 104 -38.70 -14.89 10.61
C VAL G 104 -37.60 -14.54 9.61
N ARG G 105 -36.49 -15.29 9.71
CA ARG G 105 -35.35 -15.14 8.83
C ARG G 105 -34.95 -16.49 8.25
N ARG G 106 -34.53 -16.47 6.98
CA ARG G 106 -34.09 -17.65 6.27
C ARG G 106 -32.76 -18.14 6.80
N GLY G 107 -32.38 -19.34 6.36
CA GLY G 107 -31.09 -19.90 6.72
C GLY G 107 -29.98 -19.28 5.93
N SER G 108 -28.75 -19.61 6.32
CA SER G 108 -27.57 -18.98 5.75
C SER G 108 -26.75 -19.92 4.90
N CYS G 109 -27.27 -21.10 4.58
CA CYS G 109 -26.51 -22.04 3.78
C CYS G 109 -26.59 -21.65 2.30
N ASP G 110 -25.84 -22.39 1.47
CA ASP G 110 -25.76 -22.05 0.07
C ASP G 110 -27.00 -22.48 -0.71
N TYR G 111 -27.50 -23.69 -0.45
CA TYR G 111 -28.71 -24.16 -1.11
C TYR G 111 -29.97 -23.68 -0.41
N CYS G 112 -29.84 -22.94 0.68
CA CYS G 112 -30.99 -22.37 1.35
C CYS G 112 -31.60 -21.28 0.47
N GLY G 113 -32.89 -21.41 0.20
CA GLY G 113 -33.63 -20.40 -0.52
C GLY G 113 -34.02 -19.26 0.39
N ASP G 114 -35.12 -18.61 0.05
CA ASP G 114 -35.56 -17.49 0.85
C ASP G 114 -36.69 -17.87 1.81
N PHE G 115 -37.65 -18.63 1.33
CA PHE G 115 -38.78 -19.07 2.14
C PHE G 115 -38.57 -20.12 3.23
N PRO G 116 -37.59 -21.06 3.14
CA PRO G 116 -37.35 -21.93 4.31
C PRO G 116 -36.77 -21.21 5.51
N TRP G 117 -37.62 -20.52 6.25
CA TRP G 117 -37.22 -19.63 7.35
C TRP G 117 -36.67 -20.45 8.50
N GLN G 118 -35.36 -20.29 8.76
CA GLN G 118 -34.72 -21.03 9.84
C GLN G 118 -35.03 -20.44 11.20
N TYR G 119 -34.73 -19.17 11.40
CA TYR G 119 -34.80 -18.57 12.73
C TYR G 119 -36.12 -17.86 12.92
N TRP G 120 -36.71 -18.05 14.10
CA TRP G 120 -38.07 -17.65 14.41
C TRP G 120 -38.10 -16.81 15.68
N GLY G 121 -38.97 -15.80 15.69
CA GLY G 121 -39.26 -15.09 16.91
C GLY G 121 -40.19 -15.87 17.82
N GLN G 122 -40.37 -15.35 19.03
CA GLN G 122 -41.18 -16.05 20.02
C GLN G 122 -42.68 -15.93 19.78
N GLY G 123 -43.10 -15.06 18.86
CA GLY G 123 -44.52 -14.94 18.56
C GLY G 123 -45.21 -13.88 19.37
N THR G 124 -46.16 -13.18 18.75
CA THR G 124 -46.90 -12.12 19.41
C THR G 124 -48.39 -12.33 19.13
N VAL G 125 -49.18 -12.42 20.19
CA VAL G 125 -50.60 -12.73 20.06
C VAL G 125 -51.39 -11.42 19.95
N VAL G 126 -52.22 -11.33 18.92
CA VAL G 126 -53.08 -10.16 18.72
C VAL G 126 -54.53 -10.64 18.83
N VAL G 127 -55.25 -10.09 19.80
CA VAL G 127 -56.67 -10.39 20.01
C VAL G 127 -57.45 -9.10 19.83
N VAL G 128 -58.51 -9.18 19.04
CA VAL G 128 -59.32 -8.00 18.73
C VAL G 128 -60.58 -7.95 19.59
N ALA H 1 51.15 -23.88 -9.64
CA ALA H 1 52.04 -22.79 -10.05
C ALA H 1 51.86 -21.56 -9.19
N VAL H 2 52.91 -21.17 -8.45
CA VAL H 2 52.88 -19.88 -7.77
C VAL H 2 53.08 -18.78 -8.80
N GLY H 3 52.58 -17.58 -8.48
CA GLY H 3 52.47 -16.57 -9.50
C GLY H 3 51.44 -16.97 -10.54
N ILE H 4 50.17 -16.91 -10.20
CA ILE H 4 49.08 -17.28 -11.10
C ILE H 4 48.14 -16.08 -11.22
N GLY H 5 48.00 -15.55 -12.44
CA GLY H 5 47.10 -14.46 -12.72
C GLY H 5 45.71 -14.96 -13.08
N ALA H 6 44.86 -14.01 -13.53
CA ALA H 6 43.49 -14.29 -13.92
C ALA H 6 42.87 -13.13 -14.68
N VAL H 7 42.19 -13.39 -15.79
CA VAL H 7 41.26 -12.43 -16.36
C VAL H 7 39.84 -12.91 -16.06
N PHE H 8 39.05 -12.00 -15.49
CA PHE H 8 37.75 -12.34 -14.95
C PHE H 8 36.77 -12.15 -16.10
N LEU H 9 36.59 -13.20 -16.89
CA LEU H 9 35.78 -13.10 -18.10
C LEU H 9 34.32 -12.99 -17.68
N GLY H 10 33.85 -11.75 -17.55
CA GLY H 10 32.61 -11.46 -16.88
C GLY H 10 31.40 -11.61 -17.77
N PHE H 11 30.26 -11.16 -17.24
CA PHE H 11 29.01 -11.18 -17.97
C PHE H 11 29.04 -10.18 -19.12
N LEU H 12 28.57 -10.63 -20.29
CA LEU H 12 28.45 -9.81 -21.51
C LEU H 12 29.82 -9.29 -21.96
N GLY H 13 30.68 -10.21 -22.39
CA GLY H 13 32.03 -9.82 -22.73
C GLY H 13 32.48 -10.21 -24.12
N ALA H 14 31.57 -10.66 -24.98
CA ALA H 14 31.93 -11.03 -26.34
C ALA H 14 31.03 -10.36 -27.37
N ALA H 15 30.71 -9.08 -27.15
CA ALA H 15 29.77 -8.37 -28.00
C ALA H 15 30.36 -8.14 -29.40
N GLY H 16 31.47 -7.40 -29.46
CA GLY H 16 32.06 -7.11 -30.74
C GLY H 16 32.79 -8.26 -31.39
N SER H 17 33.00 -9.35 -30.65
CA SER H 17 33.75 -10.49 -31.15
C SER H 17 32.94 -11.24 -32.20
N THR H 18 33.61 -12.17 -32.87
CA THR H 18 32.94 -13.00 -33.86
C THR H 18 32.05 -14.03 -33.17
N MET H 19 31.18 -14.64 -33.97
CA MET H 19 30.24 -15.67 -33.52
C MET H 19 30.92 -16.83 -32.80
N GLY H 20 31.99 -17.35 -33.41
CA GLY H 20 32.70 -18.47 -32.83
C GLY H 20 33.46 -18.13 -31.58
N ALA H 21 33.73 -16.84 -31.34
CA ALA H 21 34.29 -16.42 -30.07
C ALA H 21 33.23 -16.43 -28.98
N ALA H 22 32.05 -15.89 -29.28
CA ALA H 22 30.99 -15.81 -28.29
C ALA H 22 30.34 -17.16 -28.01
N SER H 23 30.50 -18.13 -28.92
CA SER H 23 29.93 -19.46 -28.76
C SER H 23 30.52 -20.21 -27.58
N MET H 24 31.74 -19.86 -27.17
CA MET H 24 32.29 -20.51 -25.99
C MET H 24 31.73 -19.87 -24.73
N THR H 25 31.67 -18.54 -24.69
CA THR H 25 31.32 -17.86 -23.45
C THR H 25 29.82 -17.69 -23.22
N LEU H 26 28.96 -18.07 -24.18
CA LEU H 26 27.51 -17.84 -24.05
C LEU H 26 26.89 -18.47 -22.80
N THR H 27 27.52 -19.51 -22.25
CA THR H 27 26.93 -20.23 -21.13
C THR H 27 26.88 -19.37 -19.88
N VAL H 28 27.91 -18.55 -19.67
CA VAL H 28 27.90 -17.68 -18.49
C VAL H 28 26.93 -16.53 -18.68
N GLN H 29 26.77 -16.06 -19.91
CA GLN H 29 25.78 -15.03 -20.18
C GLN H 29 24.37 -15.55 -19.98
N ALA H 30 24.14 -16.82 -20.31
CA ALA H 30 22.85 -17.44 -20.00
C ALA H 30 22.68 -17.63 -18.49
N ARG H 31 23.79 -17.91 -17.78
CA ARG H 31 23.69 -18.09 -16.34
C ARG H 31 23.36 -16.79 -15.62
N ASN H 32 23.93 -15.67 -16.07
CA ASN H 32 23.74 -14.43 -15.33
C ASN H 32 22.40 -13.75 -15.64
N LEU H 33 21.59 -14.34 -16.52
CA LEU H 33 20.37 -13.71 -17.01
C LEU H 33 19.25 -13.67 -15.98
N LEU H 34 19.36 -14.49 -14.92
CA LEU H 34 18.22 -14.87 -14.08
C LEU H 34 18.15 -14.16 -12.73
N SER H 35 19.26 -14.05 -12.00
CA SER H 35 19.19 -13.85 -10.55
C SER H 35 18.89 -12.39 -10.18
N GLY H 36 19.80 -11.48 -10.50
CA GLY H 36 19.61 -10.08 -10.17
C GLY H 36 19.67 -9.80 -8.68
N THR H 58 6.98 2.33 0.97
CA THR H 58 6.58 0.93 0.89
C THR H 58 6.23 0.50 -0.53
N VAL H 59 6.21 1.48 -1.45
CA VAL H 59 5.89 1.17 -2.85
C VAL H 59 7.11 0.69 -3.63
N TRP H 60 8.31 0.89 -3.08
CA TRP H 60 9.52 0.51 -3.81
C TRP H 60 9.70 -0.99 -3.88
N GLY H 61 9.24 -1.70 -2.84
CA GLY H 61 9.20 -3.14 -2.91
C GLY H 61 8.27 -3.65 -3.99
N ILE H 62 7.18 -2.90 -4.24
CA ILE H 62 6.26 -3.29 -5.29
C ILE H 62 6.90 -3.09 -6.65
N LYS H 63 7.70 -2.04 -6.81
CA LYS H 63 8.40 -1.81 -8.06
C LYS H 63 9.47 -2.88 -8.29
N GLN H 64 10.28 -3.16 -7.28
CA GLN H 64 11.33 -4.17 -7.43
C GLN H 64 10.72 -5.56 -7.60
N LEU H 65 9.57 -5.81 -6.97
CA LEU H 65 8.87 -7.06 -7.17
C LEU H 65 8.34 -7.18 -8.58
N GLN H 66 7.80 -6.08 -9.12
CA GLN H 66 7.31 -6.08 -10.50
C GLN H 66 8.45 -6.30 -11.48
N ALA H 67 9.61 -5.70 -11.21
CA ALA H 67 10.77 -5.91 -12.05
C ALA H 67 11.27 -7.35 -11.96
N ARG H 68 11.25 -7.94 -10.76
CA ARG H 68 11.75 -9.30 -10.60
C ARG H 68 10.81 -10.30 -11.28
N VAL H 69 9.51 -10.11 -11.14
CA VAL H 69 8.61 -11.07 -11.77
C VAL H 69 8.54 -10.82 -13.27
N LEU H 70 8.86 -9.61 -13.72
CA LEU H 70 9.05 -9.38 -15.15
C LEU H 70 10.23 -10.19 -15.68
N ALA H 71 11.33 -10.20 -14.92
CA ALA H 71 12.52 -10.95 -15.32
C ALA H 71 12.24 -12.44 -15.41
N VAL H 72 11.50 -12.97 -14.45
CA VAL H 72 11.16 -14.39 -14.55
C VAL H 72 10.07 -14.64 -15.60
N GLU H 73 9.23 -13.66 -15.92
CA GLU H 73 8.28 -13.82 -17.02
C GLU H 73 9.02 -13.97 -18.34
N ARG H 74 10.04 -13.14 -18.52
CA ARG H 74 10.88 -13.21 -19.72
C ARG H 74 11.64 -14.52 -19.79
N TYR H 75 12.21 -14.97 -18.66
CA TYR H 75 12.97 -16.21 -18.66
C TYR H 75 12.08 -17.42 -18.93
N LEU H 76 10.88 -17.41 -18.37
CA LEU H 76 10.00 -18.54 -18.61
C LEU H 76 9.42 -18.51 -20.01
N ARG H 77 9.19 -17.31 -20.57
CA ARG H 77 8.80 -17.21 -21.97
C ARG H 77 9.87 -17.80 -22.87
N ASP H 78 11.14 -17.51 -22.59
CA ASP H 78 12.21 -18.02 -23.43
C ASP H 78 12.37 -19.54 -23.25
N GLN H 79 12.20 -20.03 -22.03
CA GLN H 79 12.29 -21.46 -21.80
C GLN H 79 11.16 -22.21 -22.50
N GLN H 80 9.93 -21.65 -22.48
CA GLN H 80 8.82 -22.30 -23.17
C GLN H 80 9.00 -22.23 -24.67
N LEU H 81 9.52 -21.11 -25.17
CA LEU H 81 9.72 -20.95 -26.60
C LEU H 81 10.79 -21.89 -27.11
N LEU H 82 11.78 -22.19 -26.26
CA LEU H 82 12.75 -23.20 -26.62
C LEU H 82 12.16 -24.60 -26.54
N GLY H 83 11.29 -24.83 -25.55
CA GLY H 83 10.88 -26.19 -25.25
C GLY H 83 10.00 -26.82 -26.31
N ILE H 84 9.20 -26.01 -27.01
CA ILE H 84 8.40 -26.56 -28.11
C ILE H 84 9.24 -26.83 -29.34
N TRP H 85 10.49 -26.36 -29.36
CA TRP H 85 11.40 -26.67 -30.45
C TRP H 85 12.11 -27.97 -30.13
N GLY H 86 13.14 -28.29 -30.92
CA GLY H 86 13.84 -29.55 -30.83
C GLY H 86 14.74 -29.75 -29.64
N CYS H 87 14.84 -28.78 -28.73
CA CYS H 87 15.69 -28.93 -27.56
C CYS H 87 14.96 -28.42 -26.33
N SER H 88 15.13 -29.15 -25.23
CA SER H 88 14.41 -28.83 -24.00
C SER H 88 15.18 -27.87 -23.11
N GLY H 89 16.42 -28.21 -22.78
CA GLY H 89 17.21 -27.38 -21.89
C GLY H 89 18.63 -27.18 -22.33
N LYS H 90 18.99 -27.78 -23.46
CA LYS H 90 20.31 -27.61 -24.03
C LYS H 90 20.47 -26.19 -24.58
N LEU H 91 21.73 -25.78 -24.76
CA LEU H 91 22.03 -24.46 -25.27
C LEU H 91 22.43 -24.43 -26.73
N ILE H 92 22.86 -25.57 -27.28
CA ILE H 92 23.16 -25.71 -28.68
C ILE H 92 22.19 -26.72 -29.27
N CYS H 93 21.62 -26.41 -30.43
CA CYS H 93 20.49 -27.17 -30.93
C CYS H 93 20.49 -27.19 -32.44
N CYS H 94 20.62 -28.39 -33.02
CA CYS H 94 20.42 -28.59 -34.44
C CYS H 94 19.02 -29.13 -34.68
N THR H 95 18.45 -28.74 -35.82
CA THR H 95 17.13 -29.22 -36.20
C THR H 95 17.17 -29.75 -37.63
N ASN H 96 16.00 -30.05 -38.20
CA ASN H 96 15.93 -30.67 -39.52
C ASN H 96 15.30 -29.75 -40.54
N VAL H 97 15.41 -28.45 -40.33
CA VAL H 97 14.89 -27.45 -41.25
C VAL H 97 16.07 -26.90 -42.04
N PRO H 98 16.05 -26.96 -43.37
CA PRO H 98 17.18 -26.42 -44.14
C PRO H 98 17.15 -24.91 -44.14
N TRP H 99 18.34 -24.32 -44.12
CA TRP H 99 18.47 -22.87 -44.12
C TRP H 99 18.13 -22.34 -45.50
N ASN H 100 17.05 -21.56 -45.58
CA ASN H 100 16.65 -20.95 -46.85
C ASN H 100 17.66 -19.89 -47.25
N SER H 101 18.26 -20.08 -48.43
CA SER H 101 19.31 -19.19 -48.88
C SER H 101 18.76 -17.83 -49.29
N SER H 102 17.47 -17.75 -49.59
CA SER H 102 16.84 -16.47 -49.95
C SER H 102 16.80 -15.49 -48.78
N TRP H 103 16.99 -15.95 -47.55
CA TRP H 103 16.99 -15.07 -46.39
C TRP H 103 18.22 -14.17 -46.39
N SER H 104 19.41 -14.75 -46.40
CA SER H 104 20.62 -13.97 -46.22
C SER H 104 21.72 -14.20 -47.25
N ASN H 105 21.73 -15.35 -47.96
CA ASN H 105 22.65 -15.75 -49.04
C ASN H 105 24.12 -15.39 -48.80
N ARG H 106 24.59 -15.59 -47.57
CA ARG H 106 25.98 -15.37 -47.17
C ARG H 106 26.55 -16.68 -46.66
N ASN H 107 27.74 -17.05 -47.14
CA ASN H 107 28.24 -18.40 -46.87
C ASN H 107 28.88 -18.52 -45.49
N LEU H 108 29.51 -19.67 -45.24
CA LEU H 108 29.80 -20.10 -43.88
C LEU H 108 30.90 -19.28 -43.24
N SER H 109 32.00 -19.08 -43.98
CA SER H 109 33.19 -18.44 -43.41
C SER H 109 32.92 -16.98 -43.04
N GLU H 110 32.26 -16.23 -43.92
CA GLU H 110 32.07 -14.80 -43.66
C GLU H 110 31.11 -14.53 -42.51
N ILE H 111 30.17 -15.45 -42.26
CA ILE H 111 29.26 -15.30 -41.13
C ILE H 111 29.78 -15.96 -39.86
N TRP H 112 30.80 -16.81 -39.96
CA TRP H 112 31.34 -17.47 -38.79
C TRP H 112 32.68 -16.89 -38.33
N ASP H 113 33.28 -16.01 -39.12
CA ASP H 113 34.60 -15.48 -38.77
C ASP H 113 34.60 -13.96 -38.72
N ASN H 114 33.83 -13.31 -39.59
CA ASN H 114 33.89 -11.87 -39.74
C ASN H 114 32.76 -11.14 -39.03
N MET H 115 31.53 -11.59 -39.22
CA MET H 115 30.38 -10.80 -38.80
C MET H 115 30.19 -10.84 -37.30
N THR H 116 29.70 -9.73 -36.77
CA THR H 116 29.47 -9.61 -35.36
C THR H 116 28.03 -10.05 -35.06
N TRP H 117 27.61 -9.91 -33.81
CA TRP H 117 26.28 -10.41 -33.44
C TRP H 117 25.19 -9.39 -33.71
N LEU H 118 25.41 -8.13 -33.35
CA LEU H 118 24.38 -7.12 -33.56
C LEU H 118 24.17 -6.87 -35.05
N GLN H 119 25.24 -6.95 -35.84
CA GLN H 119 25.13 -6.96 -37.30
C GLN H 119 24.29 -8.14 -37.78
N TRP H 120 24.50 -9.32 -37.20
CA TRP H 120 23.70 -10.49 -37.57
C TRP H 120 22.25 -10.34 -37.16
N ASP H 121 22.00 -9.63 -36.07
CA ASP H 121 20.63 -9.33 -35.67
C ASP H 121 19.96 -8.41 -36.68
N LYS H 122 20.64 -7.33 -37.05
CA LYS H 122 20.07 -6.37 -37.99
C LYS H 122 20.12 -6.85 -39.44
N GLU H 123 20.71 -8.01 -39.72
CA GLU H 123 20.68 -8.52 -41.07
C GLU H 123 19.45 -9.38 -41.36
N ILE H 124 18.96 -10.14 -40.38
CA ILE H 124 17.84 -11.05 -40.63
C ILE H 124 16.71 -10.80 -39.64
N SER H 125 16.48 -9.55 -39.28
CA SER H 125 15.39 -9.21 -38.37
C SER H 125 14.03 -9.13 -39.07
N ASN H 126 13.89 -9.70 -40.27
CA ASN H 126 12.61 -9.74 -40.97
C ASN H 126 12.03 -11.13 -41.09
N TYR H 127 12.87 -12.16 -41.20
CA TYR H 127 12.40 -13.53 -41.37
C TYR H 127 12.47 -14.35 -40.08
N THR H 128 12.51 -13.69 -38.92
CA THR H 128 12.69 -14.40 -37.66
C THR H 128 11.47 -15.23 -37.31
N GLN H 129 10.27 -14.65 -37.45
CA GLN H 129 9.04 -15.36 -37.13
C GLN H 129 8.82 -16.54 -38.07
N ILE H 130 9.21 -16.40 -39.33
CA ILE H 130 9.11 -17.50 -40.28
C ILE H 130 10.02 -18.65 -39.86
N ILE H 131 11.21 -18.31 -39.34
CA ILE H 131 12.13 -19.33 -38.83
C ILE H 131 11.52 -20.02 -37.62
N TYR H 132 10.84 -19.24 -36.75
CA TYR H 132 10.16 -19.82 -35.59
C TYR H 132 9.09 -20.81 -36.00
N GLY H 133 8.28 -20.43 -37.00
CA GLY H 133 7.23 -21.31 -37.48
C GLY H 133 7.77 -22.56 -38.15
N LEU H 134 8.86 -22.42 -38.91
CA LEU H 134 9.48 -23.57 -39.55
C LEU H 134 10.02 -24.55 -38.52
N LEU H 135 10.66 -24.03 -37.47
CA LEU H 135 11.14 -24.88 -36.38
C LEU H 135 10.00 -25.61 -35.69
N GLU H 136 8.90 -24.89 -35.41
CA GLU H 136 7.79 -25.50 -34.70
C GLU H 136 7.11 -26.56 -35.54
N GLU H 137 6.94 -26.32 -36.83
CA GLU H 137 6.30 -27.28 -37.71
C GLU H 137 7.17 -28.52 -37.89
N SER H 138 8.49 -28.33 -38.03
CA SER H 138 9.39 -29.46 -38.16
C SER H 138 9.45 -30.29 -36.89
N GLN H 139 9.42 -29.63 -35.72
CA GLN H 139 9.44 -30.37 -34.47
C GLN H 139 8.13 -31.12 -34.25
N ASN H 140 7.00 -30.54 -34.65
CA ASN H 140 5.72 -31.21 -34.45
C ASN H 140 5.57 -32.40 -35.39
N GLN H 141 6.06 -32.28 -36.63
CA GLN H 141 6.02 -33.45 -37.51
C GLN H 141 7.04 -34.49 -37.08
N GLN H 142 8.15 -34.07 -36.45
CA GLN H 142 9.05 -35.05 -35.85
C GLN H 142 8.39 -35.74 -34.66
N GLU H 143 7.54 -35.03 -33.92
CA GLU H 143 6.78 -35.64 -32.82
C GLU H 143 5.82 -36.69 -33.33
N LYS H 144 5.09 -36.37 -34.41
CA LYS H 144 4.14 -37.35 -34.93
C LYS H 144 4.87 -38.52 -35.61
N ASN H 145 6.05 -38.28 -36.19
CA ASN H 145 6.81 -39.37 -36.78
C ASN H 145 7.43 -40.27 -35.72
N GLU H 146 7.84 -39.69 -34.59
CA GLU H 146 8.35 -40.50 -33.49
C GLU H 146 7.25 -41.29 -32.83
N GLN H 147 6.05 -40.70 -32.72
CA GLN H 147 4.91 -41.41 -32.17
C GLN H 147 4.44 -42.53 -33.09
N ASP H 148 4.55 -42.34 -34.41
CA ASP H 148 4.20 -43.41 -35.35
C ASP H 148 5.33 -44.41 -35.57
N LEU H 149 6.59 -44.05 -35.31
CA LEU H 149 7.64 -45.05 -35.33
C LEU H 149 7.44 -46.04 -34.20
N LEU H 150 6.96 -45.55 -33.06
CA LEU H 150 6.69 -46.40 -31.92
C LEU H 150 5.30 -47.04 -32.01
N ALA H 151 4.53 -46.75 -33.03
CA ALA H 151 3.20 -47.33 -33.18
C ALA H 151 3.27 -48.82 -33.49
N LEU H 152 4.17 -49.21 -34.40
CA LEU H 152 4.30 -50.60 -34.81
C LEU H 152 5.01 -51.46 -33.77
N ASP H 153 5.53 -50.87 -32.69
CA ASP H 153 6.14 -51.64 -31.62
C ASP H 153 5.17 -51.80 -30.45
N ALA I 1 -1.11 -56.36 -29.32
CA ALA I 1 -1.69 -55.15 -29.90
C ALA I 1 -2.90 -54.69 -29.10
N GLU I 2 -3.64 -55.65 -28.54
CA GLU I 2 -4.77 -55.32 -27.68
C GLU I 2 -4.34 -54.71 -26.36
N ASN I 3 -3.11 -54.97 -25.92
CA ASN I 3 -2.58 -54.34 -24.73
C ASN I 3 -2.17 -52.89 -25.05
N LEU I 4 -2.81 -51.94 -24.40
CA LEU I 4 -2.55 -50.53 -24.64
C LEU I 4 -1.59 -49.95 -23.62
N TRP I 5 -0.98 -48.84 -23.99
CA TRP I 5 -0.02 -48.14 -23.16
C TRP I 5 -0.50 -46.71 -22.92
N VAL I 6 -0.30 -46.22 -21.72
CA VAL I 6 -0.75 -44.89 -21.35
C VAL I 6 0.18 -43.85 -21.98
N THR I 7 -0.38 -42.70 -22.37
CA THR I 7 0.40 -41.58 -22.86
C THR I 7 -0.14 -40.31 -22.25
N VAL I 8 0.76 -39.41 -21.89
CA VAL I 8 0.39 -38.10 -21.37
C VAL I 8 0.56 -37.08 -22.47
N TYR I 9 -0.47 -36.29 -22.71
CA TYR I 9 -0.42 -35.20 -23.67
C TYR I 9 -0.54 -33.90 -22.91
N TYR I 10 0.36 -32.96 -23.19
CA TYR I 10 0.37 -31.68 -22.51
C TYR I 10 -0.12 -30.59 -23.45
N GLY I 11 -0.93 -29.66 -22.92
CA GLY I 11 -1.62 -28.68 -23.75
C GLY I 11 -2.96 -29.11 -24.27
N VAL I 12 -3.58 -30.10 -23.66
CA VAL I 12 -4.88 -30.61 -24.11
C VAL I 12 -5.95 -29.55 -23.83
N PRO I 13 -6.74 -29.17 -24.81
CA PRO I 13 -7.83 -28.24 -24.55
C PRO I 13 -8.97 -28.87 -23.77
N VAL I 14 -9.01 -28.57 -22.48
CA VAL I 14 -10.07 -29.00 -21.58
C VAL I 14 -10.01 -28.08 -20.37
N TRP I 15 -11.18 -27.61 -19.95
CA TRP I 15 -11.28 -26.63 -18.88
C TRP I 15 -12.19 -27.15 -17.79
N LYS I 16 -12.10 -26.54 -16.62
CA LYS I 16 -13.06 -26.77 -15.57
C LYS I 16 -13.67 -25.45 -15.10
N ASP I 17 -14.77 -25.56 -14.38
CA ASP I 17 -15.42 -24.38 -13.80
C ASP I 17 -14.62 -23.91 -12.61
N ALA I 18 -14.41 -22.59 -12.54
CA ALA I 18 -13.50 -22.07 -11.52
C ALA I 18 -13.88 -20.65 -11.16
N GLU I 19 -13.19 -20.13 -10.14
CA GLU I 19 -13.35 -18.75 -9.68
C GLU I 19 -11.97 -18.14 -9.55
N THR I 20 -11.70 -17.10 -10.33
CA THR I 20 -10.48 -16.33 -10.20
C THR I 20 -10.80 -14.84 -10.31
N THR I 21 -9.75 -14.03 -10.21
CA THR I 21 -9.87 -12.58 -10.26
C THR I 21 -9.49 -12.09 -11.65
N LEU I 22 -10.48 -11.67 -12.42
CA LEU I 22 -10.20 -11.00 -13.68
C LEU I 22 -9.71 -9.59 -13.42
N PHE I 23 -8.89 -9.06 -14.34
CA PHE I 23 -8.37 -7.70 -14.19
C PHE I 23 -9.06 -6.76 -15.16
N CYS I 24 -9.37 -5.57 -14.68
CA CYS I 24 -10.03 -4.55 -15.49
C CYS I 24 -9.07 -4.00 -16.55
N ALA I 25 -9.65 -3.52 -17.65
CA ALA I 25 -8.88 -2.92 -18.73
C ALA I 25 -9.82 -1.97 -19.49
N SER I 26 -9.58 -0.68 -19.35
CA SER I 26 -10.34 0.30 -20.11
C SER I 26 -9.62 0.64 -21.41
N ASP I 27 -10.30 1.38 -22.27
CA ASP I 27 -9.75 1.72 -23.58
C ASP I 27 -8.77 2.88 -23.48
N ALA I 28 -7.80 2.90 -24.38
CA ALA I 28 -6.78 3.95 -24.42
C ALA I 28 -7.33 5.27 -24.93
N LYS I 29 -8.51 5.27 -25.55
CA LYS I 29 -9.13 6.52 -26.00
C LYS I 29 -9.51 7.40 -24.82
N ALA I 30 -9.88 6.80 -23.69
CA ALA I 30 -10.14 7.60 -22.50
C ALA I 30 -8.86 8.13 -21.88
N TYR I 31 -7.71 7.51 -22.15
CA TYR I 31 -6.44 8.07 -21.71
C TYR I 31 -6.06 9.31 -22.51
N GLU I 32 -6.59 9.46 -23.72
CA GLU I 32 -6.38 10.67 -24.50
C GLU I 32 -7.02 11.89 -23.84
N THR I 33 -8.12 11.69 -23.13
CA THR I 33 -8.72 12.72 -22.29
C THR I 33 -8.23 12.46 -20.88
N GLU I 34 -7.04 12.96 -20.60
CA GLU I 34 -6.23 12.54 -19.46
C GLU I 34 -6.58 13.37 -18.23
N LYS I 35 -5.70 13.30 -17.23
CA LYS I 35 -5.69 14.09 -15.99
C LYS I 35 -6.91 13.83 -15.13
N HIS I 36 -7.17 12.55 -14.84
CA HIS I 36 -8.01 12.08 -13.73
C HIS I 36 -9.46 12.58 -13.83
N ASN I 37 -9.98 12.66 -15.06
CA ASN I 37 -11.33 13.18 -15.24
C ASN I 37 -12.40 12.18 -14.78
N VAL I 38 -12.12 10.89 -14.87
CA VAL I 38 -12.94 9.85 -14.25
C VAL I 38 -12.02 8.89 -13.51
N TRP I 39 -12.62 7.86 -12.93
CA TRP I 39 -11.85 6.77 -12.38
C TRP I 39 -11.39 5.86 -13.51
N ALA I 40 -10.29 5.15 -13.24
CA ALA I 40 -9.66 4.17 -14.13
C ALA I 40 -9.17 4.76 -15.45
N THR I 41 -9.00 6.07 -15.55
CA THR I 41 -8.33 6.63 -16.73
C THR I 41 -6.82 6.63 -16.57
N HIS I 42 -6.32 6.27 -15.41
CA HIS I 42 -4.90 6.14 -15.14
C HIS I 42 -4.56 4.84 -14.44
N ALA I 43 -5.56 4.11 -13.92
CA ALA I 43 -5.35 2.86 -13.22
C ALA I 43 -5.90 1.67 -14.00
N CYS I 44 -5.72 1.65 -15.31
CA CYS I 44 -6.26 0.56 -16.11
C CYS I 44 -5.36 0.33 -17.30
N VAL I 45 -5.02 -0.94 -17.54
CA VAL I 45 -4.20 -1.33 -18.70
C VAL I 45 -5.00 -1.05 -19.97
N PRO I 46 -4.38 -0.45 -21.00
CA PRO I 46 -5.12 -0.16 -22.22
C PRO I 46 -5.48 -1.42 -22.99
N THR I 47 -6.61 -1.36 -23.68
CA THR I 47 -7.25 -2.53 -24.29
C THR I 47 -6.46 -3.02 -25.49
N ASP I 48 -6.80 -4.22 -25.92
CA ASP I 48 -6.36 -4.75 -27.20
C ASP I 48 -7.25 -4.19 -28.30
N PRO I 49 -6.68 -3.55 -29.33
CA PRO I 49 -7.52 -3.02 -30.42
C PRO I 49 -8.16 -4.10 -31.29
N ASN I 50 -7.74 -5.35 -31.18
CA ASN I 50 -8.39 -6.47 -31.85
C ASN I 50 -8.90 -7.44 -30.80
N PRO I 51 -10.10 -7.22 -30.25
CA PRO I 51 -10.72 -8.27 -29.44
C PRO I 51 -11.05 -9.47 -30.31
N GLN I 52 -10.52 -10.62 -29.94
CA GLN I 52 -10.41 -11.76 -30.84
C GLN I 52 -11.23 -12.91 -30.26
N GLU I 53 -12.52 -12.90 -30.55
CA GLU I 53 -13.38 -14.00 -30.14
C GLU I 53 -13.31 -15.12 -31.16
N ILE I 54 -13.34 -16.34 -30.66
CA ILE I 54 -13.11 -17.53 -31.48
C ILE I 54 -14.32 -18.43 -31.34
N HIS I 55 -15.04 -18.63 -32.44
CA HIS I 55 -16.31 -19.34 -32.41
C HIS I 55 -16.08 -20.86 -32.42
N LEU I 56 -16.69 -21.55 -31.47
CA LEU I 56 -16.40 -22.96 -31.30
C LEU I 56 -17.32 -23.84 -32.13
N GLU I 57 -17.08 -25.15 -32.07
CA GLU I 57 -17.79 -26.12 -32.87
C GLU I 57 -18.14 -27.34 -32.02
N ASN I 58 -19.38 -27.81 -32.17
CA ASN I 58 -19.88 -29.08 -31.62
C ASN I 58 -19.75 -29.15 -30.10
N VAL I 59 -19.87 -28.01 -29.43
CA VAL I 59 -19.58 -27.94 -28.00
C VAL I 59 -20.80 -27.36 -27.29
N THR I 60 -20.95 -27.71 -26.02
CA THR I 60 -22.10 -27.29 -25.22
C THR I 60 -21.70 -27.31 -23.76
N GLU I 61 -21.82 -26.15 -23.10
CA GLU I 61 -21.61 -26.06 -21.66
C GLU I 61 -22.86 -25.50 -21.00
N GLU I 62 -23.08 -25.90 -19.75
CA GLU I 62 -24.23 -25.43 -18.98
C GLU I 62 -23.83 -24.18 -18.18
N PHE I 63 -24.61 -23.13 -18.33
CA PHE I 63 -24.31 -21.85 -17.72
C PHE I 63 -25.32 -21.57 -16.63
N ASN I 64 -24.98 -20.61 -15.76
CA ASN I 64 -25.90 -20.20 -14.70
C ASN I 64 -25.54 -18.78 -14.34
N MET I 65 -26.43 -17.84 -14.67
CA MET I 65 -26.15 -16.44 -14.35
C MET I 65 -26.33 -16.13 -12.87
N TRP I 66 -27.01 -17.00 -12.13
CA TRP I 66 -27.40 -16.63 -10.77
C TRP I 66 -26.37 -17.05 -9.74
N LYS I 67 -25.78 -18.23 -9.87
CA LYS I 67 -24.67 -18.64 -9.03
C LYS I 67 -23.32 -18.29 -9.64
N ASN I 68 -23.30 -17.40 -10.61
CA ASN I 68 -22.07 -17.07 -11.31
C ASN I 68 -21.16 -16.23 -10.43
N ASN I 69 -19.86 -16.41 -10.61
CA ASN I 69 -18.88 -15.52 -9.99
C ASN I 69 -18.74 -14.27 -10.84
N MET I 70 -17.78 -13.41 -10.48
CA MET I 70 -17.30 -12.23 -11.19
C MET I 70 -18.36 -11.12 -11.38
N VAL I 71 -19.58 -11.37 -10.94
CA VAL I 71 -20.52 -10.29 -10.68
C VAL I 71 -20.29 -9.74 -9.28
N GLU I 72 -20.02 -10.63 -8.33
CA GLU I 72 -19.55 -10.23 -7.01
C GLU I 72 -18.24 -9.48 -7.11
N GLN I 73 -17.33 -9.94 -7.98
CA GLN I 73 -16.06 -9.26 -8.16
C GLN I 73 -16.24 -7.89 -8.77
N MET I 74 -17.18 -7.76 -9.72
CA MET I 74 -17.48 -6.45 -10.29
C MET I 74 -18.07 -5.51 -9.25
N HIS I 75 -18.94 -6.04 -8.39
CA HIS I 75 -19.56 -5.24 -7.34
C HIS I 75 -18.52 -4.74 -6.35
N THR I 76 -17.65 -5.64 -5.88
CA THR I 76 -16.62 -5.28 -4.92
C THR I 76 -15.61 -4.33 -5.53
N ASP I 77 -15.25 -4.55 -6.80
CA ASP I 77 -14.28 -3.69 -7.47
C ASP I 77 -14.83 -2.29 -7.69
N ILE I 78 -16.11 -2.19 -8.05
CA ILE I 78 -16.71 -0.88 -8.28
C ILE I 78 -16.90 -0.14 -6.98
N ILE I 79 -17.26 -0.83 -5.90
CA ILE I 79 -17.42 -0.19 -4.59
C ILE I 79 -16.07 0.30 -4.08
N SER I 80 -15.04 -0.53 -4.17
CA SER I 80 -13.73 -0.14 -3.66
C SER I 80 -13.09 0.95 -4.51
N LEU I 81 -13.29 0.90 -5.83
CA LEU I 81 -12.77 1.96 -6.68
C LEU I 81 -13.55 3.25 -6.51
N TRP I 82 -14.84 3.15 -6.19
CA TRP I 82 -15.65 4.30 -5.84
C TRP I 82 -15.15 4.95 -4.56
N ASP I 83 -14.76 4.12 -3.59
CA ASP I 83 -14.16 4.65 -2.36
C ASP I 83 -12.80 5.27 -2.64
N GLN I 84 -12.07 4.73 -3.63
CA GLN I 84 -10.72 5.21 -3.90
C GLN I 84 -10.70 6.58 -4.57
N SER I 85 -11.80 7.03 -5.16
CA SER I 85 -11.85 8.35 -5.73
C SER I 85 -12.41 9.38 -4.76
N LEU I 86 -12.28 9.14 -3.46
CA LEU I 86 -12.73 10.09 -2.44
C LEU I 86 -11.63 10.52 -1.49
N LYS I 87 -10.57 9.74 -1.35
CA LYS I 87 -9.51 10.08 -0.40
C LYS I 87 -8.76 11.37 -0.69
N PRO I 88 -8.41 11.74 -1.95
CA PRO I 88 -7.82 13.08 -2.12
C PRO I 88 -8.80 14.21 -1.94
N CYS I 89 -10.09 13.96 -1.92
CA CYS I 89 -11.05 15.05 -1.91
C CYS I 89 -11.34 15.47 -0.46
N VAL I 90 -12.18 16.47 -0.31
CA VAL I 90 -12.29 17.26 0.92
C VAL I 90 -13.41 16.70 1.78
N LYS I 91 -13.15 16.55 3.08
CA LYS I 91 -14.18 16.25 4.05
C LYS I 91 -14.88 17.53 4.48
N LEU I 92 -16.19 17.44 4.67
CA LEU I 92 -16.98 18.61 5.07
C LEU I 92 -17.10 18.69 6.59
N THR I 93 -15.96 18.68 7.27
CA THR I 93 -15.99 18.68 8.73
C THR I 93 -16.47 20.01 9.33
N PRO I 94 -16.02 21.19 8.89
CA PRO I 94 -16.61 22.41 9.47
C PRO I 94 -17.94 22.81 8.86
N LEU I 95 -18.64 21.93 8.15
CA LEU I 95 -19.90 22.32 7.53
C LEU I 95 -21.13 21.81 8.28
N CYS I 96 -20.98 20.80 9.13
CA CYS I 96 -22.10 20.38 9.96
C CYS I 96 -22.30 21.38 11.08
N VAL I 97 -23.12 22.41 10.85
CA VAL I 97 -23.12 23.60 11.68
C VAL I 97 -24.55 24.15 11.73
N THR I 98 -24.76 25.14 12.59
CA THR I 98 -26.08 25.76 12.73
C THR I 98 -26.45 26.52 11.48
N LEU I 99 -27.58 26.16 10.87
CA LEU I 99 -28.00 26.73 9.60
C LEU I 99 -29.21 27.62 9.79
N GLN I 100 -29.07 28.90 9.47
CA GLN I 100 -30.20 29.84 9.48
C GLN I 100 -30.82 29.84 8.10
N CYS I 101 -31.92 29.12 7.93
CA CYS I 101 -32.54 28.93 6.63
C CYS I 101 -33.87 29.68 6.57
N THR I 102 -34.12 30.34 5.46
CA THR I 102 -35.41 30.90 5.11
C THR I 102 -35.91 30.26 3.83
N ASN I 103 -37.12 30.64 3.44
CA ASN I 103 -37.65 30.25 2.15
C ASN I 103 -36.83 30.91 1.03
N VAL I 104 -36.76 30.23 -0.10
CA VAL I 104 -36.18 30.84 -1.28
C VAL I 104 -37.11 31.94 -1.76
N THR I 105 -36.54 33.02 -2.29
CA THR I 105 -37.33 34.14 -2.80
C THR I 105 -38.11 33.66 -4.03
N ASN I 106 -39.42 33.53 -3.86
CA ASN I 106 -40.28 32.89 -4.84
C ASN I 106 -41.72 33.24 -4.48
N ASN I 107 -42.60 33.26 -5.49
CA ASN I 107 -44.02 33.44 -5.24
C ASN I 107 -44.53 32.18 -4.55
N ILE I 108 -44.72 32.28 -3.24
CA ILE I 108 -44.95 31.10 -2.42
C ILE I 108 -46.39 30.66 -2.53
N THR I 109 -46.58 29.37 -2.80
CA THR I 109 -47.90 28.74 -2.76
C THR I 109 -48.02 28.00 -1.43
N ASP I 110 -49.04 28.35 -0.65
CA ASP I 110 -49.19 27.77 0.68
C ASP I 110 -49.62 26.31 0.63
N ASP I 111 -50.26 25.88 -0.45
CA ASP I 111 -50.65 24.48 -0.56
C ASP I 111 -49.46 23.60 -0.91
N MET I 112 -48.64 24.04 -1.87
CA MET I 112 -47.43 23.32 -2.26
C MET I 112 -46.29 23.72 -1.33
N ARG I 113 -45.08 23.28 -1.65
CA ARG I 113 -43.90 23.59 -0.85
C ARG I 113 -42.75 24.01 -1.77
N GLY I 114 -41.98 24.98 -1.30
CA GLY I 114 -40.74 25.31 -1.98
C GLY I 114 -39.69 24.24 -1.74
N GLU I 115 -39.05 23.80 -2.82
CA GLU I 115 -38.02 22.77 -2.74
C GLU I 115 -36.64 23.35 -2.52
N LEU I 116 -36.53 24.64 -2.26
CA LEU I 116 -35.24 25.27 -2.03
C LEU I 116 -35.29 26.11 -0.76
N LYS I 117 -34.33 25.89 0.12
CA LYS I 117 -34.19 26.69 1.33
C LYS I 117 -32.88 27.45 1.23
N ASN I 118 -32.97 28.76 1.47
CA ASN I 118 -31.84 29.67 1.38
C ASN I 118 -31.25 29.80 2.77
N CYS I 119 -30.06 29.24 2.98
CA CYS I 119 -29.47 29.09 4.31
C CYS I 119 -28.19 29.90 4.40
N SER I 120 -28.12 30.80 5.38
CA SER I 120 -26.90 31.48 5.76
C SER I 120 -26.39 30.92 7.07
N PHE I 121 -25.06 30.92 7.23
CA PHE I 121 -24.46 30.30 8.41
C PHE I 121 -23.04 30.82 8.63
N ASN I 122 -22.53 30.55 9.83
CA ASN I 122 -21.15 30.85 10.20
C ASN I 122 -20.22 29.88 9.50
N MET I 123 -19.13 30.39 8.93
CA MET I 123 -18.09 29.55 8.38
C MET I 123 -16.71 30.12 8.66
N THR I 124 -15.75 29.23 8.93
CA THR I 124 -14.37 29.65 9.10
C THR I 124 -13.78 30.10 7.77
N THR I 125 -13.01 31.18 7.82
CA THR I 125 -12.28 31.66 6.66
C THR I 125 -11.01 30.83 6.48
N GLU I 126 -10.12 31.28 5.59
CA GLU I 126 -8.80 30.68 5.52
C GLU I 126 -7.97 31.01 6.75
N LEU I 127 -8.27 32.11 7.42
CA LEU I 127 -7.63 32.48 8.67
C LEU I 127 -8.45 31.92 9.83
N ARG I 128 -7.75 31.43 10.86
CA ARG I 128 -8.45 30.81 11.98
C ARG I 128 -9.15 31.80 12.88
N ASP I 129 -8.74 33.06 12.86
CA ASP I 129 -9.33 34.03 13.78
C ASP I 129 -10.59 34.64 13.20
N LYS I 130 -10.55 35.06 11.95
CA LYS I 130 -11.71 35.66 11.31
C LYS I 130 -12.64 34.60 10.75
N LYS I 131 -13.94 34.80 10.97
CA LYS I 131 -14.98 33.95 10.41
C LYS I 131 -15.98 34.82 9.67
N GLN I 132 -16.66 34.21 8.70
CA GLN I 132 -17.57 34.93 7.82
C GLN I 132 -18.97 34.36 7.91
N LYS I 133 -19.92 35.14 7.39
CA LYS I 133 -21.31 34.73 7.27
C LYS I 133 -21.61 34.52 5.79
N VAL I 134 -21.96 33.29 5.42
CA VAL I 134 -22.09 32.97 4.00
C VAL I 134 -23.40 32.23 3.78
N TYR I 135 -24.00 32.45 2.62
CA TYR I 135 -25.30 31.86 2.30
C TYR I 135 -25.20 30.95 1.09
N SER I 136 -26.18 30.05 0.99
CA SER I 136 -26.26 29.06 -0.07
C SER I 136 -27.69 28.58 -0.19
N LEU I 137 -27.91 27.65 -1.13
CA LEU I 137 -29.22 27.09 -1.40
C LEU I 137 -29.16 25.57 -1.29
N PHE I 138 -30.13 24.99 -0.59
CA PHE I 138 -30.23 23.54 -0.51
C PHE I 138 -31.65 23.07 -0.78
N TYR I 139 -31.80 21.76 -0.91
CA TYR I 139 -33.11 21.16 -1.08
C TYR I 139 -33.69 20.74 0.27
N ARG I 140 -34.99 20.45 0.27
CA ARG I 140 -35.65 19.98 1.48
C ARG I 140 -35.10 18.63 1.92
N LEU I 141 -34.67 17.80 0.98
CA LEU I 141 -34.30 16.43 1.27
C LEU I 141 -32.92 16.29 1.90
N ASP I 142 -32.18 17.39 2.11
CA ASP I 142 -30.87 17.32 2.72
C ASP I 142 -30.80 17.96 4.10
N VAL I 143 -31.79 18.75 4.49
CA VAL I 143 -31.77 19.45 5.75
C VAL I 143 -32.98 19.01 6.57
N VAL I 144 -32.85 19.13 7.90
CA VAL I 144 -33.94 18.84 8.81
C VAL I 144 -34.00 19.93 9.87
N GLN I 145 -35.21 20.17 10.36
CA GLN I 145 -35.42 21.13 11.42
C GLN I 145 -34.99 20.53 12.75
N ILE I 146 -34.11 21.23 13.44
CA ILE I 146 -33.74 20.90 14.81
C ILE I 146 -34.56 21.79 15.73
N ASN I 147 -34.93 21.28 16.89
CA ASN I 147 -35.75 22.04 17.82
C ASN I 147 -34.93 22.49 19.02
N SER I 157 -41.33 31.16 15.96
CA SER I 157 -40.06 31.52 16.58
C SER I 157 -38.94 31.52 15.54
N ASN I 158 -37.72 31.23 16.00
CA ASN I 158 -36.60 31.07 15.10
C ASN I 158 -36.71 29.74 14.36
N LYS I 159 -36.02 29.67 13.21
CA LYS I 159 -36.10 28.52 12.32
C LYS I 159 -34.68 28.13 11.93
N GLU I 160 -34.08 27.23 12.71
CA GLU I 160 -32.72 26.78 12.48
C GLU I 160 -32.73 25.32 12.06
N TYR I 161 -31.99 25.02 11.00
CA TYR I 161 -31.95 23.68 10.45
C TYR I 161 -30.56 23.10 10.65
N ARG I 162 -30.38 21.87 10.15
CA ARG I 162 -29.05 21.27 10.08
C ARG I 162 -29.05 20.28 8.94
N LEU I 163 -27.87 19.79 8.59
CA LEU I 163 -27.79 18.77 7.56
C LEU I 163 -28.24 17.43 8.14
N ILE I 164 -28.73 16.55 7.26
CA ILE I 164 -29.32 15.30 7.74
C ILE I 164 -28.23 14.33 8.15
N ASN I 165 -27.02 14.48 7.60
CA ASN I 165 -25.92 13.59 7.91
C ASN I 165 -25.03 14.11 9.03
N CYS I 166 -25.55 15.02 9.87
CA CYS I 166 -24.74 15.57 10.95
C CYS I 166 -24.47 14.57 12.06
N ASN I 167 -25.21 13.47 12.12
CA ASN I 167 -25.09 12.53 13.23
C ASN I 167 -24.71 11.13 12.77
N THR I 168 -24.19 10.98 11.55
CA THR I 168 -23.72 9.66 11.15
C THR I 168 -22.32 9.67 10.58
N SER I 169 -21.97 10.71 9.82
CA SER I 169 -20.70 10.75 9.10
C SER I 169 -20.43 12.16 8.60
N ALA I 170 -19.15 12.49 8.49
CA ALA I 170 -18.77 13.67 7.74
C ALA I 170 -18.80 13.33 6.25
N CYS I 171 -19.41 14.19 5.46
CA CYS I 171 -19.62 13.91 4.05
C CYS I 171 -18.37 14.32 3.28
N THR I 172 -17.73 13.34 2.65
CA THR I 172 -16.68 13.62 1.70
C THR I 172 -17.28 14.33 0.50
N GLN I 173 -16.86 15.58 0.27
CA GLN I 173 -17.27 16.26 -0.95
C GLN I 173 -16.58 15.61 -2.13
N ALA I 174 -17.34 15.32 -3.19
CA ALA I 174 -16.76 14.80 -4.41
C ALA I 174 -15.90 15.87 -5.05
N CYS I 175 -14.77 15.47 -5.62
CA CYS I 175 -13.93 16.40 -6.36
C CYS I 175 -14.67 16.86 -7.61
N PRO I 176 -14.85 18.16 -7.82
CA PRO I 176 -15.49 18.64 -9.06
C PRO I 176 -14.63 18.44 -10.29
N LYS I 177 -13.34 18.17 -10.13
CA LYS I 177 -12.48 17.83 -11.26
C LYS I 177 -12.88 16.48 -11.86
N VAL I 178 -13.11 15.49 -11.01
CA VAL I 178 -13.46 14.16 -11.49
C VAL I 178 -14.96 14.10 -11.77
N SER I 179 -15.34 13.38 -12.82
CA SER I 179 -16.73 13.23 -13.23
C SER I 179 -17.20 11.78 -13.06
N PHE I 180 -18.51 11.58 -13.20
CA PHE I 180 -19.13 10.27 -12.99
C PHE I 180 -19.73 9.69 -14.26
N GLU I 181 -19.20 10.04 -15.43
CA GLU I 181 -19.71 9.40 -16.63
C GLU I 181 -19.17 7.98 -16.76
N PRO I 182 -19.98 7.05 -17.26
CA PRO I 182 -19.52 5.67 -17.40
C PRO I 182 -18.64 5.50 -18.64
N ILE I 183 -17.61 4.68 -18.50
CA ILE I 183 -16.76 4.32 -19.63
C ILE I 183 -16.75 2.80 -19.72
N PRO I 184 -16.62 2.22 -20.93
CA PRO I 184 -16.70 0.76 -21.04
C PRO I 184 -15.47 0.08 -20.47
N ILE I 185 -15.68 -0.74 -19.46
CA ILE I 185 -14.62 -1.54 -18.85
C ILE I 185 -14.66 -2.94 -19.44
N HIS I 186 -13.51 -3.44 -19.86
CA HIS I 186 -13.42 -4.81 -20.36
C HIS I 186 -12.67 -5.63 -19.32
N TYR I 187 -13.31 -6.68 -18.84
CA TYR I 187 -12.70 -7.56 -17.84
C TYR I 187 -11.94 -8.65 -18.57
N CYS I 188 -10.62 -8.64 -18.47
CA CYS I 188 -9.80 -9.63 -19.14
C CYS I 188 -9.32 -10.65 -18.13
N ALA I 189 -9.33 -11.87 -18.53
CA ALA I 189 -8.87 -12.99 -17.72
C ALA I 189 -7.36 -13.14 -17.82
N PRO I 190 -6.70 -13.57 -16.75
CA PRO I 190 -5.26 -13.79 -16.81
C PRO I 190 -4.93 -15.06 -17.61
N ALA I 191 -3.64 -15.31 -17.74
CA ALA I 191 -3.18 -16.48 -18.48
C ALA I 191 -3.52 -17.75 -17.71
N GLY I 192 -3.80 -18.81 -18.46
CA GLY I 192 -4.30 -20.03 -17.89
C GLY I 192 -5.81 -20.09 -17.73
N PHE I 193 -6.49 -18.95 -17.85
CA PHE I 193 -7.94 -18.92 -17.76
C PHE I 193 -8.52 -18.47 -19.09
N ALA I 194 -9.78 -18.81 -19.31
CA ALA I 194 -10.51 -18.35 -20.47
C ALA I 194 -11.91 -17.90 -20.05
N ILE I 195 -12.53 -17.11 -20.92
CA ILE I 195 -13.89 -16.62 -20.72
C ILE I 195 -14.73 -17.11 -21.88
N LEU I 196 -15.88 -17.71 -21.55
CA LEU I 196 -16.78 -18.27 -22.55
C LEU I 196 -18.04 -17.41 -22.61
N LYS I 197 -18.43 -17.01 -23.81
CA LYS I 197 -19.63 -16.23 -24.03
C LYS I 197 -20.59 -17.04 -24.90
N CYS I 198 -21.87 -17.07 -24.51
CA CYS I 198 -22.86 -17.90 -25.20
C CYS I 198 -23.54 -17.07 -26.28
N LYS I 199 -23.39 -17.50 -27.53
CA LYS I 199 -23.93 -16.75 -28.65
C LYS I 199 -25.30 -17.25 -29.11
N ASP I 200 -25.95 -18.11 -28.33
CA ASP I 200 -27.29 -18.55 -28.70
C ASP I 200 -28.29 -17.41 -28.51
N LYS I 201 -29.22 -17.28 -29.44
CA LYS I 201 -30.21 -16.22 -29.38
C LYS I 201 -31.21 -16.47 -28.25
N LYS I 202 -31.93 -17.59 -28.30
CA LYS I 202 -32.94 -17.89 -27.28
C LYS I 202 -32.28 -18.63 -26.12
N PHE I 203 -31.49 -17.86 -25.36
CA PHE I 203 -30.84 -18.39 -24.18
C PHE I 203 -31.29 -17.59 -22.97
N ASN I 204 -32.00 -18.24 -22.06
CA ASN I 204 -32.56 -17.59 -20.89
C ASN I 204 -31.59 -17.56 -19.71
N GLY I 205 -30.31 -17.79 -19.96
CA GLY I 205 -29.29 -17.61 -18.95
C GLY I 205 -29.19 -18.71 -17.92
N THR I 206 -29.81 -19.85 -18.16
CA THR I 206 -29.67 -21.00 -17.27
C THR I 206 -29.75 -22.25 -18.12
N GLY I 207 -28.83 -23.18 -17.89
CA GLY I 207 -28.87 -24.44 -18.60
C GLY I 207 -27.85 -24.49 -19.73
N PRO I 208 -27.89 -25.54 -20.54
CA PRO I 208 -26.86 -25.73 -21.58
C PRO I 208 -27.08 -24.80 -22.76
N CYS I 209 -26.02 -24.10 -23.17
CA CYS I 209 -26.05 -23.26 -24.36
C CYS I 209 -25.35 -23.97 -25.50
N PRO I 210 -25.90 -23.99 -26.70
CA PRO I 210 -25.34 -24.81 -27.78
C PRO I 210 -24.24 -24.15 -28.60
N SER I 211 -24.13 -22.83 -28.60
CA SER I 211 -23.15 -22.13 -29.44
C SER I 211 -22.40 -21.13 -28.56
N VAL I 212 -21.27 -21.56 -28.03
CA VAL I 212 -20.44 -20.71 -27.20
C VAL I 212 -19.15 -20.38 -27.95
N SER I 213 -18.46 -19.37 -27.46
CA SER I 213 -17.25 -18.88 -28.09
C SER I 213 -16.35 -18.31 -27.01
N THR I 214 -15.06 -18.63 -27.07
CA THR I 214 -14.12 -18.11 -26.09
C THR I 214 -13.60 -16.75 -26.52
N VAL I 215 -13.26 -15.94 -25.52
CA VAL I 215 -12.80 -14.57 -25.77
C VAL I 215 -11.79 -14.22 -24.69
N GLN I 216 -10.89 -13.29 -25.02
CA GLN I 216 -9.87 -12.90 -24.05
C GLN I 216 -10.38 -11.82 -23.11
N CYS I 217 -11.18 -10.87 -23.60
CA CYS I 217 -11.78 -9.86 -22.76
C CYS I 217 -13.26 -9.74 -23.08
N THR I 218 -14.02 -9.22 -22.13
CA THR I 218 -15.44 -9.05 -22.32
C THR I 218 -15.73 -7.84 -23.20
N HIS I 219 -16.96 -7.75 -23.68
CA HIS I 219 -17.39 -6.59 -24.44
C HIS I 219 -17.71 -5.42 -23.51
N GLY I 220 -18.11 -4.31 -24.12
CA GLY I 220 -18.31 -3.07 -23.42
C GLY I 220 -19.43 -3.10 -22.39
N ILE I 221 -19.06 -2.87 -21.13
CA ILE I 221 -20.01 -2.81 -20.04
C ILE I 221 -19.96 -1.38 -19.52
N LYS I 222 -20.91 -0.57 -19.92
CA LYS I 222 -21.01 0.75 -19.32
C LYS I 222 -21.63 0.61 -17.94
N PRO I 223 -20.90 0.89 -16.87
CA PRO I 223 -21.45 0.67 -15.53
C PRO I 223 -22.40 1.77 -15.12
N VAL I 224 -23.68 1.46 -15.09
CA VAL I 224 -24.71 2.43 -14.79
C VAL I 224 -25.15 2.28 -13.34
N VAL I 225 -25.59 3.39 -12.76
CA VAL I 225 -26.17 3.39 -11.42
C VAL I 225 -27.63 3.68 -11.61
N SER I 226 -28.45 2.64 -11.72
CA SER I 226 -29.85 2.79 -12.02
C SER I 226 -30.61 1.73 -11.26
N THR I 227 -31.54 2.18 -10.40
CA THR I 227 -32.27 1.25 -9.56
C THR I 227 -33.31 0.50 -10.36
N GLN I 228 -34.35 1.20 -10.79
CA GLN I 228 -35.31 0.68 -11.75
C GLN I 228 -34.98 1.26 -13.11
N LEU I 229 -35.40 0.54 -14.16
CA LEU I 229 -35.25 0.95 -15.56
C LEU I 229 -33.78 1.17 -15.91
N LEU I 230 -33.06 0.04 -15.99
CA LEU I 230 -31.62 0.05 -16.25
C LEU I 230 -31.29 0.71 -17.59
N LEU I 231 -30.31 1.60 -17.57
CA LEU I 231 -30.01 2.49 -18.67
C LEU I 231 -28.79 2.04 -19.45
N ASN I 232 -28.76 2.40 -20.73
CA ASN I 232 -27.62 2.24 -21.64
C ASN I 232 -27.15 0.79 -21.75
N GLY I 233 -28.06 -0.16 -21.60
CA GLY I 233 -27.68 -1.55 -21.53
C GLY I 233 -27.38 -2.15 -22.87
N SER I 234 -27.30 -3.48 -22.89
CA SER I 234 -27.14 -4.24 -24.12
C SER I 234 -28.51 -4.68 -24.58
N LEU I 235 -28.85 -4.34 -25.82
CA LEU I 235 -30.17 -4.65 -26.36
C LEU I 235 -30.28 -6.13 -26.67
N ALA I 236 -31.50 -6.64 -26.60
CA ALA I 236 -31.76 -8.03 -26.95
C ALA I 236 -31.68 -8.22 -28.45
N GLU I 237 -31.67 -9.48 -28.89
CA GLU I 237 -31.39 -9.77 -30.29
C GLU I 237 -32.59 -9.48 -31.18
N GLU I 238 -33.65 -10.25 -31.06
CA GLU I 238 -34.81 -10.12 -31.93
C GLU I 238 -36.13 -9.93 -31.21
N GLU I 239 -36.24 -10.33 -29.94
CA GLU I 239 -37.49 -10.21 -29.22
C GLU I 239 -37.18 -9.91 -27.76
N VAL I 240 -38.24 -9.66 -27.00
CA VAL I 240 -38.10 -9.44 -25.57
C VAL I 240 -37.78 -10.77 -24.89
N MET I 241 -36.88 -10.74 -23.92
CA MET I 241 -36.55 -11.91 -23.12
C MET I 241 -36.65 -11.55 -21.64
N ILE I 242 -37.44 -12.32 -20.91
CA ILE I 242 -37.50 -12.26 -19.46
C ILE I 242 -36.61 -13.36 -18.91
N ARG I 243 -35.93 -13.07 -17.80
CA ARG I 243 -35.03 -14.02 -17.17
C ARG I 243 -35.27 -13.98 -15.68
N SER I 244 -35.30 -15.15 -15.05
CA SER I 244 -35.34 -15.24 -13.60
C SER I 244 -34.68 -16.53 -13.15
N GLU I 245 -34.28 -16.55 -11.88
CA GLU I 245 -33.74 -17.78 -11.32
C GLU I 245 -34.84 -18.79 -11.06
N ASN I 246 -35.99 -18.34 -10.56
CA ASN I 246 -37.12 -19.23 -10.32
C ASN I 246 -38.38 -18.40 -10.45
N ILE I 247 -39.22 -18.75 -11.42
CA ILE I 247 -40.37 -17.92 -11.79
C ILE I 247 -41.40 -17.90 -10.67
N THR I 248 -41.67 -19.06 -10.08
CA THR I 248 -42.65 -19.17 -9.01
C THR I 248 -42.17 -18.52 -7.72
N ASN I 249 -40.88 -18.31 -7.57
CA ASN I 249 -40.37 -17.53 -6.45
C ASN I 249 -40.66 -16.06 -6.69
N ASN I 250 -41.46 -15.47 -5.82
CA ASN I 250 -41.73 -14.05 -5.90
C ASN I 250 -40.75 -13.21 -5.10
N ALA I 251 -39.81 -13.84 -4.42
CA ALA I 251 -38.70 -13.11 -3.81
C ALA I 251 -37.53 -12.97 -4.76
N LYS I 252 -37.63 -13.52 -5.96
CA LYS I 252 -36.60 -13.38 -6.99
C LYS I 252 -37.04 -12.34 -7.99
N ASN I 253 -36.15 -11.41 -8.30
CA ASN I 253 -36.45 -10.37 -9.26
C ASN I 253 -36.42 -10.93 -10.68
N ILE I 254 -37.17 -10.30 -11.56
CA ILE I 254 -37.25 -10.71 -12.96
C ILE I 254 -36.58 -9.63 -13.80
N LEU I 255 -35.59 -10.03 -14.58
CA LEU I 255 -34.84 -9.13 -15.44
C LEU I 255 -35.45 -9.19 -16.84
N VAL I 256 -36.00 -8.07 -17.30
CA VAL I 256 -36.62 -7.98 -18.61
C VAL I 256 -35.69 -7.21 -19.51
N GLN I 257 -35.26 -7.82 -20.61
CA GLN I 257 -34.44 -7.13 -21.61
C GLN I 257 -35.19 -7.19 -22.93
N PHE I 258 -35.52 -6.01 -23.47
CA PHE I 258 -36.29 -5.97 -24.71
C PHE I 258 -35.43 -5.52 -25.88
N ASN I 259 -36.00 -5.63 -27.08
CA ASN I 259 -35.24 -5.50 -28.31
C ASN I 259 -34.97 -4.04 -28.65
N THR I 260 -36.01 -3.27 -28.86
CA THR I 260 -35.80 -1.89 -29.25
C THR I 260 -35.72 -1.01 -28.01
N PRO I 261 -34.76 -0.10 -27.93
CA PRO I 261 -34.67 0.76 -26.74
C PRO I 261 -35.73 1.83 -26.74
N VAL I 262 -35.97 2.38 -25.55
CA VAL I 262 -36.87 3.50 -25.38
C VAL I 262 -36.04 4.74 -25.10
N GLN I 263 -36.19 5.77 -25.93
CA GLN I 263 -35.47 7.01 -25.73
C GLN I 263 -36.10 7.78 -24.58
N ILE I 264 -35.30 8.19 -23.60
CA ILE I 264 -35.79 8.96 -22.46
C ILE I 264 -34.95 10.23 -22.35
N ASN I 265 -35.62 11.37 -22.27
CA ASN I 265 -34.95 12.65 -22.08
C ASN I 265 -35.13 13.10 -20.65
N CYS I 266 -34.09 13.68 -20.07
CA CYS I 266 -34.17 14.10 -18.68
C CYS I 266 -33.46 15.42 -18.52
N THR I 267 -34.05 16.34 -17.75
CA THR I 267 -33.42 17.63 -17.60
C THR I 267 -33.82 18.31 -16.29
N ARG I 268 -32.88 19.11 -15.80
CA ARG I 268 -33.16 20.18 -14.86
C ARG I 268 -33.10 21.49 -15.61
N PRO I 269 -34.20 22.24 -15.67
CA PRO I 269 -34.22 23.49 -16.42
C PRO I 269 -33.79 24.71 -15.63
N ASN I 270 -33.43 24.55 -14.36
CA ASN I 270 -33.03 25.69 -13.56
C ASN I 270 -31.58 26.04 -13.83
N ASN I 271 -31.31 27.30 -14.15
CA ASN I 271 -29.96 27.79 -14.37
C ASN I 271 -29.36 28.17 -13.02
N ASN I 272 -28.32 27.45 -12.60
CA ASN I 272 -27.72 27.64 -11.29
C ASN I 272 -26.37 28.32 -11.40
N THR I 273 -25.90 28.82 -10.25
CA THR I 273 -24.63 29.53 -10.15
C THR I 273 -23.77 28.81 -9.13
N ARG I 274 -22.65 28.23 -9.58
CA ARG I 274 -21.71 27.64 -8.65
C ARG I 274 -20.95 28.73 -7.92
N LYS I 275 -20.95 28.68 -6.59
CA LYS I 275 -20.22 29.65 -5.78
C LYS I 275 -19.21 28.90 -4.93
N SER I 276 -17.98 29.39 -4.91
CA SER I 276 -16.93 28.80 -4.08
C SER I 276 -16.88 29.50 -2.74
N ILE I 277 -16.71 28.71 -1.68
CA ILE I 277 -16.49 29.22 -0.34
C ILE I 277 -15.16 28.65 0.14
N ARG I 278 -14.32 29.49 0.70
CA ARG I 278 -13.02 29.06 1.20
C ARG I 278 -13.21 28.52 2.61
N ILE I 279 -13.08 27.20 2.77
CA ILE I 279 -13.17 26.60 4.09
C ILE I 279 -11.92 26.89 4.89
N GLY I 280 -10.77 26.56 4.30
CA GLY I 280 -9.48 26.80 4.93
C GLY I 280 -8.39 26.87 3.88
N PRO I 281 -7.17 26.55 4.28
CA PRO I 281 -6.07 26.49 3.31
C PRO I 281 -6.22 25.36 2.31
N GLY I 282 -6.42 25.72 1.05
CA GLY I 282 -6.58 24.73 0.00
C GLY I 282 -7.86 23.94 0.08
N GLN I 283 -8.89 24.50 0.72
CA GLN I 283 -10.16 23.80 0.93
C GLN I 283 -11.27 24.65 0.34
N ALA I 284 -11.95 24.11 -0.67
CA ALA I 284 -12.98 24.85 -1.38
C ALA I 284 -14.29 24.08 -1.32
N PHE I 285 -15.36 24.79 -0.96
CA PHE I 285 -16.69 24.22 -0.86
C PHE I 285 -17.58 24.84 -1.92
N TYR I 286 -18.16 24.00 -2.78
CA TYR I 286 -18.92 24.47 -3.93
C TYR I 286 -20.41 24.38 -3.63
N ALA I 287 -21.05 25.52 -3.48
CA ALA I 287 -22.46 25.61 -3.14
C ALA I 287 -23.24 26.29 -4.25
N THR I 288 -24.55 26.35 -4.06
CA THR I 288 -25.46 26.96 -5.02
C THR I 288 -25.59 28.45 -4.77
N GLY I 289 -25.55 29.23 -5.85
CA GLY I 289 -25.57 30.67 -5.74
C GLY I 289 -26.93 31.27 -6.04
N ASP I 290 -27.13 31.77 -7.24
CA ASP I 290 -28.42 32.27 -7.66
C ASP I 290 -29.05 31.36 -8.70
N ILE I 291 -30.37 31.37 -8.73
CA ILE I 291 -31.15 30.59 -9.69
C ILE I 291 -31.56 31.54 -10.80
N ILE I 292 -30.90 31.42 -11.96
CA ILE I 292 -31.05 32.41 -13.02
C ILE I 292 -32.30 32.07 -13.81
N GLY I 293 -33.39 32.77 -13.53
CA GLY I 293 -34.60 32.62 -14.30
C GLY I 293 -35.79 32.10 -13.53
N ASP I 294 -36.50 31.13 -14.10
CA ASP I 294 -37.67 30.57 -13.44
C ASP I 294 -37.29 29.36 -12.60
N ILE I 295 -38.02 29.18 -11.51
CA ILE I 295 -37.82 28.07 -10.59
C ILE I 295 -38.77 26.96 -11.03
N ARG I 296 -38.25 25.98 -11.74
CA ARG I 296 -39.06 24.92 -12.29
C ARG I 296 -38.67 23.58 -11.70
N GLN I 297 -39.50 22.57 -11.95
CA GLN I 297 -39.30 21.24 -11.42
C GLN I 297 -38.64 20.36 -12.47
N ALA I 298 -37.55 19.69 -12.06
CA ALA I 298 -36.79 18.85 -12.98
C ALA I 298 -37.58 17.59 -13.32
N HIS I 299 -37.45 17.14 -14.56
CA HIS I 299 -38.38 16.13 -15.05
C HIS I 299 -37.74 15.25 -16.11
N CYS I 300 -38.51 14.29 -16.58
CA CYS I 300 -38.10 13.41 -17.66
C CYS I 300 -39.30 13.13 -18.56
N ASN I 301 -38.99 12.74 -19.80
CA ASN I 301 -39.99 12.42 -20.81
C ASN I 301 -39.67 11.09 -21.45
N VAL I 302 -40.70 10.28 -21.68
CA VAL I 302 -40.63 9.18 -22.62
C VAL I 302 -41.74 9.35 -23.65
N SER I 303 -41.59 8.66 -24.78
CA SER I 303 -42.63 8.66 -25.80
C SER I 303 -43.77 7.76 -25.35
N LYS I 304 -44.99 8.25 -25.55
CA LYS I 304 -46.17 7.51 -25.11
C LYS I 304 -46.37 6.24 -25.94
N ALA I 305 -46.27 6.36 -27.26
CA ALA I 305 -46.63 5.25 -28.15
C ALA I 305 -45.61 4.13 -28.05
N THR I 306 -44.31 4.46 -27.99
CA THR I 306 -43.31 3.42 -27.86
C THR I 306 -43.36 2.76 -26.49
N TRP I 307 -43.77 3.51 -25.46
CA TRP I 307 -43.90 2.90 -24.14
C TRP I 307 -45.07 1.93 -24.11
N ASN I 308 -46.20 2.31 -24.70
CA ASN I 308 -47.33 1.40 -24.78
C ASN I 308 -47.03 0.19 -25.64
N GLU I 309 -46.26 0.37 -26.72
CA GLU I 309 -45.88 -0.73 -27.58
C GLU I 309 -44.94 -1.70 -26.88
N THR I 310 -43.94 -1.18 -26.18
CA THR I 310 -43.01 -2.04 -25.47
C THR I 310 -43.66 -2.73 -24.29
N LEU I 311 -44.64 -2.09 -23.66
CA LEU I 311 -45.39 -2.79 -22.62
C LEU I 311 -46.26 -3.89 -23.20
N GLY I 312 -46.79 -3.68 -24.41
CA GLY I 312 -47.46 -4.77 -25.10
C GLY I 312 -46.52 -5.91 -25.44
N LYS I 313 -45.27 -5.59 -25.78
CA LYS I 313 -44.27 -6.60 -26.07
C LYS I 313 -43.93 -7.42 -24.84
N VAL I 314 -43.74 -6.76 -23.70
CA VAL I 314 -43.38 -7.50 -22.50
C VAL I 314 -44.59 -8.25 -21.94
N VAL I 315 -45.81 -7.79 -22.26
CA VAL I 315 -46.99 -8.57 -21.89
C VAL I 315 -47.09 -9.82 -22.74
N LYS I 316 -46.82 -9.69 -24.03
CA LYS I 316 -46.82 -10.83 -24.95
C LYS I 316 -45.78 -11.86 -24.56
N GLN I 317 -44.62 -11.40 -24.08
CA GLN I 317 -43.61 -12.35 -23.62
C GLN I 317 -43.90 -12.88 -22.22
N LEU I 318 -44.57 -12.10 -21.38
CA LEU I 318 -44.88 -12.54 -20.03
C LEU I 318 -45.99 -13.56 -19.98
N ARG I 319 -46.84 -13.61 -21.01
CA ARG I 319 -47.86 -14.64 -20.99
C ARG I 319 -47.33 -16.03 -21.32
N LYS I 320 -46.06 -16.18 -21.69
CA LYS I 320 -45.52 -17.51 -21.94
C LYS I 320 -45.26 -18.28 -20.65
N HIS I 321 -45.06 -17.57 -19.54
CA HIS I 321 -44.73 -18.23 -18.29
C HIS I 321 -45.92 -18.42 -17.36
N PHE I 322 -47.09 -17.85 -17.69
CA PHE I 322 -48.24 -17.94 -16.80
C PHE I 322 -49.53 -18.35 -17.53
N GLY I 323 -49.42 -18.89 -18.73
CA GLY I 323 -50.60 -19.23 -19.51
C GLY I 323 -51.19 -18.02 -20.21
N ASN I 324 -52.05 -18.29 -21.18
CA ASN I 324 -52.57 -17.21 -22.02
C ASN I 324 -53.67 -16.42 -21.30
N ASN I 325 -54.60 -17.12 -20.66
CA ASN I 325 -55.75 -16.45 -20.05
C ASN I 325 -55.37 -15.93 -18.66
N THR I 326 -54.52 -14.92 -18.66
CA THR I 326 -54.03 -14.31 -17.43
C THR I 326 -54.09 -12.80 -17.59
N ILE I 327 -54.59 -12.12 -16.56
CA ILE I 327 -54.76 -10.67 -16.59
C ILE I 327 -53.55 -10.05 -15.93
N ILE I 328 -52.78 -9.26 -16.68
CA ILE I 328 -51.52 -8.72 -16.17
C ILE I 328 -51.66 -7.21 -16.00
N ARG I 329 -51.42 -6.71 -14.80
CA ARG I 329 -51.47 -5.28 -14.56
C ARG I 329 -50.14 -4.79 -14.00
N PHE I 330 -49.86 -3.51 -14.24
CA PHE I 330 -48.65 -2.86 -13.79
C PHE I 330 -49.04 -1.74 -12.83
N ALA I 331 -48.58 -1.85 -11.59
CA ALA I 331 -48.80 -0.86 -10.56
C ALA I 331 -47.45 -0.41 -10.00
N ASN I 332 -47.49 0.69 -9.28
CA ASN I 332 -46.26 1.38 -8.92
C ASN I 332 -45.57 0.67 -7.75
N SER I 333 -44.44 1.24 -7.33
CA SER I 333 -43.68 0.65 -6.25
C SER I 333 -44.40 0.82 -4.93
N SER I 334 -44.18 -0.13 -4.02
CA SER I 334 -45.02 -0.22 -2.84
C SER I 334 -44.54 0.66 -1.69
N GLY I 335 -43.25 0.78 -1.48
CA GLY I 335 -42.74 1.61 -0.40
C GLY I 335 -41.41 1.13 0.12
N GLY I 336 -40.72 2.03 0.78
CA GLY I 336 -39.35 1.83 1.25
C GLY I 336 -38.64 3.17 1.36
N ASP I 337 -37.35 3.15 1.02
CA ASP I 337 -36.58 4.39 1.01
C ASP I 337 -36.84 5.14 -0.28
N LEU I 338 -36.05 6.16 -0.56
CA LEU I 338 -36.29 6.94 -1.76
C LEU I 338 -35.82 6.20 -3.01
N GLU I 339 -34.65 5.60 -2.95
CA GLU I 339 -33.99 5.06 -4.14
C GLU I 339 -34.27 3.59 -4.34
N VAL I 340 -35.45 3.12 -3.96
CA VAL I 340 -35.85 1.75 -4.28
C VAL I 340 -37.30 1.76 -4.71
N THR I 341 -38.01 2.86 -4.42
CA THR I 341 -39.37 3.05 -4.89
C THR I 341 -39.47 3.97 -6.08
N THR I 342 -38.54 4.91 -6.19
CA THR I 342 -38.43 5.78 -7.34
C THR I 342 -37.18 5.34 -8.09
N HIS I 343 -37.10 5.66 -9.37
CA HIS I 343 -35.90 5.26 -10.11
C HIS I 343 -34.86 6.37 -10.07
N SER I 344 -33.64 6.02 -9.68
CA SER I 344 -32.57 6.98 -9.49
C SER I 344 -31.46 6.76 -10.50
N PHE I 345 -30.87 7.86 -10.95
CA PHE I 345 -29.77 7.77 -11.90
C PHE I 345 -28.92 9.02 -11.77
N ASN I 346 -27.85 9.08 -12.56
CA ASN I 346 -26.90 10.19 -12.52
C ASN I 346 -26.74 10.75 -13.93
N CYS I 347 -27.25 11.96 -14.13
CA CYS I 347 -27.22 12.65 -15.41
C CYS I 347 -26.03 13.61 -15.39
N GLY I 348 -24.84 13.04 -15.55
CA GLY I 348 -23.61 13.80 -15.59
C GLY I 348 -23.26 14.49 -14.29
N GLY I 349 -23.03 13.71 -13.24
CA GLY I 349 -22.67 14.29 -11.96
C GLY I 349 -23.81 14.97 -11.25
N GLU I 350 -25.04 14.55 -11.49
CA GLU I 350 -26.20 15.12 -10.81
C GLU I 350 -27.24 14.03 -10.65
N PHE I 351 -27.65 13.78 -9.40
CA PHE I 351 -28.41 12.59 -9.06
C PHE I 351 -29.91 12.89 -9.08
N PHE I 352 -30.60 12.28 -10.03
CA PHE I 352 -32.04 12.44 -10.16
C PHE I 352 -32.76 11.25 -9.54
N TYR I 353 -33.93 11.53 -8.97
CA TYR I 353 -34.81 10.56 -8.32
C TYR I 353 -36.19 10.77 -8.91
N CYS I 354 -36.53 10.05 -9.97
CA CYS I 354 -37.71 10.32 -10.77
C CYS I 354 -38.81 9.32 -10.46
N ASN I 355 -40.05 9.82 -10.45
CA ASN I 355 -41.24 9.06 -10.08
C ASN I 355 -41.71 8.20 -11.24
N THR I 356 -41.90 6.91 -10.99
CA THR I 356 -42.29 5.98 -12.05
C THR I 356 -43.75 5.54 -11.94
N SER I 357 -44.60 6.37 -11.32
CA SER I 357 -46.01 6.04 -11.29
C SER I 357 -46.67 6.18 -12.65
N GLY I 358 -46.18 7.10 -13.48
CA GLY I 358 -46.79 7.32 -14.78
C GLY I 358 -46.50 6.23 -15.78
N LEU I 359 -45.54 5.36 -15.48
CA LEU I 359 -45.19 4.30 -16.41
C LEU I 359 -45.90 2.99 -16.06
N PHE I 360 -45.85 2.58 -14.80
CA PHE I 360 -46.42 1.30 -14.38
C PHE I 360 -47.83 1.55 -13.84
N ASN I 361 -48.76 1.78 -14.76
CA ASN I 361 -50.13 2.16 -14.41
C ASN I 361 -51.12 1.53 -15.39
N SER I 362 -50.93 0.27 -15.73
CA SER I 362 -51.68 -0.29 -16.86
C SER I 362 -52.34 -1.61 -16.49
N THR I 363 -53.21 -2.08 -17.39
CA THR I 363 -53.83 -3.39 -17.27
C THR I 363 -53.96 -4.00 -18.66
N TRP I 364 -53.84 -5.33 -18.74
CA TRP I 364 -53.77 -6.04 -20.00
C TRP I 364 -54.60 -7.31 -19.91
N ILE I 365 -55.60 -7.42 -20.80
CA ILE I 365 -56.57 -8.49 -20.85
C ILE I 365 -56.15 -9.49 -21.92
N SER I 366 -56.65 -10.72 -21.82
CA SER I 366 -56.19 -11.84 -22.64
C SER I 366 -57.02 -12.03 -23.91
N ASN I 367 -57.51 -10.95 -24.50
CA ASN I 367 -58.23 -11.02 -25.77
C ASN I 367 -57.32 -11.44 -26.92
N ASN I 379 -48.11 10.92 -30.64
CA ASN I 379 -47.35 12.16 -30.72
C ASN I 379 -47.06 12.72 -29.34
N ASP I 380 -47.84 12.28 -28.36
CA ASP I 380 -47.70 12.78 -27.00
C ASP I 380 -46.52 12.13 -26.31
N SER I 381 -46.30 12.50 -25.05
CA SER I 381 -45.13 12.05 -24.33
C SER I 381 -45.42 12.07 -22.84
N ILE I 382 -45.14 10.95 -22.17
CA ILE I 382 -45.33 10.88 -20.73
C ILE I 382 -44.22 11.64 -20.04
N THR I 383 -44.60 12.68 -19.31
CA THR I 383 -43.69 13.41 -18.45
C THR I 383 -43.81 12.90 -17.03
N LEU I 384 -42.69 12.82 -16.33
CA LEU I 384 -42.70 12.39 -14.94
C LEU I 384 -41.75 13.27 -14.14
N PRO I 385 -42.16 13.74 -12.97
CA PRO I 385 -41.32 14.64 -12.17
C PRO I 385 -40.23 13.89 -11.43
N CYS I 386 -39.22 14.65 -11.01
CA CYS I 386 -38.07 14.11 -10.31
C CYS I 386 -37.79 14.96 -9.08
N ARG I 387 -36.97 14.41 -8.19
CA ARG I 387 -36.35 15.16 -7.12
C ARG I 387 -34.84 15.13 -7.29
N ILE I 388 -34.18 16.15 -6.73
CA ILE I 388 -32.73 16.29 -6.83
C ILE I 388 -32.16 16.36 -5.41
N LYS I 389 -31.33 15.39 -5.08
CA LYS I 389 -30.63 15.37 -3.80
C LYS I 389 -29.16 15.67 -4.03
N GLN I 390 -28.56 16.38 -3.08
CA GLN I 390 -27.15 16.69 -3.17
C GLN I 390 -26.29 15.73 -2.36
N ILE I 391 -26.76 15.27 -1.21
CA ILE I 391 -26.04 14.28 -0.41
C ILE I 391 -26.70 12.94 -0.60
N ILE I 392 -25.87 11.92 -0.80
CA ILE I 392 -26.32 10.58 -1.15
C ILE I 392 -25.72 9.63 -0.13
N ASN I 393 -26.29 8.44 -0.08
CA ASN I 393 -25.81 7.39 0.81
C ASN I 393 -25.63 6.10 0.02
N MET I 394 -24.91 6.20 -1.10
CA MET I 394 -24.74 5.11 -2.05
C MET I 394 -24.14 3.87 -1.40
N TRP I 395 -24.75 2.73 -1.71
CA TRP I 395 -24.48 1.39 -1.19
C TRP I 395 -24.75 1.25 0.31
N GLN I 396 -25.33 2.27 0.94
CA GLN I 396 -25.84 2.25 2.31
C GLN I 396 -24.77 1.86 3.33
N ARG I 397 -23.62 2.54 3.23
CA ARG I 397 -22.56 2.29 4.19
C ARG I 397 -22.90 2.97 5.51
N ILE I 398 -22.17 2.57 6.56
CA ILE I 398 -22.52 3.05 7.89
C ILE I 398 -21.97 4.45 8.15
N GLY I 399 -20.85 4.80 7.53
CA GLY I 399 -20.22 6.07 7.81
C GLY I 399 -19.67 6.77 6.58
N GLN I 400 -20.28 6.55 5.42
CA GLN I 400 -19.78 7.11 4.18
C GLN I 400 -20.91 7.79 3.42
N CYS I 401 -21.06 9.11 3.61
CA CYS I 401 -21.96 9.88 2.79
C CYS I 401 -21.14 10.72 1.80
N MET I 402 -21.83 11.34 0.84
CA MET I 402 -21.13 12.04 -0.25
C MET I 402 -21.96 13.21 -0.71
N TYR I 403 -21.43 14.42 -0.57
CA TYR I 403 -22.04 15.60 -1.16
C TYR I 403 -21.69 15.66 -2.64
N ALA I 404 -22.61 16.20 -3.43
CA ALA I 404 -22.39 16.37 -4.85
C ALA I 404 -22.41 17.86 -5.19
N PRO I 405 -21.41 18.37 -5.90
CA PRO I 405 -21.38 19.81 -6.16
C PRO I 405 -22.39 20.18 -7.23
N PRO I 406 -22.98 21.36 -7.14
CA PRO I 406 -23.88 21.81 -8.21
C PRO I 406 -23.12 22.11 -9.48
N ILE I 407 -23.79 21.92 -10.60
CA ILE I 407 -23.16 22.08 -11.91
C ILE I 407 -23.89 23.16 -12.69
N GLN I 408 -23.16 23.82 -13.56
CA GLN I 408 -23.65 25.04 -14.19
C GLN I 408 -24.67 24.76 -15.27
N GLY I 409 -25.67 25.63 -15.36
CA GLY I 409 -26.57 25.67 -16.50
C GLY I 409 -27.66 24.61 -16.46
N VAL I 410 -28.54 24.71 -17.44
CA VAL I 410 -29.57 23.72 -17.67
C VAL I 410 -28.92 22.40 -18.06
N ILE I 411 -29.32 21.31 -17.40
CA ILE I 411 -28.65 20.03 -17.57
C ILE I 411 -29.62 19.05 -18.18
N ARG I 412 -29.31 18.57 -19.37
CA ARG I 412 -30.16 17.61 -20.06
C ARG I 412 -29.32 16.43 -20.53
N CYS I 413 -29.97 15.28 -20.61
CA CYS I 413 -29.33 14.05 -21.04
C CYS I 413 -30.34 13.18 -21.75
N VAL I 414 -29.85 12.48 -22.76
CA VAL I 414 -30.63 11.53 -23.53
C VAL I 414 -30.10 10.14 -23.24
N SER I 415 -30.99 9.24 -22.85
CA SER I 415 -30.57 7.88 -22.53
C SER I 415 -31.56 6.91 -23.16
N ASN I 416 -31.20 5.63 -23.10
CA ASN I 416 -32.02 4.56 -23.63
C ASN I 416 -32.38 3.60 -22.50
N ILE I 417 -33.66 3.54 -22.16
CA ILE I 417 -34.18 2.49 -21.29
C ILE I 417 -34.12 1.18 -22.07
N THR I 418 -33.36 0.22 -21.54
CA THR I 418 -33.12 -1.07 -22.16
C THR I 418 -33.89 -2.20 -21.50
N GLY I 419 -33.99 -2.20 -20.17
CA GLY I 419 -34.72 -3.25 -19.50
C GLY I 419 -35.43 -2.86 -18.23
N LEU I 420 -36.03 -3.85 -17.58
CA LEU I 420 -36.80 -3.64 -16.37
C LEU I 420 -36.39 -4.65 -15.32
N ILE I 421 -36.59 -4.27 -14.06
CA ILE I 421 -36.42 -5.17 -12.92
C ILE I 421 -37.76 -5.24 -12.22
N LEU I 422 -38.50 -6.32 -12.47
CA LEU I 422 -39.85 -6.46 -11.95
C LEU I 422 -39.89 -7.46 -10.80
N THR I 423 -41.00 -7.42 -10.07
CA THR I 423 -41.20 -8.29 -8.93
C THR I 423 -42.69 -8.61 -8.86
N ARG I 424 -43.01 -9.90 -8.89
CA ARG I 424 -44.40 -10.31 -8.85
C ARG I 424 -44.91 -10.25 -7.42
N ASP I 425 -46.12 -9.72 -7.25
CA ASP I 425 -46.65 -9.57 -5.92
C ASP I 425 -47.06 -10.91 -5.34
N GLY I 426 -47.23 -10.94 -4.02
CA GLY I 426 -47.45 -12.17 -3.28
C GLY I 426 -48.83 -12.74 -3.46
N GLY I 427 -49.10 -13.20 -4.68
CA GLY I 427 -50.39 -13.73 -5.05
C GLY I 427 -50.72 -15.03 -4.35
N SER I 428 -51.73 -14.99 -3.50
CA SER I 428 -52.36 -16.18 -2.94
C SER I 428 -53.85 -15.92 -2.94
N THR I 429 -54.60 -16.90 -2.44
CA THR I 429 -56.07 -16.88 -2.34
C THR I 429 -56.73 -16.61 -3.69
N ASN I 430 -56.44 -17.51 -4.64
CA ASN I 430 -57.09 -17.64 -5.95
C ASN I 430 -56.93 -16.36 -6.77
N SER I 431 -55.67 -16.05 -7.04
CA SER I 431 -55.31 -14.89 -7.83
C SER I 431 -55.60 -15.15 -9.30
N THR I 432 -56.63 -14.51 -9.83
CA THR I 432 -56.87 -14.58 -11.28
C THR I 432 -55.90 -13.68 -12.03
N THR I 433 -55.50 -12.56 -11.45
CA THR I 433 -54.57 -11.63 -12.07
C THR I 433 -53.19 -11.81 -11.45
N GLU I 434 -52.19 -11.26 -12.12
CA GLU I 434 -50.83 -11.24 -11.60
C GLU I 434 -50.24 -9.87 -11.86
N THR I 435 -49.92 -9.15 -10.79
CA THR I 435 -49.41 -7.81 -10.91
C THR I 435 -47.89 -7.82 -10.78
N PHE I 436 -47.26 -6.80 -11.35
CA PHE I 436 -45.81 -6.67 -11.35
C PHE I 436 -45.46 -5.27 -10.89
N ARG I 437 -44.59 -5.20 -9.90
CA ARG I 437 -44.13 -3.90 -9.45
C ARG I 437 -42.66 -3.70 -9.82
N PRO I 438 -42.23 -2.46 -10.04
CA PRO I 438 -40.80 -2.22 -10.19
C PRO I 438 -40.09 -2.25 -8.84
N GLY I 439 -38.81 -2.61 -8.88
CA GLY I 439 -37.99 -2.57 -7.69
C GLY I 439 -36.52 -2.82 -7.97
N GLY I 440 -35.66 -1.91 -7.53
CA GLY I 440 -34.24 -2.06 -7.77
C GLY I 440 -33.58 -3.02 -6.79
N GLY I 441 -33.63 -2.68 -5.52
CA GLY I 441 -33.05 -3.55 -4.50
C GLY I 441 -31.54 -3.53 -4.58
N ASP I 442 -30.96 -4.71 -4.74
CA ASP I 442 -29.52 -4.81 -4.89
C ASP I 442 -29.08 -4.23 -6.23
N MET I 443 -27.88 -3.67 -6.23
CA MET I 443 -27.29 -3.19 -7.47
C MET I 443 -26.81 -4.33 -8.36
N ARG I 444 -26.69 -5.55 -7.80
CA ARG I 444 -26.14 -6.67 -8.56
C ARG I 444 -27.06 -7.12 -9.67
N ASP I 445 -28.36 -6.82 -9.56
CA ASP I 445 -29.29 -7.11 -10.64
C ASP I 445 -28.96 -6.29 -11.89
N ASN I 446 -28.40 -5.09 -11.73
CA ASN I 446 -27.96 -4.34 -12.89
C ASN I 446 -26.76 -4.98 -13.55
N TRP I 447 -25.84 -5.51 -12.77
CA TRP I 447 -24.63 -6.07 -13.34
C TRP I 447 -24.86 -7.45 -13.93
N ARG I 448 -25.91 -8.13 -13.49
CA ARG I 448 -26.20 -9.44 -14.05
C ARG I 448 -26.85 -9.35 -15.43
N SER I 449 -27.36 -8.19 -15.82
CA SER I 449 -27.92 -8.02 -17.15
C SER I 449 -26.86 -7.80 -18.21
N GLU I 450 -25.59 -7.70 -17.82
CA GLU I 450 -24.49 -7.52 -18.75
C GLU I 450 -23.50 -8.65 -18.72
N LEU I 451 -23.34 -9.33 -17.59
CA LEU I 451 -22.47 -10.49 -17.49
C LEU I 451 -23.24 -11.79 -17.52
N TYR I 452 -24.43 -11.78 -18.12
CA TYR I 452 -25.21 -13.00 -18.19
C TYR I 452 -24.67 -13.96 -19.24
N LYS I 453 -23.98 -13.44 -20.24
CA LYS I 453 -23.44 -14.32 -21.29
C LYS I 453 -22.19 -15.03 -20.82
N TYR I 454 -21.32 -14.33 -20.10
CA TYR I 454 -19.96 -14.81 -19.87
C TYR I 454 -19.88 -15.77 -18.69
N LYS I 455 -18.88 -16.64 -18.75
CA LYS I 455 -18.48 -17.46 -17.61
C LYS I 455 -16.97 -17.62 -17.66
N VAL I 456 -16.38 -17.99 -16.52
CA VAL I 456 -14.93 -18.02 -16.35
C VAL I 456 -14.50 -19.46 -16.10
N VAL I 457 -13.58 -19.97 -16.91
CA VAL I 457 -13.12 -21.34 -16.77
C VAL I 457 -11.60 -21.39 -16.70
N LYS I 458 -11.10 -22.43 -16.06
CA LYS I 458 -9.68 -22.64 -15.85
C LYS I 458 -9.19 -23.70 -16.82
N ILE I 459 -8.18 -23.33 -17.62
CA ILE I 459 -7.59 -24.25 -18.57
C ILE I 459 -6.63 -25.17 -17.82
N GLU I 460 -6.87 -26.46 -17.91
CA GLU I 460 -6.00 -27.46 -17.30
C GLU I 460 -5.43 -28.35 -18.39
N PRO I 461 -4.17 -28.19 -18.75
CA PRO I 461 -3.55 -29.09 -19.72
C PRO I 461 -3.23 -30.45 -19.14
N LEU I 462 -2.45 -31.23 -19.91
CA LEU I 462 -1.96 -32.55 -19.52
C LEU I 462 -3.12 -33.54 -19.33
N GLY I 463 -3.76 -33.86 -20.45
CA GLY I 463 -4.63 -35.01 -20.49
C GLY I 463 -3.85 -36.31 -20.59
N VAL I 464 -4.58 -37.42 -20.46
CA VAL I 464 -3.97 -38.75 -20.41
C VAL I 464 -4.89 -39.71 -21.15
N ALA I 465 -4.32 -40.51 -22.04
CA ALA I 465 -5.11 -41.40 -22.88
C ALA I 465 -4.25 -42.56 -23.33
N PRO I 466 -4.84 -43.74 -23.57
CA PRO I 466 -4.01 -44.84 -24.09
C PRO I 466 -3.88 -44.82 -25.61
N THR I 467 -2.71 -45.27 -26.07
CA THR I 467 -2.51 -45.65 -27.47
C THR I 467 -1.61 -46.86 -27.51
N ARG I 468 -1.39 -47.38 -28.71
CA ARG I 468 -0.59 -48.58 -28.93
C ARG I 468 0.84 -48.18 -29.30
N CYS I 469 1.54 -47.61 -28.32
CA CYS I 469 2.95 -47.33 -28.46
C CYS I 469 3.62 -47.40 -27.10
N LYS I 470 4.57 -48.33 -26.94
CA LYS I 470 5.38 -48.47 -25.73
C LYS I 470 6.75 -47.87 -26.02
N ARG I 471 7.35 -47.26 -25.00
CA ARG I 471 8.61 -46.54 -25.19
C ARG I 471 9.76 -47.51 -25.44
N ARG I 472 10.52 -47.26 -26.50
CA ARG I 472 11.76 -47.95 -26.74
C ARG I 472 12.80 -47.52 -25.71
N VAL I 473 13.42 -48.48 -25.03
CA VAL I 473 14.48 -48.17 -24.07
C VAL I 473 15.79 -47.95 -24.79
N ALA J 1 1.40 -17.25 -54.70
CA ALA J 1 0.02 -17.18 -55.16
C ALA J 1 -0.66 -15.89 -54.73
N VAL J 2 -1.02 -15.04 -55.70
CA VAL J 2 -1.84 -13.89 -55.38
C VAL J 2 -3.28 -14.35 -55.14
N GLY J 3 -4.02 -13.57 -54.36
CA GLY J 3 -5.28 -14.08 -53.86
C GLY J 3 -5.04 -15.21 -52.89
N ILE J 4 -4.57 -14.90 -51.69
CA ILE J 4 -4.29 -15.91 -50.67
C ILE J 4 -5.09 -15.56 -49.42
N GLY J 5 -5.98 -16.48 -49.02
CA GLY J 5 -6.77 -16.32 -47.81
C GLY J 5 -6.07 -16.89 -46.60
N ALA J 6 -6.81 -16.96 -45.49
CA ALA J 6 -6.32 -17.47 -44.20
C ALA J 6 -7.44 -17.71 -43.21
N VAL J 7 -7.43 -18.83 -42.49
CA VAL J 7 -8.21 -18.99 -41.27
C VAL J 7 -7.23 -18.94 -40.09
N PHE J 8 -7.55 -18.07 -39.13
CA PHE J 8 -6.65 -17.77 -38.03
C PHE J 8 -6.99 -18.77 -36.94
N LEU J 9 -6.33 -19.93 -36.98
CA LEU J 9 -6.67 -21.01 -36.06
C LEU J 9 -6.18 -20.63 -34.66
N GLY J 10 -7.08 -20.02 -33.90
CA GLY J 10 -6.71 -19.33 -32.68
C GLY J 10 -6.57 -20.25 -31.48
N PHE J 11 -6.36 -19.63 -30.34
CA PHE J 11 -6.23 -20.34 -29.08
C PHE J 11 -7.57 -20.94 -28.67
N LEU J 12 -7.53 -22.19 -28.19
CA LEU J 12 -8.68 -22.97 -27.74
C LEU J 12 -9.73 -23.13 -28.85
N GLY J 13 -9.36 -23.89 -29.87
CA GLY J 13 -10.25 -24.02 -31.01
C GLY J 13 -10.59 -25.44 -31.41
N ALA J 14 -10.22 -26.42 -30.60
CA ALA J 14 -10.53 -27.81 -30.91
C ALA J 14 -11.23 -28.51 -29.76
N ALA J 15 -12.14 -27.79 -29.10
CA ALA J 15 -12.80 -28.32 -27.91
C ALA J 15 -13.75 -29.46 -28.28
N GLY J 16 -14.75 -29.17 -29.10
CA GLY J 16 -15.70 -30.19 -29.47
C GLY J 16 -15.20 -31.23 -30.45
N SER J 17 -14.03 -31.00 -31.03
CA SER J 17 -13.47 -31.90 -32.03
C SER J 17 -12.98 -33.19 -31.37
N THR J 18 -12.64 -34.16 -32.21
CA THR J 18 -12.12 -35.41 -31.71
C THR J 18 -10.69 -35.23 -31.22
N MET J 19 -10.21 -36.25 -30.50
CA MET J 19 -8.87 -36.30 -29.93
C MET J 19 -7.77 -36.09 -30.98
N GLY J 20 -7.87 -36.82 -32.09
CA GLY J 20 -6.88 -36.72 -33.14
C GLY J 20 -6.90 -35.40 -33.89
N ALA J 21 -8.01 -34.66 -33.80
CA ALA J 21 -8.03 -33.31 -34.33
C ALA J 21 -7.28 -32.35 -33.43
N ALA J 22 -7.51 -32.46 -32.12
CA ALA J 22 -6.88 -31.56 -31.17
C ALA J 22 -5.39 -31.87 -30.96
N SER J 23 -4.97 -33.09 -31.29
CA SER J 23 -3.57 -33.49 -31.15
C SER J 23 -2.64 -32.70 -32.07
N MET J 24 -3.18 -32.16 -33.17
CA MET J 24 -2.32 -31.33 -34.01
C MET J 24 -2.20 -29.93 -33.43
N THR J 25 -3.31 -29.36 -32.98
CA THR J 25 -3.29 -27.96 -32.58
C THR J 25 -2.89 -27.71 -31.13
N LEU J 26 -2.68 -28.77 -30.33
CA LEU J 26 -2.40 -28.59 -28.89
C LEU J 26 -1.17 -27.72 -28.59
N THR J 27 -0.24 -27.63 -29.55
CA THR J 27 1.01 -26.93 -29.30
C THR J 27 0.79 -25.43 -29.13
N VAL J 28 -0.14 -24.87 -29.91
CA VAL J 28 -0.42 -23.45 -29.79
C VAL J 28 -1.22 -23.17 -28.52
N GLN J 29 -2.06 -24.11 -28.10
CA GLN J 29 -2.76 -23.95 -26.84
C GLN J 29 -1.79 -24.01 -25.66
N ALA J 30 -0.76 -24.83 -25.77
CA ALA J 30 0.29 -24.82 -24.75
C ALA J 30 1.08 -23.52 -24.79
N ARG J 31 1.29 -22.97 -25.99
CA ARG J 31 2.06 -21.74 -26.11
C ARG J 31 1.31 -20.54 -25.52
N ASN J 32 0.00 -20.49 -25.71
CA ASN J 32 -0.73 -19.32 -25.25
C ASN J 32 -1.06 -19.35 -23.77
N LEU J 33 -0.68 -20.41 -23.06
CA LEU J 33 -1.06 -20.64 -21.67
C LEU J 33 -0.37 -19.70 -20.69
N LEU J 34 0.73 -19.06 -21.10
CA LEU J 34 1.72 -18.50 -20.21
C LEU J 34 1.67 -16.98 -20.05
N SER J 35 1.57 -16.23 -21.15
CA SER J 35 1.95 -14.81 -21.11
C SER J 35 0.87 -13.91 -20.52
N GLY J 36 -0.27 -13.81 -21.18
CA GLY J 36 -1.31 -12.91 -20.73
C GLY J 36 -0.96 -11.44 -20.88
N THR J 58 -3.79 1.97 -6.05
CA THR J 58 -2.48 1.33 -6.08
C THR J 58 -2.57 -0.16 -5.75
N VAL J 59 -3.76 -0.61 -5.37
CA VAL J 59 -3.94 -2.02 -5.03
C VAL J 59 -4.19 -2.90 -6.24
N TRP J 60 -4.51 -2.30 -7.38
CA TRP J 60 -4.87 -3.08 -8.57
C TRP J 60 -3.65 -3.76 -9.18
N GLY J 61 -2.49 -3.11 -9.07
CA GLY J 61 -1.25 -3.76 -9.44
C GLY J 61 -0.96 -4.98 -8.58
N ILE J 62 -1.37 -4.93 -7.31
CA ILE J 62 -1.18 -6.07 -6.43
C ILE J 62 -2.08 -7.22 -6.84
N LYS J 63 -3.29 -6.91 -7.29
CA LYS J 63 -4.20 -7.96 -7.76
C LYS J 63 -3.68 -8.58 -9.05
N GLN J 64 -3.29 -7.74 -10.02
CA GLN J 64 -2.77 -8.26 -11.28
C GLN J 64 -1.45 -9.00 -11.06
N LEU J 65 -0.65 -8.57 -10.09
CA LEU J 65 0.57 -9.28 -9.73
C LEU J 65 0.25 -10.64 -9.13
N GLN J 66 -0.76 -10.69 -8.26
CA GLN J 66 -1.16 -11.96 -7.67
C GLN J 66 -1.69 -12.92 -8.72
N ALA J 67 -2.46 -12.40 -9.68
CA ALA J 67 -2.95 -13.23 -10.77
C ALA J 67 -1.80 -13.72 -11.66
N ARG J 68 -0.82 -12.85 -11.92
CA ARG J 68 0.27 -13.24 -12.80
C ARG J 68 1.17 -14.28 -12.13
N VAL J 69 1.45 -14.12 -10.84
CA VAL J 69 2.30 -15.11 -10.19
C VAL J 69 1.53 -16.38 -9.92
N LEU J 70 0.20 -16.31 -9.83
CA LEU J 70 -0.61 -17.52 -9.80
C LEU J 70 -0.48 -18.30 -11.10
N ALA J 71 -0.50 -17.59 -12.22
CA ALA J 71 -0.36 -18.23 -13.53
C ALA J 71 0.99 -18.91 -13.68
N VAL J 72 2.05 -18.26 -13.20
CA VAL J 72 3.34 -18.95 -13.28
C VAL J 72 3.47 -20.04 -12.21
N GLU J 73 2.74 -19.94 -11.10
CA GLU J 73 2.72 -21.03 -10.12
C GLU J 73 2.11 -22.28 -10.74
N ARG J 74 1.03 -22.09 -11.48
CA ARG J 74 0.37 -23.19 -12.18
C ARG J 74 1.28 -23.77 -13.27
N TYR J 75 1.92 -22.90 -14.06
CA TYR J 75 2.77 -23.39 -15.15
C TYR J 75 3.98 -24.14 -14.63
N LEU J 76 4.56 -23.65 -13.55
CA LEU J 76 5.71 -24.34 -12.99
C LEU J 76 5.30 -25.63 -12.30
N ARG J 77 4.11 -25.66 -11.70
CA ARG J 77 3.60 -26.91 -11.14
C ARG J 77 3.43 -27.96 -12.21
N ASP J 78 2.90 -27.55 -13.37
CA ASP J 78 2.68 -28.52 -14.44
C ASP J 78 4.00 -28.97 -15.06
N GLN J 79 4.95 -28.06 -15.19
CA GLN J 79 6.26 -28.44 -15.73
C GLN J 79 6.99 -29.39 -14.78
N GLN J 80 6.87 -29.16 -13.46
CA GLN J 80 7.50 -30.08 -12.51
C GLN J 80 6.81 -31.43 -12.51
N LEU J 81 5.47 -31.43 -12.60
CA LEU J 81 4.72 -32.67 -12.56
C LEU J 81 4.99 -33.50 -13.81
N LEU J 82 5.25 -32.84 -14.93
CA LEU J 82 5.67 -33.56 -16.11
C LEU J 82 7.10 -34.04 -15.97
N GLY J 83 7.96 -33.24 -15.33
CA GLY J 83 9.38 -33.52 -15.37
C GLY J 83 9.80 -34.76 -14.58
N ILE J 84 9.07 -35.08 -13.52
CA ILE J 84 9.35 -36.31 -12.79
C ILE J 84 8.85 -37.53 -13.55
N TRP J 85 8.04 -37.34 -14.58
CA TRP J 85 7.63 -38.44 -15.42
C TRP J 85 8.65 -38.62 -16.54
N GLY J 86 8.32 -39.43 -17.54
CA GLY J 86 9.23 -39.85 -18.57
C GLY J 86 9.64 -38.82 -19.58
N CYS J 87 9.13 -37.59 -19.50
CA CYS J 87 9.49 -36.57 -20.46
C CYS J 87 9.75 -35.25 -19.73
N SER J 88 10.76 -34.52 -20.20
CA SER J 88 11.18 -33.29 -19.56
C SER J 88 10.42 -32.08 -20.10
N GLY J 89 10.44 -31.90 -21.42
CA GLY J 89 9.80 -30.76 -22.03
C GLY J 89 9.01 -31.08 -23.27
N LYS J 90 8.99 -32.35 -23.65
CA LYS J 90 8.21 -32.78 -24.80
C LYS J 90 6.72 -32.69 -24.50
N LEU J 91 5.91 -32.64 -25.56
CA LEU J 91 4.47 -32.53 -25.42
C LEU J 91 3.76 -33.85 -25.64
N ILE J 92 4.38 -34.79 -26.33
CA ILE J 92 3.86 -36.14 -26.52
C ILE J 92 4.82 -37.08 -25.83
N CYS J 93 4.30 -38.02 -25.06
CA CYS J 93 5.14 -38.81 -24.17
C CYS J 93 4.57 -40.20 -24.02
N CYS J 94 5.34 -41.20 -24.46
CA CYS J 94 5.02 -42.60 -24.22
C CYS J 94 5.81 -43.10 -23.02
N THR J 95 5.20 -43.97 -22.25
CA THR J 95 5.85 -44.55 -21.08
C THR J 95 5.75 -46.07 -21.12
N ASN J 96 6.12 -46.73 -20.03
CA ASN J 96 6.19 -48.19 -20.00
C ASN J 96 5.16 -48.76 -19.05
N VAL J 97 4.10 -48.03 -18.80
CA VAL J 97 3.02 -48.48 -17.92
C VAL J 97 1.85 -48.91 -18.80
N PRO J 98 1.39 -50.15 -18.69
CA PRO J 98 0.30 -50.59 -19.57
C PRO J 98 -1.03 -50.02 -19.11
N TRP J 99 -1.89 -49.76 -20.08
CA TRP J 99 -3.21 -49.20 -19.80
C TRP J 99 -4.09 -50.26 -19.17
N ASN J 100 -4.44 -50.07 -17.90
CA ASN J 100 -5.34 -50.98 -17.22
C ASN J 100 -6.73 -50.90 -17.82
N SER J 101 -7.22 -52.04 -18.31
CA SER J 101 -8.50 -52.05 -19.01
C SER J 101 -9.67 -51.87 -18.05
N SER J 102 -9.47 -52.13 -16.77
CA SER J 102 -10.52 -51.96 -15.78
C SER J 102 -10.92 -50.51 -15.57
N TRP J 103 -10.10 -49.55 -16.01
CA TRP J 103 -10.42 -48.14 -15.85
C TRP J 103 -11.58 -47.74 -16.76
N SER J 104 -11.45 -47.94 -18.07
CA SER J 104 -12.44 -47.43 -19.00
C SER J 104 -12.94 -48.43 -20.04
N ASN J 105 -12.21 -49.52 -20.31
CA ASN J 105 -12.55 -50.65 -21.19
C ASN J 105 -13.22 -50.26 -22.52
N ARG J 106 -12.71 -49.20 -23.15
CA ARG J 106 -13.17 -48.74 -24.46
C ARG J 106 -12.00 -48.79 -25.43
N ASN J 107 -12.23 -49.34 -26.62
CA ASN J 107 -11.12 -49.62 -27.51
C ASN J 107 -10.66 -48.40 -28.29
N LEU J 108 -9.73 -48.61 -29.24
CA LEU J 108 -8.90 -47.52 -29.76
C LEU J 108 -9.69 -46.58 -30.64
N SER J 109 -10.50 -47.13 -31.56
CA SER J 109 -11.18 -46.33 -32.56
C SER J 109 -12.22 -45.41 -31.95
N GLU J 110 -13.02 -45.91 -31.01
CA GLU J 110 -14.10 -45.10 -30.45
C GLU J 110 -13.58 -43.98 -29.57
N ILE J 111 -12.41 -44.15 -28.95
CA ILE J 111 -11.82 -43.09 -28.14
C ILE J 111 -10.91 -42.18 -28.94
N TRP J 112 -10.53 -42.58 -30.15
CA TRP J 112 -9.65 -41.77 -30.97
C TRP J 112 -10.39 -41.08 -32.12
N ASP J 113 -11.65 -41.42 -32.37
CA ASP J 113 -12.38 -40.86 -33.49
C ASP J 113 -13.68 -40.19 -33.07
N ASN J 114 -14.34 -40.76 -32.06
CA ASN J 114 -15.68 -40.33 -31.69
C ASN J 114 -15.69 -39.39 -30.49
N MET J 115 -15.00 -39.77 -29.42
CA MET J 115 -15.16 -39.11 -28.14
C MET J 115 -14.49 -37.75 -28.13
N THR J 116 -15.08 -36.82 -27.40
CA THR J 116 -14.54 -35.49 -27.28
C THR J 116 -13.60 -35.44 -26.08
N TRP J 117 -13.12 -34.24 -25.73
CA TRP J 117 -12.15 -34.17 -24.64
C TRP J 117 -12.83 -34.02 -23.29
N LEU J 118 -13.83 -33.15 -23.18
CA LEU J 118 -14.51 -32.97 -21.90
C LEU J 118 -15.24 -34.25 -21.47
N GLN J 119 -15.79 -34.97 -22.44
CA GLN J 119 -16.33 -36.30 -22.20
C GLN J 119 -15.27 -37.27 -21.68
N TRP J 120 -14.08 -37.24 -22.28
CA TRP J 120 -12.99 -38.09 -21.83
C TRP J 120 -12.50 -37.69 -20.44
N ASP J 121 -12.58 -36.41 -20.10
CA ASP J 121 -12.25 -35.97 -18.76
C ASP J 121 -13.25 -36.49 -17.75
N LYS J 122 -14.54 -36.37 -18.05
CA LYS J 122 -15.56 -36.84 -17.13
C LYS J 122 -15.75 -38.34 -17.16
N GLU J 123 -15.04 -39.07 -18.03
CA GLU J 123 -15.13 -40.52 -18.01
C GLU J 123 -14.15 -41.17 -17.05
N ILE J 124 -12.95 -40.61 -16.91
CA ILE J 124 -11.93 -41.24 -16.07
C ILE J 124 -11.39 -40.29 -15.02
N SER J 125 -12.27 -39.45 -14.48
CA SER J 125 -11.88 -38.50 -13.44
C SER J 125 -11.79 -39.13 -12.05
N ASN J 126 -11.70 -40.46 -11.94
CA ASN J 126 -11.57 -41.14 -10.67
C ASN J 126 -10.22 -41.82 -10.48
N TYR J 127 -9.62 -42.33 -11.56
CA TYR J 127 -8.35 -43.04 -11.48
C TYR J 127 -7.16 -42.19 -11.90
N THR J 128 -7.29 -40.86 -11.86
CA THR J 128 -6.24 -39.99 -12.36
C THR J 128 -4.99 -40.05 -11.47
N GLN J 129 -5.19 -39.99 -10.15
CA GLN J 129 -4.08 -40.03 -9.22
C GLN J 129 -3.35 -41.36 -9.27
N ILE J 130 -4.10 -42.45 -9.48
CA ILE J 130 -3.48 -43.77 -9.61
C ILE J 130 -2.59 -43.83 -10.85
N ILE J 131 -3.04 -43.19 -11.93
CA ILE J 131 -2.24 -43.11 -13.15
C ILE J 131 -0.98 -42.28 -12.91
N TYR J 132 -1.11 -41.21 -12.12
CA TYR J 132 0.04 -40.38 -11.75
C TYR J 132 1.08 -41.19 -10.97
N GLY J 133 0.60 -41.97 -10.00
CA GLY J 133 1.50 -42.78 -9.21
C GLY J 133 2.16 -43.90 -10.02
N LEU J 134 1.41 -44.49 -10.95
CA LEU J 134 1.97 -45.53 -11.81
C LEU J 134 3.07 -44.96 -12.70
N LEU J 135 2.83 -43.78 -13.28
CA LEU J 135 3.86 -43.10 -14.08
C LEU J 135 5.09 -42.80 -13.26
N GLU J 136 4.90 -42.30 -12.03
CA GLU J 136 6.04 -41.94 -11.19
C GLU J 136 6.86 -43.15 -10.79
N GLU J 137 6.19 -44.26 -10.45
CA GLU J 137 6.88 -45.47 -10.06
C GLU J 137 7.63 -46.09 -11.24
N SER J 138 7.01 -46.08 -12.42
CA SER J 138 7.67 -46.62 -13.61
C SER J 138 8.87 -45.78 -14.01
N GLN J 139 8.76 -44.46 -13.91
CA GLN J 139 9.89 -43.60 -14.25
C GLN J 139 11.02 -43.75 -13.24
N ASN J 140 10.69 -43.93 -11.96
CA ASN J 140 11.74 -44.05 -10.96
C ASN J 140 12.46 -45.40 -11.08
N GLN J 141 11.72 -46.47 -11.40
CA GLN J 141 12.41 -47.73 -11.61
C GLN J 141 13.18 -47.74 -12.93
N GLN J 142 12.72 -46.97 -13.92
CA GLN J 142 13.52 -46.79 -15.13
C GLN J 142 14.80 -46.01 -14.82
N GLU J 143 14.72 -45.05 -13.88
CA GLU J 143 15.91 -44.31 -13.45
C GLU J 143 16.91 -45.23 -12.78
N LYS J 144 16.43 -46.10 -11.89
CA LYS J 144 17.36 -47.01 -11.21
C LYS J 144 17.91 -48.06 -12.16
N ASN J 145 17.13 -48.48 -13.16
CA ASN J 145 17.63 -49.44 -14.14
C ASN J 145 18.64 -48.81 -15.08
N GLU J 146 18.44 -47.55 -15.43
CA GLU J 146 19.40 -46.84 -16.25
C GLU J 146 20.69 -46.57 -15.49
N GLN J 147 20.56 -46.26 -14.20
CA GLN J 147 21.74 -46.06 -13.38
C GLN J 147 22.51 -47.37 -13.16
N ASP J 148 21.81 -48.50 -13.07
CA ASP J 148 22.49 -49.79 -12.95
C ASP J 148 22.99 -50.35 -14.27
N LEU J 149 22.41 -49.92 -15.39
CA LEU J 149 22.95 -50.33 -16.69
C LEU J 149 24.32 -49.72 -16.90
N LEU J 150 24.50 -48.49 -16.42
CA LEU J 150 25.78 -47.82 -16.49
C LEU J 150 26.69 -48.20 -15.34
N ALA J 151 26.25 -49.04 -14.42
CA ALA J 151 27.09 -49.45 -13.29
C ALA J 151 28.22 -50.36 -13.75
N LEU J 152 27.91 -51.33 -14.62
CA LEU J 152 28.90 -52.25 -15.12
C LEU J 152 29.83 -51.63 -16.17
N ASP J 153 29.55 -50.40 -16.60
CA ASP J 153 30.43 -49.72 -17.56
C ASP J 153 31.31 -48.70 -16.85
N GLN K 1 -29.48 -25.85 -46.26
CA GLN K 1 -28.61 -26.09 -47.41
C GLN K 1 -27.16 -26.31 -46.96
N VAL K 2 -26.36 -26.89 -47.84
CA VAL K 2 -24.97 -27.18 -47.56
C VAL K 2 -24.16 -25.88 -47.63
N GLN K 3 -22.91 -25.93 -47.16
CA GLN K 3 -22.03 -24.78 -47.30
C GLN K 3 -21.70 -24.55 -48.77
N LEU K 4 -21.63 -23.26 -49.15
CA LEU K 4 -21.39 -22.80 -50.52
C LEU K 4 -22.44 -23.35 -51.49
N GLN K 5 -23.69 -23.39 -51.04
CA GLN K 5 -24.80 -23.77 -51.90
C GLN K 5 -25.28 -22.54 -52.65
N VAL K 6 -25.22 -22.59 -53.98
CA VAL K 6 -25.69 -21.49 -54.81
C VAL K 6 -27.16 -21.73 -55.16
N SER K 7 -27.98 -20.72 -54.87
CA SER K 7 -29.40 -20.73 -55.18
C SER K 7 -29.75 -19.45 -55.92
N GLY K 8 -31.01 -19.37 -56.35
CA GLY K 8 -31.47 -18.26 -57.15
C GLY K 8 -32.25 -18.74 -58.35
N PRO K 9 -32.50 -17.84 -59.30
CA PRO K 9 -33.17 -18.25 -60.54
C PRO K 9 -32.28 -19.10 -61.43
N GLY K 10 -32.88 -20.12 -62.05
CA GLY K 10 -32.19 -20.96 -63.00
C GLY K 10 -32.33 -20.56 -64.45
N VAL K 11 -33.24 -19.64 -64.75
CA VAL K 11 -33.46 -19.13 -66.09
C VAL K 11 -33.37 -17.61 -66.05
N VAL K 12 -32.50 -17.05 -66.89
CA VAL K 12 -32.34 -15.60 -67.00
C VAL K 12 -32.82 -15.18 -68.39
N ARG K 13 -33.68 -14.16 -68.43
CA ARG K 13 -34.15 -13.58 -69.69
C ARG K 13 -32.98 -12.96 -70.46
N PRO K 14 -33.10 -12.89 -71.79
CA PRO K 14 -31.99 -12.32 -72.59
C PRO K 14 -31.74 -10.85 -72.30
N SER K 15 -30.47 -10.53 -72.07
CA SER K 15 -29.92 -9.20 -71.78
C SER K 15 -30.46 -8.61 -70.47
N GLU K 16 -30.97 -9.44 -69.57
CA GLU K 16 -31.33 -9.00 -68.22
C GLU K 16 -30.18 -9.33 -67.25
N THR K 17 -30.44 -9.19 -65.96
CA THR K 17 -29.41 -9.37 -64.93
C THR K 17 -29.59 -10.72 -64.24
N LEU K 18 -28.65 -11.63 -64.49
CA LEU K 18 -28.50 -12.81 -63.66
C LEU K 18 -28.17 -12.39 -62.24
N SER K 19 -28.91 -12.92 -61.27
CA SER K 19 -28.64 -12.60 -59.87
C SER K 19 -28.73 -13.89 -59.06
N LEU K 20 -27.57 -14.37 -58.61
CA LEU K 20 -27.50 -15.61 -57.84
C LEU K 20 -26.92 -15.34 -56.46
N THR K 21 -27.41 -16.09 -55.47
CA THR K 21 -26.92 -15.99 -54.11
C THR K 21 -26.34 -17.33 -53.70
N CYS K 22 -25.60 -17.31 -52.59
CA CYS K 22 -24.82 -18.46 -52.17
C CYS K 22 -24.70 -18.44 -50.65
N GLU K 23 -24.95 -19.59 -50.04
CA GLU K 23 -24.90 -19.74 -48.58
C GLU K 23 -23.44 -19.75 -48.14
N VAL K 24 -22.98 -18.62 -47.60
CA VAL K 24 -21.64 -18.51 -47.07
C VAL K 24 -21.74 -18.46 -45.55
N SER K 25 -20.58 -18.51 -44.88
CA SER K 25 -20.56 -18.46 -43.44
C SER K 25 -19.30 -17.72 -42.98
N SER K 26 -19.35 -17.22 -41.75
CA SER K 26 -18.19 -16.61 -41.14
C SER K 26 -17.17 -17.67 -40.73
N GLY K 27 -15.96 -17.23 -40.47
CA GLY K 27 -14.91 -18.14 -40.03
C GLY K 27 -15.01 -18.45 -38.55
N SER K 28 -14.03 -19.23 -38.08
CA SER K 28 -13.97 -19.56 -36.67
C SER K 28 -13.54 -18.37 -35.82
N THR K 29 -12.92 -17.36 -36.44
CA THR K 29 -12.50 -16.16 -35.75
C THR K 29 -13.07 -14.94 -36.46
N SER K 30 -13.29 -13.87 -35.69
CA SER K 30 -13.52 -12.56 -36.29
C SER K 30 -12.30 -12.05 -37.03
N ARG K 31 -11.12 -12.54 -36.68
CA ARG K 31 -9.90 -12.21 -37.39
C ARG K 31 -9.77 -12.93 -38.73
N ASP K 32 -10.58 -13.97 -38.97
CA ASP K 32 -10.53 -14.69 -40.23
C ASP K 32 -11.01 -13.82 -41.38
N PHE K 33 -10.68 -14.26 -42.59
CA PHE K 33 -11.22 -13.65 -43.79
C PHE K 33 -11.29 -14.68 -44.88
N PHE K 34 -12.39 -14.66 -45.62
CA PHE K 34 -12.54 -15.51 -46.80
C PHE K 34 -12.49 -14.64 -48.04
N TYR K 35 -12.27 -15.31 -49.17
CA TYR K 35 -12.52 -14.75 -50.48
C TYR K 35 -13.56 -15.63 -51.14
N TRP K 36 -14.75 -15.10 -51.34
CA TRP K 36 -15.79 -15.85 -52.00
C TRP K 36 -15.70 -15.58 -53.49
N SER K 37 -15.83 -16.62 -54.29
CA SER K 37 -15.59 -16.51 -55.73
C SER K 37 -16.66 -17.24 -56.53
N TRP K 38 -17.12 -16.58 -57.59
CA TRP K 38 -18.00 -17.20 -58.57
C TRP K 38 -17.16 -17.79 -59.69
N VAL K 39 -17.40 -19.07 -60.00
CA VAL K 39 -16.76 -19.79 -61.09
C VAL K 39 -17.87 -20.45 -61.91
N ARG K 40 -17.77 -20.41 -63.22
CA ARG K 40 -18.73 -21.13 -64.06
C ARG K 40 -18.07 -22.34 -64.71
N GLN K 41 -18.87 -23.39 -64.88
CA GLN K 41 -18.50 -24.58 -65.63
C GLN K 41 -19.34 -24.59 -66.90
N THR K 42 -18.68 -24.47 -68.03
CA THR K 42 -19.37 -24.45 -69.30
C THR K 42 -19.22 -25.80 -69.99
N PRO K 43 -20.20 -26.20 -70.80
CA PRO K 43 -19.97 -27.38 -71.65
C PRO K 43 -18.92 -27.14 -72.72
N GLY K 44 -18.91 -25.95 -73.31
CA GLY K 44 -17.94 -25.62 -74.35
C GLY K 44 -16.52 -25.49 -73.84
N LYS K 45 -16.27 -24.51 -72.97
CA LYS K 45 -14.95 -24.30 -72.40
C LYS K 45 -14.83 -25.14 -71.13
N GLY K 46 -13.77 -24.91 -70.36
CA GLY K 46 -13.59 -25.57 -69.08
C GLY K 46 -14.23 -24.81 -67.94
N LEU K 47 -13.64 -24.94 -66.77
CA LEU K 47 -14.04 -24.13 -65.62
C LEU K 47 -13.55 -22.71 -65.84
N GLU K 48 -14.45 -21.74 -65.71
CA GLU K 48 -14.10 -20.33 -65.87
C GLU K 48 -14.46 -19.57 -64.61
N TRP K 49 -13.46 -18.94 -64.00
CA TRP K 49 -13.70 -18.08 -62.85
C TRP K 49 -14.40 -16.82 -63.29
N ILE K 50 -15.51 -16.50 -62.63
CA ILE K 50 -16.28 -15.30 -62.95
C ILE K 50 -15.78 -14.11 -62.16
N GLY K 51 -15.69 -14.25 -60.84
CA GLY K 51 -15.25 -13.13 -60.02
C GLY K 51 -15.18 -13.51 -58.57
N GLY K 52 -15.15 -12.50 -57.73
CA GLY K 52 -15.19 -12.74 -56.30
C GLY K 52 -14.84 -11.48 -55.54
N MET K 53 -14.86 -11.63 -54.21
CA MET K 53 -14.55 -10.52 -53.31
C MET K 53 -14.09 -11.07 -51.97
N TYR K 54 -13.24 -10.29 -51.31
CA TYR K 54 -12.85 -10.56 -49.93
C TYR K 54 -14.04 -10.43 -49.00
N SER K 55 -14.02 -11.20 -47.92
CA SER K 55 -15.00 -11.00 -46.87
C SER K 55 -14.65 -9.79 -45.98
N ASN K 56 -13.38 -9.37 -46.00
CA ASN K 56 -12.96 -8.23 -45.20
C ASN K 56 -13.43 -6.92 -45.81
N SER K 57 -13.11 -6.71 -47.09
CA SER K 57 -13.35 -5.44 -47.75
C SER K 57 -14.57 -5.53 -48.66
N GLU K 58 -14.81 -4.48 -49.43
CA GLU K 58 -15.89 -4.46 -50.41
C GLU K 58 -15.38 -4.35 -51.84
N GLU K 59 -14.07 -4.34 -52.05
CA GLU K 59 -13.51 -4.35 -53.38
C GLU K 59 -13.76 -5.69 -54.06
N THR K 60 -14.08 -5.64 -55.34
CA THR K 60 -14.39 -6.83 -56.11
C THR K 60 -13.24 -7.11 -57.08
N ASN K 61 -12.76 -8.34 -57.08
CA ASN K 61 -11.75 -8.79 -58.02
C ASN K 61 -12.41 -9.81 -58.95
N HIS K 62 -12.40 -9.53 -60.25
CA HIS K 62 -13.14 -10.36 -61.19
C HIS K 62 -12.30 -10.58 -62.44
N ASN K 63 -12.80 -11.46 -63.29
CA ASN K 63 -12.15 -11.77 -64.55
C ASN K 63 -12.52 -10.70 -65.57
N PRO K 64 -11.56 -9.99 -66.16
CA PRO K 64 -11.89 -8.98 -67.17
C PRO K 64 -12.28 -9.56 -68.53
N SER K 65 -12.35 -10.90 -68.64
CA SER K 65 -12.90 -11.53 -69.84
C SER K 65 -14.40 -11.35 -69.94
N LEU K 66 -15.08 -11.10 -68.82
CA LEU K 66 -16.47 -10.68 -68.82
C LEU K 66 -16.62 -9.16 -68.91
N LYS K 67 -15.49 -8.43 -68.90
CA LYS K 67 -15.39 -7.00 -69.25
C LYS K 67 -16.17 -6.11 -68.27
N SER K 68 -15.96 -6.38 -66.97
CA SER K 68 -16.50 -5.58 -65.85
C SER K 68 -18.02 -5.48 -65.86
N ARG K 69 -18.68 -6.58 -66.22
CA ARG K 69 -20.14 -6.63 -66.29
C ARG K 69 -20.76 -7.26 -65.05
N VAL K 70 -19.96 -7.55 -64.02
CA VAL K 70 -20.43 -8.20 -62.82
C VAL K 70 -20.61 -7.18 -61.71
N ILE K 71 -21.56 -7.46 -60.82
CA ILE K 71 -21.70 -6.76 -59.55
C ILE K 71 -21.62 -7.84 -58.47
N ILE K 72 -20.47 -7.91 -57.81
CA ILE K 72 -20.19 -8.95 -56.83
C ILE K 72 -20.42 -8.35 -55.45
N SER K 73 -21.44 -8.83 -54.74
CA SER K 73 -21.76 -8.29 -53.43
C SER K 73 -21.88 -9.42 -52.42
N LYS K 74 -21.97 -9.04 -51.16
CA LYS K 74 -22.01 -10.00 -50.08
C LYS K 74 -22.81 -9.42 -48.92
N ASP K 75 -23.37 -10.32 -48.12
CA ASP K 75 -24.04 -9.97 -46.87
C ASP K 75 -23.73 -11.10 -45.90
N THR K 76 -22.73 -10.87 -45.03
CA THR K 76 -22.31 -11.90 -44.09
C THR K 76 -23.36 -12.16 -43.02
N SER K 77 -24.17 -11.13 -42.71
CA SER K 77 -25.26 -11.31 -41.75
C SER K 77 -26.36 -12.21 -42.29
N LYS K 78 -26.55 -12.23 -43.60
CA LYS K 78 -27.64 -12.98 -44.20
C LYS K 78 -27.17 -14.20 -44.98
N ASN K 79 -25.88 -14.56 -44.84
CA ASN K 79 -25.26 -15.71 -45.52
C ASN K 79 -25.41 -15.61 -47.03
N GLU K 80 -25.13 -14.43 -47.57
CA GLU K 80 -25.39 -14.12 -48.97
C GLU K 80 -24.07 -13.83 -49.69
N PHE K 81 -23.79 -14.62 -50.71
CA PHE K 81 -22.81 -14.23 -51.72
C PHE K 81 -23.57 -14.05 -53.01
N SER K 82 -23.45 -12.89 -53.63
CA SER K 82 -24.33 -12.54 -54.74
C SER K 82 -23.55 -12.11 -55.96
N LEU K 83 -23.90 -12.70 -57.09
CA LEU K 83 -23.48 -12.26 -58.42
C LEU K 83 -24.65 -11.59 -59.10
N ARG K 84 -24.44 -10.36 -59.58
CA ARG K 84 -25.37 -9.68 -60.48
C ARG K 84 -24.62 -9.49 -61.79
N LEU K 85 -24.68 -10.50 -62.64
CA LEU K 85 -24.12 -10.42 -63.98
C LEU K 85 -25.11 -9.67 -64.85
N THR K 86 -24.65 -8.64 -65.54
CA THR K 86 -25.51 -7.83 -66.38
C THR K 86 -25.27 -8.13 -67.85
N SER K 87 -26.30 -7.83 -68.68
CA SER K 87 -26.30 -8.07 -70.12
C SER K 87 -26.01 -9.54 -70.46
N VAL K 88 -26.76 -10.44 -69.83
CA VAL K 88 -26.50 -11.87 -69.92
C VAL K 88 -27.04 -12.40 -71.24
N THR K 89 -26.14 -12.93 -72.07
CA THR K 89 -26.52 -13.62 -73.29
C THR K 89 -26.43 -15.12 -73.07
N ALA K 90 -26.70 -15.88 -74.14
CA ALA K 90 -26.71 -17.34 -74.07
C ALA K 90 -25.33 -17.94 -73.87
N ALA K 91 -24.25 -17.16 -74.00
CA ALA K 91 -22.91 -17.65 -73.72
C ALA K 91 -22.67 -17.89 -72.23
N ASP K 92 -23.49 -17.29 -71.36
CA ASP K 92 -23.37 -17.45 -69.92
C ASP K 92 -24.26 -18.56 -69.38
N THR K 93 -24.75 -19.43 -70.26
CA THR K 93 -25.43 -20.65 -69.85
C THR K 93 -24.40 -21.64 -69.33
N ALA K 94 -24.40 -21.86 -68.01
CA ALA K 94 -23.34 -22.63 -67.37
C ALA K 94 -23.80 -23.06 -65.99
N VAL K 95 -23.08 -24.02 -65.41
CA VAL K 95 -23.33 -24.44 -64.05
C VAL K 95 -22.40 -23.63 -63.15
N TYR K 96 -22.97 -22.81 -62.28
CA TYR K 96 -22.20 -21.87 -61.48
C TYR K 96 -21.89 -22.50 -60.13
N PHE K 97 -20.62 -22.49 -59.74
CA PHE K 97 -20.18 -22.82 -58.40
C PHE K 97 -19.78 -21.55 -57.68
N CYS K 98 -20.04 -21.50 -56.37
CA CYS K 98 -19.49 -20.49 -55.50
C CYS K 98 -18.49 -21.16 -54.57
N SER K 99 -17.31 -20.57 -54.47
CA SER K 99 -16.16 -21.19 -53.82
C SER K 99 -15.69 -20.33 -52.66
N SER K 100 -15.31 -21.01 -51.59
CA SER K 100 -14.61 -20.40 -50.47
C SER K 100 -13.12 -20.45 -50.76
N ARG K 101 -12.42 -19.35 -50.49
CA ARG K 101 -11.00 -19.24 -50.76
C ARG K 101 -10.29 -18.76 -49.49
N ALA K 102 -9.52 -19.66 -48.87
CA ALA K 102 -8.86 -19.37 -47.59
C ALA K 102 -7.74 -20.38 -47.39
N LYS K 103 -6.94 -20.14 -46.35
CA LYS K 103 -5.89 -21.08 -45.95
C LYS K 103 -6.19 -21.65 -44.56
N ILE K 104 -5.71 -22.87 -44.33
CA ILE K 104 -5.70 -23.47 -43.01
C ILE K 104 -4.28 -23.41 -42.50
N TYR K 105 -3.94 -22.34 -41.78
CA TYR K 105 -2.66 -22.29 -41.10
C TYR K 105 -2.89 -22.50 -39.60
N TYR K 106 -1.89 -23.08 -38.94
CA TYR K 106 -2.04 -23.57 -37.58
C TYR K 106 -1.59 -22.55 -36.54
N SER K 107 -0.36 -22.06 -36.64
CA SER K 107 0.17 -21.11 -35.68
C SER K 107 0.66 -19.87 -36.42
N ALA K 108 0.75 -18.76 -35.68
CA ALA K 108 0.68 -17.39 -36.20
C ALA K 108 1.76 -17.03 -37.23
N SER K 109 2.77 -17.88 -37.43
CA SER K 109 3.83 -17.58 -38.39
C SER K 109 3.50 -18.03 -39.80
N TYR K 110 3.32 -19.33 -40.00
CA TYR K 110 3.50 -19.96 -41.30
C TYR K 110 2.18 -20.21 -42.01
N SER K 111 2.23 -21.00 -43.08
CA SER K 111 1.14 -21.18 -44.04
C SER K 111 0.36 -22.47 -43.83
N GLY K 112 1.04 -23.59 -43.58
CA GLY K 112 0.43 -24.82 -43.09
C GLY K 112 -0.68 -25.52 -43.89
N GLY K 113 -1.10 -24.96 -45.01
CA GLY K 113 -2.22 -25.52 -45.74
C GLY K 113 -3.23 -24.51 -46.26
N ARG K 114 -3.76 -24.76 -47.46
CA ARG K 114 -4.79 -23.95 -48.09
C ARG K 114 -5.98 -24.82 -48.43
N ILE K 115 -7.18 -24.36 -48.08
CA ILE K 115 -8.42 -25.06 -48.42
C ILE K 115 -9.22 -24.19 -49.39
N ASP K 116 -9.46 -24.72 -50.59
CA ASP K 116 -10.23 -24.04 -51.61
C ASP K 116 -11.36 -24.92 -52.11
N VAL K 117 -12.11 -25.51 -51.17
CA VAL K 117 -13.21 -26.39 -51.55
C VAL K 117 -14.35 -25.59 -52.18
N TRP K 118 -15.14 -26.29 -53.00
CA TRP K 118 -16.23 -25.69 -53.74
C TRP K 118 -17.54 -26.31 -53.28
N GLY K 119 -18.64 -25.59 -53.49
CA GLY K 119 -19.95 -26.10 -53.22
C GLY K 119 -20.64 -26.53 -54.50
N PRO K 120 -21.70 -27.32 -54.39
CA PRO K 120 -22.37 -27.85 -55.60
C PRO K 120 -23.08 -26.74 -56.36
N GLY K 121 -22.94 -26.80 -57.68
CA GLY K 121 -23.34 -25.69 -58.52
C GLY K 121 -24.81 -25.67 -58.87
N LEU K 122 -25.20 -24.61 -59.58
CA LEU K 122 -26.56 -24.42 -60.03
C LEU K 122 -26.50 -24.09 -61.52
N LEU K 123 -27.17 -24.90 -62.34
CA LEU K 123 -27.18 -24.66 -63.78
C LEU K 123 -28.11 -23.50 -64.11
N VAL K 124 -27.56 -22.47 -64.75
CA VAL K 124 -28.33 -21.32 -65.20
C VAL K 124 -28.29 -21.28 -66.71
N THR K 125 -29.48 -21.30 -67.31
CA THR K 125 -29.65 -21.32 -68.77
C THR K 125 -30.21 -19.99 -69.23
N VAL K 126 -29.63 -19.43 -70.29
CA VAL K 126 -30.01 -18.13 -70.83
C VAL K 126 -30.62 -18.34 -72.20
N SER K 127 -31.93 -18.16 -72.31
CA SER K 127 -32.63 -18.19 -73.59
C SER K 127 -33.93 -17.41 -73.42
N ASP L 1 -3.72 -12.52 -68.71
CA ASP L 1 -4.16 -13.88 -68.42
C ASP L 1 -3.05 -14.89 -68.71
N ILE L 2 -3.11 -16.04 -68.04
CA ILE L 2 -2.13 -17.10 -68.20
C ILE L 2 -2.87 -18.35 -68.64
N GLN L 3 -2.54 -18.85 -69.83
CA GLN L 3 -3.21 -20.03 -70.37
C GLN L 3 -2.76 -21.29 -69.65
N MET L 4 -3.71 -22.16 -69.34
CA MET L 4 -3.44 -23.43 -68.69
C MET L 4 -3.97 -24.55 -69.57
N THR L 5 -3.09 -25.47 -69.97
CA THR L 5 -3.46 -26.59 -70.82
C THR L 5 -3.30 -27.88 -70.04
N GLN L 6 -4.40 -28.62 -69.89
CA GLN L 6 -4.40 -29.88 -69.19
C GLN L 6 -4.57 -31.02 -70.18
N SER L 7 -3.77 -32.08 -70.02
CA SER L 7 -3.75 -33.18 -70.94
C SER L 7 -3.69 -34.48 -70.16
N PRO L 8 -4.39 -35.53 -70.62
CA PRO L 8 -5.30 -35.55 -71.77
C PRO L 8 -6.71 -35.11 -71.40
N SER L 9 -7.59 -35.05 -72.39
CA SER L 9 -9.02 -34.88 -72.10
C SER L 9 -9.58 -36.13 -71.44
N SER L 10 -9.15 -37.30 -71.89
CA SER L 10 -9.57 -38.57 -71.30
C SER L 10 -8.42 -39.56 -71.39
N LEU L 11 -8.27 -40.37 -70.35
CA LEU L 11 -7.27 -41.43 -70.34
C LEU L 11 -7.90 -42.69 -69.78
N SER L 12 -7.64 -43.82 -70.45
CA SER L 12 -8.23 -45.10 -70.07
C SER L 12 -7.15 -46.01 -69.51
N ALA L 13 -7.47 -46.66 -68.39
CA ALA L 13 -6.54 -47.57 -67.73
C ALA L 13 -7.35 -48.57 -66.92
N SER L 14 -6.70 -49.69 -66.60
CA SER L 14 -7.35 -50.76 -65.85
C SER L 14 -7.26 -50.46 -64.35
N ILE L 15 -7.72 -51.40 -63.53
CA ILE L 15 -7.75 -51.21 -62.08
C ILE L 15 -6.36 -51.44 -61.53
N GLY L 16 -5.71 -50.38 -61.08
CA GLY L 16 -4.40 -50.45 -60.46
C GLY L 16 -3.25 -49.85 -61.23
N ASP L 17 -3.52 -49.00 -62.21
CA ASP L 17 -2.47 -48.40 -63.02
C ASP L 17 -2.08 -47.02 -62.49
N ARG L 18 -0.79 -46.73 -62.57
CA ARG L 18 -0.27 -45.42 -62.21
C ARG L 18 -0.37 -44.53 -63.44
N VAL L 19 -1.30 -43.58 -63.43
CA VAL L 19 -1.54 -42.69 -64.56
C VAL L 19 -0.96 -41.32 -64.24
N THR L 20 -0.85 -40.50 -65.27
CA THR L 20 -0.20 -39.19 -65.16
C THR L 20 -0.98 -38.17 -65.97
N VAL L 21 -1.32 -37.05 -65.33
CA VAL L 21 -1.99 -35.92 -65.97
C VAL L 21 -1.00 -34.77 -66.06
N THR L 22 -0.80 -34.25 -67.27
CA THR L 22 0.22 -33.23 -67.52
C THR L 22 -0.47 -31.87 -67.69
N CYS L 23 -0.08 -30.91 -66.84
CA CYS L 23 -0.62 -29.56 -66.89
C CYS L 23 0.51 -28.60 -67.21
N ARG L 24 0.38 -27.87 -68.32
CA ARG L 24 1.41 -26.93 -68.75
C ARG L 24 0.86 -25.50 -68.74
N ALA L 25 1.76 -24.57 -68.43
CA ALA L 25 1.44 -23.14 -68.35
C ALA L 25 2.24 -22.36 -69.37
N SER L 26 1.71 -21.19 -69.74
CA SER L 26 2.41 -20.31 -70.66
C SER L 26 3.48 -19.47 -69.97
N GLN L 27 3.30 -19.16 -68.68
CA GLN L 27 4.19 -18.27 -67.96
C GLN L 27 4.60 -18.89 -66.63
N GLY L 28 5.43 -18.16 -65.88
CA GLY L 28 5.93 -18.66 -64.62
C GLY L 28 4.86 -18.63 -63.53
N ILE L 29 4.37 -19.80 -63.14
CA ILE L 29 3.37 -19.95 -62.10
C ILE L 29 3.94 -20.83 -60.97
N ASP L 30 5.24 -20.64 -60.71
CA ASP L 30 6.24 -21.63 -60.30
C ASP L 30 5.75 -22.83 -59.50
N LYS L 31 5.02 -22.61 -58.41
CA LYS L 31 4.40 -23.72 -57.70
C LYS L 31 2.98 -23.40 -57.27
N ASP L 32 2.31 -22.52 -58.01
CA ASP L 32 0.91 -22.19 -57.74
C ASP L 32 0.01 -22.96 -58.71
N LEU L 33 -0.13 -24.26 -58.44
CA LEU L 33 -1.03 -25.09 -59.22
C LEU L 33 -1.83 -25.99 -58.28
N SER L 34 -3.14 -26.03 -58.46
CA SER L 34 -4.01 -26.90 -57.69
C SER L 34 -4.54 -28.03 -58.57
N TRP L 35 -4.82 -29.16 -57.94
CA TRP L 35 -5.43 -30.31 -58.59
C TRP L 35 -6.75 -30.61 -57.90
N PHE L 36 -7.81 -30.67 -58.70
CA PHE L 36 -9.19 -30.84 -58.26
C PHE L 36 -9.81 -32.08 -58.91
N GLN L 37 -10.67 -32.75 -58.15
CA GLN L 37 -11.43 -33.93 -58.58
C GLN L 37 -12.90 -33.57 -58.60
N GLN L 38 -13.57 -33.80 -59.73
CA GLN L 38 -14.98 -33.44 -59.91
C GLN L 38 -15.75 -34.65 -60.41
N LYS L 39 -16.66 -35.16 -59.58
CA LYS L 39 -17.62 -36.15 -60.05
C LYS L 39 -18.56 -35.52 -61.08
N PRO L 40 -19.00 -36.28 -62.08
CA PRO L 40 -19.90 -35.72 -63.10
C PRO L 40 -21.26 -35.38 -62.51
N GLY L 41 -21.58 -34.08 -62.51
CA GLY L 41 -22.75 -33.55 -61.86
C GLY L 41 -22.48 -32.93 -60.50
N LYS L 42 -21.39 -33.29 -59.84
CA LYS L 42 -21.06 -32.82 -58.51
C LYS L 42 -19.99 -31.72 -58.57
N ALA L 43 -19.73 -31.15 -57.39
CA ALA L 43 -18.76 -30.07 -57.24
C ALA L 43 -17.33 -30.62 -57.25
N PRO L 44 -16.39 -29.86 -57.81
CA PRO L 44 -14.98 -30.24 -57.70
C PRO L 44 -14.48 -30.13 -56.27
N THR L 45 -13.80 -31.18 -55.82
CA THR L 45 -13.19 -31.19 -54.49
C THR L 45 -11.68 -31.19 -54.62
N LEU L 46 -11.02 -30.65 -53.60
CA LEU L 46 -9.57 -30.45 -53.66
C LEU L 46 -8.81 -31.76 -53.51
N LEU L 47 -7.76 -31.91 -54.32
CA LEU L 47 -6.80 -33.00 -54.16
C LEU L 47 -5.44 -32.48 -53.74
N ILE L 48 -4.85 -31.57 -54.53
CA ILE L 48 -3.47 -31.13 -54.31
C ILE L 48 -3.45 -29.61 -54.29
N TYR L 49 -2.83 -29.04 -53.26
CA TYR L 49 -2.54 -27.61 -53.23
C TYR L 49 -1.04 -27.40 -53.24
N THR L 50 -0.62 -26.28 -53.86
CA THR L 50 0.77 -25.89 -54.09
C THR L 50 1.56 -26.92 -54.90
N ALA L 51 0.85 -27.74 -55.68
CA ALA L 51 1.36 -28.63 -56.73
C ALA L 51 2.25 -29.77 -56.26
N SER L 52 2.60 -29.82 -54.99
CA SER L 52 3.40 -30.94 -54.48
C SER L 52 2.98 -31.39 -53.08
N THR L 53 2.03 -30.73 -52.44
CA THR L 53 1.67 -31.02 -51.05
C THR L 53 0.33 -31.76 -51.02
N LEU L 54 0.31 -32.92 -50.38
CA LEU L 54 -0.91 -33.69 -50.28
C LEU L 54 -1.87 -33.06 -49.27
N GLN L 55 -3.10 -32.81 -49.72
CA GLN L 55 -4.12 -32.27 -48.84
C GLN L 55 -4.62 -33.36 -47.88
N THR L 56 -4.82 -32.97 -46.63
CA THR L 56 -5.41 -33.86 -45.62
C THR L 56 -6.82 -34.27 -46.04
N GLY L 57 -7.05 -35.58 -46.09
CA GLY L 57 -8.35 -36.11 -46.46
C GLY L 57 -8.32 -37.06 -47.64
N VAL L 58 -7.57 -36.72 -48.67
CA VAL L 58 -7.41 -37.62 -49.80
C VAL L 58 -6.23 -38.55 -49.53
N SER L 59 -6.20 -39.67 -50.24
CA SER L 59 -5.21 -40.70 -50.00
C SER L 59 -3.85 -40.29 -50.55
N SER L 60 -2.84 -41.11 -50.25
CA SER L 60 -1.48 -40.92 -50.76
C SER L 60 -1.32 -41.37 -52.20
N ARG L 61 -2.38 -41.87 -52.84
CA ARG L 61 -2.33 -42.21 -54.25
C ARG L 61 -2.12 -40.97 -55.10
N PHE L 62 -2.80 -39.88 -54.76
CA PHE L 62 -2.65 -38.61 -55.48
C PHE L 62 -1.32 -37.98 -55.10
N SER L 63 -0.34 -38.06 -55.99
CA SER L 63 0.93 -37.39 -55.79
C SER L 63 1.13 -36.37 -56.91
N GLY L 64 2.04 -35.43 -56.67
CA GLY L 64 2.28 -34.39 -57.63
C GLY L 64 3.74 -34.09 -57.83
N SER L 65 4.15 -33.88 -59.08
CA SER L 65 5.52 -33.53 -59.39
C SER L 65 5.51 -32.36 -60.37
N GLY L 66 6.69 -31.81 -60.61
CA GLY L 66 6.85 -30.74 -61.58
C GLY L 66 7.07 -29.39 -60.92
N SER L 67 7.43 -28.43 -61.76
CA SER L 67 7.76 -27.09 -61.32
C SER L 67 7.63 -26.14 -62.50
N GLY L 68 7.71 -24.84 -62.19
CA GLY L 68 7.73 -23.79 -63.20
C GLY L 68 6.46 -23.70 -64.01
N THR L 69 6.55 -24.13 -65.27
CA THR L 69 5.39 -24.17 -66.14
C THR L 69 4.77 -25.56 -66.24
N ASP L 70 5.49 -26.62 -65.90
CA ASP L 70 5.06 -27.98 -66.19
C ASP L 70 4.88 -28.78 -64.91
N PHE L 71 3.70 -29.38 -64.75
CA PHE L 71 3.41 -30.20 -63.59
C PHE L 71 2.75 -31.50 -64.04
N SER L 72 2.84 -32.52 -63.19
CA SER L 72 2.28 -33.84 -63.50
C SER L 72 1.66 -34.41 -62.24
N LEU L 73 0.35 -34.62 -62.29
CA LEU L 73 -0.33 -35.39 -61.26
C LEU L 73 -0.15 -36.86 -61.55
N THR L 74 -0.01 -37.64 -60.48
CA THR L 74 0.30 -39.06 -60.58
C THR L 74 -0.66 -39.83 -59.69
N ILE L 75 -1.32 -40.83 -60.28
CA ILE L 75 -2.25 -41.69 -59.55
C ILE L 75 -1.66 -43.09 -59.55
N ASN L 76 -1.14 -43.50 -58.39
CA ASN L 76 -0.72 -44.88 -58.18
C ASN L 76 -1.94 -45.67 -57.71
N ASN L 77 -2.13 -46.87 -58.28
CA ASN L 77 -3.22 -47.79 -57.95
C ASN L 77 -4.59 -47.13 -58.16
N LEU L 78 -4.88 -46.90 -59.45
CA LEU L 78 -6.13 -46.27 -59.88
C LEU L 78 -7.37 -47.02 -59.39
N GLN L 79 -8.30 -46.27 -58.82
CA GLN L 79 -9.44 -46.78 -58.06
C GLN L 79 -10.76 -46.49 -58.78
N PRO L 80 -11.84 -47.22 -58.44
CA PRO L 80 -13.16 -46.88 -58.98
C PRO L 80 -13.70 -45.54 -58.51
N GLU L 81 -13.20 -45.00 -57.40
CA GLU L 81 -13.59 -43.65 -56.98
C GLU L 81 -12.81 -42.57 -57.72
N ASP L 82 -11.88 -42.95 -58.58
CA ASP L 82 -11.12 -42.00 -59.38
C ASP L 82 -11.80 -41.68 -60.71
N VAL L 83 -13.02 -42.19 -60.93
CA VAL L 83 -13.79 -41.84 -62.13
C VAL L 83 -14.30 -40.42 -61.92
N ALA L 84 -13.55 -39.44 -62.42
CA ALA L 84 -13.84 -38.03 -62.21
C ALA L 84 -13.05 -37.21 -63.19
N THR L 85 -13.50 -35.98 -63.41
CA THR L 85 -12.79 -35.01 -64.22
C THR L 85 -11.83 -34.24 -63.33
N TYR L 86 -10.57 -34.15 -63.75
CA TYR L 86 -9.54 -33.50 -62.95
C TYR L 86 -9.20 -32.16 -63.56
N PHE L 87 -8.91 -31.18 -62.69
CA PHE L 87 -8.65 -29.83 -63.15
C PHE L 87 -7.43 -29.26 -62.43
N CYS L 88 -6.53 -28.65 -63.19
CA CYS L 88 -5.41 -27.93 -62.62
C CYS L 88 -5.70 -26.44 -62.66
N GLN L 89 -5.54 -25.79 -61.52
CA GLN L 89 -5.94 -24.40 -61.31
C GLN L 89 -4.69 -23.54 -61.14
N GLN L 90 -4.60 -22.48 -61.94
CA GLN L 90 -3.60 -21.45 -61.71
C GLN L 90 -4.14 -20.42 -60.72
N ASP L 91 -3.32 -20.06 -59.75
CA ASP L 91 -3.67 -19.00 -58.80
C ASP L 91 -2.48 -18.07 -58.56
N PHE L 92 -1.64 -17.89 -59.58
CA PHE L 92 -0.46 -17.05 -59.42
C PHE L 92 -0.78 -15.57 -59.62
N SER L 93 -1.49 -15.24 -60.69
CA SER L 93 -1.88 -13.86 -60.98
C SER L 93 -3.34 -13.84 -61.40
N PHE L 94 -3.94 -12.66 -61.30
CA PHE L 94 -5.28 -12.49 -61.83
C PHE L 94 -5.24 -12.53 -63.36
N PRO L 95 -6.20 -13.20 -64.01
CA PRO L 95 -7.32 -13.92 -63.42
C PRO L 95 -7.04 -15.39 -63.14
N LEU L 96 -7.97 -16.02 -62.42
CA LEU L 96 -7.91 -17.45 -62.14
C LEU L 96 -8.27 -18.22 -63.41
N THR L 97 -7.30 -18.94 -63.97
CA THR L 97 -7.51 -19.79 -65.12
C THR L 97 -7.29 -21.25 -64.70
N PHE L 98 -8.16 -22.12 -65.16
CA PHE L 98 -8.20 -23.50 -64.71
C PHE L 98 -7.92 -24.43 -65.89
N GLY L 99 -7.88 -25.73 -65.61
CA GLY L 99 -7.49 -26.71 -66.60
C GLY L 99 -8.57 -27.00 -67.61
N GLY L 100 -8.24 -27.90 -68.54
CA GLY L 100 -9.21 -28.32 -69.55
C GLY L 100 -10.13 -29.43 -69.09
N GLY L 101 -9.64 -30.33 -68.24
CA GLY L 101 -10.44 -31.44 -67.77
C GLY L 101 -9.93 -32.79 -68.23
N THR L 102 -9.70 -33.70 -67.28
CA THR L 102 -9.14 -35.02 -67.58
C THR L 102 -10.06 -36.09 -67.03
N LYS L 103 -10.71 -36.84 -67.92
CA LYS L 103 -11.69 -37.85 -67.53
C LYS L 103 -11.02 -39.21 -67.40
N VAL L 104 -11.42 -39.96 -66.38
CA VAL L 104 -10.86 -41.28 -66.09
C VAL L 104 -11.95 -42.32 -66.31
N ASP L 105 -11.69 -43.27 -67.24
CA ASP L 105 -12.57 -44.39 -67.48
C ASP L 105 -11.76 -45.68 -67.49
N GLN M 1 -32.23 -7.80 82.63
CA GLN M 1 -33.07 -6.60 82.66
C GLN M 1 -32.23 -5.37 82.95
N VAL M 2 -32.39 -4.35 82.11
CA VAL M 2 -31.72 -3.07 82.29
C VAL M 2 -32.72 -1.96 82.06
N HIS M 3 -32.56 -0.87 82.81
CA HIS M 3 -33.32 0.35 82.56
C HIS M 3 -32.48 1.53 83.02
N LEU M 4 -32.60 2.64 82.31
CA LEU M 4 -31.76 3.80 82.55
C LEU M 4 -32.59 4.96 83.07
N GLN M 5 -31.90 5.95 83.63
CA GLN M 5 -32.58 7.07 84.27
C GLN M 5 -31.72 8.31 84.16
N GLU M 6 -32.24 9.35 83.53
CA GLU M 6 -31.53 10.61 83.41
C GLU M 6 -31.96 11.59 84.51
N SER M 7 -31.26 12.71 84.57
CA SER M 7 -31.55 13.78 85.52
C SER M 7 -30.95 15.07 84.99
N GLY M 8 -31.69 16.16 85.15
CA GLY M 8 -31.23 17.44 84.65
C GLY M 8 -31.90 18.63 85.32
N PRO M 9 -31.42 19.85 84.98
CA PRO M 9 -32.05 21.04 85.55
C PRO M 9 -33.42 21.34 84.96
N GLY M 10 -33.60 21.14 83.66
CA GLY M 10 -34.85 21.39 82.98
C GLY M 10 -35.00 22.82 82.46
N LEU M 11 -34.65 23.81 83.27
CA LEU M 11 -34.65 25.21 82.88
C LEU M 11 -33.21 25.68 82.75
N VAL M 12 -32.86 26.20 81.57
CA VAL M 12 -31.49 26.58 81.25
C VAL M 12 -31.49 28.05 80.85
N LYS M 13 -30.58 28.83 81.46
CA LYS M 13 -30.30 30.15 80.92
C LYS M 13 -29.40 30.02 79.71
N PRO M 14 -29.57 30.88 78.70
CA PRO M 14 -28.71 30.79 77.51
C PRO M 14 -27.27 31.16 77.81
N SER M 15 -26.38 30.68 76.94
CA SER M 15 -24.92 30.77 77.07
C SER M 15 -24.43 30.21 78.40
N GLU M 16 -24.88 29.00 78.72
CA GLU M 16 -24.53 28.34 79.97
C GLU M 16 -24.21 26.87 79.70
N THR M 17 -23.24 26.34 80.43
CA THR M 17 -22.81 24.96 80.23
C THR M 17 -23.85 24.01 80.82
N LEU M 18 -24.53 23.27 79.94
CA LEU M 18 -25.49 22.27 80.35
C LEU M 18 -24.80 20.94 80.62
N SER M 19 -25.23 20.25 81.68
CA SER M 19 -24.66 18.97 82.06
C SER M 19 -25.76 18.01 82.47
N LEU M 20 -25.68 16.77 82.02
CA LEU M 20 -26.67 15.75 82.32
C LEU M 20 -25.98 14.48 82.82
N THR M 21 -26.72 13.73 83.63
CA THR M 21 -26.25 12.48 84.22
C THR M 21 -27.21 11.35 83.86
N CYS M 22 -26.73 10.12 83.99
CA CYS M 22 -27.45 8.95 83.51
C CYS M 22 -27.13 7.77 84.40
N ASN M 23 -28.15 7.24 85.08
CA ASN M 23 -27.95 6.14 86.02
C ASN M 23 -27.89 4.80 85.29
N VAL M 24 -27.56 3.75 86.04
CA VAL M 24 -27.51 2.39 85.52
C VAL M 24 -28.40 1.51 86.39
N SER M 25 -28.66 0.31 85.88
CA SER M 25 -29.41 -0.70 86.63
C SER M 25 -29.05 -2.07 86.07
N GLY M 26 -28.33 -2.86 86.86
CA GLY M 26 -27.94 -4.19 86.43
C GLY M 26 -26.59 -4.24 85.76
N THR M 27 -26.47 -3.66 84.58
CA THR M 27 -25.24 -3.75 83.79
C THR M 27 -24.41 -2.49 83.99
N LEU M 28 -23.11 -2.69 84.23
CA LEU M 28 -22.21 -1.61 84.60
C LEU M 28 -21.81 -0.79 83.37
N VAL M 29 -20.91 0.17 83.59
CA VAL M 29 -20.49 1.07 82.53
C VAL M 29 -19.44 0.41 81.64
N ARG M 30 -18.70 -0.57 82.16
CA ARG M 30 -17.62 -1.19 81.41
C ARG M 30 -18.14 -2.22 80.41
N ASP M 31 -19.26 -2.87 80.70
CA ASP M 31 -19.70 -4.01 79.92
C ASP M 31 -20.33 -3.63 78.58
N ASN M 32 -20.56 -2.35 78.29
CA ASN M 32 -21.25 -2.02 77.05
C ASN M 32 -20.85 -0.63 76.60
N TYR M 33 -21.09 -0.38 75.31
CA TYR M 33 -21.01 0.97 74.76
C TYR M 33 -22.12 1.84 75.32
N TRP M 34 -21.98 3.15 75.15
CA TRP M 34 -23.02 4.07 75.60
C TRP M 34 -23.27 5.08 74.50
N SER M 35 -24.44 5.72 74.54
CA SER M 35 -24.79 6.68 73.51
C SER M 35 -25.74 7.73 74.08
N TRP M 36 -25.66 8.92 73.51
CA TRP M 36 -26.61 9.99 73.77
C TRP M 36 -27.29 10.37 72.46
N ILE M 37 -28.60 10.63 72.55
CA ILE M 37 -29.46 10.99 71.43
C ILE M 37 -30.34 12.15 71.90
N ARG M 38 -30.57 13.14 71.04
CA ARG M 38 -31.47 14.23 71.41
C ARG M 38 -32.61 14.31 70.40
N GLN M 39 -33.75 14.82 70.87
CA GLN M 39 -34.92 14.92 70.00
C GLN M 39 -35.84 16.06 70.41
N PRO M 40 -36.15 16.99 69.52
CA PRO M 40 -37.12 18.02 69.83
C PRO M 40 -38.55 17.49 69.75
N LEU M 41 -39.50 18.38 70.01
CA LEU M 41 -40.90 18.00 70.02
C LEU M 41 -41.40 17.79 68.60
N GLY M 42 -41.99 16.61 68.36
CA GLY M 42 -42.54 16.29 67.06
C GLY M 42 -41.52 16.17 65.96
N LYS M 43 -40.28 15.81 66.31
CA LYS M 43 -39.21 15.74 65.34
C LYS M 43 -38.58 14.36 65.39
N GLN M 44 -37.80 14.06 64.35
CA GLN M 44 -37.02 12.84 64.35
C GLN M 44 -35.87 12.98 65.33
N PRO M 45 -35.40 11.88 65.92
CA PRO M 45 -34.30 11.99 66.88
C PRO M 45 -32.98 12.33 66.19
N GLU M 46 -32.08 12.90 66.97
CA GLU M 46 -30.74 13.26 66.53
C GLU M 46 -29.77 12.53 67.42
N TRP M 47 -29.10 11.52 66.87
CA TRP M 47 -28.11 10.75 67.61
C TRP M 47 -26.90 11.64 67.84
N ILE M 48 -26.70 12.04 69.11
CA ILE M 48 -25.58 12.91 69.44
C ILE M 48 -24.26 12.16 69.31
N GLY M 49 -24.24 10.89 69.72
CA GLY M 49 -23.02 10.13 69.53
C GLY M 49 -22.89 9.01 70.56
N TYR M 50 -21.69 8.47 70.64
CA TYR M 50 -21.43 7.31 71.47
C TYR M 50 -20.13 7.48 72.23
N VAL M 51 -20.07 6.88 73.41
CA VAL M 51 -18.94 6.96 74.32
C VAL M 51 -18.64 5.56 74.84
N HIS M 52 -17.35 5.22 74.86
CA HIS M 52 -16.87 3.97 75.44
C HIS M 52 -15.42 4.18 75.85
N ASP M 53 -14.97 3.37 76.80
CA ASP M 53 -13.56 3.26 77.17
C ASP M 53 -12.70 2.87 75.96
N SER M 54 -11.41 3.20 76.07
CA SER M 54 -10.39 2.98 75.03
C SER M 54 -10.74 3.71 73.73
N GLY M 55 -10.92 5.03 73.85
CA GLY M 55 -10.97 5.93 72.71
C GLY M 55 -12.21 5.86 71.83
N ASP M 56 -13.18 5.02 72.16
CA ASP M 56 -14.37 4.85 71.33
C ASP M 56 -15.41 5.91 71.71
N THR M 57 -15.09 7.15 71.34
CA THR M 57 -15.85 8.31 71.79
C THR M 57 -16.10 9.27 70.64
N ASN M 58 -16.55 8.73 69.50
CA ASN M 58 -16.75 9.59 68.34
C ASN M 58 -18.06 10.34 68.46
N TYR M 59 -18.01 11.64 68.13
CA TYR M 59 -19.11 12.57 68.34
C TYR M 59 -19.72 12.96 67.01
N ASN M 60 -20.88 13.59 67.09
CA ASN M 60 -21.52 14.17 65.92
C ASN M 60 -20.67 15.33 65.43
N PRO M 61 -20.19 15.30 64.18
CA PRO M 61 -19.35 16.39 63.67
C PRO M 61 -20.08 17.70 63.46
N SER M 62 -21.41 17.74 63.57
CA SER M 62 -22.11 19.01 63.53
C SER M 62 -21.79 19.85 64.76
N LEU M 63 -21.86 19.25 65.94
CA LEU M 63 -21.52 19.99 67.16
C LEU M 63 -20.01 19.95 67.41
N LYS M 64 -19.48 18.75 67.70
CA LYS M 64 -18.08 18.35 67.58
C LYS M 64 -17.13 19.03 68.58
N SER M 65 -17.55 20.11 69.20
CA SER M 65 -16.68 20.83 70.13
C SER M 65 -17.38 21.19 71.42
N ARG M 66 -18.65 21.58 71.35
CA ARG M 66 -19.37 22.07 72.51
C ARG M 66 -20.09 20.97 73.26
N VAL M 67 -19.66 19.72 73.11
CA VAL M 67 -20.30 18.58 73.74
C VAL M 67 -19.23 17.56 74.09
N HIS M 68 -19.28 17.05 75.33
CA HIS M 68 -18.24 16.16 75.83
C HIS M 68 -18.88 15.07 76.65
N LEU M 69 -18.68 13.82 76.25
CA LEU M 69 -19.29 12.66 76.85
C LEU M 69 -18.29 11.99 77.78
N SER M 70 -18.79 11.40 78.86
CA SER M 70 -17.90 10.82 79.85
C SER M 70 -18.62 9.72 80.62
N LEU M 71 -17.82 8.91 81.32
CA LEU M 71 -18.30 7.82 82.13
C LEU M 71 -17.93 8.06 83.59
N ASP M 72 -18.47 7.21 84.48
CA ASP M 72 -18.20 7.29 85.92
C ASP M 72 -18.12 5.85 86.42
N LYS M 73 -16.92 5.28 86.36
CA LYS M 73 -16.74 3.90 86.82
C LYS M 73 -16.73 3.80 88.33
N SER M 74 -16.42 4.90 89.02
CA SER M 74 -16.45 4.90 90.47
C SER M 74 -17.87 4.83 91.00
N LYS M 75 -18.76 5.66 90.45
CA LYS M 75 -20.17 5.62 90.82
C LYS M 75 -21.04 4.89 89.81
N ASN M 76 -20.45 4.44 88.69
CA ASN M 76 -21.12 3.66 87.64
C ASN M 76 -22.31 4.44 87.05
N LEU M 77 -21.96 5.57 86.42
CA LEU M 77 -22.93 6.44 85.76
C LEU M 77 -22.39 6.87 84.41
N VAL M 78 -23.22 7.55 83.62
CA VAL M 78 -22.82 8.19 82.37
C VAL M 78 -23.07 9.67 82.54
N SER M 79 -22.29 10.49 81.82
CA SER M 79 -22.43 11.93 81.94
C SER M 79 -22.18 12.59 80.60
N LEU M 80 -22.74 13.79 80.46
CA LEU M 80 -22.58 14.61 79.26
C LEU M 80 -22.50 16.06 79.67
N ARG M 81 -21.62 16.81 79.00
CA ARG M 81 -21.49 18.24 79.21
C ARG M 81 -21.71 18.96 77.89
N LEU M 82 -22.50 20.04 77.94
CA LEU M 82 -22.72 20.88 76.78
C LEU M 82 -22.14 22.26 77.04
N THR M 83 -21.95 23.02 75.96
CA THR M 83 -21.43 24.38 76.07
C THR M 83 -22.25 25.29 75.17
N GLY M 84 -22.68 26.43 75.71
CA GLY M 84 -23.39 27.40 74.91
C GLY M 84 -24.77 26.95 74.50
N VAL M 85 -25.69 26.89 75.46
CA VAL M 85 -27.05 26.46 75.17
C VAL M 85 -27.76 27.55 74.37
N THR M 86 -28.23 27.19 73.19
CA THR M 86 -29.01 28.07 72.33
C THR M 86 -30.46 27.64 72.39
N ALA M 87 -31.32 28.35 71.64
CA ALA M 87 -32.75 28.07 71.65
C ALA M 87 -33.09 26.76 70.96
N ALA M 88 -32.23 26.28 70.07
CA ALA M 88 -32.46 25.00 69.42
C ALA M 88 -32.14 23.82 70.33
N ASP M 89 -31.44 24.05 71.43
CA ASP M 89 -31.04 22.98 72.32
C ASP M 89 -32.17 22.48 73.22
N SER M 90 -33.35 23.08 73.15
CA SER M 90 -34.51 22.62 73.92
C SER M 90 -35.03 21.32 73.30
N ALA M 91 -34.73 20.20 73.95
CA ALA M 91 -35.08 18.88 73.43
C ALA M 91 -35.07 17.88 74.57
N ILE M 92 -35.69 16.72 74.35
CA ILE M 92 -35.58 15.61 75.30
C ILE M 92 -34.38 14.76 74.92
N TYR M 93 -33.55 14.43 75.90
CA TYR M 93 -32.29 13.77 75.66
C TYR M 93 -32.35 12.37 76.23
N TYR M 94 -31.54 11.47 75.67
CA TYR M 94 -31.59 10.05 75.96
C TYR M 94 -30.18 9.51 76.10
N CYS M 95 -29.90 8.81 77.19
CA CYS M 95 -28.77 7.90 77.24
C CYS M 95 -29.25 6.48 76.98
N ALA M 96 -28.47 5.71 76.23
CA ALA M 96 -28.91 4.39 75.81
C ALA M 96 -27.71 3.51 75.45
N THR M 97 -27.85 2.22 75.71
CA THR M 97 -26.85 1.25 75.31
C THR M 97 -26.99 0.92 73.84
N THR M 98 -25.91 0.43 73.24
CA THR M 98 -25.93 0.09 71.82
C THR M 98 -24.96 -1.05 71.53
N LYS M 99 -25.16 -1.69 70.38
CA LYS M 99 -24.35 -2.83 69.97
C LYS M 99 -23.80 -2.62 68.57
N HIS M 100 -22.58 -3.09 68.35
CA HIS M 100 -21.95 -3.02 67.03
C HIS M 100 -22.27 -4.28 66.22
N GLY M 101 -21.57 -4.45 65.11
CA GLY M 101 -21.78 -5.56 64.20
C GLY M 101 -21.24 -5.25 62.81
N ARG M 102 -20.61 -6.23 62.18
CA ARG M 102 -19.90 -6.01 60.92
C ARG M 102 -20.80 -6.33 59.74
N ARG M 103 -21.12 -5.31 58.95
CA ARG M 103 -21.74 -5.50 57.64
C ARG M 103 -20.62 -5.58 56.61
N ILE M 104 -20.50 -6.74 55.98
CA ILE M 104 -19.39 -7.02 55.08
C ILE M 104 -19.93 -7.18 53.67
N TYR M 105 -19.36 -6.42 52.73
CA TYR M 105 -19.81 -6.43 51.35
C TYR M 105 -18.74 -6.83 50.36
N GLY M 106 -17.47 -6.85 50.76
CA GLY M 106 -16.42 -7.20 49.83
C GLY M 106 -15.33 -8.00 50.50
N VAL M 107 -14.09 -7.70 50.20
CA VAL M 107 -12.95 -8.39 50.81
C VAL M 107 -12.74 -7.84 52.20
N VAL M 108 -12.48 -8.73 53.16
CA VAL M 108 -12.28 -8.30 54.54
C VAL M 108 -10.93 -7.62 54.70
N ALA M 109 -9.90 -8.14 54.02
CA ALA M 109 -8.56 -7.57 54.17
C ALA M 109 -8.40 -6.23 53.49
N PHE M 110 -9.25 -5.91 52.52
CA PHE M 110 -9.19 -4.61 51.86
C PHE M 110 -10.12 -3.60 52.50
N LYS M 111 -10.58 -3.89 53.72
CA LYS M 111 -11.47 -3.01 54.51
C LYS M 111 -12.76 -2.69 53.78
N GLU M 112 -13.29 -3.66 53.06
CA GLU M 112 -14.55 -3.48 52.35
C GLU M 112 -15.71 -3.99 53.20
N TRP M 113 -15.82 -3.37 54.37
CA TRP M 113 -16.85 -3.68 55.35
C TRP M 113 -16.96 -2.48 56.28
N PHE M 114 -17.99 -2.49 57.12
CA PHE M 114 -18.13 -1.41 58.09
C PHE M 114 -18.86 -1.93 59.33
N THR M 115 -18.90 -1.07 60.35
CA THR M 115 -19.51 -1.39 61.63
C THR M 115 -20.69 -0.47 61.86
N TYR M 116 -21.87 -1.04 62.03
CA TYR M 116 -23.04 -0.25 62.32
C TYR M 116 -23.37 -0.29 63.80
N PHE M 117 -24.14 0.70 64.25
CA PHE M 117 -24.62 0.79 65.61
C PHE M 117 -26.13 0.69 65.61
N TYR M 118 -26.68 0.24 66.74
CA TYR M 118 -28.13 0.20 66.94
C TYR M 118 -28.40 0.18 68.44
N MET M 119 -29.33 1.01 68.89
CA MET M 119 -29.63 1.16 70.31
C MET M 119 -30.74 0.19 70.69
N ASP M 120 -30.41 -0.80 71.53
CA ASP M 120 -31.35 -1.85 71.88
C ASP M 120 -32.36 -1.40 72.94
N VAL M 121 -31.87 -0.89 74.06
CA VAL M 121 -32.77 -0.35 75.08
C VAL M 121 -32.51 1.15 75.16
N TRP M 122 -33.37 1.86 75.87
CA TRP M 122 -33.30 3.31 75.91
C TRP M 122 -33.51 3.77 77.34
N GLY M 123 -33.29 5.06 77.57
CA GLY M 123 -33.61 5.70 78.83
C GLY M 123 -35.05 6.13 78.87
N LYS M 124 -35.31 7.22 79.58
CA LYS M 124 -36.67 7.78 79.63
C LYS M 124 -36.75 9.25 79.26
N GLY M 125 -35.71 10.03 79.44
CA GLY M 125 -35.74 11.37 78.91
C GLY M 125 -35.65 12.44 79.98
N THR M 126 -35.19 13.61 79.56
CA THR M 126 -35.20 14.82 80.39
C THR M 126 -35.60 15.98 79.49
N SER M 127 -36.75 16.59 79.77
CA SER M 127 -37.25 17.69 78.96
C SER M 127 -36.43 18.94 79.28
N VAL M 128 -35.29 19.06 78.62
CA VAL M 128 -34.45 20.24 78.77
C VAL M 128 -35.09 21.39 78.00
N THR M 129 -35.24 22.53 78.65
CA THR M 129 -35.85 23.70 78.04
C THR M 129 -35.04 24.95 78.37
N VAL M 130 -34.67 25.68 77.34
CA VAL M 130 -33.91 26.92 77.50
C VAL M 130 -34.89 28.09 77.50
N SER M 131 -34.84 28.89 78.55
CA SER M 131 -35.75 30.01 78.73
C SER M 131 -35.13 30.99 79.71
N SER M 132 -35.60 32.22 79.65
CA SER M 132 -35.09 33.25 80.55
C SER M 132 -36.21 33.77 81.45
N THR N 1 -46.97 12.45 55.80
CA THR N 1 -46.65 11.04 55.77
C THR N 1 -47.67 10.29 56.59
N PHE N 2 -48.93 10.29 56.19
CA PHE N 2 -49.95 9.59 56.93
C PHE N 2 -50.45 8.41 56.12
N VAL N 3 -50.20 7.21 56.64
CA VAL N 3 -50.61 5.96 56.01
C VAL N 3 -51.64 5.31 56.92
N SER N 4 -52.85 5.02 56.41
CA SER N 4 -53.86 4.27 57.17
C SER N 4 -54.32 3.01 56.45
N VAL N 5 -54.34 1.90 57.19
CA VAL N 5 -54.75 0.59 56.71
C VAL N 5 -55.60 -0.01 57.80
N ALA N 6 -56.90 -0.20 57.54
CA ALA N 6 -57.86 -0.96 58.35
C ALA N 6 -57.24 -2.25 58.86
N PRO N 7 -57.43 -2.58 60.14
CA PRO N 7 -56.57 -3.57 60.80
C PRO N 7 -56.73 -4.99 60.28
N GLY N 8 -55.67 -5.78 60.40
CA GLY N 8 -55.62 -7.10 59.82
C GLY N 8 -55.10 -7.13 58.40
N GLN N 9 -54.89 -5.99 57.77
CA GLN N 9 -54.35 -5.93 56.41
C GLN N 9 -52.84 -5.75 56.43
N THR N 10 -52.25 -5.64 55.24
CA THR N 10 -50.81 -5.45 55.07
C THR N 10 -50.47 -3.98 55.04
N ALA N 11 -49.17 -3.69 55.06
CA ALA N 11 -48.67 -2.33 55.24
C ALA N 11 -47.24 -2.26 54.72
N ARG N 12 -46.94 -1.18 54.01
CA ARG N 12 -45.61 -0.94 53.46
C ARG N 12 -45.22 0.49 53.78
N ILE N 13 -44.22 0.66 54.63
CA ILE N 13 -43.77 1.98 55.06
C ILE N 13 -42.40 2.21 54.45
N THR N 14 -42.29 3.24 53.61
CA THR N 14 -41.02 3.64 53.04
C THR N 14 -40.41 4.76 53.85
N CYS N 15 -39.07 4.82 53.84
CA CYS N 15 -38.36 5.85 54.59
C CYS N 15 -36.96 6.00 54.00
N GLY N 16 -36.44 7.22 54.09
CA GLY N 16 -35.05 7.47 53.77
C GLY N 16 -34.77 7.64 52.30
N GLU N 17 -33.52 7.98 52.02
CA GLU N 17 -33.05 8.21 50.67
C GLU N 17 -32.94 6.89 49.92
N GLU N 18 -32.95 6.97 48.59
CA GLU N 18 -32.78 5.79 47.75
C GLU N 18 -31.37 5.24 47.91
N SER N 19 -31.25 3.91 47.78
CA SER N 19 -29.98 3.25 48.02
C SER N 19 -28.97 3.57 46.92
N LEU N 20 -27.70 3.62 47.30
CA LEU N 20 -26.60 3.85 46.36
C LEU N 20 -25.71 2.63 46.23
N GLY N 21 -25.31 2.04 47.35
CA GLY N 21 -24.55 0.81 47.37
C GLY N 21 -25.18 -0.17 48.34
N SER N 22 -24.33 -0.91 49.04
CA SER N 22 -24.81 -1.82 50.07
C SER N 22 -25.21 -1.05 51.32
N ARG N 23 -26.30 -1.46 51.93
CA ARG N 23 -26.88 -0.74 53.05
C ARG N 23 -27.16 -1.66 54.21
N SER N 24 -27.22 -1.08 55.40
CA SER N 24 -27.56 -1.77 56.65
C SER N 24 -28.60 -0.92 57.38
N VAL N 25 -29.88 -1.22 57.15
CA VAL N 25 -30.94 -0.39 57.71
C VAL N 25 -31.20 -0.77 59.16
N ILE N 26 -31.75 0.18 59.92
CA ILE N 26 -32.20 -0.04 61.29
C ILE N 26 -33.57 0.63 61.42
N TRP N 27 -34.58 -0.14 61.81
CA TRP N 27 -35.91 0.39 62.03
C TRP N 27 -36.18 0.51 63.53
N TYR N 28 -36.59 1.70 63.95
CA TYR N 28 -37.04 2.00 65.29
C TYR N 28 -38.52 2.38 65.26
N GLN N 29 -39.19 2.23 66.40
CA GLN N 29 -40.55 2.71 66.54
C GLN N 29 -40.67 3.53 67.82
N GLN N 30 -41.72 4.35 67.88
CA GLN N 30 -41.87 5.33 68.95
C GLN N 30 -43.36 5.48 69.22
N ARG N 31 -43.80 4.94 70.35
CA ARG N 31 -45.14 5.22 70.83
C ARG N 31 -45.22 6.67 71.30
N PRO N 32 -46.41 7.28 71.27
CA PRO N 32 -46.54 8.67 71.73
C PRO N 32 -46.25 8.81 73.22
N GLY N 33 -45.31 9.68 73.56
CA GLY N 33 -44.94 9.93 74.93
C GLY N 33 -43.88 9.01 75.49
N GLN N 34 -43.53 7.94 74.78
CA GLN N 34 -42.60 6.96 75.32
C GLN N 34 -41.17 7.24 74.84
N ALA N 35 -40.26 6.40 75.27
CA ALA N 35 -38.92 6.34 74.71
C ALA N 35 -38.99 5.57 73.40
N PRO N 36 -37.97 5.66 72.55
CA PRO N 36 -37.92 4.79 71.36
C PRO N 36 -37.72 3.33 71.73
N SER N 37 -37.80 2.49 70.71
CA SER N 37 -37.62 1.05 70.90
C SER N 37 -37.20 0.43 69.59
N LEU N 38 -36.21 -0.45 69.66
CA LEU N 38 -35.76 -1.16 68.48
C LEU N 38 -36.79 -2.17 68.04
N ILE N 39 -37.03 -2.26 66.73
CA ILE N 39 -37.76 -3.36 66.15
C ILE N 39 -36.91 -4.14 65.15
N ILE N 40 -36.12 -3.47 64.31
CA ILE N 40 -35.27 -4.15 63.32
C ILE N 40 -33.88 -3.55 63.40
N TYR N 41 -32.85 -4.40 63.49
CA TYR N 41 -31.48 -3.91 63.61
C TYR N 41 -30.60 -4.20 62.40
N ASN N 42 -31.04 -5.05 61.47
CA ASN N 42 -30.26 -5.34 60.27
C ASN N 42 -31.20 -5.08 59.09
N ASN N 43 -30.81 -5.53 57.90
CA ASN N 43 -31.69 -5.42 56.75
C ASN N 43 -32.95 -6.26 56.92
N ASN N 44 -32.82 -7.48 57.44
CA ASN N 44 -34.00 -8.28 57.73
C ASN N 44 -33.80 -9.12 58.99
N ASP N 45 -33.23 -8.54 60.04
CA ASP N 45 -33.05 -9.27 61.29
C ASP N 45 -33.68 -8.50 62.44
N ARG N 46 -34.35 -9.22 63.32
CA ARG N 46 -34.99 -8.67 64.49
C ARG N 46 -34.43 -9.30 65.75
N PRO N 47 -34.38 -8.56 66.85
CA PRO N 47 -33.96 -9.17 68.12
C PRO N 47 -35.13 -9.82 68.82
N SER N 48 -34.92 -10.32 70.02
CA SER N 48 -36.00 -10.89 70.81
C SER N 48 -36.94 -9.80 71.32
N GLY N 49 -38.14 -10.22 71.68
CA GLY N 49 -39.16 -9.31 72.18
C GLY N 49 -40.13 -8.83 71.12
N ILE N 50 -39.63 -8.49 69.94
CA ILE N 50 -40.46 -8.07 68.82
C ILE N 50 -40.75 -9.30 67.95
N PRO N 51 -42.01 -9.57 67.63
CA PRO N 51 -42.34 -10.78 66.86
C PRO N 51 -42.03 -10.60 65.38
N ASP N 52 -42.45 -11.59 64.61
CA ASP N 52 -42.24 -11.60 63.16
C ASP N 52 -43.30 -10.74 62.47
N ARG N 53 -43.40 -10.89 61.14
CA ARG N 53 -44.19 -10.15 60.16
C ARG N 53 -43.70 -8.73 59.94
N PHE N 54 -42.60 -8.32 60.58
CA PHE N 54 -42.00 -7.00 60.34
C PHE N 54 -40.80 -7.21 59.43
N SER N 55 -41.09 -7.43 58.15
CA SER N 55 -40.07 -7.75 57.16
C SER N 55 -39.40 -6.49 56.65
N GLY N 56 -38.17 -6.64 56.17
CA GLY N 56 -37.43 -5.53 55.64
C GLY N 56 -36.92 -5.82 54.25
N SER N 57 -36.71 -4.74 53.50
CA SER N 57 -36.07 -4.86 52.20
C SER N 57 -34.61 -5.25 52.38
N PRO N 58 -34.12 -6.22 51.62
CA PRO N 58 -32.71 -6.59 51.73
C PRO N 58 -31.81 -5.53 51.11
N GLY N 59 -30.63 -5.38 51.70
CA GLY N 59 -29.72 -4.34 51.27
C GLY N 59 -28.93 -4.62 50.02
N SER N 60 -29.07 -5.82 49.46
CA SER N 60 -28.34 -6.18 48.26
C SER N 60 -28.93 -5.54 47.00
N THR N 61 -30.12 -4.98 47.08
CA THR N 61 -30.71 -4.29 45.94
C THR N 61 -30.07 -2.92 45.77
N PHE N 62 -29.79 -2.56 44.52
CA PHE N 62 -29.11 -1.32 44.18
C PHE N 62 -30.12 -0.34 43.60
N GLY N 63 -30.21 0.84 44.20
CA GLY N 63 -31.10 1.85 43.68
C GLY N 63 -32.56 1.63 44.03
N THR N 64 -32.86 1.38 45.31
CA THR N 64 -34.22 1.26 45.79
C THR N 64 -34.36 2.02 47.10
N THR N 65 -35.60 2.15 47.55
CA THR N 65 -35.89 2.79 48.82
C THR N 65 -36.07 1.73 49.88
N ALA N 66 -35.61 2.04 51.09
CA ALA N 66 -35.82 1.15 52.22
C ALA N 66 -37.30 1.12 52.58
N THR N 67 -37.88 -0.07 52.61
CA THR N 67 -39.27 -0.25 52.96
C THR N 67 -39.37 -1.07 54.24
N LEU N 68 -40.56 -1.04 54.84
CA LEU N 68 -40.84 -1.80 56.05
C LEU N 68 -42.20 -2.46 55.86
N THR N 69 -42.22 -3.78 55.81
CA THR N 69 -43.40 -4.53 55.45
C THR N 69 -44.04 -5.10 56.70
N ILE N 70 -45.28 -4.69 56.98
CA ILE N 70 -46.04 -5.16 58.13
C ILE N 70 -47.31 -5.82 57.62
N THR N 71 -47.59 -7.02 58.12
CA THR N 71 -48.86 -7.69 57.87
C THR N 71 -49.57 -7.91 59.21
N SER N 72 -50.91 -7.95 59.14
CA SER N 72 -51.81 -8.15 60.28
C SER N 72 -51.57 -7.10 61.37
N VAL N 73 -51.83 -5.85 60.97
CA VAL N 73 -51.57 -4.69 61.84
C VAL N 73 -52.60 -4.61 62.95
N GLU N 74 -52.33 -3.78 63.95
CA GLU N 74 -53.16 -3.69 65.14
C GLU N 74 -53.03 -2.29 65.72
N ALA N 75 -53.64 -2.09 66.89
CA ALA N 75 -53.56 -0.81 67.59
C ALA N 75 -52.22 -0.62 68.30
N GLY N 76 -51.50 -1.70 68.58
CA GLY N 76 -50.17 -1.55 69.16
C GLY N 76 -49.13 -1.04 68.19
N ASP N 77 -49.29 -1.36 66.90
CA ASP N 77 -48.35 -0.91 65.88
C ASP N 77 -48.57 0.54 65.50
N GLU N 78 -49.66 1.15 65.99
CA GLU N 78 -49.94 2.57 65.81
C GLU N 78 -48.86 3.37 66.54
N ALA N 79 -47.86 3.83 65.81
CA ALA N 79 -46.72 4.53 66.38
C ALA N 79 -46.05 5.36 65.29
N ASP N 80 -44.98 6.05 65.66
CA ASP N 80 -44.14 6.79 64.72
C ASP N 80 -42.95 5.93 64.37
N TYR N 81 -42.74 5.68 63.09
CA TYR N 81 -41.62 4.82 62.68
C TYR N 81 -40.45 5.66 62.22
N TYR N 82 -39.25 5.10 62.37
CA TYR N 82 -38.04 5.81 62.01
C TYR N 82 -37.06 4.83 61.38
N CYS N 83 -36.34 5.33 60.38
CA CYS N 83 -35.34 4.55 59.66
C CYS N 83 -33.96 5.13 59.91
N HIS N 84 -32.96 4.24 59.85
CA HIS N 84 -31.56 4.61 60.02
C HIS N 84 -30.76 3.75 59.04
N ILE N 85 -30.56 4.27 57.85
CA ILE N 85 -29.84 3.56 56.81
C ILE N 85 -28.35 3.72 57.09
N TRP N 86 -27.58 2.70 56.71
CA TRP N 86 -26.13 2.76 56.82
C TRP N 86 -25.58 2.32 55.47
N ASP N 87 -25.45 3.27 54.55
CA ASP N 87 -24.97 2.97 53.22
C ASP N 87 -23.45 2.85 53.22
N SER N 88 -22.94 1.92 52.41
CA SER N 88 -21.51 1.75 52.22
C SER N 88 -20.93 2.76 51.24
N ARG N 89 -21.73 3.64 50.68
CA ARG N 89 -21.22 4.73 49.86
C ARG N 89 -21.50 6.09 50.50
N ARG N 90 -22.69 6.31 51.02
CA ARG N 90 -22.99 7.53 51.74
C ARG N 90 -22.31 7.51 53.12
N PRO N 91 -22.04 8.69 53.72
CA PRO N 91 -21.39 8.68 55.04
C PRO N 91 -22.30 8.31 56.19
N THR N 92 -21.76 8.43 57.41
CA THR N 92 -22.45 8.02 58.63
C THR N 92 -23.57 9.00 58.96
N ASN N 93 -24.77 8.47 59.19
CA ASN N 93 -25.95 9.29 59.47
C ASN N 93 -26.05 9.53 60.97
N TRP N 94 -25.62 10.72 61.41
CA TRP N 94 -25.79 11.09 62.81
C TRP N 94 -27.19 11.58 63.13
N VAL N 95 -28.03 11.74 62.12
CA VAL N 95 -29.45 12.01 62.32
C VAL N 95 -30.24 10.89 61.66
N PHE N 96 -31.46 10.66 62.15
CA PHE N 96 -32.30 9.63 61.57
C PHE N 96 -33.02 10.15 60.34
N GLY N 97 -33.85 9.28 59.76
CA GLY N 97 -34.64 9.62 58.60
C GLY N 97 -35.87 10.42 58.96
N GLU N 98 -36.83 10.44 58.04
CA GLU N 98 -38.02 11.25 58.21
C GLU N 98 -39.07 10.47 58.97
N GLY N 99 -39.83 11.17 59.82
CA GLY N 99 -40.82 10.52 60.65
C GLY N 99 -42.00 10.04 59.83
N THR N 100 -42.17 8.73 59.71
CA THR N 100 -43.32 8.14 59.05
C THR N 100 -44.24 7.57 60.12
N THR N 101 -45.47 8.03 60.11
CA THR N 101 -46.43 7.77 61.15
C THR N 101 -47.39 6.70 60.63
N LEU N 102 -47.78 5.77 61.49
CA LEU N 102 -48.83 4.80 61.20
C LEU N 102 -50.04 5.07 62.07
N ILE N 103 -51.24 5.01 61.48
CA ILE N 103 -52.49 5.15 62.22
C ILE N 103 -53.50 4.14 61.70
N VAL N 104 -54.29 3.60 62.62
CA VAL N 104 -55.12 2.44 62.34
C VAL N 104 -56.57 2.79 62.66
N LEU N 105 -57.49 2.02 62.09
CA LEU N 105 -58.90 2.33 62.23
C LEU N 105 -59.48 1.80 63.54
N GLN O 1 28.84 8.83 17.10
CA GLN O 1 29.53 8.77 18.39
C GLN O 1 28.58 8.33 19.49
N VAL O 2 29.15 7.88 20.61
CA VAL O 2 28.39 7.54 21.80
C VAL O 2 28.97 8.37 22.95
N GLN O 3 28.16 9.26 23.50
CA GLN O 3 28.62 10.17 24.52
C GLN O 3 27.86 9.94 25.81
N LEU O 4 28.59 9.92 26.92
CA LEU O 4 28.06 9.74 28.26
C LEU O 4 28.51 10.92 29.10
N VAL O 5 27.59 11.79 29.47
CA VAL O 5 27.91 13.00 30.20
C VAL O 5 27.41 12.82 31.62
N GLN O 6 28.32 12.90 32.58
CA GLN O 6 27.95 12.81 33.98
C GLN O 6 27.71 14.22 34.52
N SER O 7 27.56 14.30 35.84
CA SER O 7 27.61 15.59 36.52
C SER O 7 29.01 15.79 37.07
N GLY O 8 29.24 16.99 37.60
CA GLY O 8 30.52 17.29 38.20
C GLY O 8 30.71 16.58 39.52
N ALA O 9 31.95 16.61 40.01
CA ALA O 9 32.28 16.02 41.30
C ALA O 9 31.63 16.83 42.41
N VAL O 10 31.20 16.13 43.46
CA VAL O 10 30.45 16.76 44.54
C VAL O 10 31.03 16.31 45.88
N ILE O 11 30.85 17.18 46.88
CA ILE O 11 31.30 16.92 48.24
C ILE O 11 30.07 16.90 49.14
N LYS O 12 29.91 15.81 49.88
CA LYS O 12 28.75 15.63 50.75
C LYS O 12 29.19 15.38 52.18
N THR O 13 28.20 15.36 53.07
CA THR O 13 28.33 15.08 54.49
C THR O 13 27.93 13.65 54.77
N PRO O 14 28.39 13.05 55.88
CA PRO O 14 27.94 11.71 56.23
C PRO O 14 26.46 11.67 56.60
N GLY O 15 25.76 10.68 56.05
CA GLY O 15 24.34 10.52 56.29
C GLY O 15 23.44 11.18 55.26
N SER O 16 24.00 11.81 54.24
CA SER O 16 23.20 12.46 53.22
C SER O 16 22.92 11.48 52.07
N SER O 17 22.45 12.01 50.95
CA SER O 17 22.14 11.21 49.77
C SER O 17 22.55 11.98 48.53
N VAL O 18 23.40 11.39 47.70
CA VAL O 18 23.91 12.04 46.51
C VAL O 18 23.14 11.53 45.30
N LYS O 19 22.68 12.45 44.44
CA LYS O 19 22.01 12.10 43.20
C LYS O 19 22.96 12.38 42.06
N ILE O 20 23.28 11.33 41.29
CA ILE O 20 24.20 11.43 40.17
C ILE O 20 23.43 11.13 38.90
N SER O 21 23.47 12.05 37.94
CA SER O 21 22.81 11.92 36.66
C SER O 21 23.78 11.33 35.64
N CYS O 22 23.20 10.79 34.57
CA CYS O 22 23.99 10.24 33.47
C CYS O 22 23.19 10.44 32.19
N ARG O 23 23.58 11.44 31.40
CA ARG O 23 22.91 11.69 30.13
C ARG O 23 23.63 10.96 29.01
N ALA O 24 22.88 10.18 28.24
CA ALA O 24 23.45 9.38 27.16
C ALA O 24 22.93 9.92 25.83
N SER O 25 23.82 9.95 24.84
CA SER O 25 23.46 10.51 23.55
C SER O 25 24.24 9.83 22.44
N GLY O 26 23.62 9.72 21.28
CA GLY O 26 24.24 9.15 20.11
C GLY O 26 23.80 7.77 19.74
N TYR O 27 22.77 7.23 20.38
CA TYR O 27 22.27 5.89 20.08
C TYR O 27 20.83 5.84 20.56
N ASN O 28 20.17 4.73 20.23
CA ASN O 28 18.79 4.54 20.65
C ASN O 28 18.77 4.14 22.12
N PHE O 29 18.30 5.06 22.98
CA PHE O 29 18.46 4.93 24.42
C PHE O 29 17.66 3.79 25.03
N ARG O 30 16.56 3.39 24.38
CA ARG O 30 15.68 2.38 24.97
C ARG O 30 16.19 0.97 24.78
N ASP O 31 17.26 0.76 24.03
CA ASP O 31 17.66 -0.60 23.67
C ASP O 31 18.70 -1.18 24.60
N TYR O 32 19.68 -0.39 25.02
CA TYR O 32 20.82 -0.91 25.75
C TYR O 32 20.73 -0.56 27.24
N SER O 33 21.17 -1.50 28.07
CA SER O 33 21.11 -1.33 29.52
C SER O 33 22.17 -0.37 30.02
N ILE O 34 21.97 0.14 31.24
CA ILE O 34 22.90 1.05 31.89
C ILE O 34 23.36 0.40 33.17
N HIS O 35 24.67 0.25 33.34
CA HIS O 35 25.21 -0.24 34.60
C HIS O 35 25.85 0.91 35.37
N TRP O 36 25.93 0.73 36.68
CA TRP O 36 26.66 1.64 37.55
C TRP O 36 27.80 0.89 38.20
N VAL O 37 29.00 1.48 38.21
CA VAL O 37 30.17 0.86 38.81
C VAL O 37 30.92 1.93 39.60
N ARG O 38 31.70 1.48 40.58
CA ARG O 38 32.47 2.37 41.43
C ARG O 38 33.94 1.98 41.38
N LEU O 39 34.80 2.95 41.72
CA LEU O 39 36.24 2.74 41.86
C LEU O 39 36.69 3.40 43.15
N ILE O 40 37.13 2.60 44.10
CA ILE O 40 37.63 3.08 45.38
C ILE O 40 39.13 2.84 45.42
N PRO O 41 39.93 3.81 45.87
CA PRO O 41 41.37 3.56 46.03
C PRO O 41 41.64 2.50 47.07
N ASP O 42 42.59 1.62 46.76
CA ASP O 42 42.96 0.42 47.52
C ASP O 42 41.79 -0.54 47.69
N LYS O 43 40.81 -0.48 46.81
CA LYS O 43 39.74 -1.47 46.74
C LYS O 43 39.44 -1.93 45.33
N GLY O 44 39.86 -1.19 44.32
CA GLY O 44 39.54 -1.56 42.96
C GLY O 44 38.08 -1.24 42.63
N PHE O 45 37.60 -1.91 41.60
CA PHE O 45 36.24 -1.73 41.15
C PHE O 45 35.27 -2.57 41.98
N GLU O 46 34.02 -2.13 42.03
CA GLU O 46 32.98 -2.83 42.76
C GLU O 46 31.65 -2.52 42.11
N TRP O 47 30.82 -3.55 41.92
CA TRP O 47 29.62 -3.44 41.12
C TRP O 47 28.45 -2.93 41.95
N ILE O 48 27.60 -2.12 41.33
CA ILE O 48 26.47 -1.50 42.01
C ILE O 48 25.15 -2.08 41.53
N GLY O 49 24.91 -2.05 40.22
CA GLY O 49 23.63 -2.50 39.71
C GLY O 49 23.45 -2.13 38.26
N TRP O 50 22.33 -2.56 37.70
CA TRP O 50 21.96 -2.15 36.35
C TRP O 50 20.48 -1.78 36.29
N ILE O 51 20.14 -1.06 35.22
CA ILE O 51 18.78 -0.63 34.95
C ILE O 51 18.57 -0.64 33.44
N LYS O 52 17.49 -1.25 32.99
CA LYS O 52 17.10 -1.20 31.58
C LYS O 52 16.14 -0.04 31.41
N PRO O 53 16.50 1.01 30.67
CA PRO O 53 15.65 2.21 30.62
C PRO O 53 14.39 2.06 29.79
N LEU O 54 14.19 0.90 29.16
CA LEU O 54 12.97 0.65 28.40
C LEU O 54 11.75 0.67 29.30
N TRP O 55 11.84 0.00 30.45
CA TRP O 55 10.82 0.11 31.47
C TRP O 55 11.32 0.74 32.76
N GLY O 56 12.61 0.67 33.03
CA GLY O 56 13.11 0.97 34.35
C GLY O 56 13.36 -0.26 35.20
N ALA O 57 13.39 -1.45 34.60
CA ALA O 57 13.64 -2.67 35.35
C ALA O 57 15.07 -2.67 35.87
N VAL O 58 15.20 -2.77 37.19
CA VAL O 58 16.51 -2.63 37.82
C VAL O 58 16.92 -3.94 38.45
N SER O 59 18.20 -4.00 38.80
CA SER O 59 18.74 -5.03 39.66
C SER O 59 19.88 -4.39 40.43
N TYR O 60 19.92 -4.64 41.73
CA TYR O 60 20.95 -4.05 42.58
C TYR O 60 21.92 -5.13 43.03
N ALA O 61 23.12 -4.69 43.41
CA ALA O 61 24.04 -5.58 44.10
C ALA O 61 23.49 -5.90 45.48
N ARG O 62 23.90 -7.06 46.01
CA ARG O 62 23.28 -7.58 47.22
C ARG O 62 23.67 -6.77 48.45
N GLN O 63 24.94 -6.40 48.57
CA GLN O 63 25.45 -5.75 49.76
C GLN O 63 25.17 -4.25 49.81
N LEU O 64 24.51 -3.70 48.79
CA LEU O 64 24.17 -2.29 48.77
C LEU O 64 22.67 -2.06 48.79
N GLN O 65 21.87 -3.09 49.06
CA GLN O 65 20.44 -2.95 49.04
C GLN O 65 19.96 -2.15 50.25
N GLY O 66 18.86 -1.42 50.06
CA GLY O 66 18.37 -0.50 51.05
C GLY O 66 18.97 0.89 50.97
N ARG O 67 20.05 1.07 50.22
CA ARG O 67 20.73 2.35 50.12
C ARG O 67 20.66 2.96 48.73
N VAL O 68 20.70 2.16 47.67
CA VAL O 68 20.78 2.68 46.31
C VAL O 68 19.39 2.71 45.68
N SER O 69 19.26 3.53 44.63
CA SER O 69 18.02 3.64 43.87
C SER O 69 18.34 4.09 42.45
N MET O 70 17.60 3.56 41.48
CA MET O 70 17.83 3.86 40.07
C MET O 70 16.52 4.22 39.39
N THR O 71 16.49 5.35 38.71
CA THR O 71 15.34 5.78 37.91
C THR O 71 15.84 6.23 36.54
N ARG O 72 14.91 6.46 35.62
CA ARG O 72 15.26 7.04 34.33
C ARG O 72 14.13 7.92 33.82
N GLN O 73 14.47 8.77 32.86
CA GLN O 73 13.51 9.65 32.19
C GLN O 73 13.79 9.60 30.70
N LEU O 74 12.78 9.26 29.91
CA LEU O 74 12.97 9.08 28.49
C LEU O 74 12.74 10.39 27.73
N SER O 75 13.09 10.35 26.44
CA SER O 75 12.96 11.49 25.55
C SER O 75 11.71 11.28 24.71
N GLN O 76 10.72 12.13 24.92
CA GLN O 76 9.40 11.95 24.30
C GLN O 76 9.17 13.07 23.31
N ASP O 77 9.70 12.88 22.11
CA ASP O 77 9.47 13.72 20.93
C ASP O 77 9.90 12.93 19.72
N PRO O 78 9.25 13.10 18.57
CA PRO O 78 9.67 12.40 17.37
C PRO O 78 10.85 13.04 16.66
N ASP O 79 11.48 14.04 17.26
CA ASP O 79 12.62 14.72 16.67
C ASP O 79 13.95 14.38 17.31
N ASP O 80 13.98 14.23 18.64
CA ASP O 80 15.20 13.83 19.35
C ASP O 80 14.91 12.56 20.16
N PRO O 81 14.87 11.40 19.52
CA PRO O 81 14.66 10.16 20.27
C PRO O 81 15.93 9.54 20.83
N ASP O 82 17.08 10.11 20.53
CA ASP O 82 18.35 9.43 20.83
C ASP O 82 18.76 9.62 22.29
N TRP O 83 18.68 10.85 22.79
CA TRP O 83 19.20 11.14 24.11
C TRP O 83 18.31 10.57 25.19
N GLY O 84 18.88 10.39 26.38
CA GLY O 84 18.09 9.97 27.53
C GLY O 84 18.86 10.18 28.80
N VAL O 85 18.14 10.24 29.91
CA VAL O 85 18.76 10.49 31.21
C VAL O 85 18.50 9.29 32.11
N ALA O 86 19.56 8.78 32.72
CA ALA O 86 19.47 7.83 33.81
C ALA O 86 19.91 8.52 35.10
N TYR O 87 19.46 7.98 36.23
CA TYR O 87 19.77 8.54 37.52
C TYR O 87 20.30 7.46 38.44
N MET O 88 21.01 7.88 39.49
CA MET O 88 21.38 6.99 40.58
C MET O 88 21.36 7.81 41.86
N GLU O 89 20.45 7.46 42.76
CA GLU O 89 20.37 8.11 44.06
C GLU O 89 20.99 7.18 45.09
N PHE O 90 22.14 7.58 45.63
CA PHE O 90 22.85 6.78 46.62
C PHE O 90 22.70 7.41 48.00
N SER O 91 22.12 6.66 48.92
CA SER O 91 21.81 7.13 50.27
C SER O 91 22.62 6.35 51.29
N GLY O 92 22.50 6.77 52.55
CA GLY O 92 23.24 6.18 53.65
C GLY O 92 24.72 6.43 53.57
N LEU O 93 25.11 7.70 53.43
CA LEU O 93 26.49 8.04 53.13
C LEU O 93 27.38 7.86 54.35
N THR O 94 28.49 7.15 54.16
CA THR O 94 29.55 6.96 55.14
C THR O 94 30.85 7.50 54.56
N PRO O 95 31.86 7.79 55.38
CA PRO O 95 33.17 8.19 54.83
C PRO O 95 33.89 7.10 54.04
N ALA O 96 33.45 5.84 54.10
CA ALA O 96 34.06 4.80 53.29
C ALA O 96 33.70 4.91 51.81
N ASP O 97 32.61 5.61 51.48
CA ASP O 97 32.11 5.64 50.11
C ASP O 97 32.74 6.72 49.25
N THR O 98 33.82 7.35 49.69
CA THR O 98 34.52 8.33 48.86
C THR O 98 35.21 7.60 47.72
N ALA O 99 34.76 7.86 46.49
CA ALA O 99 35.14 7.03 45.35
C ALA O 99 34.81 7.75 44.07
N GLU O 100 35.23 7.19 42.95
CA GLU O 100 34.89 7.71 41.63
C GLU O 100 33.89 6.78 40.98
N TYR O 101 32.76 7.33 40.53
CA TYR O 101 31.64 6.56 40.01
C TYR O 101 31.57 6.67 38.50
N PHE O 102 31.08 5.62 37.86
CA PHE O 102 30.95 5.54 36.42
C PHE O 102 29.61 4.92 36.04
N CYS O 103 28.97 5.46 35.01
CA CYS O 103 27.78 4.85 34.40
C CYS O 103 28.16 4.37 33.00
N VAL O 104 27.98 3.08 32.76
CA VAL O 104 28.61 2.43 31.62
C VAL O 104 27.58 1.71 30.75
N ARG O 105 27.93 1.54 29.48
CA ARG O 105 27.12 0.84 28.51
C ARG O 105 27.98 -0.19 27.78
N ARG O 106 27.36 -1.34 27.50
CA ARG O 106 28.00 -2.43 26.78
C ARG O 106 28.21 -2.05 25.32
N GLY O 107 28.95 -2.90 24.61
CA GLY O 107 29.18 -2.71 23.19
C GLY O 107 27.98 -3.12 22.37
N SER O 108 28.08 -2.90 21.07
CA SER O 108 26.97 -3.14 20.16
C SER O 108 27.23 -4.30 19.22
N CYS O 109 28.31 -5.05 19.42
CA CYS O 109 28.63 -6.13 18.50
C CYS O 109 27.78 -7.36 18.81
N ASP O 110 27.89 -8.37 17.96
CA ASP O 110 27.03 -9.54 18.07
C ASP O 110 27.47 -10.47 19.19
N TYR O 111 28.76 -10.72 19.31
CA TYR O 111 29.27 -11.54 20.41
C TYR O 111 29.48 -10.74 21.68
N CYS O 112 29.19 -9.44 21.65
CA CYS O 112 29.29 -8.62 22.84
C CYS O 112 28.20 -9.01 23.82
N GLY O 113 28.60 -9.38 25.02
CA GLY O 113 27.68 -9.66 26.10
C GLY O 113 27.20 -8.38 26.75
N ASP O 114 26.88 -8.49 28.04
CA ASP O 114 26.36 -7.33 28.74
C ASP O 114 27.39 -6.62 29.60
N PHE O 115 28.17 -7.36 30.33
CA PHE O 115 29.21 -6.80 31.19
C PHE O 115 30.47 -6.20 30.55
N PRO O 116 30.94 -6.64 29.35
CA PRO O 116 32.04 -5.89 28.72
C PRO O 116 31.66 -4.49 28.26
N TRP O 117 31.60 -3.56 29.21
CA TRP O 117 31.14 -2.20 29.01
C TRP O 117 32.11 -1.44 28.10
N GLN O 118 31.68 -1.16 26.87
CA GLN O 118 32.51 -0.39 25.95
C GLN O 118 32.56 1.08 26.33
N TYR O 119 31.41 1.72 26.42
CA TYR O 119 31.38 3.17 26.55
C TYR O 119 31.23 3.58 28.00
N TRP O 120 32.06 4.54 28.42
CA TRP O 120 32.21 4.95 29.80
C TRP O 120 32.02 6.45 29.90
N GLY O 121 31.41 6.90 31.00
CA GLY O 121 31.40 8.31 31.34
C GLY O 121 32.74 8.75 31.90
N GLN O 122 32.87 10.05 32.08
CA GLN O 122 34.15 10.63 32.50
C GLN O 122 34.44 10.46 33.98
N GLY O 123 33.48 9.97 34.76
CA GLY O 123 33.71 9.72 36.17
C GLY O 123 33.29 10.86 37.07
N THR O 124 32.71 10.53 38.22
CA THR O 124 32.27 11.54 39.19
C THR O 124 32.86 11.22 40.54
N VAL O 125 33.59 12.17 41.11
CA VAL O 125 34.26 11.95 42.39
C VAL O 125 33.31 12.36 43.52
N VAL O 126 33.10 11.45 44.46
CA VAL O 126 32.26 11.71 45.62
C VAL O 126 33.13 11.59 46.86
N VAL O 127 33.25 12.69 47.60
CA VAL O 127 34.03 12.74 48.83
C VAL O 127 33.08 13.09 49.97
N VAL O 128 33.18 12.32 51.06
CA VAL O 128 32.27 12.45 52.17
C VAL O 128 32.92 13.21 53.34
N GLU P 1 30.07 -17.06 44.73
CA GLU P 1 30.66 -15.97 43.96
C GLU P 1 31.93 -16.42 43.27
N ILE P 2 32.43 -15.61 42.35
CA ILE P 2 33.64 -15.91 41.60
C ILE P 2 34.71 -14.94 42.07
N VAL P 3 35.91 -15.46 42.33
CA VAL P 3 37.04 -14.66 42.78
C VAL P 3 38.09 -14.66 41.67
N LEU P 4 38.54 -13.47 41.28
CA LEU P 4 39.62 -13.32 40.32
C LEU P 4 40.92 -13.05 41.05
N THR P 5 42.02 -13.63 40.56
CA THR P 5 43.33 -13.44 41.15
C THR P 5 44.35 -13.15 40.06
N GLN P 6 45.07 -12.05 40.19
CA GLN P 6 46.12 -11.68 39.25
C GLN P 6 47.48 -12.07 39.83
N SER P 7 48.33 -12.70 39.01
CA SER P 7 49.60 -13.21 39.53
C SER P 7 50.72 -12.20 39.71
N PRO P 8 51.16 -11.42 38.69
CA PRO P 8 52.46 -10.75 38.84
C PRO P 8 52.43 -9.53 39.74
N GLY P 9 51.27 -8.89 39.90
CA GLY P 9 51.21 -7.67 40.69
C GLY P 9 51.85 -6.52 39.95
N ILE P 10 53.03 -6.10 40.40
CA ILE P 10 53.78 -5.05 39.74
C ILE P 10 54.77 -5.67 38.77
N LEU P 11 54.76 -5.21 37.53
CA LEU P 11 55.64 -5.71 36.49
C LEU P 11 56.44 -4.55 35.93
N SER P 12 57.74 -4.54 36.17
CA SER P 12 58.61 -3.47 35.73
C SER P 12 59.45 -3.95 34.55
N LEU P 13 59.21 -3.39 33.37
CA LEU P 13 59.92 -3.76 32.17
C LEU P 13 60.30 -2.51 31.40
N SER P 14 61.03 -2.70 30.30
CA SER P 14 61.50 -1.63 29.45
C SER P 14 60.61 -1.47 28.23
N PRO P 15 60.52 -0.26 27.66
CA PRO P 15 59.76 -0.08 26.43
C PRO P 15 60.40 -0.79 25.25
N GLY P 16 59.55 -1.23 24.33
CA GLY P 16 59.97 -2.07 23.22
C GLY P 16 59.91 -3.55 23.51
N GLU P 17 59.89 -3.94 24.78
CA GLU P 17 59.87 -5.34 25.17
C GLU P 17 58.46 -5.91 25.04
N THR P 18 58.34 -7.20 25.33
CA THR P 18 57.06 -7.89 25.45
C THR P 18 56.74 -8.14 26.91
N ALA P 19 55.49 -8.50 27.18
CA ALA P 19 55.03 -8.75 28.53
C ALA P 19 53.85 -9.70 28.50
N THR P 20 53.67 -10.44 29.58
CA THR P 20 52.60 -11.44 29.69
C THR P 20 52.00 -11.37 31.09
N LEU P 21 50.76 -10.90 31.19
CA LEU P 21 50.01 -10.91 32.43
C LEU P 21 49.11 -12.13 32.48
N PHE P 22 48.81 -12.58 33.69
CA PHE P 22 48.07 -13.82 33.88
C PHE P 22 47.03 -13.63 34.98
N CYS P 23 45.82 -14.15 34.73
CA CYS P 23 44.77 -14.14 35.74
C CYS P 23 44.19 -15.54 35.89
N LYS P 24 43.72 -15.82 37.10
CA LYS P 24 43.16 -17.11 37.47
C LYS P 24 41.79 -16.89 38.08
N ALA P 25 40.83 -17.73 37.68
CA ALA P 25 39.45 -17.63 38.13
C ALA P 25 39.10 -18.84 38.99
N SER P 26 38.09 -18.66 39.85
CA SER P 26 37.66 -19.76 40.70
C SER P 26 36.74 -20.74 39.96
N GLN P 27 35.84 -20.24 39.11
CA GLN P 27 34.89 -21.07 38.39
C GLN P 27 35.12 -20.93 36.90
N GLY P 28 35.39 -22.05 36.23
CA GLY P 28 35.69 -22.05 34.82
C GLY P 28 34.45 -22.22 33.95
N GLY P 29 34.61 -21.92 32.67
CA GLY P 29 33.54 -22.12 31.70
C GLY P 29 33.01 -20.84 31.08
N ASN P 30 33.52 -19.68 31.44
CA ASN P 30 33.01 -18.42 30.92
C ASN P 30 34.14 -17.60 30.31
N ALA P 31 33.80 -16.41 29.83
CA ALA P 31 34.75 -15.55 29.17
C ALA P 31 35.53 -14.71 30.18
N MET P 32 36.26 -13.73 29.67
CA MET P 32 37.10 -12.88 30.50
C MET P 32 37.25 -11.54 29.81
N THR P 33 37.18 -10.47 30.60
CA THR P 33 37.32 -9.12 30.11
C THR P 33 38.64 -8.55 30.60
N TRP P 34 39.32 -7.84 29.73
CA TRP P 34 40.60 -7.23 30.06
C TRP P 34 40.48 -5.73 29.86
N TYR P 35 40.80 -4.99 30.91
CA TYR P 35 40.66 -3.55 30.97
C TYR P 35 42.02 -2.88 31.13
N GLN P 36 42.20 -1.76 30.44
CA GLN P 36 43.36 -0.91 30.60
C GLN P 36 42.93 0.41 31.23
N LYS P 37 43.68 0.89 32.21
CA LYS P 37 43.43 2.19 32.81
C LYS P 37 44.75 2.89 33.03
N ARG P 38 44.91 4.08 32.44
CA ARG P 38 46.11 4.87 32.64
C ARG P 38 45.99 5.66 33.94
N ARG P 39 47.02 6.47 34.22
CA ARG P 39 47.12 7.17 35.50
C ARG P 39 46.16 8.35 35.49
N GLY P 40 45.09 8.25 36.29
CA GLY P 40 44.14 9.33 36.44
C GLY P 40 43.32 9.64 35.21
N GLN P 41 42.96 8.62 34.42
CA GLN P 41 42.23 8.80 33.18
C GLN P 41 41.04 7.86 33.13
N VAL P 42 40.25 8.01 32.09
CA VAL P 42 39.06 7.17 31.88
C VAL P 42 39.51 5.76 31.49
N PRO P 43 38.96 4.71 32.09
CA PRO P 43 39.35 3.34 31.70
C PRO P 43 38.93 2.97 30.28
N ARG P 44 39.42 1.84 29.81
CA ARG P 44 39.28 1.48 28.40
C ARG P 44 39.32 -0.02 28.26
N LEU P 45 38.37 -0.57 27.52
CA LEU P 45 38.25 -2.02 27.33
C LEU P 45 39.34 -2.48 26.39
N LEU P 46 40.18 -3.42 26.83
CA LEU P 46 41.10 -4.03 25.89
C LEU P 46 40.44 -5.20 25.17
N ILE P 47 40.10 -6.26 25.92
CA ILE P 47 39.70 -7.52 25.31
C ILE P 47 38.36 -7.96 25.89
N TYR P 48 37.40 -8.24 25.01
CA TYR P 48 36.20 -8.94 25.41
C TYR P 48 36.17 -10.30 24.74
N ASP P 49 35.44 -11.23 25.38
CA ASP P 49 35.31 -12.64 24.98
C ASP P 49 36.66 -13.37 24.94
N THR P 50 37.68 -12.82 25.61
CA THR P 50 39.00 -13.39 25.88
C THR P 50 39.86 -13.53 24.61
N SER P 51 39.31 -13.23 23.43
CA SER P 51 40.08 -13.28 22.21
C SER P 51 39.78 -12.16 21.21
N ARG P 52 38.81 -11.30 21.49
CA ARG P 52 38.40 -10.28 20.54
C ARG P 52 38.90 -8.92 20.99
N ARG P 53 39.52 -8.19 20.07
CA ARG P 53 40.03 -6.86 20.36
C ARG P 53 38.92 -5.84 20.10
N ALA P 54 38.84 -4.84 20.98
CA ALA P 54 37.77 -3.85 20.90
C ALA P 54 38.11 -2.81 19.84
N SER P 55 37.29 -1.76 19.76
CA SER P 55 37.54 -0.70 18.79
C SER P 55 38.67 0.19 19.26
N GLY P 56 39.49 0.64 18.32
CA GLY P 56 40.65 1.43 18.65
C GLY P 56 41.74 0.65 19.37
N VAL P 57 41.86 -0.63 19.09
CA VAL P 57 42.82 -1.51 19.77
C VAL P 57 43.80 -2.02 18.73
N PRO P 58 45.09 -1.81 18.90
CA PRO P 58 46.07 -2.43 17.99
C PRO P 58 46.19 -3.92 18.24
N ASP P 59 46.69 -4.62 17.22
CA ASP P 59 46.81 -6.08 17.25
C ASP P 59 47.98 -6.57 18.10
N ARG P 60 48.77 -5.69 18.71
CA ARG P 60 49.85 -6.15 19.57
C ARG P 60 49.33 -6.70 20.89
N PHE P 61 48.08 -6.38 21.25
CA PHE P 61 47.42 -7.00 22.38
C PHE P 61 46.81 -8.31 21.93
N VAL P 62 47.23 -9.42 22.54
CA VAL P 62 46.66 -10.73 22.25
C VAL P 62 46.19 -11.33 23.55
N GLY P 63 44.90 -11.62 23.63
CA GLY P 63 44.33 -12.32 24.77
C GLY P 63 44.17 -13.79 24.42
N SER P 64 44.39 -14.64 25.41
CA SER P 64 44.32 -16.08 25.20
C SER P 64 44.02 -16.74 26.53
N GLY P 65 43.87 -18.06 26.49
CA GLY P 65 43.65 -18.83 27.70
C GLY P 65 42.38 -19.63 27.62
N SER P 66 42.19 -20.46 28.64
CA SER P 66 41.03 -21.34 28.74
C SER P 66 40.88 -21.81 30.17
N GLY P 67 39.71 -22.36 30.47
CA GLY P 67 39.42 -22.91 31.78
C GLY P 67 39.41 -21.85 32.86
N THR P 68 40.43 -21.88 33.72
CA THR P 68 40.65 -20.83 34.70
C THR P 68 41.84 -19.95 34.38
N ASP P 69 42.70 -20.36 33.44
CA ASP P 69 43.96 -19.68 33.20
C ASP P 69 43.84 -18.76 31.99
N PHE P 70 44.09 -17.47 32.18
CA PHE P 70 43.94 -16.50 31.11
C PHE P 70 45.19 -15.64 31.00
N PHE P 71 45.64 -15.43 29.76
CA PHE P 71 46.84 -14.68 29.46
C PHE P 71 46.50 -13.43 28.66
N LEU P 72 47.19 -12.34 28.96
CA LEU P 72 47.18 -11.12 28.15
C LEU P 72 48.62 -10.82 27.77
N THR P 73 48.93 -10.90 26.49
CA THR P 73 50.29 -10.70 25.99
C THR P 73 50.36 -9.40 25.21
N ILE P 74 51.31 -8.54 25.57
CA ILE P 74 51.56 -7.30 24.84
C ILE P 74 52.94 -7.40 24.20
N ASN P 75 52.98 -7.23 22.89
CA ASN P 75 54.21 -7.30 22.12
C ASN P 75 54.63 -5.90 21.72
N LYS P 76 55.94 -5.61 21.85
CA LYS P 76 56.56 -4.35 21.48
C LYS P 76 55.90 -3.17 22.20
N LEU P 77 56.09 -3.18 23.52
CA LEU P 77 55.50 -2.21 24.43
C LEU P 77 55.86 -0.79 24.07
N ASP P 78 54.94 0.13 24.36
CA ASP P 78 55.14 1.55 24.20
C ASP P 78 55.01 2.22 25.56
N ARG P 79 55.50 3.46 25.65
CA ARG P 79 55.41 4.20 26.90
C ARG P 79 53.98 4.56 27.25
N GLU P 80 53.10 4.68 26.24
CA GLU P 80 51.68 4.87 26.51
C GLU P 80 51.06 3.62 27.12
N ASP P 81 51.64 2.45 26.86
CA ASP P 81 51.08 1.19 27.31
C ASP P 81 51.42 0.85 28.76
N PHE P 82 52.27 1.65 29.42
CA PHE P 82 52.58 1.42 30.82
C PHE P 82 51.44 1.96 31.66
N ALA P 83 50.57 1.07 32.11
CA ALA P 83 49.36 1.47 32.83
C ALA P 83 48.93 0.32 33.72
N VAL P 84 47.69 0.41 34.23
CA VAL P 84 47.11 -0.62 35.08
C VAL P 84 46.19 -1.50 34.23
N TYR P 85 46.16 -2.79 34.52
CA TYR P 85 45.35 -3.75 33.77
C TYR P 85 44.52 -4.60 34.71
N TYR P 86 43.21 -4.67 34.45
CA TYR P 86 42.27 -5.44 35.27
C TYR P 86 41.70 -6.62 34.50
N CYS P 87 41.33 -7.65 35.24
CA CYS P 87 40.58 -8.78 34.72
C CYS P 87 39.16 -8.72 35.28
N GLN P 88 38.17 -9.10 34.46
CA GLN P 88 36.78 -8.98 34.87
C GLN P 88 35.96 -10.17 34.40
N GLN P 89 35.28 -10.79 35.36
CA GLN P 89 34.22 -11.76 35.12
C GLN P 89 33.01 -11.16 35.81
N PHE P 90 31.81 -11.65 35.47
CA PHE P 90 30.56 -10.89 35.17
C PHE P 90 30.48 -9.59 35.96
N GLU P 91 30.37 -9.62 37.28
CA GLU P 91 30.40 -8.39 38.05
C GLU P 91 31.58 -8.31 39.01
N PHE P 92 32.49 -9.28 38.98
CA PHE P 92 33.63 -9.28 39.90
C PHE P 92 34.84 -8.64 39.24
N PHE P 93 35.83 -8.31 40.06
CA PHE P 93 37.01 -7.63 39.53
C PHE P 93 38.26 -8.11 40.25
N GLY P 94 39.37 -8.12 39.52
CA GLY P 94 40.66 -8.32 40.12
C GLY P 94 41.22 -7.02 40.68
N LEU P 95 42.36 -7.12 41.34
CA LEU P 95 42.91 -5.94 42.00
C LEU P 95 43.85 -5.15 41.11
N GLY P 96 44.07 -5.58 39.87
CA GLY P 96 44.81 -4.78 38.92
C GLY P 96 46.31 -4.99 38.94
N SER P 97 46.88 -5.24 37.77
CA SER P 97 48.32 -5.40 37.63
C SER P 97 48.92 -4.10 37.14
N GLU P 98 50.05 -3.70 37.73
CA GLU P 98 50.72 -2.46 37.38
C GLU P 98 51.89 -2.74 36.46
N LEU P 99 51.98 -1.99 35.37
CA LEU P 99 53.08 -2.06 34.43
C LEU P 99 53.94 -0.82 34.59
N GLU P 100 55.23 -1.01 34.85
CA GLU P 100 56.11 0.08 35.23
C GLU P 100 57.35 0.09 34.34
N VAL P 101 57.92 1.29 34.14
CA VAL P 101 59.08 1.46 33.28
C VAL P 101 60.33 1.11 34.11
N HIS P 102 60.98 0.00 33.77
CA HIS P 102 62.17 -0.44 34.49
C HIS P 102 63.37 0.44 34.14
N ALA Q 1 37.91 -49.62 -12.11
CA ALA Q 1 36.82 -49.64 -11.16
C ALA Q 1 37.12 -48.75 -9.96
N GLU Q 2 38.41 -48.64 -9.62
CA GLU Q 2 38.83 -47.75 -8.54
C GLU Q 2 38.66 -46.28 -8.91
N ASN Q 3 38.65 -45.96 -10.21
CA ASN Q 3 38.34 -44.60 -10.65
C ASN Q 3 36.85 -44.36 -10.56
N LEU Q 4 36.45 -43.37 -9.76
CA LEU Q 4 35.04 -43.06 -9.60
C LEU Q 4 34.64 -41.86 -10.46
N TRP Q 5 33.33 -41.77 -10.71
CA TRP Q 5 32.74 -40.71 -11.49
C TRP Q 5 31.73 -39.95 -10.64
N VAL Q 6 31.70 -38.65 -10.80
CA VAL Q 6 30.84 -37.77 -10.01
C VAL Q 6 29.41 -37.89 -10.52
N THR Q 7 28.44 -37.76 -9.61
CA THR Q 7 27.03 -37.76 -9.97
C THR Q 7 26.33 -36.69 -9.16
N VAL Q 8 25.41 -35.99 -9.80
CA VAL Q 8 24.58 -34.99 -9.15
C VAL Q 8 23.19 -35.57 -8.94
N TYR Q 9 22.72 -35.50 -7.71
CA TYR Q 9 21.38 -35.94 -7.37
C TYR Q 9 20.58 -34.70 -6.96
N TYR Q 10 19.38 -34.57 -7.49
CA TYR Q 10 18.54 -33.44 -7.17
C TYR Q 10 17.36 -33.88 -6.32
N GLY Q 11 16.98 -33.07 -5.34
CA GLY Q 11 16.02 -33.46 -4.32
C GLY Q 11 16.60 -34.14 -3.10
N VAL Q 12 17.90 -33.99 -2.87
CA VAL Q 12 18.57 -34.60 -1.72
C VAL Q 12 18.10 -33.92 -0.45
N PRO Q 13 17.62 -34.66 0.53
CA PRO Q 13 17.24 -34.03 1.80
C PRO Q 13 18.45 -33.64 2.64
N VAL Q 14 18.75 -32.35 2.64
CA VAL Q 14 19.80 -31.75 3.46
C VAL Q 14 19.48 -30.26 3.53
N TRP Q 15 19.59 -29.70 4.72
CA TRP Q 15 19.20 -28.33 4.99
C TRP Q 15 20.35 -27.57 5.61
N LYS Q 16 20.24 -26.25 5.55
CA LYS Q 16 21.12 -25.38 6.33
C LYS Q 16 20.29 -24.48 7.24
N ASP Q 17 20.97 -23.88 8.21
CA ASP Q 17 20.32 -22.93 9.10
C ASP Q 17 20.11 -21.61 8.37
N ALA Q 18 18.93 -21.03 8.54
CA ALA Q 18 18.59 -19.87 7.73
C ALA Q 18 17.67 -18.94 8.48
N GLU Q 19 17.48 -17.76 7.89
CA GLU Q 19 16.56 -16.73 8.38
C GLU Q 19 15.64 -16.35 7.22
N THR Q 20 14.36 -16.71 7.33
CA THR Q 20 13.37 -16.29 6.35
C THR Q 20 12.15 -15.78 7.08
N THR Q 21 11.19 -15.29 6.31
CA THR Q 21 9.96 -14.74 6.85
C THR Q 21 8.87 -15.80 6.76
N LEU Q 22 8.52 -16.40 7.90
CA LEU Q 22 7.37 -17.28 7.94
C LEU Q 22 6.09 -16.46 7.87
N PHE Q 23 5.04 -17.04 7.29
CA PHE Q 23 3.78 -16.33 7.15
C PHE Q 23 2.79 -16.84 8.20
N CYS Q 24 2.06 -15.91 8.81
CA CYS Q 24 1.07 -16.26 9.80
C CYS Q 24 -0.11 -16.97 9.15
N ALA Q 25 -0.81 -17.78 9.94
CA ALA Q 25 -1.99 -18.50 9.49
C ALA Q 25 -2.85 -18.80 10.73
N SER Q 26 -3.96 -18.10 10.85
CA SER Q 26 -4.89 -18.41 11.92
C SER Q 26 -5.90 -19.46 11.45
N ASP Q 27 -6.66 -19.98 12.40
CA ASP Q 27 -7.62 -21.03 12.09
C ASP Q 27 -8.88 -20.45 11.45
N ALA Q 28 -9.52 -21.26 10.60
CA ALA Q 28 -10.76 -20.85 9.94
C ALA Q 28 -11.95 -20.78 10.90
N LYS Q 29 -11.82 -21.35 12.10
CA LYS Q 29 -12.89 -21.27 13.09
C LYS Q 29 -13.09 -19.84 13.57
N ALA Q 30 -12.02 -19.05 13.64
CA ALA Q 30 -12.16 -17.65 13.98
C ALA Q 30 -12.79 -16.84 12.86
N TYR Q 31 -12.72 -17.33 11.61
CA TYR Q 31 -13.42 -16.67 10.52
C TYR Q 31 -14.93 -16.89 10.61
N GLU Q 32 -15.37 -17.94 11.29
CA GLU Q 32 -16.78 -18.18 11.51
C GLU Q 32 -17.40 -17.11 12.40
N THR Q 33 -16.63 -16.57 13.33
CA THR Q 33 -17.03 -15.39 14.10
C THR Q 33 -16.40 -14.18 13.41
N GLU Q 34 -17.09 -13.70 12.39
CA GLU Q 34 -16.52 -12.80 11.40
C GLU Q 34 -16.67 -11.33 11.85
N LYS Q 35 -16.49 -10.42 10.89
CA LYS Q 35 -16.69 -8.99 10.99
C LYS Q 35 -15.74 -8.33 11.97
N HIS Q 36 -14.45 -8.62 11.82
CA HIS Q 36 -13.33 -7.82 12.35
C HIS Q 36 -13.35 -7.76 13.88
N ASN Q 37 -13.76 -8.84 14.53
CA ASN Q 37 -13.88 -8.84 15.98
C ASN Q 37 -12.53 -8.87 16.67
N VAL Q 38 -11.52 -9.49 16.04
CA VAL Q 38 -10.14 -9.38 16.47
C VAL Q 38 -9.27 -9.08 15.25
N TRP Q 39 -7.98 -8.98 15.49
CA TRP Q 39 -7.02 -8.91 14.41
C TRP Q 39 -6.84 -10.30 13.80
N ALA Q 40 -6.46 -10.30 12.53
CA ALA Q 40 -6.15 -11.49 11.72
C ALA Q 40 -7.33 -12.43 11.55
N THR Q 41 -8.56 -11.97 11.76
CA THR Q 41 -9.71 -12.80 11.39
C THR Q 41 -10.09 -12.62 9.93
N HIS Q 42 -9.47 -11.67 9.24
CA HIS Q 42 -9.67 -11.44 7.82
C HIS Q 42 -8.37 -11.31 7.07
N ALA Q 43 -7.24 -11.16 7.77
CA ALA Q 43 -5.93 -11.05 7.16
C ALA Q 43 -5.04 -12.25 7.46
N CYS Q 44 -5.61 -13.45 7.43
CA CYS Q 44 -4.82 -14.64 7.74
C CYS Q 44 -5.36 -15.79 6.93
N VAL Q 45 -4.46 -16.53 6.29
CA VAL Q 45 -4.81 -17.71 5.52
C VAL Q 45 -5.34 -18.79 6.46
N PRO Q 46 -6.46 -19.45 6.14
CA PRO Q 46 -6.99 -20.48 7.04
C PRO Q 46 -6.11 -21.71 7.08
N THR Q 47 -6.10 -22.34 8.26
CA THR Q 47 -5.13 -23.38 8.59
C THR Q 47 -5.40 -24.67 7.82
N ASP Q 48 -4.41 -25.54 7.87
CA ASP Q 48 -4.54 -26.92 7.40
C ASP Q 48 -5.20 -27.74 8.51
N PRO Q 49 -6.31 -28.44 8.22
CA PRO Q 49 -6.95 -29.25 9.28
C PRO Q 49 -6.15 -30.46 9.71
N ASN Q 50 -5.11 -30.86 8.98
CA ASN Q 50 -4.22 -31.94 9.37
C ASN Q 50 -2.81 -31.39 9.49
N PRO Q 51 -2.43 -30.85 10.65
CA PRO Q 51 -1.01 -30.58 10.90
C PRO Q 51 -0.25 -31.91 10.94
N GLN Q 52 0.72 -32.03 10.05
CA GLN Q 52 1.28 -33.33 9.68
C GLN Q 52 2.75 -33.32 10.05
N GLU Q 53 3.04 -33.61 11.31
CA GLU Q 53 4.43 -33.67 11.76
C GLU Q 53 5.00 -35.05 11.50
N ILE Q 54 6.26 -35.07 11.10
CA ILE Q 54 6.90 -36.28 10.62
C ILE Q 54 8.11 -36.54 11.51
N HIS Q 55 8.08 -37.65 12.23
CA HIS Q 55 9.09 -37.97 13.24
C HIS Q 55 10.33 -38.55 12.58
N LEU Q 56 11.48 -37.94 12.84
CA LEU Q 56 12.69 -38.34 12.16
C LEU Q 56 13.43 -39.46 12.89
N GLU Q 57 14.53 -39.91 12.28
CA GLU Q 57 15.30 -41.03 12.80
C GLU Q 57 16.79 -40.73 12.70
N ASN Q 58 17.51 -41.08 13.78
CA ASN Q 58 18.98 -41.08 13.85
C ASN Q 58 19.59 -39.70 13.57
N VAL Q 59 18.86 -38.64 13.90
CA VAL Q 59 19.25 -37.31 13.49
C VAL Q 59 19.38 -36.44 14.74
N THR Q 60 20.26 -35.44 14.66
CA THR Q 60 20.57 -34.58 15.79
C THR Q 60 21.03 -33.23 15.25
N GLU Q 61 20.33 -32.16 15.63
CA GLU Q 61 20.75 -30.81 15.33
C GLU Q 61 20.92 -30.03 16.63
N GLU Q 62 21.84 -29.06 16.62
CA GLU Q 62 22.09 -28.22 17.77
C GLU Q 62 21.20 -26.98 17.71
N PHE Q 63 20.48 -26.72 18.79
CA PHE Q 63 19.48 -25.67 18.83
C PHE Q 63 19.95 -24.60 19.79
N ASN Q 64 19.36 -23.41 19.65
CA ASN Q 64 19.67 -22.30 20.53
C ASN Q 64 18.48 -21.37 20.51
N MET Q 65 17.78 -21.26 21.64
CA MET Q 65 16.61 -20.39 21.69
C MET Q 65 16.99 -18.93 21.76
N TRP Q 66 18.23 -18.60 22.10
CA TRP Q 66 18.56 -17.22 22.41
C TRP Q 66 19.03 -16.45 21.19
N LYS Q 67 19.85 -17.05 20.33
CA LYS Q 67 20.21 -16.46 19.06
C LYS Q 67 19.27 -16.88 17.94
N ASN Q 68 18.09 -17.38 18.29
CA ASN Q 68 17.14 -17.86 17.30
C ASN Q 68 16.48 -16.70 16.57
N ASN Q 69 16.16 -16.92 15.30
CA ASN Q 69 15.37 -15.98 14.53
C ASN Q 69 13.89 -16.21 14.84
N MET Q 70 13.01 -15.50 14.13
CA MET Q 70 11.56 -15.65 14.07
C MET Q 70 10.82 -15.40 15.39
N VAL Q 71 11.55 -15.15 16.47
CA VAL Q 71 10.95 -14.52 17.64
C VAL Q 71 10.96 -13.00 17.46
N GLU Q 72 12.05 -12.49 16.89
CA GLU Q 72 12.09 -11.10 16.44
C GLU Q 72 11.03 -10.83 15.40
N GLN Q 73 10.83 -11.77 14.47
CA GLN Q 73 9.79 -11.62 13.46
C GLN Q 73 8.41 -11.64 14.07
N MET Q 74 8.20 -12.48 15.09
CA MET Q 74 6.92 -12.49 15.80
C MET Q 74 6.68 -11.18 16.51
N HIS Q 75 7.71 -10.62 17.14
CA HIS Q 75 7.58 -9.36 17.87
C HIS Q 75 7.26 -8.21 16.92
N THR Q 76 7.99 -8.12 15.81
CA THR Q 76 7.75 -7.07 14.83
C THR Q 76 6.38 -7.23 14.17
N ASP Q 77 5.97 -8.48 13.91
CA ASP Q 77 4.68 -8.73 13.29
C ASP Q 77 3.53 -8.36 14.22
N ILE Q 78 3.67 -8.67 15.50
CA ILE Q 78 2.61 -8.37 16.45
C ILE Q 78 2.53 -6.87 16.71
N ILE Q 79 3.67 -6.18 16.77
CA ILE Q 79 3.67 -4.74 16.98
C ILE Q 79 3.05 -4.02 15.78
N SER Q 80 3.45 -4.42 14.56
CA SER Q 80 2.91 -3.76 13.38
C SER Q 80 1.43 -4.10 13.16
N LEU Q 81 1.03 -5.34 13.50
CA LEU Q 81 -0.37 -5.70 13.38
C LEU Q 81 -1.22 -5.00 14.43
N TRP Q 82 -0.65 -4.79 15.62
CA TRP Q 82 -1.31 -4.00 16.65
C TRP Q 82 -1.49 -2.56 16.21
N ASP Q 83 -0.47 -2.00 15.54
CA ASP Q 83 -0.60 -0.65 15.02
C ASP Q 83 -1.61 -0.59 13.89
N GLN Q 84 -1.76 -1.68 13.12
CA GLN Q 84 -2.70 -1.67 12.01
C GLN Q 84 -4.15 -1.77 12.44
N SER Q 85 -4.43 -2.16 13.68
CA SER Q 85 -5.81 -2.20 14.17
C SER Q 85 -6.20 -0.93 14.89
N LEU Q 86 -5.54 0.19 14.60
CA LEU Q 86 -5.87 1.46 15.20
C LEU Q 86 -6.18 2.55 14.18
N LYS Q 87 -5.73 2.40 12.95
CA LYS Q 87 -5.98 3.41 11.93
C LYS Q 87 -7.45 3.66 11.61
N PRO Q 88 -8.37 2.66 11.58
CA PRO Q 88 -9.78 3.03 11.47
C PRO Q 88 -10.36 3.67 12.71
N CYS Q 89 -9.71 3.56 13.86
CA CYS Q 89 -10.35 3.98 15.08
C CYS Q 89 -10.12 5.47 15.33
N VAL Q 90 -10.65 5.96 16.45
CA VAL Q 90 -10.85 7.39 16.68
C VAL Q 90 -9.65 7.95 17.44
N LYS Q 91 -9.13 9.08 16.96
CA LYS Q 91 -8.15 9.85 17.72
C LYS Q 91 -8.87 10.80 18.66
N LEU Q 92 -8.34 10.93 19.87
CA LEU Q 92 -8.96 11.76 20.89
C LEU Q 92 -8.39 13.18 20.89
N THR Q 93 -8.44 13.82 19.71
CA THR Q 93 -7.93 15.19 19.62
C THR Q 93 -8.76 16.21 20.40
N PRO Q 94 -10.10 16.21 20.36
CA PRO Q 94 -10.83 17.18 21.20
C PRO Q 94 -10.97 16.79 22.66
N LEU Q 95 -10.21 15.82 23.16
CA LEU Q 95 -10.44 15.33 24.51
C LEU Q 95 -9.38 15.76 25.51
N CYS Q 96 -8.18 16.10 25.06
CA CYS Q 96 -7.15 16.59 25.97
C CYS Q 96 -7.50 18.02 26.36
N VAL Q 97 -8.28 18.20 27.43
CA VAL Q 97 -9.02 19.42 27.64
C VAL Q 97 -9.04 19.73 29.13
N THR Q 98 -9.49 20.93 29.49
CA THR Q 98 -9.58 21.32 30.88
C THR Q 98 -10.64 20.50 31.61
N LEU Q 99 -10.21 19.70 32.57
CA LEU Q 99 -11.09 18.78 33.29
C LEU Q 99 -11.39 19.32 34.68
N GLN Q 100 -12.66 19.62 34.93
CA GLN Q 100 -13.09 20.00 36.28
C GLN Q 100 -13.47 18.74 37.02
N CYS Q 101 -12.57 18.25 37.87
CA CYS Q 101 -12.74 16.98 38.55
C CYS Q 101 -13.01 17.22 40.02
N THR Q 102 -13.95 16.47 40.57
CA THR Q 102 -14.16 16.35 42.01
C THR Q 102 -13.91 14.91 42.43
N ASN Q 103 -14.00 14.68 43.74
CA ASN Q 103 -13.97 13.33 44.26
C ASN Q 103 -15.20 12.56 43.81
N VAL Q 104 -15.06 11.24 43.75
CA VAL Q 104 -16.21 10.37 43.50
C VAL Q 104 -17.13 10.45 44.71
N THR Q 105 -18.44 10.39 44.46
CA THR Q 105 -19.41 10.38 45.55
C THR Q 105 -19.29 9.06 46.28
N ASN Q 106 -18.72 9.11 47.48
CA ASN Q 106 -18.30 7.94 48.22
C ASN Q 106 -18.00 8.38 49.65
N ASN Q 107 -18.11 7.46 50.60
CA ASN Q 107 -17.69 7.73 51.96
C ASN Q 107 -16.18 7.88 51.97
N ILE Q 108 -15.69 9.12 52.05
CA ILE Q 108 -14.28 9.39 51.83
C ILE Q 108 -13.50 9.11 53.10
N THR Q 109 -12.42 8.35 52.98
CA THR Q 109 -11.48 8.13 54.05
C THR Q 109 -10.26 9.01 53.82
N ASP Q 110 -9.93 9.85 54.79
CA ASP Q 110 -8.85 10.81 54.61
C ASP Q 110 -7.47 10.16 54.61
N ASP Q 111 -7.33 8.98 55.22
CA ASP Q 111 -6.03 8.31 55.20
C ASP Q 111 -5.77 7.67 53.84
N MET Q 112 -6.76 6.97 53.29
CA MET Q 112 -6.65 6.40 51.96
C MET Q 112 -6.99 7.45 50.91
N ARG Q 113 -7.08 7.03 49.65
CA ARG Q 113 -7.45 7.91 48.56
C ARG Q 113 -8.51 7.23 47.72
N GLY Q 114 -9.45 8.03 47.21
CA GLY Q 114 -10.40 7.53 46.24
C GLY Q 114 -9.70 7.27 44.92
N GLU Q 115 -9.90 6.09 44.35
CA GLU Q 115 -9.30 5.73 43.08
C GLU Q 115 -10.17 6.13 41.90
N LEU Q 116 -11.21 6.92 42.12
CA LEU Q 116 -12.07 7.39 41.06
C LEU Q 116 -12.28 8.89 41.22
N LYS Q 117 -12.08 9.63 40.14
CA LYS Q 117 -12.34 11.05 40.12
C LYS Q 117 -13.44 11.32 39.11
N ASN Q 118 -14.42 12.11 39.52
CA ASN Q 118 -15.59 12.41 38.71
C ASN Q 118 -15.36 13.76 38.03
N CYS Q 119 -15.16 13.74 36.71
CA CYS Q 119 -14.70 14.90 35.96
C CYS Q 119 -15.77 15.36 34.97
N SER Q 120 -16.16 16.63 35.07
CA SER Q 120 -17.00 17.28 34.08
C SER Q 120 -16.18 18.24 33.25
N PHE Q 121 -16.57 18.43 31.99
CA PHE Q 121 -15.80 19.28 31.09
C PHE Q 121 -16.65 19.73 29.91
N ASN Q 122 -16.13 20.75 29.22
CA ASN Q 122 -16.66 21.19 27.95
C ASN Q 122 -16.31 20.14 26.90
N MET Q 123 -17.29 19.75 26.10
CA MET Q 123 -17.04 18.91 24.94
C MET Q 123 -17.80 19.45 23.73
N THR Q 124 -17.16 19.36 22.57
CA THR Q 124 -17.83 19.75 21.33
C THR Q 124 -18.92 18.75 20.99
N THR Q 125 -20.06 19.27 20.57
CA THR Q 125 -21.16 18.44 20.10
C THR Q 125 -20.88 18.02 18.66
N GLU Q 126 -21.89 17.44 18.00
CA GLU Q 126 -21.76 17.19 16.58
C GLU Q 126 -21.77 18.48 15.77
N LEU Q 127 -22.37 19.54 16.32
CA LEU Q 127 -22.38 20.85 15.68
C LEU Q 127 -21.21 21.68 16.19
N ARG Q 128 -20.58 22.42 15.28
CA ARG Q 128 -19.42 23.21 15.65
C ARG Q 128 -19.77 24.42 16.48
N ASP Q 129 -21.00 24.92 16.40
CA ASP Q 129 -21.35 26.13 17.12
C ASP Q 129 -21.68 25.82 18.57
N LYS Q 130 -22.50 24.82 18.81
CA LYS Q 130 -22.92 24.48 20.15
C LYS Q 130 -21.95 23.48 20.78
N LYS Q 131 -21.63 23.73 22.05
CA LYS Q 131 -20.82 22.83 22.86
C LYS Q 131 -21.57 22.51 24.15
N GLN Q 132 -21.29 21.35 24.71
CA GLN Q 132 -22.05 20.82 25.82
C GLN Q 132 -21.15 20.61 27.04
N LYS Q 133 -21.80 20.36 28.17
CA LYS Q 133 -21.13 20.04 29.43
C LYS Q 133 -21.42 18.59 29.76
N VAL Q 134 -20.37 17.77 29.88
CA VAL Q 134 -20.57 16.34 30.08
C VAL Q 134 -19.57 15.83 31.09
N TYR Q 135 -19.98 14.83 31.88
CA TYR Q 135 -19.17 14.30 32.96
C TYR Q 135 -18.88 12.82 32.74
N SER Q 136 -17.83 12.34 33.41
CA SER Q 136 -17.41 10.95 33.35
C SER Q 136 -16.58 10.63 34.58
N LEU Q 137 -16.07 9.40 34.62
CA LEU Q 137 -15.29 8.89 35.74
C LEU Q 137 -13.94 8.38 35.24
N PHE Q 138 -12.88 8.72 35.94
CA PHE Q 138 -11.56 8.18 35.63
C PHE Q 138 -10.85 7.72 36.89
N TYR Q 139 -9.69 7.11 36.70
CA TYR Q 139 -8.84 6.70 37.81
C TYR Q 139 -7.78 7.76 38.09
N ARG Q 140 -7.09 7.58 39.21
CA ARG Q 140 -5.98 8.47 39.55
C ARG Q 140 -4.84 8.34 38.56
N LEU Q 141 -4.65 7.16 38.00
CA LEU Q 141 -3.49 6.88 37.18
C LEU Q 141 -3.57 7.45 35.77
N ASP Q 142 -4.65 8.14 35.40
CA ASP Q 142 -4.73 8.78 34.11
C ASP Q 142 -4.78 10.30 34.17
N VAL Q 143 -5.04 10.88 35.33
CA VAL Q 143 -5.17 12.33 35.43
C VAL Q 143 -4.10 12.86 36.36
N VAL Q 144 -3.68 14.10 36.10
CA VAL Q 144 -2.73 14.80 36.96
C VAL Q 144 -3.21 16.22 37.15
N GLN Q 145 -2.81 16.80 38.29
CA GLN Q 145 -3.18 18.17 38.61
C GLN Q 145 -2.28 19.14 37.85
N ILE Q 146 -2.89 20.07 37.15
CA ILE Q 146 -2.18 21.18 36.52
C ILE Q 146 -2.31 22.38 37.46
N ASN Q 147 -1.27 23.21 37.49
CA ASN Q 147 -1.25 24.35 38.39
C ASN Q 147 -1.31 25.67 37.61
N SER Q 157 -8.04 26.38 46.43
CA SER Q 157 -8.53 27.10 45.26
C SER Q 157 -9.30 26.16 44.32
N ASN Q 158 -9.23 26.46 43.03
CA ASN Q 158 -9.82 25.60 42.01
C ASN Q 158 -8.98 24.33 41.86
N LYS Q 159 -9.61 23.29 41.31
CA LYS Q 159 -8.97 21.99 41.14
C LYS Q 159 -9.24 21.53 39.71
N GLU Q 160 -8.35 21.89 38.80
CA GLU Q 160 -8.46 21.52 37.40
C GLU Q 160 -7.39 20.51 37.06
N TYR Q 161 -7.79 19.44 36.39
CA TYR Q 161 -6.89 18.34 36.07
C TYR Q 161 -6.67 18.27 34.58
N ARG Q 162 -5.87 17.29 34.16
CA ARG Q 162 -5.73 16.97 32.75
C ARG Q 162 -5.35 15.50 32.63
N LEU Q 163 -5.44 14.97 31.42
CA LEU Q 163 -4.96 13.63 31.18
C LEU Q 163 -3.43 13.64 31.17
N ILE Q 164 -2.84 12.46 31.39
CA ILE Q 164 -1.39 12.41 31.53
C ILE Q 164 -0.72 12.50 30.16
N ASN Q 165 -1.43 12.15 29.09
CA ASN Q 165 -0.85 12.09 27.76
C ASN Q 165 -1.14 13.35 26.94
N CYS Q 166 -1.42 14.47 27.60
CA CYS Q 166 -1.73 15.68 26.85
C CYS Q 166 -0.50 16.33 26.22
N ASN Q 167 0.71 15.89 26.60
CA ASN Q 167 1.92 16.52 26.11
C ASN Q 167 2.86 15.54 25.43
N THR Q 168 2.37 14.38 25.01
CA THR Q 168 3.22 13.48 24.24
C THR Q 168 2.56 13.02 22.95
N SER Q 169 1.26 12.80 22.97
CA SER Q 169 0.58 12.17 21.85
C SER Q 169 -0.92 12.34 21.98
N ALA Q 170 -1.60 12.35 20.84
CA ALA Q 170 -3.05 12.16 20.87
C ALA Q 170 -3.31 10.67 21.01
N CYS Q 171 -4.17 10.31 21.96
CA CYS Q 171 -4.39 8.92 22.30
C CYS Q 171 -5.44 8.34 21.37
N THR Q 172 -5.05 7.37 20.56
CA THR Q 172 -6.01 6.65 19.74
C THR Q 172 -6.90 5.80 20.65
N GLN Q 173 -8.19 6.09 20.64
CA GLN Q 173 -9.14 5.23 21.32
C GLN Q 173 -9.24 3.91 20.57
N ALA Q 174 -9.21 2.80 21.32
CA ALA Q 174 -9.43 1.51 20.70
C ALA Q 174 -10.88 1.39 20.23
N CYS Q 175 -11.08 0.73 19.10
CA CYS Q 175 -12.42 0.46 18.63
C CYS Q 175 -13.11 -0.52 19.58
N PRO Q 176 -14.28 -0.19 20.13
CA PRO Q 176 -14.98 -1.14 20.99
C PRO Q 176 -15.55 -2.33 20.24
N LYS Q 177 -15.65 -2.26 18.91
CA LYS Q 177 -16.07 -3.41 18.12
C LYS Q 177 -15.02 -4.51 18.17
N VAL Q 178 -13.76 -4.15 18.00
CA VAL Q 178 -12.68 -5.14 18.01
C VAL Q 178 -12.33 -5.48 19.46
N SER Q 179 -11.99 -6.75 19.70
CA SER Q 179 -11.63 -7.23 21.02
C SER Q 179 -10.17 -7.65 21.07
N PHE Q 180 -9.68 -7.87 22.29
CA PHE Q 180 -8.29 -8.22 22.53
C PHE Q 180 -8.10 -9.61 23.09
N GLU Q 181 -8.99 -10.54 22.76
CA GLU Q 181 -8.79 -11.92 23.17
C GLU Q 181 -7.76 -12.60 22.27
N PRO Q 182 -7.00 -13.54 22.81
CA PRO Q 182 -5.98 -14.23 21.99
C PRO Q 182 -6.61 -15.37 21.19
N ILE Q 183 -6.09 -15.57 19.99
CA ILE Q 183 -6.44 -16.72 19.16
C ILE Q 183 -5.14 -17.39 18.74
N PRO Q 184 -5.11 -18.71 18.54
CA PRO Q 184 -3.84 -19.37 18.21
C PRO Q 184 -3.39 -19.04 16.79
N ILE Q 185 -2.20 -18.51 16.67
CA ILE Q 185 -1.57 -18.24 15.39
C ILE Q 185 -0.58 -19.36 15.09
N HIS Q 186 -0.63 -19.89 13.88
CA HIS Q 186 0.33 -20.89 13.45
C HIS Q 186 1.24 -20.26 12.39
N TYR Q 187 2.54 -20.26 12.65
CA TYR Q 187 3.51 -19.68 11.72
C TYR Q 187 3.94 -20.78 10.76
N CYS Q 188 3.56 -20.67 9.50
CA CYS Q 188 3.91 -21.67 8.51
C CYS Q 188 5.05 -21.16 7.64
N ALA Q 189 5.93 -22.02 7.32
CA ALA Q 189 7.05 -21.73 6.46
C ALA Q 189 6.64 -21.86 5.00
N PRO Q 190 7.21 -21.06 4.11
CA PRO Q 190 6.95 -21.23 2.68
C PRO Q 190 7.63 -22.47 2.13
N ALA Q 191 7.39 -22.74 0.84
CA ALA Q 191 8.00 -23.88 0.18
C ALA Q 191 9.49 -23.66 0.04
N GLY Q 192 10.25 -24.75 0.12
CA GLY Q 192 11.68 -24.67 0.20
C GLY Q 192 12.24 -24.53 1.60
N PHE Q 193 11.42 -24.13 2.55
CA PHE Q 193 11.83 -24.07 3.94
C PHE Q 193 11.05 -25.10 4.75
N ALA Q 194 11.65 -25.54 5.85
CA ALA Q 194 10.99 -26.46 6.76
C ALA Q 194 11.21 -26.00 8.19
N ILE Q 195 10.38 -26.51 9.08
CA ILE Q 195 10.43 -26.17 10.50
C ILE Q 195 10.71 -27.45 11.28
N LEU Q 196 11.72 -27.39 12.14
CA LEU Q 196 12.11 -28.52 12.97
C LEU Q 196 11.71 -28.23 14.41
N LYS Q 197 11.05 -29.19 15.05
CA LYS Q 197 10.66 -29.09 16.45
C LYS Q 197 11.32 -30.22 17.23
N CYS Q 198 11.90 -29.88 18.38
CA CYS Q 198 12.63 -30.86 19.19
C CYS Q 198 11.69 -31.51 20.19
N LYS Q 199 11.50 -32.82 20.07
CA LYS Q 199 10.60 -33.54 20.95
C LYS Q 199 11.31 -34.21 22.14
N ASP Q 200 12.57 -33.89 22.39
CA ASP Q 200 13.23 -34.43 23.57
C ASP Q 200 12.63 -33.80 24.82
N LYS Q 201 12.46 -34.63 25.85
CA LYS Q 201 11.83 -34.16 27.09
C LYS Q 201 12.77 -33.22 27.84
N LYS Q 202 13.94 -33.72 28.25
CA LYS Q 202 14.90 -32.89 29.00
C LYS Q 202 15.77 -32.13 28.01
N PHE Q 203 15.17 -31.09 27.43
CA PHE Q 203 15.88 -30.19 26.54
C PHE Q 203 15.82 -28.80 27.13
N ASN Q 204 16.97 -28.28 27.54
CA ASN Q 204 17.05 -26.96 28.15
C ASN Q 204 17.22 -25.86 27.10
N GLY Q 205 16.84 -26.12 25.86
CA GLY Q 205 16.82 -25.09 24.83
C GLY Q 205 18.16 -24.67 24.29
N THR Q 206 19.22 -25.41 24.61
CA THR Q 206 20.55 -25.09 24.11
C THR Q 206 21.28 -26.40 23.89
N GLY Q 207 21.97 -26.52 22.76
CA GLY Q 207 22.78 -27.68 22.51
C GLY Q 207 22.08 -28.68 21.60
N PRO Q 208 22.68 -29.86 21.41
CA PRO Q 208 22.13 -30.83 20.46
C PRO Q 208 20.91 -31.54 21.02
N CYS Q 209 19.83 -31.56 20.25
CA CYS Q 209 18.63 -32.31 20.62
C CYS Q 209 18.58 -33.62 19.86
N PRO Q 210 18.29 -34.74 20.52
CA PRO Q 210 18.42 -36.04 19.87
C PRO Q 210 17.20 -36.50 19.09
N SER Q 211 16.01 -35.96 19.36
CA SER Q 211 14.77 -36.43 18.72
C SER Q 211 14.00 -35.22 18.21
N VAL Q 212 14.18 -34.91 16.92
CA VAL Q 212 13.48 -33.81 16.30
C VAL Q 212 12.53 -34.34 15.25
N SER Q 213 11.61 -33.47 14.84
CA SER Q 213 10.58 -33.83 13.88
C SER Q 213 10.21 -32.59 13.08
N THR Q 214 10.04 -32.76 11.77
CA THR Q 214 9.68 -31.63 10.92
C THR Q 214 8.18 -31.47 10.83
N VAL Q 215 7.75 -30.23 10.64
CA VAL Q 215 6.32 -29.90 10.58
C VAL Q 215 6.15 -28.74 9.60
N GLN Q 216 4.96 -28.64 9.01
CA GLN Q 216 4.72 -27.57 8.06
C GLN Q 216 4.28 -26.29 8.75
N CYS Q 217 3.49 -26.39 9.82
CA CYS Q 217 3.09 -25.23 10.60
C CYS Q 217 3.29 -25.48 12.08
N THR Q 218 3.43 -24.40 12.83
CA THR Q 218 3.68 -24.50 14.25
C THR Q 218 2.40 -24.82 15.01
N HIS Q 219 2.57 -25.19 16.28
CA HIS Q 219 1.43 -25.46 17.15
C HIS Q 219 0.85 -24.15 17.68
N GLY Q 220 -0.21 -24.30 18.48
CA GLY Q 220 -0.96 -23.17 18.98
C GLY Q 220 -0.18 -22.27 19.93
N ILE Q 221 -0.02 -21.02 19.55
CA ILE Q 221 0.65 -20.02 20.36
C ILE Q 221 -0.37 -18.94 20.66
N LYS Q 222 -0.98 -19.00 21.82
CA LYS Q 222 -1.87 -17.92 22.21
C LYS Q 222 -1.04 -16.73 22.63
N PRO Q 223 -1.11 -15.60 21.92
CA PRO Q 223 -0.26 -14.47 22.27
C PRO Q 223 -0.82 -13.68 23.45
N VAL Q 224 -0.16 -13.79 24.58
CA VAL Q 224 -0.61 -13.13 25.80
C VAL Q 224 0.27 -11.92 26.06
N VAL Q 225 -0.31 -10.93 26.72
CA VAL Q 225 0.41 -9.75 27.16
C VAL Q 225 0.54 -9.89 28.66
N SER Q 226 1.65 -10.46 29.10
CA SER Q 226 1.85 -10.74 30.51
C SER Q 226 3.32 -10.51 30.83
N THR Q 227 3.57 -9.55 31.71
CA THR Q 227 4.95 -9.18 32.01
C THR Q 227 5.59 -10.19 32.94
N GLN Q 228 5.11 -10.28 34.17
CA GLN Q 228 5.47 -11.37 35.06
C GLN Q 228 4.34 -12.40 35.01
N LEU Q 229 4.70 -13.66 35.30
CA LEU Q 229 3.75 -14.77 35.45
C LEU Q 229 2.96 -15.02 34.16
N LEU Q 230 3.67 -15.55 33.16
CA LEU Q 230 3.08 -15.80 31.85
C LEU Q 230 1.91 -16.77 31.93
N LEU Q 231 0.79 -16.38 31.30
CA LEU Q 231 -0.48 -17.06 31.43
C LEU Q 231 -0.76 -17.90 30.19
N ASN Q 232 -1.57 -18.95 30.39
CA ASN Q 232 -2.16 -19.78 29.33
C ASN Q 232 -1.11 -20.44 28.43
N GLY Q 233 0.09 -20.66 28.95
CA GLY Q 233 1.19 -21.11 28.13
C GLY Q 233 1.12 -22.59 27.83
N SER Q 234 2.21 -23.11 27.28
CA SER Q 234 2.35 -24.52 27.02
C SER Q 234 3.02 -25.16 28.23
N LEU Q 235 2.37 -26.14 28.83
CA LEU Q 235 2.85 -26.74 30.06
C LEU Q 235 4.05 -27.63 29.79
N ALA Q 236 4.90 -27.79 30.81
CA ALA Q 236 6.05 -28.66 30.69
C ALA Q 236 5.61 -30.12 30.71
N GLU Q 237 6.52 -31.02 30.38
CA GLU Q 237 6.15 -32.42 30.19
C GLU Q 237 5.93 -33.12 31.53
N GLU Q 238 7.00 -33.31 32.30
CA GLU Q 238 6.91 -34.09 33.53
C GLU Q 238 7.42 -33.38 34.77
N GLU Q 239 8.32 -32.41 34.64
CA GLU Q 239 8.85 -31.71 35.81
C GLU Q 239 9.11 -30.26 35.44
N VAL Q 240 9.49 -29.48 36.44
CA VAL Q 240 9.81 -28.08 36.21
C VAL Q 240 11.12 -27.99 35.46
N MET Q 241 11.17 -27.09 34.49
CA MET Q 241 12.39 -26.83 33.73
C MET Q 241 12.71 -25.34 33.79
N ILE Q 242 13.91 -25.02 34.26
CA ILE Q 242 14.44 -23.67 34.25
C ILE Q 242 15.38 -23.54 33.06
N ARG Q 243 15.36 -22.38 32.42
CA ARG Q 243 16.13 -22.15 31.22
C ARG Q 243 16.77 -20.77 31.28
N SER Q 244 18.03 -20.68 30.86
CA SER Q 244 18.69 -19.40 30.66
C SER Q 244 19.73 -19.51 29.56
N GLU Q 245 20.16 -18.35 29.07
CA GLU Q 245 21.28 -18.32 28.15
C GLU Q 245 22.59 -18.55 28.87
N ASN Q 246 22.76 -17.95 30.04
CA ASN Q 246 23.98 -18.14 30.83
C ASN Q 246 23.60 -17.92 32.29
N ILE Q 247 23.77 -18.98 33.11
CA ILE Q 247 23.23 -18.99 34.47
C ILE Q 247 23.93 -17.98 35.36
N THR Q 248 25.26 -17.92 35.26
CA THR Q 248 26.04 -16.98 36.06
C THR Q 248 25.80 -15.54 35.65
N ASN Q 249 25.30 -15.32 34.43
CA ASN Q 249 24.87 -13.98 34.05
C ASN Q 249 23.56 -13.65 34.76
N ASN Q 250 23.61 -12.68 35.65
CA ASN Q 250 22.42 -12.22 36.34
C ASN Q 250 21.71 -11.10 35.60
N ALA Q 251 22.23 -10.64 34.47
CA ALA Q 251 21.49 -9.75 33.61
C ALA Q 251 20.66 -10.49 32.58
N LYS Q 252 20.75 -11.81 32.56
CA LYS Q 252 19.91 -12.64 31.71
C LYS Q 252 18.76 -13.21 32.53
N ASN Q 253 17.56 -13.11 32.00
CA ASN Q 253 16.38 -13.59 32.71
C ASN Q 253 16.35 -15.12 32.69
N ILE Q 254 15.67 -15.68 33.69
CA ILE Q 254 15.49 -17.12 33.79
C ILE Q 254 14.04 -17.44 33.52
N LEU Q 255 13.78 -18.27 32.52
CA LEU Q 255 12.45 -18.69 32.16
C LEU Q 255 12.15 -19.99 32.88
N VAL Q 256 11.17 -19.97 33.77
CA VAL Q 256 10.79 -21.14 34.56
C VAL Q 256 9.46 -21.64 34.03
N GLN Q 257 9.45 -22.84 33.44
CA GLN Q 257 8.22 -23.44 32.97
C GLN Q 257 7.97 -24.70 33.79
N PHE Q 258 6.84 -24.73 34.49
CA PHE Q 258 6.56 -25.88 35.35
C PHE Q 258 5.42 -26.71 34.78
N ASN Q 259 5.23 -27.87 35.41
CA ASN Q 259 4.41 -28.94 34.84
C ASN Q 259 2.93 -28.68 35.02
N THR Q 260 2.48 -28.62 36.25
CA THR Q 260 1.05 -28.51 36.49
C THR Q 260 0.64 -27.05 36.63
N PRO Q 261 -0.45 -26.62 36.02
CA PRO Q 261 -0.82 -25.21 36.06
C PRO Q 261 -1.39 -24.80 37.41
N VAL Q 262 -1.32 -23.50 37.67
CA VAL Q 262 -1.91 -22.91 38.86
C VAL Q 262 -3.10 -22.06 38.45
N GLN Q 263 -4.27 -22.35 39.01
CA GLN Q 263 -5.47 -21.60 38.66
C GLN Q 263 -5.45 -20.24 39.33
N ILE Q 264 -5.64 -19.18 38.55
CA ILE Q 264 -5.75 -17.82 39.07
C ILE Q 264 -7.04 -17.20 38.55
N ASN Q 265 -7.83 -16.66 39.46
CA ASN Q 265 -9.05 -15.94 39.11
C ASN Q 265 -8.82 -14.45 39.29
N CYS Q 266 -9.42 -13.66 38.42
CA CYS Q 266 -9.29 -12.22 38.56
C CYS Q 266 -10.61 -11.56 38.26
N THR Q 267 -10.93 -10.50 38.99
CA THR Q 267 -12.19 -9.83 38.76
C THR Q 267 -12.14 -8.37 39.16
N ARG Q 268 -12.90 -7.58 38.41
CA ARG Q 268 -13.36 -6.26 38.81
C ARG Q 268 -14.81 -6.41 39.22
N PRO Q 269 -15.13 -6.20 40.49
CA PRO Q 269 -16.51 -6.35 40.97
C PRO Q 269 -17.34 -5.10 40.84
N ASN Q 270 -16.77 -4.00 40.37
CA ASN Q 270 -17.52 -2.77 40.22
C ASN Q 270 -18.36 -2.82 38.95
N ASN Q 271 -19.67 -2.62 39.10
CA ASN Q 271 -20.60 -2.65 37.98
C ASN Q 271 -20.66 -1.26 37.36
N ASN Q 272 -20.23 -1.15 36.10
CA ASN Q 272 -20.08 0.14 35.44
C ASN Q 272 -21.14 0.34 34.37
N THR Q 273 -21.24 1.59 33.91
CA THR Q 273 -22.22 1.99 32.92
C THR Q 273 -21.48 2.65 31.75
N ARG Q 274 -21.54 2.02 30.58
CA ARG Q 274 -20.96 2.63 29.39
C ARG Q 274 -21.85 3.78 28.93
N LYS Q 275 -21.25 4.96 28.76
CA LYS Q 275 -21.98 6.13 28.29
C LYS Q 275 -21.32 6.67 27.04
N SER Q 276 -22.11 6.93 26.01
CA SER Q 276 -21.60 7.48 24.77
C SER Q 276 -21.69 8.98 24.79
N ILE Q 277 -20.63 9.64 24.32
CA ILE Q 277 -20.61 11.07 24.11
C ILE Q 277 -20.29 11.31 22.64
N ARG Q 278 -21.02 12.21 22.00
CA ARG Q 278 -20.81 12.50 20.60
C ARG Q 278 -19.72 13.56 20.49
N ILE Q 279 -18.55 13.15 19.98
CA ILE Q 279 -17.47 14.10 19.76
C ILE Q 279 -17.78 14.98 18.57
N GLY Q 280 -18.12 14.36 17.44
CA GLY Q 280 -18.48 15.06 16.25
C GLY Q 280 -19.34 14.18 15.35
N PRO Q 281 -19.34 14.47 14.05
CA PRO Q 281 -20.06 13.61 13.12
C PRO Q 281 -19.42 12.25 12.96
N GLY Q 282 -20.12 11.22 13.43
CA GLY Q 282 -19.59 9.87 13.35
C GLY Q 282 -18.44 9.60 14.28
N GLN Q 283 -18.35 10.34 15.38
CA GLN Q 283 -17.28 10.18 16.36
C GLN Q 283 -17.91 9.97 17.72
N ALA Q 284 -17.68 8.81 18.32
CA ALA Q 284 -18.31 8.44 19.58
C ALA Q 284 -17.24 8.10 20.60
N PHE Q 285 -17.37 8.68 21.79
CA PHE Q 285 -16.43 8.49 22.88
C PHE Q 285 -17.12 7.74 24.00
N TYR Q 286 -16.58 6.59 24.38
CA TYR Q 286 -17.21 5.71 25.35
C TYR Q 286 -16.54 5.91 26.71
N ALA Q 287 -17.27 6.51 27.64
CA ALA Q 287 -16.76 6.82 28.95
C ALA Q 287 -17.52 6.06 30.03
N THR Q 288 -17.05 6.21 31.27
CA THR Q 288 -17.67 5.57 32.41
C THR Q 288 -18.83 6.41 32.92
N GLY Q 289 -19.95 5.77 33.21
CA GLY Q 289 -21.16 6.47 33.62
C GLY Q 289 -21.37 6.43 35.11
N ASP Q 290 -22.22 5.53 35.58
CA ASP Q 290 -22.44 5.35 37.00
C ASP Q 290 -21.89 4.01 37.46
N ILE Q 291 -21.44 3.97 38.70
CA ILE Q 291 -20.91 2.76 39.33
C ILE Q 291 -22.06 2.15 40.11
N ILE Q 292 -22.59 1.04 39.61
CA ILE Q 292 -23.83 0.47 40.15
C ILE Q 292 -23.45 -0.45 41.30
N GLY Q 293 -23.60 0.06 42.53
CA GLY Q 293 -23.37 -0.76 43.70
C GLY Q 293 -22.25 -0.28 44.60
N ASP Q 294 -21.39 -1.18 45.02
CA ASP Q 294 -20.31 -0.85 45.94
C ASP Q 294 -19.03 -0.53 45.19
N ILE Q 295 -18.25 0.37 45.76
CA ILE Q 295 -16.96 0.77 45.22
C ILE Q 295 -15.91 -0.13 45.84
N ARG Q 296 -15.47 -1.13 45.10
CA ARG Q 296 -14.60 -2.15 45.62
C ARG Q 296 -13.30 -2.19 44.84
N GLN Q 297 -12.33 -2.92 45.37
CA GLN Q 297 -11.02 -3.01 44.75
C GLN Q 297 -10.90 -4.29 43.93
N ALA Q 298 -10.53 -4.14 42.67
CA ALA Q 298 -10.38 -5.28 41.78
C ALA Q 298 -9.16 -6.10 42.17
N HIS Q 299 -9.27 -7.41 42.03
CA HIS Q 299 -8.28 -8.27 42.65
C HIS Q 299 -8.16 -9.60 41.92
N CYS Q 300 -7.28 -10.44 42.45
CA CYS Q 300 -7.06 -11.78 41.93
C CYS Q 300 -6.85 -12.74 43.09
N ASN Q 301 -7.05 -14.02 42.81
CA ASN Q 301 -6.89 -15.10 43.76
C ASN Q 301 -6.04 -16.22 43.15
N VAL Q 302 -5.13 -16.76 43.96
CA VAL Q 302 -4.55 -18.06 43.71
C VAL Q 302 -4.77 -18.94 44.93
N SER Q 303 -4.66 -20.25 44.72
CA SER Q 303 -4.76 -21.19 45.82
C SER Q 303 -3.47 -21.16 46.63
N LYS Q 304 -3.59 -21.22 47.95
CA LYS Q 304 -2.41 -21.14 48.81
C LYS Q 304 -1.56 -22.40 48.68
N ALA Q 305 -2.19 -23.58 48.73
CA ALA Q 305 -1.45 -24.82 48.82
C ALA Q 305 -0.74 -25.14 47.51
N THR Q 306 -1.40 -24.92 46.38
CA THR Q 306 -0.76 -25.20 45.10
C THR Q 306 0.34 -24.20 44.80
N TRP Q 307 0.21 -22.96 45.29
CA TRP Q 307 1.29 -22.00 45.12
C TRP Q 307 2.50 -22.38 45.96
N ASN Q 308 2.25 -22.82 47.19
CA ASN Q 308 3.35 -23.27 48.06
C ASN Q 308 4.02 -24.53 47.48
N GLU Q 309 3.22 -25.44 46.91
CA GLU Q 309 3.76 -26.65 46.33
C GLU Q 309 4.59 -26.37 45.09
N THR Q 310 4.09 -25.50 44.20
CA THR Q 310 4.84 -25.18 42.99
C THR Q 310 6.08 -24.38 43.30
N LEU Q 311 6.06 -23.55 44.35
CA LEU Q 311 7.30 -22.89 44.76
C LEU Q 311 8.28 -23.90 45.34
N GLY Q 312 7.78 -24.93 46.00
CA GLY Q 312 8.67 -26.02 46.40
C GLY Q 312 9.26 -26.75 45.21
N LYS Q 313 8.48 -26.92 44.15
CA LYS Q 313 8.97 -27.58 42.95
C LYS Q 313 10.05 -26.76 42.26
N VAL Q 314 9.85 -25.44 42.16
CA VAL Q 314 10.86 -24.62 41.49
C VAL Q 314 12.08 -24.45 42.40
N VAL Q 315 11.92 -24.57 43.71
CA VAL Q 315 13.08 -24.59 44.59
C VAL Q 315 13.88 -25.87 44.39
N LYS Q 316 13.18 -27.00 44.28
CA LYS Q 316 13.81 -28.29 44.05
C LYS Q 316 14.58 -28.30 42.72
N GLN Q 317 14.02 -27.67 41.70
CA GLN Q 317 14.73 -27.62 40.43
C GLN Q 317 15.80 -26.56 40.39
N LEU Q 318 15.65 -25.48 41.17
CA LEU Q 318 16.67 -24.45 41.22
C LEU Q 318 17.90 -24.89 41.99
N ARG Q 319 17.77 -25.88 42.87
CA ARG Q 319 18.97 -26.33 43.56
C ARG Q 319 19.89 -27.18 42.69
N LYS Q 320 19.51 -27.52 41.46
CA LYS Q 320 20.42 -28.24 40.58
C LYS Q 320 21.49 -27.34 39.98
N HIS Q 321 21.22 -26.04 39.88
CA HIS Q 321 22.15 -25.12 39.23
C HIS Q 321 23.01 -24.34 40.21
N PHE Q 322 22.73 -24.43 41.51
CA PHE Q 322 23.47 -23.66 42.51
C PHE Q 322 23.94 -24.51 43.68
N GLY Q 323 23.96 -25.83 43.53
CA GLY Q 323 24.31 -26.70 44.63
C GLY Q 323 23.18 -26.91 45.60
N ASN Q 324 23.35 -27.92 46.46
CA ASN Q 324 22.27 -28.27 47.37
C ASN Q 324 22.21 -27.32 48.55
N ASN Q 325 23.35 -27.01 49.18
CA ASN Q 325 23.36 -26.20 50.39
C ASN Q 325 23.27 -24.73 50.03
N THR Q 326 22.09 -24.35 49.56
CA THR Q 326 21.82 -22.99 49.13
C THR Q 326 20.48 -22.56 49.69
N ILE Q 327 20.43 -21.34 50.23
CA ILE Q 327 19.22 -20.80 50.84
C ILE Q 327 18.51 -19.94 49.82
N ILE Q 328 17.29 -20.32 49.43
CA ILE Q 328 16.60 -19.65 48.34
C ILE Q 328 15.45 -18.83 48.92
N ARG Q 329 15.44 -17.53 48.67
CA ARG Q 329 14.33 -16.69 49.11
C ARG Q 329 13.73 -15.95 47.93
N PHE Q 330 12.47 -15.58 48.07
CA PHE Q 330 11.70 -14.91 47.04
C PHE Q 330 11.24 -13.57 47.58
N ALA Q 331 11.64 -12.50 46.89
CA ALA Q 331 11.30 -11.12 47.23
C ALA Q 331 10.69 -10.45 46.01
N ASN Q 332 10.00 -9.34 46.26
CA ASN Q 332 9.26 -8.68 45.21
C ASN Q 332 10.18 -7.84 44.35
N SER Q 333 9.59 -7.16 43.37
CA SER Q 333 10.37 -6.41 42.40
C SER Q 333 10.91 -5.13 43.02
N SER Q 334 12.05 -4.69 42.49
CA SER Q 334 12.79 -3.63 43.17
C SER Q 334 12.32 -2.23 42.81
N GLY Q 335 11.93 -1.99 41.57
CA GLY Q 335 11.47 -0.66 41.19
C GLY Q 335 11.64 -0.41 39.70
N GLY Q 336 10.89 0.58 39.23
CA GLY Q 336 10.81 0.93 37.83
C GLY Q 336 9.46 1.56 37.52
N ASP Q 337 8.95 1.26 36.33
CA ASP Q 337 7.62 1.73 35.95
C ASP Q 337 6.57 0.81 36.58
N LEU Q 338 5.31 1.00 36.19
CA LEU Q 338 4.25 0.23 36.82
C LEU Q 338 4.21 -1.19 36.32
N GLU Q 339 4.42 -1.37 35.02
CA GLU Q 339 4.18 -2.65 34.36
C GLU Q 339 5.43 -3.48 34.22
N VAL Q 340 6.37 -3.35 35.13
CA VAL Q 340 7.56 -4.18 35.10
C VAL Q 340 7.90 -4.59 36.53
N THR Q 341 7.29 -3.90 37.49
CA THR Q 341 7.40 -4.23 38.90
C THR Q 341 6.19 -4.95 39.43
N THR Q 342 5.02 -4.72 38.85
CA THR Q 342 3.81 -5.44 39.16
C THR Q 342 3.45 -6.23 37.91
N HIS Q 343 2.67 -7.30 38.05
CA HIS Q 343 2.36 -8.11 36.87
C HIS Q 343 1.10 -7.57 36.18
N SER Q 344 1.19 -7.35 34.88
CA SER Q 344 0.11 -6.78 34.09
C SER Q 344 -0.44 -7.80 33.11
N PHE Q 345 -1.74 -7.72 32.87
CA PHE Q 345 -2.37 -8.58 31.88
C PHE Q 345 -3.62 -7.90 31.37
N ASN Q 346 -4.28 -8.56 30.42
CA ASN Q 346 -5.48 -8.00 29.78
C ASN Q 346 -6.59 -9.03 29.87
N CYS Q 347 -7.59 -8.74 30.70
CA CYS Q 347 -8.70 -9.63 30.99
C CYS Q 347 -9.90 -9.17 30.16
N GLY Q 348 -9.91 -9.60 28.89
CA GLY Q 348 -11.00 -9.31 27.98
C GLY Q 348 -11.17 -7.85 27.66
N GLY Q 349 -10.13 -7.22 27.13
CA GLY Q 349 -10.20 -5.81 26.81
C GLY Q 349 -10.20 -4.90 28.02
N GLU Q 350 -9.63 -5.35 29.13
CA GLU Q 350 -9.44 -4.47 30.29
C GLU Q 350 -8.13 -4.84 30.95
N PHE Q 351 -7.28 -3.85 31.19
CA PHE Q 351 -5.90 -4.05 31.56
C PHE Q 351 -5.74 -3.96 33.08
N PHE Q 352 -5.33 -5.06 33.69
CA PHE Q 352 -5.05 -5.09 35.11
C PHE Q 352 -3.55 -4.99 35.37
N TYR Q 353 -3.21 -4.34 36.47
CA TYR Q 353 -1.84 -4.20 36.97
C TYR Q 353 -1.87 -4.63 38.42
N CYS Q 354 -1.58 -5.90 38.67
CA CYS Q 354 -1.82 -6.54 39.96
C CYS Q 354 -0.52 -6.68 40.74
N ASN Q 355 -0.64 -6.57 42.06
CA ASN Q 355 0.48 -6.67 42.99
C ASN Q 355 0.86 -8.12 43.19
N THR Q 356 2.15 -8.43 43.04
CA THR Q 356 2.65 -9.77 43.29
C THR Q 356 3.54 -9.83 44.53
N SER Q 357 3.32 -8.93 45.49
CA SER Q 357 4.09 -9.00 46.73
C SER Q 357 3.69 -10.19 47.58
N GLY Q 358 2.43 -10.63 47.51
CA GLY Q 358 2.00 -11.75 48.30
C GLY Q 358 2.51 -13.09 47.80
N LEU Q 359 3.01 -13.13 46.57
CA LEU Q 359 3.44 -14.39 45.99
C LEU Q 359 4.91 -14.66 46.25
N PHE Q 360 5.78 -13.72 45.90
CA PHE Q 360 7.23 -13.91 46.01
C PHE Q 360 7.68 -13.31 47.34
N ASN Q 361 7.41 -14.05 48.41
CA ASN Q 361 7.64 -13.57 49.77
C ASN Q 361 8.09 -14.73 50.67
N SER Q 362 9.00 -15.55 50.19
CA SER Q 362 9.24 -16.82 50.87
C SER Q 362 10.71 -17.05 51.16
N THR Q 363 10.99 -18.07 51.97
CA THR Q 363 12.36 -18.52 52.19
C THR Q 363 12.38 -20.04 52.31
N TRP Q 364 13.46 -20.65 51.83
CA TRP Q 364 13.56 -22.10 51.68
C TRP Q 364 14.96 -22.52 52.08
N ILE Q 365 15.03 -23.41 53.08
CA ILE Q 365 16.27 -23.89 53.68
C ILE Q 365 16.64 -25.18 52.99
N SER Q 366 17.93 -25.56 53.10
CA SER Q 366 18.48 -26.71 52.39
C SER Q 366 18.46 -27.98 53.23
N ASN Q 367 17.47 -28.13 54.11
CA ASN Q 367 17.29 -29.33 54.91
C ASN Q 367 16.96 -30.55 54.03
N ASN Q 379 -6.90 -24.72 51.99
CA ASN Q 379 -8.25 -24.25 51.66
C ASN Q 379 -8.26 -22.74 51.45
N ASP Q 380 -7.24 -22.08 51.97
CA ASP Q 380 -7.16 -20.63 51.86
C ASP Q 380 -6.72 -20.23 50.45
N SER Q 381 -6.64 -18.92 50.24
CA SER Q 381 -6.33 -18.40 48.91
C SER Q 381 -5.65 -17.06 49.06
N ILE Q 382 -4.50 -16.92 48.40
CA ILE Q 382 -3.82 -15.64 48.40
C ILE Q 382 -4.59 -14.69 47.49
N THR Q 383 -5.15 -13.65 48.09
CA THR Q 383 -5.77 -12.56 47.36
C THR Q 383 -4.76 -11.45 47.17
N LEU Q 384 -4.79 -10.81 46.00
CA LEU Q 384 -3.86 -9.74 45.73
C LEU Q 384 -4.58 -8.62 45.00
N PRO Q 385 -4.42 -7.37 45.42
CA PRO Q 385 -5.13 -6.26 44.79
C PRO Q 385 -4.47 -5.86 43.48
N CYS Q 386 -5.25 -5.13 42.69
CA CYS Q 386 -4.81 -4.66 41.38
C CYS Q 386 -5.15 -3.18 41.23
N ARG Q 387 -4.54 -2.56 40.23
CA ARG Q 387 -4.98 -1.27 39.73
C ARG Q 387 -5.48 -1.44 38.30
N ILE Q 388 -6.35 -0.52 37.88
CA ILE Q 388 -6.93 -0.53 36.55
C ILE Q 388 -6.62 0.79 35.88
N LYS Q 389 -5.89 0.74 34.78
CA LYS Q 389 -5.59 1.91 33.99
C LYS Q 389 -6.38 1.85 32.69
N GLN Q 390 -6.79 3.03 32.22
CA GLN Q 390 -7.50 3.10 30.96
C GLN Q 390 -6.60 3.50 29.80
N ILE Q 391 -5.60 4.35 30.01
CA ILE Q 391 -4.63 4.66 28.98
C ILE Q 391 -3.35 3.90 29.28
N ILE Q 392 -2.78 3.33 28.23
CA ILE Q 392 -1.61 2.48 28.33
C ILE Q 392 -0.56 3.02 27.37
N ASN Q 393 0.67 2.58 27.57
CA ASN Q 393 1.78 2.98 26.72
C ASN Q 393 2.55 1.75 26.28
N MET Q 394 1.81 0.77 25.76
CA MET Q 394 2.34 -0.52 25.37
C MET Q 394 3.48 -0.41 24.37
N TRP Q 395 4.56 -1.12 24.65
CA TRP Q 395 5.85 -1.15 23.95
C TRP Q 395 6.62 0.17 24.00
N GLN Q 396 6.10 1.17 24.72
CA GLN Q 396 6.77 2.44 25.05
C GLN Q 396 7.17 3.19 23.78
N ARG Q 397 6.20 3.39 22.90
CA ARG Q 397 6.48 4.17 21.71
C ARG Q 397 6.54 5.65 22.07
N ILE Q 398 7.09 6.45 21.16
CA ILE Q 398 7.35 7.85 21.49
C ILE Q 398 6.09 8.69 21.37
N GLY Q 399 5.18 8.31 20.48
CA GLY Q 399 3.99 9.11 20.25
C GLY Q 399 2.75 8.29 20.04
N GLN Q 400 2.68 7.11 20.66
CA GLN Q 400 1.54 6.21 20.44
C GLN Q 400 1.02 5.70 21.78
N CYS Q 401 0.02 6.38 22.33
CA CYS Q 401 -0.69 5.86 23.49
C CYS Q 401 -2.05 5.33 23.05
N MET Q 402 -2.77 4.71 23.97
CA MET Q 402 -4.02 4.03 23.63
C MET Q 402 -4.96 4.05 24.82
N TYR Q 403 -6.13 4.65 24.64
CA TYR Q 403 -7.19 4.58 25.62
C TYR Q 403 -7.95 3.26 25.46
N ALA Q 404 -8.46 2.74 26.56
CA ALA Q 404 -9.24 1.52 26.54
C ALA Q 404 -10.66 1.81 27.00
N PRO Q 405 -11.68 1.36 26.27
CA PRO Q 405 -13.05 1.70 26.66
C PRO Q 405 -13.49 0.87 27.86
N PRO Q 406 -14.30 1.44 28.74
CA PRO Q 406 -14.86 0.66 29.84
C PRO Q 406 -15.87 -0.35 29.31
N ILE Q 407 -15.96 -1.47 30.00
CA ILE Q 407 -16.81 -2.57 29.55
C ILE Q 407 -17.85 -2.87 30.61
N GLN Q 408 -19.00 -3.35 30.16
CA GLN Q 408 -20.16 -3.47 31.02
C GLN Q 408 -20.05 -4.64 31.99
N GLY Q 409 -20.64 -4.44 33.17
CA GLY Q 409 -20.83 -5.52 34.10
C GLY Q 409 -19.57 -5.87 34.88
N VAL Q 410 -19.78 -6.75 35.86
CA VAL Q 410 -18.68 -7.31 36.63
C VAL Q 410 -17.83 -8.19 35.71
N ILE Q 411 -16.52 -8.00 35.75
CA ILE Q 411 -15.62 -8.65 34.80
C ILE Q 411 -14.77 -9.65 35.54
N ARG Q 412 -14.86 -10.92 35.16
CA ARG Q 412 -14.03 -11.94 35.76
C ARG Q 412 -13.43 -12.83 34.69
N CYS Q 413 -12.25 -13.36 35.01
CA CYS Q 413 -11.52 -14.22 34.09
C CYS Q 413 -10.80 -15.28 34.88
N VAL Q 414 -10.70 -16.46 34.28
CA VAL Q 414 -9.97 -17.59 34.83
C VAL Q 414 -8.78 -17.85 33.92
N SER Q 415 -7.59 -17.93 34.51
CA SER Q 415 -6.41 -18.26 33.74
C SER Q 415 -5.55 -19.21 34.54
N ASN Q 416 -4.53 -19.73 33.88
CA ASN Q 416 -3.58 -20.67 34.47
C ASN Q 416 -2.19 -20.09 34.39
N ILE Q 417 -1.59 -19.82 35.55
CA ILE Q 417 -0.18 -19.50 35.64
C ILE Q 417 0.61 -20.74 35.25
N THR Q 418 1.40 -20.61 34.20
CA THR Q 418 2.21 -21.66 33.63
C THR Q 418 3.70 -21.51 33.94
N GLY Q 419 4.22 -20.28 33.88
CA GLY Q 419 5.63 -20.09 34.18
C GLY Q 419 5.99 -18.77 34.83
N LEU Q 420 7.28 -18.56 35.03
CA LEU Q 420 7.79 -17.38 35.71
C LEU Q 420 8.97 -16.81 34.93
N ILE Q 421 9.21 -15.52 35.13
CA ILE Q 421 10.37 -14.82 34.59
C ILE Q 421 11.14 -14.27 35.78
N LEU Q 422 12.25 -14.92 36.12
CA LEU Q 422 12.99 -14.57 37.32
C LEU Q 422 14.32 -13.90 36.99
N THR Q 423 14.89 -13.28 38.02
CA THR Q 423 16.16 -12.59 37.91
C THR Q 423 16.90 -12.77 39.22
N ARG Q 424 18.10 -13.32 39.15
CA ARG Q 424 18.92 -13.53 40.34
C ARG Q 424 19.61 -12.23 40.72
N ASP Q 425 19.62 -11.91 42.01
CA ASP Q 425 20.11 -10.62 42.44
C ASP Q 425 21.63 -10.55 42.36
N GLY Q 426 22.14 -9.32 42.43
CA GLY Q 426 23.51 -8.99 42.11
C GLY Q 426 24.50 -9.46 43.17
N GLY Q 427 24.66 -10.77 43.26
CA GLY Q 427 25.49 -11.36 44.28
C GLY Q 427 26.98 -11.11 44.14
N SER Q 428 27.53 -10.39 45.12
CA SER Q 428 28.96 -10.34 45.35
C SER Q 428 29.16 -10.30 46.86
N THR Q 429 30.42 -10.27 47.27
CA THR Q 429 30.85 -10.20 48.68
C THR Q 429 30.26 -11.33 49.52
N ASN Q 430 30.58 -12.56 49.10
CA ASN Q 430 30.40 -13.80 49.86
C ASN Q 430 28.93 -14.05 50.19
N SER Q 431 28.17 -14.21 49.10
CA SER Q 431 26.74 -14.46 49.14
C SER Q 431 26.48 -15.91 49.56
N THR Q 432 25.92 -16.11 50.74
CA THR Q 432 25.53 -17.47 51.12
C THR Q 432 24.18 -17.85 50.54
N THR Q 433 23.25 -16.91 50.42
CA THR Q 433 21.92 -17.15 49.88
C THR Q 433 21.81 -16.56 48.49
N GLU Q 434 20.81 -17.01 47.74
CA GLU Q 434 20.55 -16.50 46.40
C GLU Q 434 19.07 -16.19 46.28
N THR Q 435 18.75 -14.92 46.08
CA THR Q 435 17.37 -14.47 46.00
C THR Q 435 16.95 -14.32 44.55
N PHE Q 436 15.63 -14.34 44.34
CA PHE Q 436 15.07 -14.29 43.01
C PHE Q 436 13.94 -13.27 42.99
N ARG Q 437 13.99 -12.36 42.05
CA ARG Q 437 12.92 -11.40 41.89
C ARG Q 437 12.17 -11.65 40.58
N PRO Q 438 10.91 -11.27 40.48
CA PRO Q 438 10.25 -11.25 39.17
C PRO Q 438 10.63 -9.99 38.39
N GLY Q 439 10.55 -10.11 37.06
CA GLY Q 439 10.71 -8.96 36.20
C GLY Q 439 10.39 -9.24 34.74
N GLY Q 440 9.47 -8.48 34.16
CA GLY Q 440 9.05 -8.74 32.80
C GLY Q 440 10.04 -8.24 31.78
N GLY Q 441 10.25 -6.93 31.76
CA GLY Q 441 11.25 -6.36 30.88
C GLY Q 441 10.79 -6.40 29.44
N ASP Q 442 11.62 -6.99 28.59
CA ASP Q 442 11.26 -7.16 27.19
C ASP Q 442 10.13 -8.15 27.06
N MET Q 443 9.24 -7.89 26.10
CA MET Q 443 8.17 -8.82 25.82
C MET Q 443 8.65 -10.07 25.11
N ARG Q 444 9.87 -10.05 24.57
CA ARG Q 444 10.39 -11.17 23.80
C ARG Q 444 10.66 -12.39 24.66
N ASP Q 445 10.84 -12.18 25.97
CA ASP Q 445 10.97 -13.30 26.89
C ASP Q 445 9.69 -14.14 26.96
N ASN Q 446 8.53 -13.51 26.76
CA ASN Q 446 7.29 -14.27 26.73
C ASN Q 446 7.19 -15.13 25.47
N TRP Q 447 7.62 -14.60 24.34
CA TRP Q 447 7.49 -15.34 23.10
C TRP Q 447 8.55 -16.42 22.98
N ARG Q 448 9.66 -16.27 23.69
CA ARG Q 448 10.68 -17.30 23.67
C ARG Q 448 10.28 -18.52 24.50
N SER Q 449 9.24 -18.43 25.31
CA SER Q 449 8.73 -19.59 26.01
C SER Q 449 7.84 -20.46 25.13
N GLU Q 450 7.61 -20.06 23.89
CA GLU Q 450 6.74 -20.81 23.00
C GLU Q 450 7.41 -21.24 21.71
N LEU Q 451 8.32 -20.44 21.18
CA LEU Q 451 9.08 -20.81 19.99
C LEU Q 451 10.43 -21.42 20.35
N TYR Q 452 10.54 -21.95 21.57
CA TYR Q 452 11.82 -22.49 22.01
C TYR Q 452 12.11 -23.84 21.37
N LYS Q 453 11.08 -24.56 20.96
CA LYS Q 453 11.31 -25.86 20.32
C LYS Q 453 11.74 -25.70 18.87
N TYR Q 454 11.15 -24.74 18.16
CA TYR Q 454 11.24 -24.70 16.71
C TYR Q 454 12.51 -24.03 16.24
N LYS Q 455 12.98 -24.45 15.07
CA LYS Q 455 13.98 -23.73 14.30
C LYS Q 455 13.59 -23.83 12.83
N VAL Q 456 14.12 -22.92 12.02
CA VAL Q 456 13.70 -22.79 10.63
C VAL Q 456 14.90 -23.06 9.74
N VAL Q 457 14.75 -24.00 8.80
CA VAL Q 457 15.87 -24.42 7.98
C VAL Q 457 15.51 -24.31 6.50
N LYS Q 458 16.54 -24.07 5.69
CA LYS Q 458 16.40 -23.90 4.25
C LYS Q 458 16.80 -25.21 3.59
N ILE Q 459 15.90 -25.77 2.80
CA ILE Q 459 16.15 -27.02 2.12
C ILE Q 459 16.97 -26.73 0.88
N GLU Q 460 18.15 -27.34 0.80
CA GLU Q 460 19.01 -27.22 -0.37
C GLU Q 460 19.15 -28.57 -1.02
N PRO Q 461 18.44 -28.83 -2.10
CA PRO Q 461 18.63 -30.07 -2.85
C PRO Q 461 19.90 -30.06 -3.68
N LEU Q 462 20.00 -31.05 -4.57
CA LEU Q 462 21.13 -31.25 -5.47
C LEU Q 462 22.42 -31.48 -4.69
N GLY Q 463 22.47 -32.63 -4.02
CA GLY Q 463 23.71 -33.15 -3.53
C GLY Q 463 24.56 -33.76 -4.63
N VAL Q 464 25.79 -34.12 -4.27
CA VAL Q 464 26.76 -34.60 -5.24
C VAL Q 464 27.57 -35.70 -4.57
N ALA Q 465 27.74 -36.83 -5.25
CA ALA Q 465 28.46 -37.97 -4.68
C ALA Q 465 29.06 -38.78 -5.81
N PRO Q 466 30.20 -39.45 -5.57
CA PRO Q 466 30.74 -40.32 -6.61
C PRO Q 466 30.11 -41.71 -6.59
N THR Q 467 30.00 -42.30 -7.78
CA THR Q 467 29.73 -43.71 -7.94
C THR Q 467 30.46 -44.22 -9.17
N ARG Q 468 30.35 -45.53 -9.40
CA ARG Q 468 31.05 -46.18 -10.50
C ARG Q 468 30.10 -46.32 -11.70
N CYS Q 469 29.79 -45.17 -12.30
CA CYS Q 469 29.07 -45.14 -13.57
C CYS Q 469 29.46 -43.90 -14.35
N LYS Q 470 30.07 -44.09 -15.51
CA LYS Q 470 30.41 -43.03 -16.45
C LYS Q 470 29.38 -43.00 -17.55
N ARG Q 471 29.03 -41.80 -17.99
CA ARG Q 471 27.96 -41.65 -18.98
C ARG Q 471 28.39 -42.17 -20.35
N ARG Q 472 27.57 -43.04 -20.92
CA ARG Q 472 27.76 -43.49 -22.30
C ARG Q 472 27.44 -42.34 -23.26
N VAL Q 473 28.34 -42.07 -24.19
CA VAL Q 473 28.09 -41.04 -25.22
C VAL Q 473 27.20 -41.60 -26.31
N ALA R 1 -6.90 -56.89 -0.74
CA ALA R 1 -6.70 -57.32 0.64
C ALA R 1 -7.44 -56.42 1.62
N VAL R 2 -8.45 -56.96 2.30
CA VAL R 2 -9.05 -56.20 3.39
C VAL R 2 -8.11 -56.22 4.58
N GLY R 3 -8.24 -55.20 5.44
CA GLY R 3 -7.20 -54.98 6.42
C GLY R 3 -5.91 -54.56 5.74
N ILE R 4 -5.86 -53.33 5.24
CA ILE R 4 -4.66 -52.80 4.59
C ILE R 4 -4.25 -51.52 5.32
N GLY R 5 -3.03 -51.54 5.89
CA GLY R 5 -2.48 -50.39 6.56
C GLY R 5 -1.71 -49.50 5.60
N ALA R 6 -1.01 -48.51 6.18
CA ALA R 6 -0.21 -47.55 5.43
C ALA R 6 0.72 -46.75 6.33
N VAL R 7 1.99 -46.59 5.94
CA VAL R 7 2.83 -45.56 6.52
C VAL R 7 2.95 -44.43 5.50
N PHE R 8 2.67 -43.22 5.96
CA PHE R 8 2.55 -42.06 5.09
C PHE R 8 3.94 -41.47 5.02
N LEU R 9 4.73 -41.96 4.06
CA LEU R 9 6.14 -41.57 3.98
C LEU R 9 6.22 -40.13 3.51
N GLY R 10 6.26 -39.21 4.47
CA GLY R 10 6.02 -37.81 4.21
C GLY R 10 7.23 -37.09 3.67
N PHE R 11 7.07 -35.77 3.55
CA PHE R 11 8.13 -34.91 3.08
C PHE R 11 9.24 -34.80 4.13
N LEU R 12 10.49 -34.94 3.66
CA LEU R 12 11.69 -34.88 4.49
C LEU R 12 11.68 -35.96 5.58
N GLY R 13 11.80 -37.20 5.16
CA GLY R 13 11.73 -38.29 6.10
C GLY R 13 12.91 -39.26 6.07
N ALA R 14 13.96 -38.92 5.34
CA ALA R 14 15.13 -39.79 5.25
C ALA R 14 16.41 -39.06 5.59
N ALA R 15 16.36 -38.17 6.60
CA ALA R 15 17.50 -37.33 6.93
C ALA R 15 18.65 -38.14 7.50
N GLY R 16 18.41 -38.83 8.61
CA GLY R 16 19.47 -39.57 9.25
C GLY R 16 19.87 -40.86 8.56
N SER R 17 19.07 -41.29 7.58
CA SER R 17 19.29 -42.56 6.92
C SER R 17 20.51 -42.47 6.00
N THR R 18 20.90 -43.62 5.46
CA THR R 18 22.01 -43.66 4.53
C THR R 18 21.60 -43.08 3.18
N MET R 19 22.61 -42.78 2.35
CA MET R 19 22.44 -42.25 1.01
C MET R 19 21.53 -43.12 0.15
N GLY R 20 21.77 -44.43 0.17
CA GLY R 20 20.99 -45.36 -0.62
C GLY R 20 19.56 -45.52 -0.14
N ALA R 21 19.29 -45.15 1.10
CA ALA R 21 17.91 -45.10 1.57
C ALA R 21 17.20 -43.88 1.02
N ALA R 22 17.84 -42.71 1.08
CA ALA R 22 17.21 -41.47 0.65
C ALA R 22 17.12 -41.37 -0.87
N SER R 23 17.93 -42.16 -1.59
CA SER R 23 17.91 -42.15 -3.06
C SER R 23 16.57 -42.64 -3.60
N MET R 24 15.85 -43.46 -2.85
CA MET R 24 14.54 -43.86 -3.33
C MET R 24 13.51 -42.77 -3.09
N THR R 25 13.54 -42.15 -1.91
CA THR R 25 12.48 -41.22 -1.56
C THR R 25 12.71 -39.79 -2.03
N LEU R 26 13.86 -39.46 -2.62
CA LEU R 26 14.18 -38.07 -2.97
C LEU R 26 13.18 -37.42 -3.93
N THR R 27 12.46 -38.24 -4.71
CA THR R 27 11.54 -37.70 -5.72
C THR R 27 10.39 -36.93 -5.07
N VAL R 28 9.89 -37.42 -3.93
CA VAL R 28 8.80 -36.74 -3.26
C VAL R 28 9.29 -35.48 -2.58
N GLN R 29 10.53 -35.48 -2.10
CA GLN R 29 11.11 -34.28 -1.52
C GLN R 29 11.33 -33.22 -2.58
N ALA R 30 11.68 -33.64 -3.80
CA ALA R 30 11.76 -32.69 -4.90
C ALA R 30 10.37 -32.18 -5.28
N ARG R 31 9.35 -33.04 -5.19
CA ARG R 31 8.00 -32.60 -5.55
C ARG R 31 7.44 -31.59 -4.56
N ASN R 32 7.71 -31.78 -3.27
CA ASN R 32 7.11 -30.89 -2.28
C ASN R 32 7.82 -29.57 -2.14
N LEU R 33 8.92 -29.37 -2.87
CA LEU R 33 9.78 -28.20 -2.72
C LEU R 33 9.16 -26.91 -3.25
N LEU R 34 8.09 -27.01 -4.05
CA LEU R 34 7.66 -25.96 -4.96
C LEU R 34 6.43 -25.18 -4.51
N SER R 35 5.36 -25.87 -4.07
CA SER R 35 4.03 -25.27 -4.06
C SER R 35 3.81 -24.32 -2.88
N GLY R 36 3.79 -24.86 -1.67
CA GLY R 36 3.57 -24.03 -0.49
C GLY R 36 2.15 -23.50 -0.37
N THR R 58 -2.87 -4.80 4.75
CA THR R 58 -2.76 -5.07 3.32
C THR R 58 -1.31 -5.35 2.91
N VAL R 59 -0.39 -5.22 3.87
CA VAL R 59 1.02 -5.47 3.58
C VAL R 59 1.37 -6.95 3.70
N TRP R 60 0.50 -7.76 4.31
CA TRP R 60 0.81 -9.16 4.52
C TRP R 60 0.79 -9.94 3.21
N GLY R 61 -0.07 -9.52 2.28
CA GLY R 61 -0.02 -10.08 0.94
C GLY R 61 1.28 -9.79 0.25
N ILE R 62 1.88 -8.64 0.52
CA ILE R 62 3.16 -8.31 -0.07
C ILE R 62 4.26 -9.18 0.51
N LYS R 63 4.17 -9.49 1.80
CA LYS R 63 5.16 -10.35 2.43
C LYS R 63 5.04 -11.79 1.92
N GLN R 64 3.82 -12.32 1.90
CA GLN R 64 3.63 -13.68 1.41
C GLN R 64 3.93 -13.78 -0.08
N LEU R 65 3.68 -12.69 -0.82
CA LEU R 65 4.05 -12.64 -2.23
C LEU R 65 5.56 -12.65 -2.40
N GLN R 66 6.27 -11.89 -1.54
CA GLN R 66 7.73 -11.87 -1.60
C GLN R 66 8.31 -13.24 -1.25
N ALA R 67 7.72 -13.91 -0.27
CA ALA R 67 8.16 -15.25 0.08
C ALA R 67 7.88 -16.24 -1.05
N ARG R 68 6.73 -16.12 -1.71
CA ARG R 68 6.39 -17.07 -2.76
C ARG R 68 7.28 -16.87 -3.98
N VAL R 69 7.54 -15.61 -4.34
CA VAL R 69 8.39 -15.41 -5.51
C VAL R 69 9.84 -15.67 -5.16
N LEU R 70 10.21 -15.59 -3.88
CA LEU R 70 11.52 -16.08 -3.45
C LEU R 70 11.64 -17.58 -3.67
N ALA R 71 10.58 -18.32 -3.33
CA ALA R 71 10.59 -19.77 -3.49
C ALA R 71 10.72 -20.18 -4.96
N VAL R 72 10.02 -19.47 -5.84
CA VAL R 72 10.18 -19.78 -7.24
C VAL R 72 11.51 -19.24 -7.80
N GLU R 73 12.08 -18.19 -7.20
CA GLU R 73 13.42 -17.75 -7.60
C GLU R 73 14.44 -18.84 -7.30
N ARG R 74 14.31 -19.45 -6.12
CA ARG R 74 15.20 -20.53 -5.74
C ARG R 74 15.02 -21.76 -6.63
N TYR R 75 13.76 -22.11 -6.92
CA TYR R 75 13.51 -23.29 -7.75
C TYR R 75 14.00 -23.09 -9.17
N LEU R 76 13.83 -21.88 -9.70
CA LEU R 76 14.30 -21.64 -11.06
C LEU R 76 15.81 -21.54 -11.10
N ARG R 77 16.44 -21.01 -10.04
CA ARG R 77 17.88 -21.03 -9.96
C ARG R 77 18.41 -22.46 -9.98
N ASP R 78 17.74 -23.36 -9.27
CA ASP R 78 18.20 -24.75 -9.24
C ASP R 78 17.96 -25.44 -10.59
N GLN R 79 16.84 -25.12 -11.25
CA GLN R 79 16.58 -25.72 -12.55
C GLN R 79 17.59 -25.23 -13.58
N GLN R 80 17.96 -23.94 -13.51
CA GLN R 80 18.95 -23.42 -14.45
C GLN R 80 20.33 -23.97 -14.15
N LEU R 81 20.65 -24.14 -12.86
CA LEU R 81 21.95 -24.66 -12.48
C LEU R 81 22.09 -26.12 -12.89
N LEU R 82 20.99 -26.87 -12.88
CA LEU R 82 21.02 -28.22 -13.40
C LEU R 82 21.08 -28.23 -14.91
N GLY R 83 20.39 -27.29 -15.56
CA GLY R 83 20.18 -27.39 -17.00
C GLY R 83 21.43 -27.17 -17.83
N ILE R 84 22.36 -26.35 -17.34
CA ILE R 84 23.63 -26.19 -18.04
C ILE R 84 24.54 -27.40 -17.84
N TRP R 85 24.20 -28.30 -16.92
CA TRP R 85 24.96 -29.52 -16.76
C TRP R 85 24.41 -30.59 -17.69
N GLY R 86 24.84 -31.83 -17.51
CA GLY R 86 24.52 -32.91 -18.40
C GLY R 86 23.11 -33.44 -18.34
N CYS R 87 22.25 -32.88 -17.50
CA CYS R 87 20.87 -33.33 -17.43
C CYS R 87 19.94 -32.13 -17.38
N SER R 88 18.82 -32.23 -18.10
CA SER R 88 17.88 -31.12 -18.23
C SER R 88 16.83 -31.15 -17.12
N GLY R 89 16.14 -32.28 -16.98
CA GLY R 89 15.07 -32.37 -16.00
C GLY R 89 15.06 -33.66 -15.21
N LYS R 90 16.01 -34.54 -15.51
CA LYS R 90 16.15 -35.79 -14.77
C LYS R 90 16.65 -35.51 -13.35
N LEU R 91 16.45 -36.49 -12.46
CA LEU R 91 16.86 -36.35 -11.08
C LEU R 91 18.14 -37.12 -10.76
N ILE R 92 18.51 -38.08 -11.58
CA ILE R 92 19.75 -38.82 -11.45
C ILE R 92 20.58 -38.56 -12.69
N CYS R 93 21.87 -38.27 -12.51
CA CYS R 93 22.68 -37.75 -13.60
C CYS R 93 24.12 -38.19 -13.45
N CYS R 94 24.59 -38.96 -14.42
CA CYS R 94 26.01 -39.30 -14.53
C CYS R 94 26.66 -38.38 -15.55
N THR R 95 27.92 -38.05 -15.30
CA THR R 95 28.67 -37.20 -16.22
C THR R 95 29.99 -37.85 -16.58
N ASN R 96 30.87 -37.11 -17.26
CA ASN R 96 32.13 -37.67 -17.75
C ASN R 96 33.31 -37.04 -17.03
N VAL R 97 33.10 -36.55 -15.83
CA VAL R 97 34.16 -35.96 -15.02
C VAL R 97 34.57 -36.97 -13.97
N PRO R 98 35.83 -37.37 -13.90
CA PRO R 98 36.23 -38.33 -12.88
C PRO R 98 36.28 -37.69 -11.50
N TRP R 99 35.91 -38.48 -10.50
CA TRP R 99 35.91 -38.00 -9.13
C TRP R 99 37.33 -37.87 -8.63
N ASN R 100 37.76 -36.64 -8.35
CA ASN R 100 39.09 -36.41 -7.83
C ASN R 100 39.22 -36.96 -6.42
N SER R 101 40.16 -37.89 -6.24
CA SER R 101 40.31 -38.55 -4.96
C SER R 101 40.91 -37.64 -3.90
N SER R 102 41.59 -36.57 -4.33
CA SER R 102 42.15 -35.60 -3.40
C SER R 102 41.09 -34.83 -2.63
N TRP R 103 39.84 -34.82 -3.11
CA TRP R 103 38.77 -34.14 -2.40
C TRP R 103 38.42 -34.83 -1.09
N SER R 104 38.06 -36.11 -1.15
CA SER R 104 37.54 -36.80 0.03
C SER R 104 38.17 -38.14 0.34
N ASN R 105 38.80 -38.82 -0.62
CA ASN R 105 39.54 -40.09 -0.52
C ASN R 105 38.88 -41.14 0.35
N ARG R 106 37.56 -41.29 0.22
CA ARG R 106 36.77 -42.30 0.92
C ARG R 106 36.08 -43.18 -0.10
N ASN R 107 36.16 -44.49 0.07
CA ASN R 107 35.72 -45.40 -0.98
C ASN R 107 34.21 -45.62 -0.97
N LEU R 108 33.75 -46.57 -1.81
CA LEU R 108 32.35 -46.61 -2.22
C LEU R 108 31.43 -47.06 -1.09
N SER R 109 31.81 -48.13 -0.40
CA SER R 109 30.93 -48.74 0.60
C SER R 109 30.68 -47.82 1.78
N GLU R 110 31.74 -47.18 2.30
CA GLU R 110 31.59 -46.37 3.51
C GLU R 110 30.79 -45.10 3.25
N ILE R 111 30.80 -44.59 2.02
CA ILE R 111 30.01 -43.41 1.69
C ILE R 111 28.63 -43.76 1.15
N TRP R 112 28.40 -45.03 0.79
CA TRP R 112 27.10 -45.44 0.28
C TRP R 112 26.27 -46.21 1.30
N ASP R 113 26.86 -46.62 2.42
CA ASP R 113 26.14 -47.43 3.39
C ASP R 113 26.11 -46.80 4.78
N ASN R 114 27.19 -46.11 5.15
CA ASN R 114 27.37 -45.63 6.51
C ASN R 114 27.04 -44.16 6.68
N MET R 115 27.58 -43.31 5.82
CA MET R 115 27.56 -41.88 6.06
C MET R 115 26.19 -41.29 5.80
N THR R 116 25.86 -40.28 6.58
CA THR R 116 24.58 -39.61 6.44
C THR R 116 24.71 -38.47 5.43
N TRP R 117 23.65 -37.70 5.25
CA TRP R 117 23.70 -36.66 4.24
C TRP R 117 24.30 -35.37 4.77
N LEU R 118 23.93 -34.96 5.99
CA LEU R 118 24.46 -33.72 6.54
C LEU R 118 25.96 -33.85 6.80
N GLN R 119 26.40 -35.04 7.22
CA GLN R 119 27.83 -35.36 7.30
C GLN R 119 28.51 -35.23 5.95
N TRP R 120 27.87 -35.75 4.90
CA TRP R 120 28.42 -35.64 3.56
C TRP R 120 28.46 -34.20 3.06
N ASP R 121 27.51 -33.38 3.52
CA ASP R 121 27.54 -31.96 3.19
C ASP R 121 28.71 -31.28 3.86
N LYS R 122 28.89 -31.52 5.15
CA LYS R 122 29.98 -30.89 5.89
C LYS R 122 31.34 -31.53 5.62
N GLU R 123 31.40 -32.60 4.83
CA GLU R 123 32.70 -33.17 4.50
C GLU R 123 33.33 -32.56 3.26
N ILE R 124 32.52 -32.17 2.27
CA ILE R 124 33.06 -31.64 1.03
C ILE R 124 32.48 -30.27 0.71
N SER R 125 32.26 -29.46 1.74
CA SER R 125 31.74 -28.12 1.55
C SER R 125 32.82 -27.11 1.13
N ASN R 126 33.97 -27.57 0.66
CA ASN R 126 35.03 -26.70 0.18
C ASN R 126 35.28 -26.80 -1.31
N TYR R 127 35.06 -27.96 -1.91
CA TYR R 127 35.33 -28.19 -3.32
C TYR R 127 34.06 -28.20 -4.17
N THR R 128 32.96 -27.65 -3.67
CA THR R 128 31.69 -27.73 -4.38
C THR R 128 31.71 -26.89 -5.65
N GLN R 129 32.23 -25.66 -5.56
CA GLN R 129 32.30 -24.79 -6.72
C GLN R 129 33.24 -25.34 -7.78
N ILE R 130 34.32 -26.00 -7.37
CA ILE R 130 35.23 -26.64 -8.32
C ILE R 130 34.51 -27.76 -9.06
N ILE R 131 33.65 -28.50 -8.35
CA ILE R 131 32.84 -29.54 -8.95
C ILE R 131 31.87 -28.93 -9.96
N TYR R 132 31.30 -27.78 -9.62
CA TYR R 132 30.39 -27.07 -10.53
C TYR R 132 31.09 -26.67 -11.81
N GLY R 133 32.30 -26.11 -11.68
CA GLY R 133 33.06 -25.70 -12.85
C GLY R 133 33.49 -26.88 -13.70
N LEU R 134 33.87 -27.99 -13.06
CA LEU R 134 34.25 -29.18 -13.81
C LEU R 134 33.08 -29.74 -14.60
N LEU R 135 31.89 -29.78 -13.99
CA LEU R 135 30.69 -30.22 -14.68
C LEU R 135 30.38 -29.31 -15.87
N GLU R 136 30.49 -27.99 -15.67
CA GLU R 136 30.14 -27.06 -16.73
C GLU R 136 31.11 -27.15 -17.90
N GLU R 137 32.41 -27.29 -17.62
CA GLU R 137 33.39 -27.38 -18.69
C GLU R 137 33.27 -28.70 -19.45
N SER R 138 33.00 -29.80 -18.72
CA SER R 138 32.82 -31.09 -19.39
C SER R 138 31.56 -31.10 -20.26
N GLN R 139 30.49 -30.46 -19.78
CA GLN R 139 29.28 -30.40 -20.58
C GLN R 139 29.45 -29.51 -21.81
N ASN R 140 30.21 -28.42 -21.67
CA ASN R 140 30.38 -27.53 -22.81
C ASN R 140 31.28 -28.14 -23.87
N GLN R 141 32.33 -28.88 -23.44
CA GLN R 141 33.14 -29.57 -24.44
C GLN R 141 32.41 -30.75 -25.03
N GLN R 142 31.48 -31.36 -24.28
CA GLN R 142 30.61 -32.36 -24.87
C GLN R 142 29.67 -31.74 -25.89
N GLU R 143 29.22 -30.50 -25.64
CA GLU R 143 28.39 -29.80 -26.61
C GLU R 143 29.14 -29.53 -27.91
N LYS R 144 30.38 -29.06 -27.79
CA LYS R 144 31.15 -28.78 -29.01
C LYS R 144 31.55 -30.07 -29.72
N ASN R 145 31.75 -31.17 -28.97
CA ASN R 145 32.05 -32.44 -29.62
C ASN R 145 30.82 -33.03 -30.31
N GLU R 146 29.64 -32.82 -29.73
CA GLU R 146 28.42 -33.28 -30.37
C GLU R 146 28.11 -32.45 -31.61
N GLN R 147 28.38 -31.14 -31.55
CA GLN R 147 28.17 -30.29 -32.71
C GLN R 147 29.16 -30.60 -33.81
N ASP R 148 30.40 -30.99 -33.47
CA ASP R 148 31.36 -31.39 -34.47
C ASP R 148 31.17 -32.83 -34.96
N LEU R 149 30.53 -33.68 -34.17
CA LEU R 149 30.19 -35.01 -34.67
C LEU R 149 29.15 -34.91 -35.77
N LEU R 150 28.24 -33.95 -35.64
CA LEU R 150 27.22 -33.70 -36.65
C LEU R 150 27.74 -32.80 -37.76
N ALA R 151 28.97 -32.32 -37.68
CA ALA R 151 29.51 -31.44 -38.72
C ALA R 151 29.76 -32.22 -40.00
N LEU R 152 30.34 -33.41 -39.90
CA LEU R 152 30.64 -34.24 -41.06
C LEU R 152 29.39 -34.91 -41.64
N ASP R 153 28.24 -34.79 -41.00
CA ASP R 153 27.00 -35.35 -41.53
C ASP R 153 26.14 -34.26 -42.14
N GLN S 1 13.40 -53.32 25.25
CA GLN S 1 12.89 -54.45 24.48
C GLN S 1 12.80 -54.10 22.99
N VAL S 2 12.74 -55.12 22.15
CA VAL S 2 12.66 -54.94 20.71
C VAL S 2 11.26 -54.48 20.33
N GLN S 3 11.10 -54.05 19.08
CA GLN S 3 9.78 -53.70 18.59
C GLN S 3 8.90 -54.94 18.49
N LEU S 4 7.62 -54.77 18.82
CA LEU S 4 6.60 -55.82 18.86
C LEU S 4 7.01 -56.96 19.81
N GLN S 5 7.62 -56.59 20.94
CA GLN S 5 7.95 -57.55 21.98
C GLN S 5 6.73 -57.75 22.87
N VAL S 6 6.23 -58.97 22.94
CA VAL S 6 5.09 -59.30 23.78
C VAL S 6 5.60 -59.76 25.14
N SER S 7 5.10 -59.11 26.20
CA SER S 7 5.43 -59.43 27.57
C SER S 7 4.12 -59.58 28.36
N GLY S 8 4.27 -59.99 29.61
CA GLY S 8 3.14 -60.26 30.46
C GLY S 8 3.31 -61.58 31.18
N PRO S 9 2.23 -62.10 31.76
CA PRO S 9 2.31 -63.41 32.43
C PRO S 9 2.43 -64.55 31.43
N GLY S 10 3.26 -65.53 31.78
CA GLY S 10 3.42 -66.73 30.98
C GLY S 10 2.56 -67.90 31.38
N VAL S 11 1.91 -67.83 32.54
CA VAL S 11 1.01 -68.86 33.02
C VAL S 11 -0.32 -68.21 33.37
N VAL S 12 -1.40 -68.71 32.78
CA VAL S 12 -2.75 -68.23 33.05
C VAL S 12 -3.51 -69.32 33.76
N ARG S 13 -4.16 -68.97 34.88
CA ARG S 13 -5.01 -69.88 35.63
C ARG S 13 -6.20 -70.32 34.77
N PRO S 14 -6.76 -71.51 35.04
CA PRO S 14 -7.89 -72.00 34.24
C PRO S 14 -9.13 -71.12 34.39
N SER S 15 -9.71 -70.76 33.24
CA SER S 15 -10.92 -69.94 33.08
C SER S 15 -10.77 -68.52 33.62
N GLU S 16 -9.53 -68.04 33.76
CA GLU S 16 -9.29 -66.64 34.10
C GLU S 16 -8.97 -65.86 32.81
N THR S 17 -8.51 -64.62 32.97
CA THR S 17 -8.26 -63.73 31.83
C THR S 17 -6.77 -63.66 31.55
N LEU S 18 -6.35 -64.21 30.42
CA LEU S 18 -5.03 -63.94 29.86
C LEU S 18 -4.94 -62.46 29.52
N SER S 19 -3.90 -61.80 29.99
CA SER S 19 -3.72 -60.37 29.69
C SER S 19 -2.26 -60.14 29.33
N LEU S 20 -2.00 -59.92 28.04
CA LEU S 20 -0.64 -59.73 27.54
C LEU S 20 -0.51 -58.35 26.93
N THR S 21 0.67 -57.75 27.08
CA THR S 21 0.97 -56.46 26.49
C THR S 21 2.11 -56.63 25.50
N CYS S 22 2.30 -55.59 24.68
CA CYS S 22 3.23 -55.66 23.57
C CYS S 22 3.76 -54.26 23.31
N GLU S 23 5.08 -54.16 23.18
CA GLU S 23 5.77 -52.89 22.93
C GLU S 23 5.51 -52.46 21.49
N VAL S 24 4.59 -51.52 21.32
CA VAL S 24 4.29 -50.96 20.01
C VAL S 24 4.86 -49.54 19.96
N SER S 25 4.83 -48.96 18.78
CA SER S 25 5.34 -47.61 18.60
C SER S 25 4.48 -46.85 17.60
N SER S 26 4.56 -45.53 17.66
CA SER S 26 3.90 -44.69 16.68
C SER S 26 4.65 -44.75 15.35
N GLY S 27 3.99 -44.30 14.30
CA GLY S 27 4.60 -44.28 12.99
C GLY S 27 5.53 -43.09 12.83
N SER S 28 6.06 -42.97 11.60
CA SER S 28 6.88 -41.82 11.28
C SER S 28 6.06 -40.54 11.18
N THR S 29 4.76 -40.65 10.97
CA THR S 29 3.86 -39.52 10.86
C THR S 29 2.71 -39.68 11.84
N SER S 30 2.15 -38.55 12.26
CA SER S 30 0.85 -38.56 12.92
C SER S 30 -0.25 -39.01 11.98
N ARG S 31 -0.06 -38.85 10.67
CA ARG S 31 -0.99 -39.33 9.67
C ARG S 31 -0.91 -40.83 9.47
N ASP S 32 0.15 -41.48 9.96
CA ASP S 32 0.27 -42.93 9.84
C ASP S 32 -0.81 -43.64 10.65
N PHE S 33 -1.01 -44.92 10.31
CA PHE S 33 -1.84 -45.77 11.13
C PHE S 33 -1.34 -47.21 11.01
N PHE S 34 -1.29 -47.89 12.13
CA PHE S 34 -0.97 -49.32 12.15
C PHE S 34 -2.23 -50.10 12.48
N TYR S 35 -2.16 -51.39 12.21
CA TYR S 35 -3.11 -52.36 12.75
C TYR S 35 -2.30 -53.34 13.57
N TRP S 36 -2.48 -53.31 14.87
CA TRP S 36 -1.77 -54.24 15.72
C TRP S 36 -2.60 -55.50 15.86
N SER S 37 -1.95 -56.66 15.75
CA SER S 37 -2.66 -57.92 15.67
C SER S 37 -2.02 -58.98 16.56
N TRP S 38 -2.85 -59.66 17.34
CA TRP S 38 -2.44 -60.83 18.12
C TRP S 38 -2.63 -62.07 17.26
N VAL S 39 -1.57 -62.88 17.15
CA VAL S 39 -1.58 -64.15 16.43
C VAL S 39 -0.99 -65.19 17.37
N ARG S 40 -1.57 -66.38 17.42
CA ARG S 40 -0.97 -67.45 18.21
C ARG S 40 -0.38 -68.52 17.29
N GLN S 41 0.72 -69.10 17.76
CA GLN S 41 1.34 -70.26 17.14
C GLN S 41 1.10 -71.44 18.07
N THR S 42 0.38 -72.42 17.60
CA THR S 42 0.09 -73.58 18.38
C THR S 42 0.94 -74.76 17.93
N PRO S 43 1.27 -75.68 18.83
CA PRO S 43 1.89 -76.94 18.36
C PRO S 43 0.94 -77.79 17.54
N GLY S 44 -0.33 -77.84 17.93
CA GLY S 44 -1.32 -78.63 17.22
C GLY S 44 -1.66 -78.08 15.84
N LYS S 45 -2.25 -76.88 15.81
CA LYS S 45 -2.59 -76.24 14.55
C LYS S 45 -1.40 -75.43 14.05
N GLY S 46 -1.61 -74.61 13.03
CA GLY S 46 -0.60 -73.71 12.53
C GLY S 46 -0.62 -72.38 13.26
N LEU S 47 -0.24 -71.33 12.54
CA LEU S 47 -0.38 -69.97 13.04
C LEU S 47 -1.86 -69.60 13.01
N GLU S 48 -2.37 -69.09 14.13
CA GLU S 48 -3.77 -68.68 14.21
C GLU S 48 -3.85 -67.23 14.66
N TRP S 49 -4.45 -66.39 13.83
CA TRP S 49 -4.68 -65.00 14.19
C TRP S 49 -5.73 -64.92 15.29
N ILE S 50 -5.41 -64.21 16.36
CA ILE S 50 -6.33 -64.02 17.47
C ILE S 50 -7.21 -62.81 17.25
N GLY S 51 -6.61 -61.66 17.00
CA GLY S 51 -7.39 -60.46 16.82
C GLY S 51 -6.52 -59.28 16.49
N GLY S 52 -7.07 -58.09 16.65
CA GLY S 52 -6.30 -56.88 16.47
C GLY S 52 -7.20 -55.66 16.42
N MET S 53 -6.56 -54.52 16.25
CA MET S 53 -7.26 -53.25 16.19
C MET S 53 -6.40 -52.23 15.45
N TYR S 54 -7.10 -51.28 14.80
CA TYR S 54 -6.44 -50.14 14.21
C TYR S 54 -5.82 -49.25 15.30
N SER S 55 -4.73 -48.58 14.93
CA SER S 55 -4.20 -47.55 15.81
C SER S 55 -5.00 -46.26 15.71
N ASN S 56 -5.74 -46.07 14.62
CA ASN S 56 -6.54 -44.86 14.46
C ASN S 56 -7.79 -44.90 15.34
N SER S 57 -8.57 -45.97 15.24
CA SER S 57 -9.85 -46.07 15.90
C SER S 57 -9.74 -46.97 17.12
N GLU S 58 -10.88 -47.25 17.76
CA GLU S 58 -10.94 -48.16 18.90
C GLU S 58 -11.76 -49.40 18.61
N GLU S 59 -12.25 -49.58 17.38
CA GLU S 59 -12.94 -50.80 17.00
C GLU S 59 -11.98 -51.97 16.96
N THR S 60 -12.45 -53.12 17.40
CA THR S 60 -11.64 -54.33 17.44
C THR S 60 -12.12 -55.28 16.36
N ASN S 61 -11.19 -55.76 15.55
CA ASN S 61 -11.46 -56.78 14.54
C ASN S 61 -10.73 -58.04 14.96
N HIS S 62 -11.49 -59.13 15.17
CA HIS S 62 -10.89 -60.33 15.71
C HIS S 62 -11.43 -61.54 14.95
N ASN S 63 -10.85 -62.69 15.27
CA ASN S 63 -11.28 -63.94 14.68
C ASN S 63 -12.50 -64.45 15.44
N PRO S 64 -13.63 -64.67 14.77
CA PRO S 64 -14.80 -65.20 15.48
C PRO S 64 -14.71 -66.68 15.83
N SER S 65 -13.58 -67.33 15.51
CA SER S 65 -13.34 -68.69 15.98
C SER S 65 -13.06 -68.73 17.47
N LEU S 66 -12.63 -67.62 18.06
CA LEU S 66 -12.57 -67.49 19.51
C LEU S 66 -13.86 -66.93 20.09
N LYS S 67 -14.84 -66.61 19.23
CA LYS S 67 -16.24 -66.36 19.60
C LYS S 67 -16.41 -65.12 20.49
N SER S 68 -15.71 -64.04 20.09
CA SER S 68 -15.79 -62.71 20.72
C SER S 68 -15.44 -62.74 22.20
N ARG S 69 -14.46 -63.55 22.57
CA ARG S 69 -14.00 -63.68 23.94
C ARG S 69 -12.78 -62.82 24.24
N VAL S 70 -12.38 -61.99 23.29
CA VAL S 70 -11.18 -61.16 23.40
C VAL S 70 -11.58 -59.74 23.78
N ILE S 71 -10.69 -59.06 24.51
CA ILE S 71 -10.75 -57.62 24.72
C ILE S 71 -9.44 -57.07 24.21
N ILE S 72 -9.47 -56.46 23.04
CA ILE S 72 -8.28 -55.97 22.37
C ILE S 72 -8.19 -54.48 22.60
N SER S 73 -7.19 -54.05 23.37
CA SER S 73 -7.06 -52.64 23.71
C SER S 73 -5.64 -52.17 23.42
N LYS S 74 -5.46 -50.86 23.49
CA LYS S 74 -4.18 -50.26 23.16
C LYS S 74 -3.99 -48.99 23.98
N ASP S 75 -2.74 -48.63 24.18
CA ASP S 75 -2.36 -47.35 24.76
C ASP S 75 -1.09 -46.91 24.03
N THR S 76 -1.25 -46.01 23.06
CA THR S 76 -0.12 -45.58 22.26
C THR S 76 0.85 -44.72 23.07
N SER S 77 0.35 -44.03 24.09
CA SER S 77 1.21 -43.26 24.97
C SER S 77 2.12 -44.14 25.81
N LYS S 78 1.66 -45.35 26.15
CA LYS S 78 2.41 -46.23 27.03
C LYS S 78 3.02 -47.42 26.30
N ASN S 79 2.99 -47.40 24.96
CA ASN S 79 3.53 -48.46 24.09
C ASN S 79 2.90 -49.81 24.41
N GLU S 80 1.58 -49.83 24.55
CA GLU S 80 0.85 -50.99 25.05
C GLU S 80 -0.08 -51.50 23.96
N PHE S 81 0.12 -52.74 23.55
CA PHE S 81 -0.90 -53.50 22.85
C PHE S 81 -1.33 -54.61 23.78
N SER S 82 -2.62 -54.70 24.06
CA SER S 82 -3.08 -55.60 25.12
C SER S 82 -4.18 -56.52 24.61
N LEU S 83 -3.99 -57.81 24.88
CA LEU S 83 -5.02 -58.81 24.74
C LEU S 83 -5.51 -59.21 26.12
N ARG S 84 -6.82 -59.13 26.34
CA ARG S 84 -7.47 -59.69 27.50
C ARG S 84 -8.40 -60.79 26.97
N LEU S 85 -7.82 -61.98 26.80
CA LEU S 85 -8.61 -63.14 26.42
C LEU S 85 -9.29 -63.66 27.68
N THR S 86 -10.61 -63.85 27.61
CA THR S 86 -11.37 -64.32 28.75
C THR S 86 -11.74 -65.79 28.58
N SER S 87 -12.00 -66.45 29.71
CA SER S 87 -12.34 -67.87 29.80
C SER S 87 -11.28 -68.76 29.14
N VAL S 88 -10.04 -68.55 29.54
CA VAL S 88 -8.90 -69.21 28.87
C VAL S 88 -8.78 -70.64 29.38
N THR S 89 -8.92 -71.59 28.46
CA THR S 89 -8.70 -73.00 28.75
C THR S 89 -7.33 -73.40 28.22
N ALA S 90 -6.99 -74.68 28.39
CA ALA S 90 -5.71 -75.22 27.95
C ALA S 90 -5.54 -75.26 26.43
N ALA S 91 -6.62 -75.03 25.67
CA ALA S 91 -6.52 -74.94 24.23
C ALA S 91 -5.81 -73.68 23.77
N ASP S 92 -5.72 -72.65 24.63
CA ASP S 92 -5.04 -71.42 24.30
C ASP S 92 -3.60 -71.41 24.78
N THR S 93 -3.04 -72.58 25.09
CA THR S 93 -1.61 -72.73 25.35
C THR S 93 -0.87 -72.60 24.03
N ALA S 94 -0.17 -71.48 23.83
CA ALA S 94 0.42 -71.18 22.53
C ALA S 94 1.47 -70.10 22.69
N VAL S 95 2.31 -69.95 21.66
CA VAL S 95 3.29 -68.88 21.63
C VAL S 95 2.67 -67.71 20.90
N TYR S 96 2.47 -66.59 21.60
CA TYR S 96 1.73 -65.46 21.05
C TYR S 96 2.72 -64.47 20.44
N PHE S 97 2.46 -64.08 19.19
CA PHE S 97 3.15 -62.98 18.54
C PHE S 97 2.20 -61.80 18.44
N CYS S 98 2.76 -60.59 18.57
CA CYS S 98 2.05 -59.37 18.24
C CYS S 98 2.69 -58.75 17.02
N SER S 99 1.87 -58.38 16.05
CA SER S 99 2.32 -58.00 14.73
C SER S 99 1.87 -56.58 14.40
N SER S 100 2.75 -55.86 13.73
CA SER S 100 2.43 -54.59 13.11
C SER S 100 1.91 -54.85 11.70
N ARG S 101 0.82 -54.18 11.33
CA ARG S 101 0.20 -54.39 10.04
C ARG S 101 0.05 -53.03 9.35
N ALA S 102 0.82 -52.82 8.29
CA ALA S 102 0.91 -51.53 7.63
C ALA S 102 1.52 -51.71 6.24
N LYS S 103 1.49 -50.64 5.45
CA LYS S 103 2.13 -50.61 4.15
C LYS S 103 3.25 -49.58 4.13
N ILE S 104 4.27 -49.85 3.33
CA ILE S 104 5.32 -48.88 3.00
C ILE S 104 5.01 -48.35 1.61
N TYR S 105 4.24 -47.28 1.52
CA TYR S 105 4.05 -46.60 0.25
C TYR S 105 4.88 -45.34 0.27
N TYR S 106 5.33 -44.93 -0.92
CA TYR S 106 6.33 -43.87 -1.04
C TYR S 106 5.71 -42.50 -1.27
N SER S 107 4.90 -42.35 -2.31
CA SER S 107 4.29 -41.08 -2.64
C SER S 107 2.78 -41.25 -2.66
N ALA S 108 2.06 -40.13 -2.51
CA ALA S 108 0.69 -40.06 -1.98
C ALA S 108 -0.34 -40.84 -2.79
N SER S 109 -0.01 -41.33 -3.98
CA SER S 109 -0.97 -42.06 -4.81
C SER S 109 -1.00 -43.55 -4.50
N TYR S 110 0.12 -44.25 -4.69
CA TYR S 110 0.11 -45.67 -4.94
C TYR S 110 0.46 -46.47 -3.68
N SER S 111 0.71 -47.76 -3.87
CA SER S 111 0.83 -48.75 -2.80
C SER S 111 2.27 -49.09 -2.44
N GLY S 112 3.14 -49.30 -3.44
CA GLY S 112 4.58 -49.35 -3.25
C GLY S 112 5.23 -50.35 -2.31
N GLY S 113 4.44 -51.17 -1.63
CA GLY S 113 5.00 -52.09 -0.63
C GLY S 113 4.20 -52.19 0.65
N ARG S 114 4.12 -53.41 1.20
CA ARG S 114 3.47 -53.68 2.47
C ARG S 114 4.46 -54.38 3.40
N ILE S 115 4.55 -53.91 4.64
CA ILE S 115 5.41 -54.54 5.65
C ILE S 115 4.51 -55.09 6.76
N ASP S 116 4.59 -56.40 6.97
CA ASP S 116 3.83 -57.08 8.01
C ASP S 116 4.75 -57.92 8.89
N VAL S 117 5.87 -57.33 9.33
CA VAL S 117 6.82 -58.08 10.16
C VAL S 117 6.23 -58.34 11.54
N TRP S 118 6.74 -59.39 12.18
CA TRP S 118 6.26 -59.84 13.48
C TRP S 118 7.40 -59.70 14.49
N GLY S 119 7.01 -59.62 15.77
CA GLY S 119 7.97 -59.60 16.84
C GLY S 119 8.05 -60.96 17.50
N PRO S 120 9.12 -61.20 18.27
CA PRO S 120 9.30 -62.53 18.88
C PRO S 120 8.26 -62.80 19.96
N GLY S 121 7.73 -64.01 19.95
CA GLY S 121 6.55 -64.33 20.73
C GLY S 121 6.86 -64.72 22.15
N LEU S 122 5.78 -64.92 22.91
CA LEU S 122 5.85 -65.30 24.32
C LEU S 122 4.95 -66.52 24.50
N LEU S 123 5.54 -67.62 24.97
CA LEU S 123 4.78 -68.84 25.20
C LEU S 123 3.93 -68.69 26.45
N VAL S 124 2.62 -68.84 26.31
CA VAL S 124 1.68 -68.79 27.43
C VAL S 124 1.05 -70.16 27.56
N THR S 125 1.21 -70.75 28.75
CA THR S 125 0.72 -72.09 29.07
C THR S 125 -0.45 -71.99 30.03
N VAL S 126 -1.52 -72.71 29.73
CA VAL S 126 -2.76 -72.67 30.52
C VAL S 126 -2.95 -74.03 31.17
N SER S 127 -2.74 -74.09 32.49
CA SER S 127 -3.02 -75.29 33.27
C SER S 127 -3.23 -74.86 34.71
N ASP T 1 -14.82 -67.82 6.88
CA ASP T 1 -13.41 -68.13 6.86
C ASP T 1 -12.98 -68.79 5.56
N ILE T 2 -11.71 -68.67 5.22
CA ILE T 2 -11.15 -69.24 4.00
C ILE T 2 -10.00 -70.16 4.40
N GLN T 3 -10.13 -71.44 4.07
CA GLN T 3 -9.11 -72.41 4.42
C GLN T 3 -7.88 -72.24 3.53
N MET T 4 -6.71 -72.34 4.16
CA MET T 4 -5.43 -72.26 3.45
C MET T 4 -4.64 -73.52 3.72
N THR T 5 -4.29 -74.24 2.66
CA THR T 5 -3.53 -75.48 2.78
C THR T 5 -2.15 -75.29 2.18
N GLN T 6 -1.12 -75.49 2.99
CA GLN T 6 0.25 -75.37 2.55
C GLN T 6 0.90 -76.75 2.48
N SER T 7 1.64 -77.00 1.40
CA SER T 7 2.24 -78.28 1.16
C SER T 7 3.65 -78.09 0.65
N PRO T 8 4.60 -78.94 1.08
CA PRO T 8 4.43 -80.02 2.07
C PRO T 8 4.60 -79.53 3.50
N SER T 9 4.45 -80.45 4.46
CA SER T 9 4.83 -80.13 5.83
C SER T 9 6.35 -80.03 5.95
N SER T 10 7.08 -80.87 5.23
CA SER T 10 8.53 -80.83 5.21
C SER T 10 9.02 -81.30 3.84
N LEU T 11 10.10 -80.69 3.36
CA LEU T 11 10.71 -81.09 2.11
C LEU T 11 12.22 -81.11 2.29
N SER T 12 12.86 -82.17 1.78
CA SER T 12 14.29 -82.37 1.93
C SER T 12 14.98 -82.20 0.58
N ALA T 13 16.08 -81.45 0.58
CA ALA T 13 16.85 -81.19 -0.63
C ALA T 13 18.29 -80.89 -0.23
N SER T 14 19.19 -81.03 -1.21
CA SER T 14 20.61 -80.79 -0.98
C SER T 14 20.90 -79.29 -1.13
N ILE T 15 22.17 -78.93 -1.04
CA ILE T 15 22.58 -77.53 -1.10
C ILE T 15 22.57 -77.08 -2.56
N GLY T 16 21.62 -76.23 -2.91
CA GLY T 16 21.54 -75.66 -4.24
C GLY T 16 20.35 -76.08 -5.09
N ASP T 17 19.30 -76.64 -4.48
CA ASP T 17 18.16 -77.11 -5.23
C ASP T 17 17.04 -76.08 -5.24
N ARG T 18 16.36 -76.00 -6.39
CA ARG T 18 15.19 -75.14 -6.54
C ARG T 18 13.98 -75.92 -6.07
N VAL T 19 13.44 -75.56 -4.92
CA VAL T 19 12.30 -76.26 -4.34
C VAL T 19 11.06 -75.39 -4.52
N THR T 20 9.90 -76.01 -4.29
CA THR T 20 8.62 -75.35 -4.55
C THR T 20 7.64 -75.71 -3.44
N VAL T 21 7.05 -74.67 -2.84
CA VAL T 21 6.03 -74.83 -1.81
C VAL T 21 4.69 -74.39 -2.39
N THR T 22 3.70 -75.27 -2.32
CA THR T 22 2.41 -75.06 -2.98
C THR T 22 1.37 -74.69 -1.91
N CYS T 23 0.75 -73.52 -2.07
CA CYS T 23 -0.28 -73.04 -1.17
C CYS T 23 -1.58 -72.90 -1.94
N ARG T 24 -2.60 -73.62 -1.50
CA ARG T 24 -3.91 -73.60 -2.16
C ARG T 24 -4.98 -73.02 -1.23
N ALA T 25 -5.93 -72.33 -1.84
CA ALA T 25 -7.04 -71.69 -1.16
C ALA T 25 -8.37 -72.30 -1.59
N SER T 26 -9.36 -72.18 -0.70
CA SER T 26 -10.70 -72.66 -1.02
C SER T 26 -11.49 -71.66 -1.87
N GLN T 27 -11.20 -70.36 -1.74
CA GLN T 27 -11.96 -69.31 -2.40
C GLN T 27 -11.02 -68.34 -3.11
N GLY T 28 -11.61 -67.34 -3.76
CA GLY T 28 -10.84 -66.37 -4.52
C GLY T 28 -10.12 -65.40 -3.60
N ILE T 29 -8.79 -65.53 -3.52
CA ILE T 29 -7.94 -64.65 -2.72
C ILE T 29 -6.93 -63.98 -3.62
N ASP T 30 -7.37 -63.62 -4.83
CA ASP T 30 -6.65 -63.63 -6.12
C ASP T 30 -5.15 -63.38 -6.08
N LYS T 31 -4.71 -62.31 -5.42
CA LYS T 31 -3.27 -62.11 -5.23
C LYS T 31 -2.96 -61.65 -3.81
N ASP T 32 -3.81 -62.01 -2.85
CA ASP T 32 -3.58 -61.69 -1.45
C ASP T 32 -3.02 -62.90 -0.73
N LEU T 33 -1.73 -63.16 -0.97
CA LEU T 33 -1.01 -64.22 -0.28
C LEU T 33 0.36 -63.72 0.14
N SER T 34 0.71 -63.94 1.40
CA SER T 34 2.04 -63.60 1.89
C SER T 34 2.83 -64.87 2.16
N TRP T 35 4.15 -64.77 2.05
CA TRP T 35 5.08 -65.84 2.36
C TRP T 35 6.01 -65.37 3.47
N PHE T 36 6.07 -66.16 4.54
CA PHE T 36 6.81 -65.86 5.76
C PHE T 36 7.81 -66.97 6.05
N GLN T 37 8.97 -66.58 6.58
CA GLN T 37 10.04 -67.47 6.99
C GLN T 37 10.19 -67.37 8.51
N GLN T 38 10.16 -68.53 9.19
CA GLN T 38 10.22 -68.57 10.65
C GLN T 38 11.31 -69.53 11.10
N LYS T 39 12.36 -69.00 11.71
CA LYS T 39 13.33 -69.83 12.40
C LYS T 39 12.64 -70.52 13.58
N PRO T 40 13.03 -71.77 13.89
CA PRO T 40 12.40 -72.50 15.01
C PRO T 40 12.74 -71.86 16.34
N GLY T 41 11.72 -71.34 17.02
CA GLY T 41 11.88 -70.57 18.23
C GLY T 41 11.79 -69.07 18.03
N LYS T 42 12.04 -68.59 16.80
CA LYS T 42 12.04 -67.16 16.50
C LYS T 42 10.76 -66.75 15.80
N ALA T 43 10.63 -65.44 15.59
CA ALA T 43 9.46 -64.85 14.95
C ALA T 43 9.51 -65.05 13.45
N PRO T 44 8.34 -65.24 12.83
CA PRO T 44 8.29 -65.27 11.36
C PRO T 44 8.59 -63.91 10.75
N THR T 45 9.48 -63.90 9.76
CA THR T 45 9.84 -62.68 9.05
C THR T 45 9.31 -62.76 7.62
N LEU T 46 9.05 -61.59 7.03
CA LEU T 46 8.41 -61.52 5.74
C LEU T 46 9.36 -61.91 4.60
N LEU T 47 8.86 -62.70 3.66
CA LEU T 47 9.57 -62.96 2.41
C LEU T 47 8.87 -62.33 1.21
N ILE T 48 7.59 -62.65 1.01
CA ILE T 48 6.87 -62.24 -0.19
C ILE T 48 5.55 -61.59 0.22
N TYR T 49 5.29 -60.41 -0.31
CA TYR T 49 3.97 -59.79 -0.17
C TYR T 49 3.31 -59.69 -1.54
N THR T 50 1.98 -59.77 -1.54
CA THR T 50 1.11 -59.80 -2.73
C THR T 50 1.44 -60.96 -3.68
N ALA T 51 2.06 -62.01 -3.15
CA ALA T 51 2.25 -63.33 -3.77
C ALA T 51 3.16 -63.36 -5.01
N SER T 52 3.59 -62.20 -5.50
CA SER T 52 4.51 -62.17 -6.62
C SER T 52 5.58 -61.09 -6.51
N THR T 53 5.55 -60.26 -5.47
CA THR T 53 6.46 -59.13 -5.36
C THR T 53 7.51 -59.43 -4.30
N LEU T 54 8.78 -59.31 -4.68
CA LEU T 54 9.87 -59.56 -3.75
C LEU T 54 10.00 -58.40 -2.77
N GLN T 55 9.99 -58.73 -1.48
CA GLN T 55 10.19 -57.73 -0.45
C GLN T 55 11.64 -57.28 -0.40
N THR T 56 11.85 -55.98 -0.22
CA THR T 56 13.18 -55.44 -0.03
C THR T 56 13.83 -56.01 1.23
N GLY T 57 15.02 -56.60 1.08
CA GLY T 57 15.73 -57.18 2.20
C GLY T 57 16.08 -58.64 2.01
N VAL T 58 15.14 -59.43 1.50
CA VAL T 58 15.43 -60.82 1.20
C VAL T 58 15.98 -60.92 -0.21
N SER T 59 16.67 -62.02 -0.49
CA SER T 59 17.36 -62.18 -1.76
C SER T 59 16.36 -62.50 -2.88
N SER T 60 16.89 -62.54 -4.11
CA SER T 60 16.10 -62.90 -5.28
C SER T 60 15.90 -64.41 -5.42
N ARG T 61 16.42 -65.21 -4.49
CA ARG T 61 16.15 -66.64 -4.49
C ARG T 61 14.67 -66.92 -4.23
N PHE T 62 14.08 -66.18 -3.29
CA PHE T 62 12.66 -66.32 -2.99
C PHE T 62 11.85 -65.68 -4.11
N SER T 63 11.28 -66.50 -4.98
CA SER T 63 10.38 -66.00 -6.01
C SER T 63 9.00 -66.60 -5.80
N GLY T 64 8.00 -65.95 -6.39
CA GLY T 64 6.64 -66.40 -6.20
C GLY T 64 5.85 -66.42 -7.49
N SER T 65 5.07 -67.47 -7.70
CA SER T 65 4.23 -67.58 -8.87
C SER T 65 2.84 -68.00 -8.42
N GLY T 66 1.90 -67.97 -9.37
CA GLY T 66 0.55 -68.43 -9.11
C GLY T 66 -0.43 -67.28 -9.04
N SER T 67 -1.71 -67.66 -9.02
CA SER T 67 -2.81 -66.71 -9.03
C SER T 67 -4.06 -67.40 -8.49
N GLY T 68 -5.08 -66.59 -8.23
CA GLY T 68 -6.39 -67.10 -7.83
C GLY T 68 -6.40 -67.83 -6.51
N THR T 69 -6.55 -69.15 -6.59
CA THR T 69 -6.49 -70.00 -5.43
C THR T 69 -5.14 -70.67 -5.22
N ASP T 70 -4.30 -70.76 -6.25
CA ASP T 70 -3.10 -71.59 -6.18
C ASP T 70 -1.85 -70.74 -6.37
N PHE T 71 -0.90 -70.87 -5.44
CA PHE T 71 0.36 -70.15 -5.52
C PHE T 71 1.50 -71.11 -5.23
N SER T 72 2.69 -70.75 -5.71
CA SER T 72 3.87 -71.58 -5.51
C SER T 72 5.07 -70.68 -5.21
N LEU T 73 5.61 -70.83 -4.02
CA LEU T 73 6.89 -70.22 -3.69
C LEU T 73 8.02 -71.08 -4.25
N THR T 74 9.05 -70.43 -4.73
CA THR T 74 10.15 -71.09 -5.44
C THR T 74 11.47 -70.62 -4.85
N ILE T 75 12.30 -71.57 -4.46
CA ILE T 75 13.61 -71.30 -3.87
C ILE T 75 14.67 -71.82 -4.84
N ASN T 76 15.32 -70.92 -5.55
CA ASN T 76 16.47 -71.27 -6.36
C ASN T 76 17.71 -71.18 -5.49
N ASN T 77 18.59 -72.19 -5.60
CA ASN T 77 19.86 -72.29 -4.88
C ASN T 77 19.63 -72.24 -3.36
N LEU T 78 19.01 -73.33 -2.88
CA LEU T 78 18.68 -73.50 -1.46
C LEU T 78 19.90 -73.38 -0.56
N GLN T 79 19.76 -72.56 0.49
CA GLN T 79 20.84 -72.11 1.35
C GLN T 79 20.72 -72.69 2.76
N PRO T 80 21.82 -72.69 3.54
CA PRO T 80 21.70 -73.08 4.95
C PRO T 80 20.89 -72.12 5.80
N GLU T 81 20.70 -70.87 5.37
CA GLU T 81 19.81 -69.95 6.07
C GLU T 81 18.35 -70.17 5.71
N ASP T 82 18.04 -71.10 4.82
CA ASP T 82 16.67 -71.43 4.47
C ASP T 82 16.08 -72.51 5.36
N VAL T 83 16.79 -72.94 6.39
CA VAL T 83 16.27 -73.92 7.35
C VAL T 83 15.27 -73.17 8.23
N ALA T 84 13.99 -73.25 7.86
CA ALA T 84 12.94 -72.48 8.51
C ALA T 84 11.60 -73.05 8.09
N THR T 85 10.58 -72.76 8.90
CA THR T 85 9.21 -73.09 8.57
C THR T 85 8.59 -71.95 7.78
N TYR T 86 7.97 -72.27 6.66
CA TYR T 86 7.40 -71.26 5.78
C TYR T 86 5.89 -71.26 5.90
N PHE T 87 5.30 -70.06 5.81
CA PHE T 87 3.87 -69.91 5.99
C PHE T 87 3.29 -69.02 4.92
N CYS T 88 2.17 -69.45 4.34
CA CYS T 88 1.41 -68.62 3.42
C CYS T 88 0.20 -68.05 4.14
N GLN T 89 0.03 -66.74 4.05
CA GLN T 89 -0.95 -65.99 4.81
C GLN T 89 -2.00 -65.45 3.86
N GLN T 90 -3.27 -65.75 4.16
CA GLN T 90 -4.39 -65.11 3.47
C GLN T 90 -4.73 -63.80 4.18
N ASP T 91 -4.91 -62.74 3.40
CA ASP T 91 -5.34 -61.46 3.94
C ASP T 91 -6.44 -60.84 3.08
N PHE T 92 -7.25 -61.67 2.44
CA PHE T 92 -8.28 -61.17 1.53
C PHE T 92 -9.54 -60.75 2.28
N SER T 93 -10.07 -61.61 3.14
CA SER T 93 -11.25 -61.31 3.94
C SER T 93 -10.99 -61.74 5.37
N PHE T 94 -11.78 -61.20 6.28
CA PHE T 94 -11.71 -61.65 7.66
C PHE T 94 -12.27 -63.07 7.77
N PRO T 95 -11.66 -63.95 8.58
CA PRO T 95 -10.45 -63.72 9.38
C PRO T 95 -9.16 -64.06 8.66
N LEU T 96 -8.05 -63.67 9.29
CA LEU T 96 -6.72 -64.01 8.78
C LEU T 96 -6.43 -65.48 9.05
N THR T 97 -6.35 -66.27 7.99
CA THR T 97 -5.99 -67.67 8.07
C THR T 97 -4.64 -67.88 7.39
N PHE T 98 -3.79 -68.67 8.02
CA PHE T 98 -2.40 -68.82 7.60
C PHE T 98 -2.14 -70.25 7.17
N GLY T 99 -0.91 -70.51 6.73
CA GLY T 99 -0.55 -71.79 6.18
C GLY T 99 -0.35 -72.86 7.23
N GLY T 100 -0.05 -74.07 6.75
CA GLY T 100 0.23 -75.18 7.64
C GLY T 100 1.66 -75.23 8.14
N GLY T 101 2.61 -74.80 7.32
CA GLY T 101 4.00 -74.83 7.70
C GLY T 101 4.84 -75.78 6.88
N THR T 102 5.94 -75.29 6.30
CA THR T 102 6.80 -76.08 5.43
C THR T 102 8.22 -76.02 5.94
N LYS T 103 8.73 -77.14 6.44
CA LYS T 103 10.06 -77.21 7.04
C LYS T 103 11.10 -77.61 6.00
N VAL T 104 12.27 -76.99 6.06
CA VAL T 104 13.36 -77.24 5.13
C VAL T 104 14.50 -77.91 5.89
N ASP T 105 14.88 -79.11 5.46
CA ASP T 105 16.02 -79.83 6.00
C ASP T 105 16.90 -80.33 4.86
N GLN U 1 49.09 71.60 20.03
CA GLN U 1 48.33 72.04 21.19
C GLN U 1 47.11 72.84 20.76
N VAL U 2 45.95 72.45 21.28
CA VAL U 2 44.70 73.16 21.00
C VAL U 2 43.98 73.39 22.32
N HIS U 3 43.29 74.53 22.41
CA HIS U 3 42.39 74.79 23.52
C HIS U 3 41.28 75.71 23.01
N LEU U 4 40.07 75.49 23.49
CA LEU U 4 38.91 76.20 22.99
C LEU U 4 38.37 77.14 24.05
N GLN U 5 37.54 78.09 23.61
CA GLN U 5 37.03 79.11 24.50
C GLN U 5 35.64 79.54 24.03
N GLU U 6 34.66 79.37 24.89
CA GLU U 6 33.30 79.78 24.58
C GLU U 6 32.99 81.15 25.17
N SER U 7 31.82 81.68 24.81
CA SER U 7 31.36 82.96 25.31
C SER U 7 29.84 83.01 25.16
N GLY U 8 29.16 83.57 26.16
CA GLY U 8 27.73 83.68 26.12
C GLY U 8 27.17 84.76 27.01
N PRO U 9 25.86 84.99 26.94
CA PRO U 9 25.24 86.00 27.82
C PRO U 9 25.17 85.57 29.27
N GLY U 10 24.89 84.29 29.52
CA GLY U 10 24.78 83.76 30.87
C GLY U 10 23.39 83.84 31.46
N LEU U 11 22.76 85.01 31.37
CA LEU U 11 21.38 85.21 31.81
C LEU U 11 20.49 85.30 30.58
N VAL U 12 19.48 84.44 30.52
CA VAL U 12 18.60 84.34 29.36
C VAL U 12 17.16 84.57 29.81
N LYS U 13 16.45 85.45 29.11
CA LYS U 13 15.01 85.52 29.27
C LYS U 13 14.36 84.38 28.49
N PRO U 14 13.25 83.82 28.99
CA PRO U 14 12.59 82.73 28.26
C PRO U 14 11.97 83.21 26.97
N SER U 15 11.79 82.25 26.05
CA SER U 15 11.33 82.47 24.67
C SER U 15 12.22 83.48 23.93
N GLU U 16 13.53 83.24 23.98
CA GLU U 16 14.51 84.11 23.34
C GLU U 16 15.55 83.26 22.65
N THR U 17 16.01 83.71 21.49
CA THR U 17 16.99 82.98 20.71
C THR U 17 18.36 83.08 21.36
N LEU U 18 18.84 81.97 21.90
CA LEU U 18 20.16 81.89 22.49
C LEU U 18 21.22 81.65 21.43
N SER U 19 22.36 82.33 21.55
CA SER U 19 23.46 82.19 20.61
C SER U 19 24.77 82.13 21.36
N LEU U 20 25.64 81.20 20.94
CA LEU U 20 26.94 81.02 21.57
C LEU U 20 28.02 80.99 20.50
N THR U 21 29.22 81.40 20.91
CA THR U 21 30.39 81.44 20.05
C THR U 21 31.50 80.60 20.67
N CYS U 22 32.48 80.24 19.84
CA CYS U 22 33.51 79.29 20.23
C CYS U 22 34.81 79.63 19.50
N ASN U 23 35.84 80.03 20.25
CA ASN U 23 37.09 80.44 19.64
C ASN U 23 37.93 79.22 19.27
N VAL U 24 39.03 79.47 18.57
CA VAL U 24 39.99 78.43 18.21
C VAL U 24 41.37 78.85 18.69
N SER U 25 42.29 77.90 18.68
CA SER U 25 43.68 78.15 19.02
C SER U 25 44.54 77.08 18.36
N GLY U 26 45.35 77.48 17.40
CA GLY U 26 46.20 76.54 16.70
C GLY U 26 45.59 75.95 15.46
N THR U 27 44.56 75.12 15.62
CA THR U 27 43.95 74.41 14.51
C THR U 27 42.69 75.13 14.07
N LEU U 28 42.55 75.33 12.76
CA LEU U 28 41.48 76.14 12.20
C LEU U 28 40.17 75.34 12.15
N VAL U 29 39.16 75.96 11.55
CA VAL U 29 37.84 75.35 11.48
C VAL U 29 37.77 74.31 10.36
N ARG U 30 38.60 74.46 9.33
CA ARG U 30 38.55 73.57 8.17
C ARG U 30 39.20 72.22 8.45
N ASP U 31 40.20 72.19 9.32
CA ASP U 31 41.03 70.99 9.47
C ASP U 31 40.36 69.88 10.28
N ASN U 32 39.22 70.13 10.93
CA ASN U 32 38.68 69.11 11.82
C ASN U 32 37.17 69.26 11.93
N TYR U 33 36.53 68.21 12.42
CA TYR U 33 35.13 68.23 12.79
C TYR U 33 34.92 69.13 14.01
N TRP U 34 33.65 69.46 14.26
CA TRP U 34 33.31 70.22 15.46
C TRP U 34 32.07 69.62 16.08
N SER U 35 31.87 69.86 17.38
CA SER U 35 30.71 69.32 18.07
C SER U 35 30.31 70.25 19.21
N TRP U 36 29.02 70.23 19.53
CA TRP U 36 28.48 70.85 20.71
C TRP U 36 27.85 69.78 21.61
N ILE U 37 28.08 69.91 22.91
CA ILE U 37 27.58 69.01 23.95
C ILE U 37 27.06 69.86 25.10
N ARG U 38 25.89 69.54 25.64
CA ARG U 38 25.38 70.28 26.77
C ARG U 38 25.25 69.37 27.98
N GLN U 39 25.30 69.98 29.18
CA GLN U 39 25.21 69.19 30.41
C GLN U 39 24.64 70.02 31.55
N PRO U 40 23.57 69.57 32.19
CA PRO U 40 23.08 70.26 33.39
C PRO U 40 23.93 69.91 34.61
N LEU U 41 23.57 70.52 35.73
CA LEU U 41 24.33 70.33 36.96
C LEU U 41 24.07 68.94 37.54
N GLY U 42 25.14 68.23 37.86
CA GLY U 42 25.04 66.90 38.44
C GLY U 42 24.43 65.88 37.52
N LYS U 43 24.58 66.05 36.21
CA LYS U 43 23.95 65.18 35.23
C LYS U 43 25.00 64.66 34.26
N GLN U 44 24.62 63.62 33.53
CA GLN U 44 25.43 63.15 32.43
C GLN U 44 25.32 64.14 31.27
N PRO U 45 26.35 64.24 30.43
CA PRO U 45 26.28 65.18 29.31
C PRO U 45 25.29 64.73 28.25
N GLU U 46 24.87 65.69 27.45
CA GLU U 46 23.96 65.46 26.33
C GLU U 46 24.64 65.97 25.09
N TRP U 47 25.05 65.07 24.22
CA TRP U 47 25.71 65.45 22.98
C TRP U 47 24.68 66.08 22.05
N ILE U 48 24.81 67.38 21.83
CA ILE U 48 23.88 68.09 20.96
C ILE U 48 24.11 67.69 19.51
N GLY U 49 25.36 67.58 19.09
CA GLY U 49 25.60 67.14 17.73
C GLY U 49 26.93 67.66 17.20
N TYR U 50 27.07 67.56 15.89
CA TYR U 50 28.35 67.85 15.24
C TYR U 50 28.12 68.64 13.96
N VAL U 51 29.12 69.44 13.61
CA VAL U 51 29.08 70.32 12.46
C VAL U 51 30.42 70.22 11.73
N HIS U 52 30.36 70.16 10.40
CA HIS U 52 31.52 70.17 9.53
C HIS U 52 31.07 70.71 8.17
N ASP U 53 32.05 71.23 7.42
CA ASP U 53 31.85 71.55 6.02
C ASP U 53 31.44 70.31 5.22
N SER U 54 30.81 70.56 4.06
CA SER U 54 30.29 69.54 3.14
C SER U 54 29.24 68.66 3.82
N GLY U 55 28.20 69.31 4.35
CA GLY U 55 26.98 68.65 4.76
C GLY U 55 27.04 67.77 5.99
N ASP U 56 28.18 67.68 6.67
CA ASP U 56 28.33 66.81 7.83
C ASP U 56 27.85 67.56 9.08
N THR U 57 26.54 67.75 9.16
CA THR U 57 25.93 68.61 10.16
C THR U 57 24.72 67.95 10.79
N ASN U 58 24.85 66.68 11.18
CA ASN U 58 23.71 65.98 11.75
C ASN U 58 23.49 66.39 13.19
N TYR U 59 22.22 66.61 13.53
CA TYR U 59 21.82 67.17 14.81
C TYR U 59 21.12 66.11 15.64
N ASN U 60 20.95 66.40 16.91
CA ASN U 60 20.17 65.54 17.80
C ASN U 60 18.71 65.56 17.38
N PRO U 61 18.11 64.41 17.06
CA PRO U 61 16.69 64.40 16.66
C PRO U 61 15.73 64.73 17.78
N SER U 62 16.17 64.82 19.03
CA SER U 62 15.29 65.29 20.08
C SER U 62 14.94 66.75 19.90
N LEU U 63 15.95 67.59 19.65
CA LEU U 63 15.67 69.01 19.40
C LEU U 63 15.32 69.25 17.94
N LYS U 64 16.30 69.05 17.05
CA LYS U 64 16.15 68.82 15.61
C LYS U 64 15.65 70.03 14.81
N SER U 65 15.12 71.03 15.48
CA SER U 65 14.59 72.20 14.79
C SER U 65 15.04 73.50 15.42
N ARG U 66 15.14 73.57 16.75
CA ARG U 66 15.41 74.81 17.45
C ARG U 66 16.89 75.02 17.73
N VAL U 67 17.76 74.41 16.93
CA VAL U 67 19.20 74.49 17.14
C VAL U 67 19.89 74.43 15.79
N HIS U 68 20.83 75.35 15.57
CA HIS U 68 21.50 75.48 14.28
C HIS U 68 22.97 75.76 14.51
N LEU U 69 23.82 74.89 13.97
CA LEU U 69 25.26 74.96 14.15
C LEU U 69 25.89 75.58 12.92
N SER U 70 26.97 76.33 13.12
CA SER U 70 27.57 77.05 12.01
C SER U 70 29.05 77.28 12.28
N LEU U 71 29.77 77.61 11.22
CA LEU U 71 31.21 77.87 11.27
C LEU U 71 31.48 79.30 10.83
N ASP U 72 32.72 79.76 11.02
CA ASP U 72 33.14 81.10 10.66
C ASP U 72 34.57 80.97 10.13
N LYS U 73 34.69 80.72 8.83
CA LYS U 73 36.01 80.60 8.22
C LYS U 73 36.66 81.95 8.02
N SER U 74 35.87 83.03 7.99
CA SER U 74 36.43 84.37 7.88
C SER U 74 37.14 84.77 9.16
N LYS U 75 36.49 84.56 10.31
CA LYS U 75 37.10 84.85 11.59
C LYS U 75 37.61 83.61 12.31
N ASN U 76 37.38 82.42 11.73
CA ASN U 76 37.84 81.11 12.23
C ASN U 76 37.30 80.85 13.65
N LEU U 77 35.97 80.74 13.71
CA LEU U 77 35.27 80.44 14.95
C LEU U 77 34.19 79.40 14.67
N VAL U 78 33.56 78.93 15.75
CA VAL U 78 32.38 78.06 15.67
C VAL U 78 31.24 78.81 16.34
N SER U 79 30.02 78.55 15.89
CA SER U 79 28.87 79.26 16.42
C SER U 79 27.68 78.31 16.53
N LEU U 80 26.76 78.66 17.43
CA LEU U 80 25.54 77.91 17.63
C LEU U 80 24.41 78.88 17.91
N ARG U 81 23.24 78.59 17.35
CA ARG U 81 22.03 79.37 17.59
C ARG U 81 20.97 78.45 18.14
N LEU U 82 20.27 78.91 19.18
CA LEU U 82 19.17 78.17 19.76
C LEU U 82 17.89 78.97 19.59
N THR U 83 16.74 78.29 19.76
CA THR U 83 15.45 78.94 19.62
C THR U 83 14.55 78.46 20.75
N GLY U 84 13.88 79.40 21.41
CA GLY U 84 12.92 79.05 22.44
C GLY U 84 13.55 78.49 23.69
N VAL U 85 14.25 79.34 24.44
CA VAL U 85 14.91 78.89 25.67
C VAL U 85 13.85 78.59 26.72
N THR U 86 13.83 77.35 27.19
CA THR U 86 12.98 76.91 28.27
C THR U 86 13.81 76.74 29.53
N ALA U 87 13.17 76.31 30.62
CA ALA U 87 13.84 76.15 31.89
C ALA U 87 14.82 74.99 31.90
N ALA U 88 14.62 73.99 31.04
CA ALA U 88 15.53 72.86 30.97
C ALA U 88 16.84 73.21 30.26
N ASP U 89 16.87 74.32 29.54
CA ASP U 89 18.06 74.71 28.78
C ASP U 89 19.17 75.29 29.64
N SER U 90 18.96 75.46 30.94
CA SER U 90 20.00 75.94 31.84
C SER U 90 21.04 74.83 32.02
N ALA U 91 22.19 74.99 31.37
CA ALA U 91 23.23 73.97 31.36
C ALA U 91 24.55 74.62 30.97
N ILE U 92 25.64 73.90 31.21
CA ILE U 92 26.95 74.30 30.69
C ILE U 92 27.16 73.63 29.34
N TYR U 93 27.58 74.42 28.36
CA TYR U 93 27.67 73.98 26.98
C TYR U 93 29.14 73.91 26.59
N TYR U 94 29.45 73.06 25.61
CA TYR U 94 30.82 72.78 25.21
C TYR U 94 30.90 72.72 23.69
N CYS U 95 31.85 73.43 23.12
CA CYS U 95 32.34 73.10 21.78
C CYS U 95 33.59 72.26 21.91
N ALA U 96 33.71 71.24 21.06
CA ALA U 96 34.81 70.30 21.18
C ALA U 96 35.04 69.61 19.85
N THR U 97 36.31 69.36 19.53
CA THR U 97 36.67 68.65 18.32
C THR U 97 36.44 67.16 18.51
N THR U 98 36.25 66.46 17.39
CA THR U 98 36.00 65.03 17.45
C THR U 98 36.58 64.35 16.22
N LYS U 99 36.77 63.03 16.34
CA LYS U 99 37.36 62.22 15.27
C LYS U 99 36.45 61.03 14.97
N HIS U 100 36.35 60.69 13.69
CA HIS U 100 35.58 59.54 13.27
C HIS U 100 36.45 58.29 13.27
N GLY U 101 35.95 57.21 12.68
CA GLY U 101 36.63 55.93 12.62
C GLY U 101 35.65 54.80 12.37
N ARG U 102 36.02 53.86 11.51
CA ARG U 102 35.09 52.82 11.06
C ARG U 102 35.21 51.59 11.95
N ARG U 103 34.12 51.24 12.64
CA ARG U 103 33.98 49.94 13.28
C ARG U 103 33.33 49.00 12.27
N ILE U 104 34.05 47.97 11.88
CA ILE U 104 33.62 47.05 10.85
C ILE U 104 33.39 45.69 11.49
N TYR U 105 32.21 45.11 11.26
CA TYR U 105 31.85 43.84 11.84
C TYR U 105 31.52 42.76 10.82
N GLY U 106 31.21 43.13 9.59
CA GLY U 106 30.84 42.16 8.59
C GLY U 106 31.46 42.49 7.25
N VAL U 107 30.69 42.39 6.19
CA VAL U 107 31.19 42.72 4.86
C VAL U 107 31.20 44.23 4.69
N VAL U 108 32.28 44.75 4.11
CA VAL U 108 32.39 46.18 3.91
C VAL U 108 31.45 46.64 2.79
N ALA U 109 31.30 45.82 1.75
CA ALA U 109 30.50 46.21 0.60
C ALA U 109 29.00 46.16 0.88
N PHE U 110 28.57 45.39 1.88
CA PHE U 110 27.16 45.32 2.23
C PHE U 110 26.77 46.30 3.32
N LYS U 111 27.60 47.32 3.55
CA LYS U 111 27.39 48.36 4.56
C LYS U 111 27.23 47.78 5.96
N GLU U 112 27.99 46.74 6.25
CA GLU U 112 27.97 46.11 7.58
C GLU U 112 29.08 46.68 8.44
N TRP U 113 29.03 47.99 8.62
CA TRP U 113 30.00 48.74 9.40
C TRP U 113 29.34 50.06 9.79
N PHE U 114 30.00 50.79 10.68
CA PHE U 114 29.49 52.10 11.04
C PHE U 114 30.64 53.01 11.44
N THR U 115 30.30 54.29 11.64
CA THR U 115 31.28 55.33 11.98
C THR U 115 30.93 55.88 13.34
N TYR U 116 31.82 55.70 14.30
CA TYR U 116 31.60 56.23 15.64
C TYR U 116 32.36 57.54 15.83
N PHE U 117 31.92 58.30 16.81
CA PHE U 117 32.52 59.58 17.14
C PHE U 117 33.09 59.53 18.55
N TYR U 118 34.09 60.38 18.80
CA TYR U 118 34.68 60.53 20.13
C TYR U 118 35.37 61.88 20.19
N MET U 119 35.16 62.62 21.27
CA MET U 119 35.71 63.96 21.42
C MET U 119 37.03 63.90 22.17
N ASP U 120 38.12 64.27 21.50
CA ASP U 120 39.45 64.15 22.07
C ASP U 120 39.75 65.28 23.05
N VAL U 121 39.63 66.52 22.61
CA VAL U 121 39.82 67.66 23.51
C VAL U 121 38.48 68.36 23.65
N TRP U 122 38.40 69.29 24.60
CA TRP U 122 37.14 69.92 24.93
C TRP U 122 37.37 71.42 25.11
N GLY U 123 36.28 72.15 25.28
CA GLY U 123 36.33 73.54 25.66
C GLY U 123 36.41 73.70 27.16
N LYS U 124 35.86 74.79 27.67
CA LYS U 124 35.80 75.01 29.10
C LYS U 124 34.41 75.24 29.64
N GLY U 125 33.48 75.74 28.85
CA GLY U 125 32.11 75.83 29.30
C GLY U 125 31.61 77.26 29.36
N THR U 126 30.29 77.41 29.27
CA THR U 126 29.61 78.68 29.52
C THR U 126 28.36 78.35 30.34
N SER U 127 28.30 78.84 31.57
CA SER U 127 27.19 78.54 32.46
C SER U 127 25.98 79.36 32.03
N VAL U 128 25.24 78.79 31.08
CA VAL U 128 24.00 79.42 30.61
C VAL U 128 22.90 79.16 31.62
N THR U 129 22.20 80.22 32.02
CA THR U 129 21.13 80.12 33.00
C THR U 129 19.94 80.94 32.55
N VAL U 130 18.76 80.32 32.52
CA VAL U 130 17.52 80.97 32.14
C VAL U 130 16.79 81.41 33.41
N SER U 131 16.49 82.70 33.49
CA SER U 131 15.82 83.28 34.65
C SER U 131 15.19 84.59 34.23
N SER U 132 14.22 85.03 35.01
CA SER U 132 13.56 86.30 34.73
C SER U 132 13.74 87.28 35.89
N THR V 1 25.48 55.09 42.57
CA THR V 1 26.60 54.43 41.91
C THR V 1 27.86 54.81 42.63
N PHE V 2 28.04 54.34 43.86
CA PHE V 2 29.24 54.70 44.62
C PHE V 2 30.10 53.46 44.82
N VAL V 3 31.28 53.47 44.22
CA VAL V 3 32.25 52.39 44.31
C VAL V 3 33.49 52.95 45.00
N SER V 4 33.94 52.32 46.12
CA SER V 4 35.19 52.70 46.76
C SER V 4 36.14 51.52 46.94
N VAL V 5 37.41 51.74 46.56
CA VAL V 5 38.48 50.75 46.65
C VAL V 5 39.69 51.49 47.16
N ALA V 6 40.15 51.16 48.37
CA ALA V 6 41.42 51.57 48.98
C ALA V 6 42.56 51.52 47.96
N PRO V 7 43.39 52.57 47.88
CA PRO V 7 44.21 52.80 46.69
C PRO V 7 45.29 51.75 46.45
N GLY V 8 45.69 51.62 45.19
CA GLY V 8 46.61 50.58 44.78
C GLY V 8 45.94 49.28 44.41
N GLN V 9 44.64 49.13 44.65
CA GLN V 9 43.92 47.92 44.30
C GLN V 9 43.30 48.02 42.91
N THR V 10 42.56 46.99 42.53
CA THR V 10 41.86 46.93 41.24
C THR V 10 40.46 47.52 41.36
N ALA V 11 39.83 47.71 40.21
CA ALA V 11 38.57 48.45 40.14
C ALA V 11 37.84 48.04 38.86
N ARG V 12 36.53 47.80 39.00
CA ARG V 12 35.67 47.40 37.90
C ARG V 12 34.44 48.29 37.93
N ILE V 13 34.32 49.17 36.94
CA ILE V 13 33.19 50.07 36.84
C ILE V 13 32.36 49.66 35.63
N THR V 14 31.12 49.26 35.88
CA THR V 14 30.19 48.95 34.81
C THR V 14 29.31 50.15 34.49
N CYS V 15 28.82 50.19 33.25
CA CYS V 15 28.00 51.31 32.80
C CYS V 15 27.17 50.87 31.60
N GLY V 16 25.98 51.43 31.50
CA GLY V 16 25.20 51.31 30.29
C GLY V 16 24.41 50.02 30.17
N GLU V 17 23.66 49.95 29.08
CA GLU V 17 22.77 48.84 28.80
C GLU V 17 23.60 47.61 28.39
N GLU V 18 22.98 46.44 28.54
CA GLU V 18 23.62 45.20 28.12
C GLU V 18 23.73 45.15 26.60
N SER V 19 24.80 44.51 26.13
CA SER V 19 25.09 44.49 24.70
C SER V 19 24.10 43.63 23.92
N LEU V 20 23.86 44.03 22.68
CA LEU V 20 22.97 43.31 21.78
C LEU V 20 23.71 42.70 20.61
N GLY V 21 24.54 43.48 19.94
CA GLY V 21 25.41 43.00 18.89
C GLY V 21 26.82 43.49 19.12
N SER V 22 27.51 43.82 18.03
CA SER V 22 28.86 44.37 18.13
C SER V 22 28.79 45.82 18.57
N ARG V 23 29.72 46.21 19.43
CA ARG V 23 29.70 47.52 20.06
C ARG V 23 31.05 48.21 19.95
N SER V 24 31.01 49.54 20.05
CA SER V 24 32.19 50.39 20.09
C SER V 24 32.00 51.36 21.25
N VAL V 25 32.52 51.01 22.42
CA VAL V 25 32.34 51.83 23.60
C VAL V 25 33.34 52.99 23.58
N ILE V 26 32.97 54.08 24.25
CA ILE V 26 33.86 55.24 24.45
C ILE V 26 33.75 55.63 25.92
N TRP V 27 34.88 55.64 26.61
CA TRP V 27 34.91 56.00 28.02
C TRP V 27 35.47 57.39 28.19
N TYR V 28 34.70 58.25 28.86
CA TYR V 28 35.08 59.59 29.24
C TYR V 28 35.18 59.69 30.75
N GLN V 29 35.99 60.64 31.23
CA GLN V 29 36.06 60.94 32.65
C GLN V 29 35.90 62.44 32.86
N GLN V 30 35.54 62.80 34.08
CA GLN V 30 35.17 64.18 34.39
C GLN V 30 35.61 64.47 35.82
N ARG V 31 36.65 65.29 35.96
CA ARG V 31 37.01 65.82 37.26
C ARG V 31 35.95 66.83 37.70
N PRO V 32 35.78 67.02 39.00
CA PRO V 32 34.80 68.01 39.48
C PRO V 32 35.21 69.42 39.12
N GLY V 33 34.31 70.13 38.43
CA GLY V 33 34.54 71.49 38.03
C GLY V 33 35.24 71.66 36.70
N GLN V 34 35.77 70.59 36.12
CA GLN V 34 36.54 70.70 34.89
C GLN V 34 35.67 70.37 33.68
N ALA V 35 36.29 70.41 32.51
CA ALA V 35 35.69 69.90 31.30
C ALA V 35 35.80 68.37 31.32
N PRO V 36 35.08 67.67 30.44
CA PRO V 36 35.33 66.24 30.29
C PRO V 36 36.68 65.97 29.64
N SER V 37 37.03 64.70 29.59
CA SER V 37 38.29 64.30 28.96
C SER V 37 38.19 62.85 28.54
N LEU V 38 38.66 62.57 27.32
CA LEU V 38 38.68 61.21 26.82
C LEU V 38 39.71 60.39 27.57
N ILE V 39 39.36 59.15 27.90
CA ILE V 39 40.33 58.17 28.32
C ILE V 39 40.37 56.97 27.38
N ILE V 40 39.22 56.48 26.91
CA ILE V 40 39.18 55.34 25.99
C ILE V 40 38.29 55.70 24.82
N TYR V 41 38.77 55.49 23.58
CA TYR V 41 37.98 55.83 22.41
C TYR V 41 37.48 54.64 21.61
N ASN V 42 37.97 53.43 21.89
CA ASN V 42 37.48 52.23 21.22
C ASN V 42 37.09 51.27 22.33
N ASN V 43 36.91 50.00 21.97
CA ASN V 43 36.66 48.98 22.99
C ASN V 43 37.86 48.82 23.93
N ASN V 44 39.06 48.76 23.37
CA ASN V 44 40.25 48.67 24.22
C ASN V 44 41.40 49.48 23.63
N ASP V 45 41.13 50.68 23.15
CA ASP V 45 42.18 51.53 22.59
C ASP V 45 42.18 52.88 23.29
N ARG V 46 43.37 53.35 23.65
CA ARG V 46 43.55 54.61 24.32
C ARG V 46 44.43 55.53 23.49
N PRO V 47 44.21 56.84 23.53
CA PRO V 47 45.10 57.76 22.84
C PRO V 47 46.30 58.10 23.70
N SER V 48 47.15 59.01 23.23
CA SER V 48 48.28 59.46 24.02
C SER V 48 47.82 60.35 25.17
N GLY V 49 48.69 60.48 26.16
CA GLY V 49 48.41 61.27 27.35
C GLY V 49 47.85 60.48 28.51
N ILE V 50 46.93 59.56 28.23
CA ILE V 50 46.37 58.68 29.24
C ILE V 50 47.18 57.39 29.28
N PRO V 51 47.64 56.95 30.44
CA PRO V 51 48.48 55.75 30.51
C PRO V 51 47.65 54.49 30.37
N ASP V 52 48.32 53.35 30.55
CA ASP V 52 47.70 52.04 30.50
C ASP V 52 47.00 51.73 31.83
N ARG V 53 46.65 50.46 32.03
CA ARG V 53 45.87 49.84 33.11
C ARG V 53 44.40 50.22 33.09
N PHE V 54 43.95 51.02 32.11
CA PHE V 54 42.54 51.32 31.97
C PHE V 54 42.00 50.44 30.84
N SER V 55 41.82 49.18 31.16
CA SER V 55 41.42 48.19 30.17
C SER V 55 39.92 48.22 29.96
N GLY V 56 39.50 47.76 28.78
CA GLY V 56 38.10 47.75 28.44
C GLY V 56 37.64 46.36 28.02
N SER V 57 36.36 46.11 28.23
CA SER V 57 35.76 44.89 27.75
C SER V 57 35.69 44.92 26.22
N PRO V 58 36.02 43.82 25.55
CA PRO V 58 35.96 43.80 24.08
C PRO V 58 34.52 43.76 23.60
N GLY V 59 34.29 44.40 22.45
CA GLY V 59 32.96 44.48 21.90
C GLY V 59 32.48 43.24 21.18
N SER V 60 33.34 42.22 21.05
CA SER V 60 32.96 41.00 20.36
C SER V 60 32.11 40.08 21.22
N THR V 61 31.94 40.38 22.50
CA THR V 61 31.08 39.60 23.37
C THR V 61 29.62 39.98 23.14
N PHE V 62 28.75 38.97 23.14
CA PHE V 62 27.33 39.15 22.89
C PHE V 62 26.57 38.98 24.19
N GLY V 63 25.83 40.01 24.59
CA GLY V 63 25.03 39.93 25.78
C GLY V 63 25.78 40.11 27.08
N THR V 64 26.59 41.15 27.18
CA THR V 64 27.27 41.51 28.42
C THR V 64 27.15 43.02 28.65
N THR V 65 27.63 43.45 29.80
CA THR V 65 27.67 44.88 30.13
C THR V 65 29.07 45.41 29.88
N ALA V 66 29.12 46.65 29.41
CA ALA V 66 30.41 47.31 29.22
C ALA V 66 31.05 47.60 30.57
N THR V 67 32.29 47.17 30.73
CA THR V 67 33.02 47.38 31.96
C THR V 67 34.23 48.25 31.71
N LEU V 68 34.81 48.74 32.79
CA LEU V 68 36.02 49.57 32.75
C LEU V 68 36.93 49.09 33.86
N THR V 69 38.05 48.47 33.50
CA THR V 69 38.92 47.79 34.46
C THR V 69 40.10 48.68 34.78
N ILE V 70 40.22 49.09 36.03
CA ILE V 70 41.31 49.95 36.49
C ILE V 70 42.09 49.21 37.55
N THR V 71 43.42 49.17 37.42
CA THR V 71 44.30 48.65 38.44
C THR V 71 45.24 49.77 38.90
N SER V 72 45.66 49.67 40.17
CA SER V 72 46.56 50.61 40.84
C SER V 72 45.99 52.03 40.81
N VAL V 73 44.84 52.17 41.46
CA VAL V 73 44.09 53.43 41.46
C VAL V 73 44.77 54.45 42.36
N GLU V 74 44.37 55.70 42.23
CA GLU V 74 45.01 56.81 42.93
C GLU V 74 43.98 57.92 43.14
N ALA V 75 44.45 59.04 43.68
CA ALA V 75 43.58 60.19 43.90
C ALA V 75 43.30 60.97 42.62
N GLY V 76 44.13 60.81 41.59
CA GLY V 76 43.82 61.42 40.32
C GLY V 76 42.69 60.73 39.57
N ASP V 77 42.51 59.43 39.79
CA ASP V 77 41.45 58.68 39.15
C ASP V 77 40.11 58.91 39.83
N GLU V 78 40.10 59.59 40.97
CA GLU V 78 38.89 60.01 41.65
C GLU V 78 38.15 61.04 40.79
N ALA V 79 37.16 60.57 40.04
CA ALA V 79 36.41 61.42 39.12
C ALA V 79 35.06 60.78 38.84
N ASP V 80 34.28 61.40 37.97
CA ASP V 80 33.01 60.87 37.49
C ASP V 80 33.25 60.21 36.15
N TYR V 81 32.84 58.95 36.02
CA TYR V 81 33.06 58.23 34.78
C TYR V 81 31.79 58.13 33.96
N TYR V 82 31.96 58.08 32.64
CA TYR V 82 30.82 58.01 31.73
C TYR V 82 31.15 57.09 30.57
N CYS V 83 30.12 56.37 30.12
CA CYS V 83 30.25 55.49 28.98
C CYS V 83 29.38 55.99 27.82
N HIS V 84 29.82 55.68 26.61
CA HIS V 84 29.12 56.04 25.38
C HIS V 84 29.25 54.83 24.46
N ILE V 85 28.30 53.95 24.55
CA ILE V 85 28.30 52.72 23.75
C ILE V 85 27.81 53.05 22.35
N TRP V 86 28.32 52.33 21.37
CA TRP V 86 27.87 52.47 19.98
C TRP V 86 27.58 51.06 19.49
N ASP V 87 26.36 50.59 19.72
CA ASP V 87 25.98 49.25 19.32
C ASP V 87 25.57 49.23 17.85
N SER V 88 25.92 48.13 17.17
CA SER V 88 25.54 47.90 15.79
C SER V 88 24.10 47.41 15.63
N ARG V 89 23.34 47.31 16.71
CA ARG V 89 21.91 47.02 16.60
C ARG V 89 21.05 48.16 17.16
N ARG V 90 21.42 48.71 18.31
CA ARG V 90 20.69 49.86 18.85
C ARG V 90 21.03 51.11 18.05
N PRO V 91 20.14 52.15 18.06
CA PRO V 91 20.45 53.37 17.31
C PRO V 91 21.51 54.26 17.95
N THR V 92 21.73 55.43 17.36
CA THR V 92 22.76 56.35 17.80
C THR V 92 22.36 57.02 19.11
N ASN V 93 23.23 56.93 20.11
CA ASN V 93 22.96 57.48 21.43
C ASN V 93 23.39 58.95 21.45
N TRP V 94 22.43 59.85 21.31
CA TRP V 94 22.72 61.28 21.39
C TRP V 94 22.84 61.76 22.82
N VAL V 95 22.57 60.90 23.80
CA VAL V 95 22.88 61.18 25.19
C VAL V 95 23.82 60.09 25.68
N PHE V 96 24.59 60.41 26.71
CA PHE V 96 25.52 59.44 27.29
C PHE V 96 24.81 58.48 28.22
N GLY V 97 25.60 57.61 28.83
CA GLY V 97 25.10 56.66 29.81
C GLY V 97 24.91 57.29 31.18
N GLU V 98 24.94 56.45 32.20
CA GLU V 98 24.66 56.89 33.55
C GLU V 98 25.95 57.26 34.27
N GLY V 99 25.87 58.26 35.15
CA GLY V 99 27.05 58.74 35.84
C GLY V 99 27.53 57.74 36.90
N THR V 100 28.70 57.17 36.71
CA THR V 100 29.32 56.32 37.70
C THR V 100 30.51 57.06 38.28
N THR V 101 30.51 57.19 39.59
CA THR V 101 31.46 58.00 40.31
C THR V 101 32.47 57.07 40.97
N LEU V 102 33.74 57.46 40.95
CA LEU V 102 34.78 56.76 41.69
C LEU V 102 35.29 57.64 42.82
N ILE V 103 35.48 57.06 44.01
CA ILE V 103 36.02 57.77 45.15
C ILE V 103 36.99 56.87 45.90
N VAL V 104 38.06 57.49 46.40
CA VAL V 104 39.22 56.74 46.88
C VAL V 104 39.48 57.15 48.33
N LEU V 105 40.21 56.30 49.03
CA LEU V 105 40.41 56.50 50.46
C LEU V 105 41.53 57.49 50.74
N GLN W 1 -9.61 19.96 -26.52
CA GLN W 1 -9.26 21.09 -27.37
C GLN W 1 -8.19 21.94 -26.73
N VAL W 2 -7.54 22.77 -27.53
CA VAL W 2 -6.52 23.71 -27.05
C VAL W 2 -6.97 25.10 -27.46
N GLN W 3 -7.27 25.95 -26.48
CA GLN W 3 -7.81 27.27 -26.75
C GLN W 3 -6.89 28.34 -26.22
N LEU W 4 -6.67 29.36 -27.06
CA LEU W 4 -5.84 30.51 -26.74
C LEU W 4 -6.66 31.75 -26.96
N VAL W 5 -7.01 32.45 -25.88
CA VAL W 5 -7.89 33.60 -25.95
C VAL W 5 -7.04 34.83 -25.65
N GLN W 6 -7.03 35.77 -26.59
CA GLN W 6 -6.32 37.01 -26.41
C GLN W 6 -7.27 38.05 -25.86
N SER W 7 -6.83 39.30 -25.79
CA SER W 7 -7.71 40.42 -25.53
C SER W 7 -8.07 41.08 -26.86
N GLY W 8 -8.95 42.07 -26.78
CA GLY W 8 -9.32 42.80 -27.97
C GLY W 8 -8.21 43.72 -28.45
N ALA W 9 -8.38 44.20 -29.68
CA ALA W 9 -7.43 45.13 -30.26
C ALA W 9 -7.49 46.48 -29.53
N VAL W 10 -6.35 47.15 -29.45
CA VAL W 10 -6.24 48.38 -28.68
C VAL W 10 -5.50 49.43 -29.50
N ILE W 11 -5.79 50.70 -29.20
CA ILE W 11 -5.15 51.84 -29.84
C ILE W 11 -4.41 52.62 -28.77
N LYS W 12 -3.11 52.83 -28.97
CA LYS W 12 -2.28 53.53 -28.01
C LYS W 12 -1.61 54.73 -28.66
N THR W 13 -0.92 55.50 -27.82
CA THR W 13 -0.14 56.68 -28.20
C THR W 13 1.34 56.33 -28.24
N PRO W 14 2.15 57.09 -28.98
CA PRO W 14 3.59 56.86 -28.95
C PRO W 14 4.19 57.16 -27.58
N GLY W 15 5.07 56.27 -27.14
CA GLY W 15 5.71 56.38 -25.85
C GLY W 15 4.99 55.69 -24.71
N SER W 16 3.87 55.02 -24.99
CA SER W 16 3.12 54.32 -23.95
C SER W 16 3.61 52.88 -23.86
N SER W 17 2.87 52.04 -23.12
CA SER W 17 3.20 50.64 -22.95
C SER W 17 1.92 49.84 -22.93
N VAL W 18 1.82 48.87 -23.82
CA VAL W 18 0.61 48.07 -24.00
C VAL W 18 0.80 46.73 -23.28
N LYS W 19 -0.21 46.32 -22.53
CA LYS W 19 -0.22 45.03 -21.85
C LYS W 19 -1.19 44.12 -22.56
N ILE W 20 -0.70 43.00 -23.08
CA ILE W 20 -1.51 42.05 -23.81
C ILE W 20 -1.52 40.73 -23.06
N SER W 21 -2.70 40.24 -22.73
CA SER W 21 -2.88 38.99 -22.02
C SER W 21 -3.11 37.85 -23.00
N CYS W 22 -2.90 36.63 -22.53
CA CYS W 22 -3.08 35.42 -23.34
C CYS W 22 -3.50 34.30 -22.39
N ARG W 23 -4.78 33.98 -22.38
CA ARG W 23 -5.28 32.91 -21.53
C ARG W 23 -5.30 31.60 -22.31
N ALA W 24 -4.73 30.56 -21.73
CA ALA W 24 -4.65 29.25 -22.35
C ALA W 24 -5.47 28.26 -21.56
N SER W 25 -6.16 27.37 -22.27
CA SER W 25 -7.02 26.40 -21.60
C SER W 25 -7.13 25.14 -22.44
N GLY W 26 -7.29 24.02 -21.75
CA GLY W 26 -7.47 22.73 -22.39
C GLY W 26 -6.27 21.81 -22.36
N TYR W 27 -5.24 22.14 -21.60
CA TYR W 27 -4.05 21.31 -21.49
C TYR W 27 -3.36 21.67 -20.19
N ASN W 28 -2.35 20.88 -19.83
CA ASN W 28 -1.59 21.15 -18.61
C ASN W 28 -0.67 22.33 -18.85
N PHE W 29 -0.98 23.46 -18.22
CA PHE W 29 -0.33 24.73 -18.52
C PHE W 29 1.14 24.78 -18.13
N ARG W 30 1.56 23.95 -17.19
CA ARG W 30 2.91 24.01 -16.67
C ARG W 30 3.92 23.30 -17.55
N ASP W 31 3.49 22.61 -18.61
CA ASP W 31 4.41 21.76 -19.35
C ASP W 31 4.95 22.42 -20.62
N TYR W 32 4.13 23.18 -21.33
CA TYR W 32 4.48 23.68 -22.63
C TYR W 32 4.81 25.17 -22.61
N SER W 33 5.82 25.55 -23.38
CA SER W 33 6.27 26.92 -23.44
C SER W 33 5.30 27.80 -24.23
N ILE W 34 5.41 29.11 -24.02
CA ILE W 34 4.58 30.09 -24.71
C ILE W 34 5.50 30.99 -25.51
N HIS W 35 5.27 31.08 -26.82
CA HIS W 35 6.00 32.04 -27.63
C HIS W 35 5.12 33.22 -27.96
N TRP W 36 5.76 34.35 -28.24
CA TRP W 36 5.09 35.55 -28.74
C TRP W 36 5.66 35.88 -30.11
N VAL W 37 4.79 36.17 -31.06
CA VAL W 37 5.21 36.52 -32.42
C VAL W 37 4.40 37.71 -32.90
N ARG W 38 4.96 38.42 -33.88
CA ARG W 38 4.32 39.60 -34.43
C ARG W 38 4.20 39.46 -35.94
N LEU W 39 3.28 40.22 -36.52
CA LEU W 39 3.07 40.28 -37.96
C LEU W 39 2.90 41.75 -38.34
N ILE W 40 3.86 42.27 -39.10
CA ILE W 40 3.83 43.64 -39.59
C ILE W 40 3.61 43.59 -41.09
N PRO W 41 2.72 44.42 -41.64
CA PRO W 41 2.57 44.49 -43.10
C PRO W 41 3.84 45.03 -43.75
N ASP W 42 4.18 44.41 -44.88
CA ASP W 42 5.40 44.65 -45.65
C ASP W 42 6.67 44.39 -44.85
N LYS W 43 6.58 43.60 -43.79
CA LYS W 43 7.74 43.11 -43.05
C LYS W 43 7.66 41.63 -42.75
N GLY W 44 6.49 41.01 -42.85
CA GLY W 44 6.36 39.63 -42.49
C GLY W 44 6.36 39.44 -40.99
N PHE W 45 6.65 38.22 -40.58
CA PHE W 45 6.69 37.88 -39.17
C PHE W 45 8.03 38.28 -38.57
N GLU W 46 8.02 38.46 -37.25
CA GLU W 46 9.24 38.76 -36.50
C GLU W 46 9.06 38.21 -35.10
N TRP W 47 10.09 37.51 -34.62
CA TRP W 47 9.99 36.78 -33.37
C TRP W 47 10.26 37.70 -32.18
N ILE W 48 9.54 37.49 -31.09
CA ILE W 48 9.66 38.31 -29.90
C ILE W 48 10.39 37.57 -28.79
N GLY W 49 9.86 36.42 -28.38
CA GLY W 49 10.47 35.73 -27.26
C GLY W 49 9.62 34.56 -26.83
N TRP W 50 10.13 33.83 -25.84
CA TRP W 50 9.37 32.75 -25.22
C TRP W 50 9.47 32.84 -23.70
N ILE W 51 8.54 32.15 -23.05
CA ILE W 51 8.45 32.06 -21.60
C ILE W 51 7.96 30.67 -21.23
N LYS W 52 8.68 29.99 -20.33
CA LYS W 52 8.22 28.72 -19.79
C LYS W 52 7.43 29.03 -18.54
N PRO W 53 6.12 28.75 -18.49
CA PRO W 53 5.31 29.19 -17.36
C PRO W 53 5.49 28.36 -16.10
N LEU W 54 6.31 27.32 -16.14
CA LEU W 54 6.59 26.51 -14.95
C LEU W 54 7.28 27.34 -13.89
N TRP W 55 8.28 28.12 -14.30
CA TRP W 55 8.90 29.07 -13.40
C TRP W 55 8.74 30.51 -13.86
N GLY W 56 8.54 30.75 -15.15
CA GLY W 56 8.65 32.08 -15.70
C GLY W 56 9.97 32.38 -16.35
N ALA W 57 10.77 31.36 -16.68
CA ALA W 57 12.03 31.58 -17.36
C ALA W 57 11.77 32.08 -18.78
N VAL W 58 12.34 33.24 -19.10
CA VAL W 58 12.03 33.90 -20.35
C VAL W 58 13.28 33.97 -21.22
N SER W 59 13.05 34.30 -22.48
CA SER W 59 14.11 34.66 -23.41
C SER W 59 13.51 35.64 -24.40
N TYR W 60 14.23 36.71 -24.67
CA TYR W 60 13.75 37.75 -25.57
C TYR W 60 14.57 37.76 -26.85
N ALA W 61 14.02 38.37 -27.87
CA ALA W 61 14.80 38.69 -29.06
C ALA W 61 15.84 39.75 -28.72
N ARG W 62 16.96 39.71 -29.43
CA ARG W 62 18.09 40.56 -29.09
C ARG W 62 17.79 42.03 -29.37
N GLN W 63 17.09 42.32 -30.46
CA GLN W 63 16.84 43.68 -30.87
C GLN W 63 15.63 44.31 -30.18
N LEU W 64 14.99 43.58 -29.28
CA LEU W 64 13.84 44.10 -28.55
C LEU W 64 14.06 44.14 -27.05
N GLN W 65 15.29 43.90 -26.59
CA GLN W 65 15.54 43.87 -25.16
C GLN W 65 15.51 45.28 -24.58
N GLY W 66 15.09 45.36 -23.32
CA GLY W 66 14.88 46.62 -22.67
C GLY W 66 13.50 47.21 -22.87
N ARG W 67 12.73 46.71 -23.83
CA ARG W 67 11.40 47.20 -24.13
C ARG W 67 10.29 46.22 -23.75
N VAL W 68 10.51 44.92 -23.93
CA VAL W 68 9.46 43.94 -23.69
C VAL W 68 9.65 43.32 -22.31
N SER W 69 8.57 42.73 -21.79
CA SER W 69 8.60 42.01 -20.53
C SER W 69 7.51 40.95 -20.54
N MET W 70 7.81 39.80 -19.94
CA MET W 70 6.89 38.66 -19.92
C MET W 70 6.75 38.14 -18.50
N THR W 71 5.50 37.97 -18.06
CA THR W 71 5.20 37.36 -16.78
C THR W 71 4.14 36.27 -16.99
N ARG W 72 3.88 35.48 -15.95
CA ARG W 72 2.77 34.54 -15.99
C ARG W 72 2.14 34.44 -14.61
N GLN W 73 0.91 33.94 -14.59
CA GLN W 73 0.18 33.67 -13.36
C GLN W 73 -0.46 32.30 -13.48
N LEU W 74 -0.14 31.41 -12.55
CA LEU W 74 -0.61 30.04 -12.62
C LEU W 74 -1.97 29.91 -11.95
N SER W 75 -2.56 28.73 -12.13
CA SER W 75 -3.85 28.39 -11.57
C SER W 75 -3.61 27.52 -10.34
N GLN W 76 -3.93 28.05 -9.17
CA GLN W 76 -3.61 27.38 -7.92
C GLN W 76 -4.92 26.96 -7.26
N ASP W 77 -5.41 25.80 -7.71
CA ASP W 77 -6.53 25.09 -7.12
C ASP W 77 -6.48 23.67 -7.65
N PRO W 78 -6.87 22.68 -6.85
CA PRO W 78 -6.86 21.29 -7.32
C PRO W 78 -8.03 20.92 -8.20
N ASP W 79 -8.87 21.88 -8.58
CA ASP W 79 -10.03 21.63 -9.43
C ASP W 79 -9.83 22.09 -10.86
N ASP W 80 -9.16 23.22 -11.09
CA ASP W 80 -8.88 23.72 -12.42
C ASP W 80 -7.38 23.88 -12.61
N PRO W 81 -6.66 22.81 -12.88
CA PRO W 81 -5.22 22.92 -13.12
C PRO W 81 -4.85 23.24 -14.56
N ASP W 82 -5.83 23.31 -15.46
CA ASP W 82 -5.54 23.37 -16.87
C ASP W 82 -5.28 24.79 -17.34
N TRP W 83 -6.12 25.74 -16.93
CA TRP W 83 -6.04 27.08 -17.48
C TRP W 83 -4.85 27.83 -16.89
N GLY W 84 -4.40 28.85 -17.63
CA GLY W 84 -3.32 29.69 -17.15
C GLY W 84 -3.27 30.98 -17.95
N VAL W 85 -2.62 31.98 -17.37
CA VAL W 85 -2.55 33.30 -17.97
C VAL W 85 -1.10 33.64 -18.24
N ALA W 86 -0.80 34.05 -19.45
CA ALA W 86 0.49 34.63 -19.81
C ALA W 86 0.30 36.10 -20.14
N TYR W 87 1.38 36.85 -20.04
CA TYR W 87 1.34 38.29 -20.25
C TYR W 87 2.45 38.71 -21.20
N MET W 88 2.28 39.89 -21.79
CA MET W 88 3.36 40.54 -22.52
C MET W 88 3.18 42.04 -22.37
N GLU W 89 4.13 42.68 -21.70
CA GLU W 89 4.13 44.12 -21.54
C GLU W 89 5.14 44.72 -22.51
N PHE W 90 4.65 45.42 -23.53
CA PHE W 90 5.50 46.00 -24.56
C PHE W 90 5.59 47.50 -24.35
N SER W 91 6.81 47.99 -24.12
CA SER W 91 7.07 49.39 -23.83
C SER W 91 7.92 50.01 -24.93
N GLY W 92 8.09 51.32 -24.85
CA GLY W 92 8.81 52.08 -25.86
C GLY W 92 8.07 52.14 -27.17
N LEU W 93 6.82 52.58 -27.14
CA LEU W 93 5.96 52.50 -28.32
C LEU W 93 6.33 53.56 -29.35
N THR W 94 6.52 53.12 -30.59
CA THR W 94 6.73 53.96 -31.77
C THR W 94 5.62 53.65 -32.77
N PRO W 95 5.37 54.55 -33.74
CA PRO W 95 4.40 54.21 -34.80
C PRO W 95 4.83 53.07 -35.71
N ALA W 96 6.09 52.64 -35.67
CA ALA W 96 6.51 51.48 -36.45
C ALA W 96 5.97 50.17 -35.90
N ASP W 97 5.55 50.15 -34.64
CA ASP W 97 5.11 48.92 -33.98
C ASP W 97 3.65 48.59 -34.22
N THR W 98 2.97 49.27 -35.13
CA THR W 98 1.59 48.94 -35.45
C THR W 98 1.55 47.62 -36.20
N ALA W 99 1.00 46.58 -35.56
CA ALA W 99 1.16 45.22 -36.05
C ALA W 99 0.11 44.34 -35.38
N GLU W 100 0.03 43.09 -35.83
CA GLU W 100 -0.85 42.11 -35.21
C GLU W 100 -0.02 41.10 -34.44
N TYR W 101 -0.35 40.91 -33.17
CA TYR W 101 0.41 40.06 -32.26
C TYR W 101 -0.31 38.74 -32.04
N PHE W 102 0.48 37.68 -31.83
CA PHE W 102 -0.02 36.34 -31.60
C PHE W 102 0.77 35.70 -30.46
N CYS W 103 0.08 34.94 -29.62
CA CYS W 103 0.72 34.14 -28.58
C CYS W 103 0.45 32.67 -28.85
N VAL W 104 1.50 31.88 -29.04
CA VAL W 104 1.39 30.58 -29.68
C VAL W 104 2.00 29.48 -28.83
N ARG W 105 1.57 28.25 -29.11
CA ARG W 105 2.06 27.06 -28.44
C ARG W 105 2.44 26.00 -29.47
N ARG W 106 3.52 25.28 -29.16
CA ARG W 106 4.02 24.21 -30.01
C ARG W 106 3.08 23.02 -30.00
N GLY W 107 3.34 22.07 -30.89
CA GLY W 107 2.58 20.84 -30.93
C GLY W 107 3.03 19.87 -29.85
N SER W 108 2.28 18.78 -29.72
CA SER W 108 2.49 17.83 -28.64
C SER W 108 3.02 16.49 -29.12
N CYS W 109 3.42 16.40 -30.39
CA CYS W 109 3.92 15.13 -30.88
C CYS W 109 5.36 14.92 -30.44
N ASP W 110 5.89 13.72 -30.74
CA ASP W 110 7.21 13.36 -30.25
C ASP W 110 8.32 14.03 -31.05
N TYR W 111 8.20 14.07 -32.37
CA TYR W 111 9.18 14.75 -33.20
C TYR W 111 8.91 16.25 -33.28
N CYS W 112 7.86 16.73 -32.65
CA CYS W 112 7.58 18.15 -32.62
C CYS W 112 8.61 18.85 -31.76
N GLY W 113 9.29 19.83 -32.33
CA GLY W 113 10.21 20.69 -31.61
C GLY W 113 9.47 21.75 -30.85
N ASP W 114 10.13 22.90 -30.69
CA ASP W 114 9.53 23.99 -29.94
C ASP W 114 8.99 25.07 -30.85
N PHE W 115 9.73 25.46 -31.86
CA PHE W 115 9.30 26.48 -32.79
C PHE W 115 8.15 26.16 -33.77
N PRO W 116 7.91 24.89 -34.20
CA PRO W 116 6.68 24.64 -34.97
C PRO W 116 5.40 24.78 -34.15
N TRP W 117 4.99 26.03 -33.94
CA TRP W 117 3.84 26.37 -33.10
C TRP W 117 2.55 25.89 -33.74
N GLN W 118 1.92 24.89 -33.12
CA GLN W 118 0.67 24.37 -33.65
C GLN W 118 -0.49 25.30 -33.37
N TYR W 119 -0.74 25.63 -32.11
CA TYR W 119 -1.95 26.33 -31.74
C TYR W 119 -1.68 27.83 -31.63
N TRP W 120 -2.61 28.60 -32.18
CA TRP W 120 -2.48 30.04 -32.34
C TRP W 120 -3.68 30.74 -31.73
N GLY W 121 -3.46 31.90 -31.13
CA GLY W 121 -4.54 32.77 -30.74
C GLY W 121 -5.11 33.51 -31.94
N GLN W 122 -6.21 34.22 -31.70
CA GLN W 122 -6.92 34.91 -32.78
C GLN W 122 -6.24 36.21 -33.21
N GLY W 123 -5.25 36.69 -32.48
CA GLY W 123 -4.51 37.87 -32.88
C GLY W 123 -5.03 39.14 -32.26
N THR W 124 -4.12 40.08 -31.97
CA THR W 124 -4.48 41.36 -31.38
C THR W 124 -3.81 42.47 -32.16
N VAL W 125 -4.59 43.41 -32.66
CA VAL W 125 -4.08 44.50 -33.48
C VAL W 125 -3.68 45.65 -32.57
N VAL W 126 -2.45 46.13 -32.72
CA VAL W 126 -1.95 47.27 -31.98
C VAL W 126 -1.61 48.36 -32.97
N VAL W 127 -2.31 49.49 -32.88
CA VAL W 127 -2.06 50.66 -33.71
C VAL W 127 -1.64 51.80 -32.80
N VAL W 128 -0.59 52.50 -33.19
CA VAL W 128 0.01 53.54 -32.37
C VAL W 128 -0.39 54.93 -32.83
N GLU X 1 23.26 34.65 -37.92
CA GLU X 1 21.83 34.47 -38.12
C GLU X 1 21.58 33.68 -39.39
N ILE X 2 20.34 33.25 -39.59
CA ILE X 2 19.94 32.48 -40.75
C ILE X 2 18.98 33.34 -41.57
N VAL X 3 19.19 33.37 -42.88
CA VAL X 3 18.35 34.13 -43.80
C VAL X 3 17.59 33.14 -44.67
N LEU X 4 16.28 33.28 -44.72
CA LEU X 4 15.43 32.48 -45.60
C LEU X 4 15.08 33.27 -46.86
N THR X 5 15.11 32.60 -48.01
CA THR X 5 14.79 33.24 -49.28
C THR X 5 13.80 32.38 -50.04
N GLN X 6 12.68 32.96 -50.43
CA GLN X 6 11.67 32.26 -51.23
C GLN X 6 11.79 32.68 -52.69
N SER X 7 11.81 31.70 -53.59
CA SER X 7 12.06 32.00 -55.01
C SER X 7 10.88 32.56 -55.80
N PRO X 8 9.67 31.94 -55.86
CA PRO X 8 8.72 32.37 -56.89
C PRO X 8 8.03 33.68 -56.58
N GLY X 9 7.89 34.05 -55.31
CA GLY X 9 7.17 35.25 -54.97
C GLY X 9 5.69 35.07 -55.20
N ILE X 10 5.17 35.73 -56.23
CA ILE X 10 3.77 35.58 -56.60
C ILE X 10 3.65 34.48 -57.64
N LEU X 11 2.75 33.53 -57.40
CA LEU X 11 2.52 32.41 -58.30
C LEU X 11 1.05 32.41 -58.67
N SER X 12 0.76 32.67 -59.95
CA SER X 12 -0.62 32.73 -60.44
C SER X 12 -0.91 31.46 -61.22
N LEU X 13 -1.78 30.61 -60.67
CA LEU X 13 -2.15 29.37 -61.32
C LEU X 13 -3.66 29.19 -61.23
N SER X 14 -4.16 28.16 -61.88
CA SER X 14 -5.57 27.83 -61.96
C SER X 14 -5.93 26.73 -60.97
N PRO X 15 -7.18 26.68 -60.50
CA PRO X 15 -7.59 25.60 -59.61
C PRO X 15 -7.61 24.26 -60.31
N GLY X 16 -7.34 23.21 -59.54
CA GLY X 16 -7.15 21.88 -60.08
C GLY X 16 -5.73 21.56 -60.49
N GLU X 17 -4.90 22.57 -60.70
CA GLU X 17 -3.52 22.38 -61.11
C GLU X 17 -2.66 21.99 -59.91
N THR X 18 -1.39 21.72 -60.17
CA THR X 18 -0.38 21.50 -59.14
C THR X 18 0.51 22.74 -59.03
N ALA X 19 1.29 22.79 -57.95
CA ALA X 19 2.18 23.91 -57.70
C ALA X 19 3.34 23.45 -56.84
N THR X 20 4.47 24.12 -56.99
CA THR X 20 5.69 23.78 -56.25
C THR X 20 6.38 25.07 -55.82
N LEU X 21 6.40 25.32 -54.53
CA LEU X 21 7.14 26.44 -53.95
C LEU X 21 8.50 25.97 -53.47
N PHE X 22 9.46 26.88 -53.48
CA PHE X 22 10.83 26.57 -53.15
C PHE X 22 11.39 27.60 -52.19
N CYS X 23 12.11 27.13 -51.18
CA CYS X 23 12.80 28.03 -50.25
C CYS X 23 14.24 27.58 -50.11
N LYS X 24 15.10 28.57 -49.85
CA LYS X 24 16.53 28.37 -49.72
C LYS X 24 17.00 28.98 -48.41
N ALA X 25 17.83 28.24 -47.69
CA ALA X 25 18.35 28.65 -46.39
C ALA X 25 19.84 28.94 -46.48
N SER X 26 20.32 29.80 -45.57
CA SER X 26 21.74 30.12 -45.58
C SER X 26 22.57 29.04 -44.89
N GLN X 27 22.07 28.46 -43.80
CA GLN X 27 22.80 27.43 -43.06
C GLN X 27 22.01 26.14 -43.10
N GLY X 28 22.63 25.09 -43.65
CA GLY X 28 21.98 23.80 -43.78
C GLY X 28 22.19 22.89 -42.58
N GLY X 29 21.38 21.85 -42.51
CA GLY X 29 21.52 20.85 -41.47
C GLY X 29 20.36 20.76 -40.51
N ASN X 30 19.31 21.58 -40.67
CA ASN X 30 18.18 21.58 -39.76
C ASN X 30 16.89 21.38 -40.55
N ALA X 31 15.77 21.43 -39.84
CA ALA X 31 14.47 21.17 -40.44
C ALA X 31 13.90 22.46 -41.05
N MET X 32 12.63 22.41 -41.43
CA MET X 32 11.97 23.53 -42.08
C MET X 32 10.49 23.44 -41.80
N THR X 33 9.87 24.58 -41.54
CA THR X 33 8.45 24.67 -41.24
C THR X 33 7.75 25.38 -42.38
N TRP X 34 6.57 24.90 -42.73
CA TRP X 34 5.75 25.49 -43.77
C TRP X 34 4.42 25.90 -43.16
N TYR X 35 4.08 27.17 -43.32
CA TYR X 35 2.88 27.78 -42.77
C TYR X 35 1.96 28.24 -43.89
N GLN X 36 0.66 28.11 -43.67
CA GLN X 36 -0.36 28.64 -44.58
C GLN X 36 -1.14 29.72 -43.85
N LYS X 37 -1.38 30.84 -44.52
CA LYS X 37 -2.21 31.91 -43.97
C LYS X 37 -3.10 32.45 -45.06
N ARG X 38 -4.41 32.42 -44.85
CA ARG X 38 -5.36 32.96 -45.81
C ARG X 38 -5.51 34.47 -45.60
N ARG X 39 -6.41 35.08 -46.38
CA ARG X 39 -6.56 36.53 -46.42
C ARG X 39 -7.29 36.99 -45.16
N GLY X 40 -6.55 37.64 -44.26
CA GLY X 40 -7.14 38.20 -43.06
C GLY X 40 -7.63 37.18 -42.05
N GLN X 41 -6.93 36.06 -41.92
CA GLN X 41 -7.36 34.97 -41.05
C GLN X 41 -6.22 34.51 -40.16
N VAL X 42 -6.53 33.59 -39.27
CA VAL X 42 -5.54 33.03 -38.35
C VAL X 42 -4.64 32.06 -39.11
N PRO X 43 -3.31 32.15 -38.96
CA PRO X 43 -2.42 31.20 -39.64
C PRO X 43 -2.55 29.77 -39.14
N ARG X 44 -1.90 28.85 -39.85
CA ARG X 44 -2.11 27.43 -39.62
C ARG X 44 -0.91 26.67 -40.14
N LEU X 45 -0.41 25.73 -39.34
CA LEU X 45 0.81 24.99 -39.65
C LEU X 45 0.51 23.98 -40.75
N LEU X 46 1.23 24.05 -41.86
CA LEU X 46 1.13 22.97 -42.84
C LEU X 46 2.07 21.82 -42.49
N ILE X 47 3.38 22.07 -42.55
CA ILE X 47 4.36 21.00 -42.48
C ILE X 47 5.38 21.33 -41.41
N TYR X 48 5.61 20.40 -40.49
CA TYR X 48 6.74 20.47 -39.59
C TYR X 48 7.68 19.31 -39.88
N ASP X 49 8.95 19.49 -39.50
CA ASP X 49 10.06 18.57 -39.73
C ASP X 49 10.29 18.28 -41.23
N THR X 50 9.78 19.16 -42.11
CA THR X 50 10.00 19.22 -43.56
C THR X 50 9.36 18.03 -44.30
N SER X 51 8.82 17.05 -43.59
CA SER X 51 8.14 15.94 -44.24
C SER X 51 6.88 15.46 -43.52
N ARG X 52 6.53 16.01 -42.36
CA ARG X 52 5.39 15.53 -41.59
C ARG X 52 4.23 16.50 -41.74
N ARG X 53 3.05 15.95 -42.02
CA ARG X 53 1.84 16.75 -42.13
C ARG X 53 1.20 16.90 -40.76
N ALA X 54 0.69 18.09 -40.49
CA ALA X 54 0.15 18.41 -39.17
C ALA X 54 -1.29 17.89 -39.07
N SER X 55 -1.98 18.28 -38.01
CA SER X 55 -3.37 17.87 -37.84
C SER X 55 -4.27 18.70 -38.74
N GLY X 56 -5.30 18.05 -39.28
CA GLY X 56 -6.19 18.71 -40.21
C GLY X 56 -5.58 19.02 -41.56
N VAL X 57 -4.61 18.22 -41.98
CA VAL X 57 -3.88 18.47 -43.21
C VAL X 57 -4.18 17.33 -44.19
N PRO X 58 -4.69 17.62 -45.38
CA PRO X 58 -4.80 16.58 -46.40
C PRO X 58 -3.45 16.20 -46.97
N ASP X 59 -3.38 15.00 -47.53
CA ASP X 59 -2.13 14.47 -48.04
C ASP X 59 -1.69 15.07 -49.38
N ARG X 60 -2.45 16.01 -49.95
CA ARG X 60 -2.03 16.65 -51.18
C ARG X 60 -0.88 17.63 -50.95
N PHE X 61 -0.64 18.02 -49.70
CA PHE X 61 0.56 18.77 -49.34
C PHE X 61 1.71 17.80 -49.10
N VAL X 62 2.79 17.95 -49.87
CA VAL X 62 3.98 17.13 -49.68
C VAL X 62 5.17 18.07 -49.52
N GLY X 63 5.86 17.97 -48.40
CA GLY X 63 7.10 18.69 -48.20
C GLY X 63 8.28 17.79 -48.47
N SER X 64 9.34 18.36 -49.02
CA SER X 64 10.53 17.60 -49.36
C SER X 64 11.72 18.56 -49.38
N GLY X 65 12.90 18.00 -49.58
CA GLY X 65 14.11 18.79 -49.71
C GLY X 65 15.16 18.37 -48.70
N SER X 66 16.34 18.97 -48.87
CA SER X 66 17.49 18.66 -48.04
C SER X 66 18.50 19.79 -48.18
N GLY X 67 19.45 19.81 -47.24
CA GLY X 67 20.51 20.78 -47.24
C GLY X 67 20.02 22.20 -47.06
N THR X 68 20.08 22.98 -48.14
CA THR X 68 19.49 24.31 -48.15
C THR X 68 18.22 24.39 -48.98
N ASP X 69 17.96 23.40 -49.83
CA ASP X 69 16.89 23.49 -50.83
C ASP X 69 15.67 22.72 -50.34
N PHE X 70 14.54 23.42 -50.22
CA PHE X 70 13.32 22.79 -49.72
C PHE X 70 12.16 23.09 -50.66
N PHE X 71 11.35 22.07 -50.93
CA PHE X 71 10.19 22.15 -51.80
C PHE X 71 8.92 21.89 -51.01
N LEU X 72 7.87 22.63 -51.33
CA LEU X 72 6.51 22.34 -50.88
C LEU X 72 5.65 22.18 -52.11
N THR X 73 5.10 20.99 -52.32
CA THR X 73 4.32 20.67 -53.50
C THR X 73 2.86 20.48 -53.10
N ILE X 74 1.97 21.19 -53.79
CA ILE X 74 0.53 21.02 -53.61
C ILE X 74 -0.03 20.44 -54.89
N ASN X 75 -0.71 19.30 -54.77
CA ASN X 75 -1.31 18.61 -55.91
C ASN X 75 -2.81 18.81 -55.89
N LYS X 76 -3.38 19.11 -57.07
CA LYS X 76 -4.81 19.29 -57.27
C LYS X 76 -5.37 20.40 -56.38
N LEU X 77 -4.91 21.62 -56.69
CA LEU X 77 -5.22 22.81 -55.92
C LEU X 77 -6.72 23.06 -55.82
N ASP X 78 -7.12 23.68 -54.73
CA ASP X 78 -8.48 24.13 -54.50
C ASP X 78 -8.47 25.64 -54.34
N ARG X 79 -9.65 26.25 -54.46
CA ARG X 79 -9.77 27.70 -54.30
C ARG X 79 -9.51 28.13 -52.86
N GLU X 80 -9.74 27.24 -51.90
CA GLU X 80 -9.38 27.54 -50.51
C GLU X 80 -7.87 27.57 -50.31
N ASP X 81 -7.13 26.86 -51.16
CA ASP X 81 -5.69 26.76 -51.01
C ASP X 81 -4.94 27.96 -51.59
N PHE X 82 -5.64 28.89 -52.25
CA PHE X 82 -4.99 30.10 -52.75
C PHE X 82 -4.81 31.04 -51.58
N ALA X 83 -3.59 31.09 -51.05
CA ALA X 83 -3.31 31.85 -49.85
C ALA X 83 -1.83 32.23 -49.85
N VAL X 84 -1.34 32.67 -48.69
CA VAL X 84 0.07 32.99 -48.50
C VAL X 84 0.74 31.82 -47.80
N TYR X 85 2.00 31.56 -48.14
CA TYR X 85 2.75 30.45 -47.57
C TYR X 85 4.11 30.93 -47.09
N TYR X 86 4.45 30.61 -45.85
CA TYR X 86 5.71 31.02 -45.24
C TYR X 86 6.62 29.83 -44.98
N CYS X 87 7.92 30.07 -45.05
CA CYS X 87 8.94 29.12 -44.65
C CYS X 87 9.58 29.62 -43.35
N GLN X 88 9.86 28.70 -42.43
CA GLN X 88 10.35 29.08 -41.12
C GLN X 88 11.44 28.13 -40.61
N GLN X 89 12.57 28.73 -40.25
CA GLN X 89 13.63 28.09 -39.48
C GLN X 89 13.73 28.92 -38.21
N PHE X 90 14.35 28.38 -37.17
CA PHE X 90 13.91 28.37 -35.76
C PHE X 90 13.11 29.61 -35.40
N GLU X 91 13.69 30.80 -35.38
CA GLU X 91 12.93 32.02 -35.14
C GLU X 91 12.87 32.94 -36.36
N PHE X 92 13.49 32.56 -37.46
CA PHE X 92 13.55 33.42 -38.63
C PHE X 92 12.36 33.13 -39.56
N PHE X 93 12.15 34.01 -40.53
CA PHE X 93 11.00 33.86 -41.41
C PHE X 93 11.36 34.29 -42.81
N GLY X 94 10.66 33.70 -43.78
CA GLY X 94 10.66 34.24 -45.13
C GLY X 94 9.63 35.34 -45.29
N LEU X 95 9.61 35.93 -46.48
CA LEU X 95 8.67 37.02 -46.70
C LEU X 95 7.33 36.55 -47.24
N GLY X 96 7.17 35.25 -47.48
CA GLY X 96 5.88 34.71 -47.85
C GLY X 96 5.61 34.70 -49.35
N SER X 97 5.21 33.54 -49.86
CA SER X 97 4.89 33.40 -51.27
C SER X 97 3.38 33.50 -51.44
N GLU X 98 2.96 34.25 -52.46
CA GLU X 98 1.54 34.47 -52.72
C GLU X 98 1.07 33.55 -53.85
N LEU X 99 -0.05 32.87 -53.61
CA LEU X 99 -0.68 32.01 -54.60
C LEU X 99 -1.95 32.69 -55.08
N GLU X 100 -2.08 32.87 -56.39
CA GLU X 100 -3.14 33.68 -56.98
C GLU X 100 -3.87 32.89 -58.07
N VAL X 101 -5.16 33.21 -58.24
CA VAL X 101 -5.99 32.52 -59.23
C VAL X 101 -5.74 33.15 -60.59
N HIS X 102 -5.15 32.39 -61.50
CA HIS X 102 -4.85 32.88 -62.84
C HIS X 102 -6.10 33.06 -63.70
C1 NAG Y . 8.80 49.66 10.53
C2 NAG Y . 9.67 50.90 10.32
C3 NAG Y . 8.98 51.90 9.38
C4 NAG Y . 8.50 51.22 8.09
C5 NAG Y . 7.67 49.99 8.45
C6 NAG Y . 7.22 49.19 7.24
C7 NAG Y . 9.25 52.09 12.50
C8 NAG Y . 9.94 52.68 13.69
N2 NAG Y . 10.06 51.55 11.57
O3 NAG Y . 9.89 52.94 9.05
O4 NAG Y . 7.69 52.11 7.35
O5 NAG Y . 8.43 49.09 9.27
O6 NAG Y . 6.11 48.36 7.55
O7 NAG Y . 8.02 52.11 12.39
C1 NAG Y . 8.33 52.56 6.12
C2 NAG Y . 8.56 54.07 6.23
C3 NAG Y . 9.26 54.59 4.97
C4 NAG Y . 10.55 53.80 4.71
C5 NAG Y . 10.24 52.31 4.66
C6 NAG Y . 11.49 51.46 4.52
C7 NAG Y . 7.20 55.79 7.32
C8 NAG Y . 5.84 56.41 7.43
N2 NAG Y . 7.32 54.78 6.45
O3 NAG Y . 9.57 55.96 5.15
O4 NAG Y . 11.11 54.23 3.48
O5 NAG Y . 9.59 51.89 5.86
O6 NAG Y . 11.73 50.71 5.70
O7 NAG Y . 8.15 56.19 7.99
C1 NAG Z . 22.11 53.79 12.44
C2 NAG Z . 23.55 54.28 12.50
C3 NAG Z . 23.63 55.75 12.14
C4 NAG Z . 22.93 56.04 10.81
C5 NAG Z . 21.52 55.44 10.81
C6 NAG Z . 20.83 55.55 9.47
C7 NAG Z . 24.95 53.02 14.07
C8 NAG Z . 25.45 52.93 15.48
N2 NAG Z . 24.12 54.04 13.81
O3 NAG Z . 25.00 56.15 12.08
O4 NAG Z . 22.79 57.45 10.66
O5 NAG Z . 21.58 54.04 11.14
O6 NAG Z . 19.45 55.85 9.64
O7 NAG Z . 25.28 52.23 13.21
C1 NAG Z . 23.64 57.98 9.64
C2 NAG Z . 22.99 59.27 9.15
C3 NAG Z . 23.91 60.00 8.17
C4 NAG Z . 25.28 60.23 8.79
C5 NAG Z . 25.86 58.87 9.19
C6 NAG Z . 27.20 58.98 9.88
C7 NAG Z . 20.66 59.82 8.60
C8 NAG Z . 19.41 59.37 7.90
N2 NAG Z . 21.70 58.99 8.53
O3 NAG Z . 23.33 61.25 7.82
O4 NAG Z . 26.16 60.99 7.97
O5 NAG Z . 24.97 58.25 10.12
O6 NAG Z . 27.19 58.29 11.12
O7 NAG Z . 20.72 60.88 9.20
C1 BMA Z . 26.43 60.53 6.63
C2 BMA Z . 26.01 61.62 5.62
C3 BMA Z . 26.51 61.30 4.21
C4 BMA Z . 28.02 60.98 4.21
C5 BMA Z . 28.29 59.83 5.18
C6 BMA Z . 29.76 59.48 5.27
O2 BMA Z . 26.56 62.88 5.98
O3 BMA Z . 26.25 62.38 3.32
O4 BMA Z . 28.45 60.62 2.91
O5 BMA Z . 27.82 60.20 6.51
O6 BMA Z . 30.53 60.67 5.05
C1 MAN Z . 25.18 62.02 2.43
C2 MAN Z . 25.32 62.90 1.17
C3 MAN Z . 25.05 64.36 1.53
C4 MAN Z . 23.70 64.54 2.25
C5 MAN Z . 23.61 63.59 3.45
C6 MAN Z . 22.24 63.58 4.10
O2 MAN Z . 24.37 62.55 0.17
O3 MAN Z . 25.12 65.21 0.39
O4 MAN Z . 23.57 65.88 2.70
O5 MAN Z . 23.91 62.22 3.04
O6 MAN Z . 22.29 62.75 5.25
C1 NAG AA . 10.08 40.29 19.28
C2 NAG AA . 11.40 40.52 20.02
C3 NAG AA . 11.30 40.06 21.47
C4 NAG AA . 10.06 40.64 22.16
C5 NAG AA . 8.83 40.34 21.31
C6 NAG AA . 7.54 40.93 21.84
C7 NAG AA . 13.36 40.44 18.57
C8 NAG AA . 14.42 39.57 17.95
N2 NAG AA . 12.48 39.82 19.34
O3 NAG AA . 12.47 40.43 22.18
O4 NAG AA . 9.93 40.03 23.44
O5 NAG AA . 9.02 40.90 20.00
O6 NAG AA . 6.41 40.19 21.39
O7 NAG AA . 13.33 41.65 18.38
C1 NAG AA . 10.04 41.04 24.46
C2 NAG AA . 9.79 40.37 25.82
C3 NAG AA . 9.88 41.40 26.93
C4 NAG AA . 11.23 42.13 26.87
C5 NAG AA . 11.46 42.71 25.47
C6 NAG AA . 12.84 43.30 25.31
C7 NAG AA . 8.38 38.39 25.61
C8 NAG AA . 6.98 37.85 25.67
N2 NAG AA . 8.51 39.69 25.84
O3 NAG AA . 9.73 40.76 28.18
O4 NAG AA . 11.25 43.19 27.82
O5 NAG AA . 11.33 41.68 24.48
O6 NAG AA . 13.79 42.59 26.10
O7 NAG AA . 9.33 37.67 25.35
C1 NAG BA . -4.11 37.15 20.96
C2 NAG BA . -4.13 38.30 19.93
C3 NAG BA . -4.71 39.58 20.53
C4 NAG BA . -6.02 39.34 21.26
C5 NAG BA . -5.88 38.19 22.24
C6 NAG BA . -7.20 37.79 22.86
C7 NAG BA . -1.71 38.94 19.95
C8 NAG BA . -0.51 39.11 19.08
N2 NAG BA . -2.83 38.52 19.32
O3 NAG BA . -4.89 40.53 19.48
O4 NAG BA . -6.32 40.51 22.00
O5 NAG BA . -5.40 37.02 21.56
O6 NAG BA . -8.20 37.68 21.84
O7 NAG BA . -1.66 39.17 21.16
C1 NAG BA . -7.49 41.20 21.53
C2 NAG BA . -8.04 42.00 22.72
C3 NAG BA . -9.27 42.80 22.30
C4 NAG BA . -8.97 43.65 21.07
C5 NAG BA . -8.38 42.79 19.95
C6 NAG BA . -7.94 43.60 18.76
C7 NAG BA . -7.49 40.82 24.80
C8 NAG BA . -8.00 39.90 25.87
N2 NAG BA . -8.36 41.12 23.83
O3 NAG BA . -9.65 43.65 23.37
O4 NAG BA . -10.17 44.26 20.60
O5 NAG BA . -7.22 42.09 20.44
O6 NAG BA . -6.81 44.41 19.07
O7 NAG BA . -6.35 41.26 24.81
C1 NAG CA . 27.92 15.78 -31.48
C2 NAG CA . 27.41 16.91 -32.37
C3 NAG CA . 26.76 16.34 -33.63
C4 NAG CA . 27.68 15.33 -34.32
C5 NAG CA . 28.24 14.32 -33.33
C6 NAG CA . 29.32 13.44 -33.93
C7 NAG CA . 26.84 18.91 -31.07
C8 NAG CA . 25.76 19.67 -30.38
N2 NAG CA . 26.48 17.77 -31.65
O3 NAG CA . 26.44 17.39 -34.52
O4 NAG CA . 26.90 14.61 -35.28
O5 NAG CA . 28.84 14.98 -32.21
O6 NAG CA . 29.78 12.47 -32.99
O7 NAG CA . 28.00 19.31 -31.09
C1 NAG CA . 27.25 14.90 -36.65
C2 NAG CA . 26.12 14.35 -37.52
C3 NAG CA . 26.41 14.60 -38.99
C4 NAG CA . 26.65 16.08 -39.23
C5 NAG CA . 27.73 16.61 -38.30
C6 NAG CA . 27.90 18.11 -38.40
C7 NAG CA . 24.93 12.47 -36.48
C8 NAG CA . 24.86 10.98 -36.32
N2 NAG CA . 25.90 12.93 -37.26
O3 NAG CA . 25.32 14.13 -39.77
O4 NAG CA . 27.04 16.29 -40.58
O5 NAG CA . 27.41 16.31 -36.93
O6 NAG CA . 29.12 18.53 -37.79
O7 NAG CA . 24.14 13.21 -35.91
C1 NAG DA . 28.61 19.12 -1.81
C2 NAG DA . 27.52 19.57 -0.86
C3 NAG DA . 28.12 20.04 0.45
C4 NAG DA . 29.02 18.96 1.06
C5 NAG DA . 30.07 18.54 0.02
C6 NAG DA . 30.94 17.39 0.48
C7 NAG DA . 25.42 20.82 -1.13
C8 NAG DA . 24.74 21.95 -1.83
N2 NAG DA . 26.70 20.62 -1.45
O3 NAG DA . 27.09 20.37 1.38
O4 NAG DA . 29.67 19.47 2.21
O5 NAG DA . 29.42 18.11 -1.18
O6 NAG DA . 30.20 16.48 1.30
O7 NAG DA . 24.85 20.11 -0.31
C1 NAG DA . 29.14 18.84 3.38
C2 NAG DA . 30.02 19.24 4.56
C3 NAG DA . 29.48 18.63 5.85
C4 NAG DA . 28.01 18.97 6.05
C5 NAG DA . 27.21 18.64 4.80
C6 NAG DA . 25.78 19.15 4.86
C7 NAG DA . 32.41 19.70 4.30
C8 NAG DA . 33.76 19.11 4.07
N2 NAG DA . 31.39 18.83 4.33
O3 NAG DA . 30.26 19.12 6.93
O4 NAG DA . 27.49 18.21 7.12
O5 NAG DA . 27.80 19.25 3.64
O6 NAG DA . 25.74 20.57 4.90
O7 NAG DA . 32.24 20.90 4.47
C1 BMA DA . 27.22 19.01 8.28
C2 BMA DA . 26.52 18.08 9.29
C3 BMA DA . 26.35 18.77 10.64
C4 BMA DA . 27.63 19.46 11.13
C5 BMA DA . 28.26 20.32 10.03
C6 BMA DA . 29.65 20.77 10.42
O2 BMA DA . 27.30 16.93 9.51
O3 BMA DA . 25.97 17.80 11.61
O4 BMA DA . 27.32 20.28 12.24
O5 BMA DA . 28.40 19.55 8.83
O6 BMA DA . 30.26 19.70 11.15
C1 MAN DA . 24.66 18.11 12.11
C2 MAN DA . 24.59 17.55 13.54
C3 MAN DA . 24.62 16.02 13.50
C4 MAN DA . 23.56 15.45 12.52
C5 MAN DA . 23.76 16.07 11.14
C6 MAN DA . 22.72 15.64 10.15
O2 MAN DA . 23.35 17.89 14.17
O3 MAN DA . 24.44 15.46 14.79
O4 MAN DA . 23.70 14.05 12.42
O5 MAN DA . 23.68 17.53 11.27
O6 MAN DA . 22.57 14.23 10.27
C1 MAN DA . 31.36 19.15 10.40
C2 MAN DA . 30.99 17.72 9.96
C3 MAN DA . 30.89 16.82 11.19
C4 MAN DA . 32.16 16.89 12.06
C5 MAN DA . 32.46 18.37 12.40
C6 MAN DA . 33.79 18.52 13.10
O2 MAN DA . 32.01 17.15 9.15
O3 MAN DA . 30.64 15.46 10.83
O4 MAN DA . 31.98 16.16 13.25
O5 MAN DA . 32.53 19.14 11.18
O6 MAN DA . 34.79 18.07 12.20
C1 NAG EA . 36.66 28.97 0.89
C2 NAG EA . 37.74 30.02 0.73
C3 NAG EA . 39.13 29.38 0.85
C4 NAG EA . 39.22 28.54 2.13
C5 NAG EA . 38.05 27.58 2.24
C6 NAG EA . 37.98 26.86 3.56
C7 NAG EA . 37.23 31.99 -0.62
C8 NAG EA . 37.15 32.57 -2.00
N2 NAG EA . 37.62 30.73 -0.53
O3 NAG EA . 40.11 30.39 0.85
O4 NAG EA . 40.43 27.79 2.12
O5 NAG EA . 36.82 28.30 2.11
O6 NAG EA . 36.89 25.94 3.59
O7 NAG EA . 36.95 32.66 0.37
C1 NAG EA . 41.34 28.29 3.12
C2 NAG EA . 42.30 27.17 3.55
C3 NAG EA . 43.36 27.72 4.52
C4 NAG EA . 44.04 28.95 3.95
C5 NAG EA . 42.99 29.99 3.56
C6 NAG EA . 43.58 31.21 2.90
C7 NAG EA . 41.00 25.09 3.46
C8 NAG EA . 40.31 24.04 4.27
N2 NAG EA . 41.58 26.07 4.16
O3 NAG EA . 44.33 26.70 4.76
O4 NAG EA . 44.91 29.51 4.92
O5 NAG EA . 42.08 29.40 2.62
O6 NAG EA . 42.56 32.15 2.56
O7 NAG EA . 40.99 25.08 2.24
C1 NAG FA . 25.56 31.16 19.02
C2 NAG FA . 27.06 30.94 19.22
C3 NAG FA . 27.30 29.85 20.26
C4 NAG FA . 26.60 30.18 21.57
C5 NAG FA . 25.11 30.42 21.29
C6 NAG FA . 24.35 30.88 22.50
C7 NAG FA . 28.88 31.17 17.60
C8 NAG FA . 29.42 30.71 16.27
N2 NAG FA . 27.71 30.61 17.97
O3 NAG FA . 28.71 29.71 20.47
O4 NAG FA . 26.77 29.12 22.49
O5 NAG FA . 24.95 31.44 20.30
O6 NAG FA . 22.99 30.46 22.45
O7 NAG FA . 29.46 31.98 18.29
C1 NAG FA . 27.52 29.57 23.64
C2 NAG FA . 27.07 28.76 24.86
C3 NAG FA . 27.88 29.17 26.10
C4 NAG FA . 29.37 29.08 25.83
C5 NAG FA . 29.73 29.88 24.58
C6 NAG FA . 31.18 29.76 24.18
C7 NAG FA . 24.74 28.06 24.66
C8 NAG FA . 23.31 28.37 25.01
N2 NAG FA . 25.65 28.92 25.11
O3 NAG FA . 27.52 28.32 27.19
O4 NAG FA . 30.09 29.58 26.94
O5 NAG FA . 28.95 29.43 23.46
O6 NAG FA . 31.31 29.61 22.78
O7 NAG FA . 25.04 27.08 23.99
C1 NAG GA . 20.37 42.04 -14.03
C2 NAG GA . 19.37 42.02 -12.90
C3 NAG GA . 18.53 43.28 -12.93
C4 NAG GA . 19.40 44.53 -12.92
C5 NAG GA . 20.46 44.44 -14.01
C6 NAG GA . 21.49 45.54 -13.96
C7 NAG GA . 18.59 39.88 -12.03
C8 NAG GA . 17.66 38.72 -12.24
N2 NAG GA . 18.54 40.83 -12.96
O3 NAG GA . 17.65 43.25 -11.81
O4 NAG GA . 18.60 45.68 -13.17
O5 NAG GA . 21.18 43.20 -13.93
O6 NAG GA . 21.48 46.22 -12.71
O7 NAG GA . 19.35 39.93 -11.07
C1 NAG GA . 18.28 46.41 -11.97
C2 NAG GA . 18.01 47.86 -12.35
C3 NAG GA . 17.61 48.67 -11.11
C4 NAG GA . 16.45 48.01 -10.39
C5 NAG GA . 16.77 46.54 -10.11
C6 NAG GA . 15.61 45.77 -9.52
C7 NAG GA . 19.32 48.50 -14.33
C8 NAG GA . 20.57 49.14 -14.83
N2 NAG GA . 19.16 48.46 -13.00
O3 NAG GA . 17.29 49.98 -11.53
O4 NAG GA . 16.20 48.64 -9.14
O5 NAG GA . 17.13 45.87 -11.32
O6 NAG GA . 15.98 44.43 -9.24
O7 NAG GA . 18.48 48.02 -15.08
C1 BMA GA . 15.13 49.63 -9.16
C2 BMA GA . 13.77 48.96 -9.46
C3 BMA GA . 12.69 50.03 -9.48
C4 BMA GA . 12.67 50.83 -8.16
C5 BMA GA . 14.08 51.38 -7.83
C6 BMA GA . 14.17 51.98 -6.44
O2 BMA GA . 13.43 48.07 -8.42
O3 BMA GA . 11.41 49.46 -9.70
O4 BMA GA . 11.77 51.91 -8.29
O5 BMA GA . 15.05 50.30 -7.91
O6 BMA GA . 12.85 52.30 -6.00
C1 NAG HA . 22.18 41.51 -7.84
C2 NAG HA . 20.89 42.24 -7.45
C3 NAG HA . 20.83 43.64 -8.08
C4 NAG HA . 22.12 44.43 -7.83
C5 NAG HA . 23.31 43.59 -8.27
C6 NAG HA . 24.64 44.25 -7.98
C7 NAG HA . 18.55 41.51 -7.26
C8 NAG HA . 17.49 40.61 -7.82
N2 NAG HA . 19.74 41.45 -7.87
O3 NAG HA . 19.72 44.35 -7.54
O4 NAG HA . 22.11 45.60 -8.62
O5 NAG HA . 23.30 42.34 -7.57
O6 NAG HA . 25.63 43.28 -7.66
O7 NAG HA . 18.34 42.24 -6.29
C1 NAG HA . 21.87 46.87 -7.97
C2 NAG HA . 22.32 47.93 -9.00
C3 NAG HA . 21.96 49.33 -8.53
C4 NAG HA . 20.46 49.41 -8.27
C5 NAG HA . 20.15 48.43 -7.14
C6 NAG HA . 18.68 48.41 -6.78
C7 NAG HA . 24.23 47.79 -10.51
C8 NAG HA . 25.71 47.71 -10.64
N2 NAG HA . 23.74 47.83 -9.28
O3 NAG HA . 22.33 50.25 -9.56
O4 NAG HA . 19.95 50.73 -8.07
O5 NAG HA . 20.49 47.11 -7.56
O6 NAG HA . 18.09 47.14 -7.04
O7 NAG HA . 23.49 47.79 -11.50
C1 BMA HA . 20.58 51.61 -7.14
C2 BMA HA . 20.99 52.88 -7.93
C3 BMA HA . 21.32 54.04 -6.99
C4 BMA HA . 20.20 54.27 -6.00
C5 BMA HA . 20.04 52.99 -5.16
C6 BMA HA . 18.93 53.11 -4.13
O2 BMA HA . 19.90 53.34 -8.73
O3 BMA HA . 21.58 55.23 -7.72
O4 BMA HA . 20.51 55.35 -5.15
O5 BMA HA . 19.70 51.88 -6.06
O6 BMA HA . 18.85 54.46 -3.71
C1 MAN HA . 22.96 55.59 -7.52
C2 MAN HA . 23.02 57.11 -7.20
C3 MAN HA . 22.66 57.89 -8.47
C4 MAN HA . 23.53 57.47 -9.67
C5 MAN HA . 23.41 55.96 -9.89
C6 MAN HA . 24.33 55.45 -10.98
O2 MAN HA . 24.34 57.52 -6.87
O3 MAN HA . 22.76 59.29 -8.26
O4 MAN HA . 23.11 58.16 -10.83
O5 MAN HA . 23.75 55.26 -8.66
O6 MAN HA . 25.67 55.55 -10.50
C1 NAG IA . 33.71 36.07 1.81
C2 NAG IA . 34.00 35.73 3.25
C3 NAG IA . 33.70 36.92 4.13
C4 NAG IA . 34.46 38.16 3.63
C5 NAG IA . 34.24 38.37 2.14
C6 NAG IA . 35.14 39.43 1.55
C7 NAG IA . 33.77 33.32 3.65
C8 NAG IA . 32.87 32.23 4.15
N2 NAG IA . 33.25 34.56 3.68
O3 NAG IA . 34.05 36.59 5.47
O4 NAG IA . 34.01 39.32 4.31
O5 NAG IA . 34.50 37.17 1.41
O6 NAG IA . 35.90 38.92 0.47
O7 NAG IA . 34.90 33.10 3.25
C1 NAG IA . 34.99 39.68 5.30
C2 NAG IA . 34.98 41.17 5.57
C3 NAG IA . 35.98 41.51 6.67
C4 NAG IA . 35.66 40.69 7.93
C5 NAG IA . 35.58 39.20 7.59
C6 NAG IA . 35.06 38.38 8.74
C7 NAG IA . 36.29 42.01 3.58
C8 NAG IA . 36.22 42.95 2.43
N2 NAG IA . 35.20 41.98 4.37
O3 NAG IA . 35.91 42.91 6.92
O4 NAG IA . 36.69 40.82 8.90
O5 NAG IA . 34.67 38.98 6.50
O6 NAG IA . 33.66 38.18 8.63
O7 NAG IA . 37.27 41.29 3.78
C1 BMA IA . 36.32 41.79 9.90
C2 BMA IA . 36.64 41.25 11.30
C3 BMA IA . 36.59 42.38 12.33
C4 BMA IA . 37.36 43.65 11.84
C5 BMA IA . 36.90 44.04 10.43
C6 BMA IA . 37.78 45.09 9.85
O2 BMA IA . 37.95 40.74 11.34
O3 BMA IA . 37.12 41.90 13.58
O4 BMA IA . 37.17 44.77 12.68
O5 BMA IA . 37.06 42.92 9.59
O6 BMA IA . 39.12 44.62 9.99
C1 MAN IA . 36.45 42.42 14.76
C2 MAN IA . 37.26 41.88 15.95
C3 MAN IA . 36.98 40.38 16.12
C4 MAN IA . 35.48 40.10 16.27
C5 MAN IA . 34.74 40.64 15.05
C6 MAN IA . 33.23 40.57 15.22
O2 MAN IA . 36.89 42.52 17.17
O3 MAN IA . 37.69 39.83 17.22
O4 MAN IA . 35.27 38.71 16.35
O5 MAN IA . 35.07 42.05 14.83
O6 MAN IA . 32.86 41.59 16.14
C1 MAN IA . 38.09 43.07 17.74
C2 MAN IA . 37.81 43.35 19.25
C3 MAN IA . 36.99 44.60 19.35
C4 MAN IA . 37.79 45.77 18.77
C5 MAN IA . 37.90 45.53 17.26
C6 MAN IA . 38.72 46.59 16.56
O2 MAN IA . 38.99 43.73 19.90
O3 MAN IA . 36.66 44.87 20.70
O4 MAN IA . 37.15 47.02 19.03
O5 MAN IA . 38.56 44.24 17.03
O6 MAN IA . 38.64 47.81 17.31
C1 MAN IA . 39.52 42.63 20.65
C2 MAN IA . 40.16 43.24 21.89
C3 MAN IA . 41.28 44.20 21.46
C4 MAN IA . 42.29 43.49 20.52
C5 MAN IA . 41.55 42.80 19.35
C6 MAN IA . 42.43 41.92 18.50
O2 MAN IA . 40.80 42.24 22.67
O3 MAN IA . 41.95 44.76 22.58
O4 MAN IA . 43.19 44.45 19.99
O5 MAN IA . 40.47 41.96 19.88
O6 MAN IA . 41.69 41.52 17.35
C1 MAN IA . 40.06 45.56 9.44
C2 MAN IA . 41.33 44.76 9.16
C3 MAN IA . 41.94 44.30 10.48
C4 MAN IA . 42.12 45.48 11.48
C5 MAN IA . 40.79 46.23 11.65
C6 MAN IA . 40.92 47.49 12.49
O2 MAN IA . 42.33 45.57 8.57
O3 MAN IA . 43.18 43.68 10.26
O4 MAN IA . 42.55 44.99 12.73
O5 MAN IA . 40.29 46.63 10.35
O6 MAN IA . 41.34 48.54 11.65
C1 MAN IA . 43.06 42.32 10.72
C2 MAN IA . 44.33 42.01 11.57
C3 MAN IA . 45.55 41.85 10.66
C4 MAN IA . 45.27 40.84 9.54
C5 MAN IA . 44.05 41.31 8.73
C6 MAN IA . 43.66 40.35 7.64
O2 MAN IA . 44.20 40.75 12.25
O3 MAN IA . 46.69 41.47 11.40
O4 MAN IA . 46.40 40.74 8.69
O5 MAN IA . 42.91 41.44 9.62
O6 MAN IA . 44.83 39.70 7.17
C1 MAN IA . 42.46 49.19 12.29
C2 MAN IA . 42.45 50.70 11.86
C3 MAN IA . 42.93 50.85 10.40
C4 MAN IA . 44.24 50.08 10.13
C5 MAN IA . 44.07 48.61 10.54
C6 MAN IA . 45.35 47.81 10.39
O2 MAN IA . 43.36 51.47 12.65
O3 MAN IA . 43.09 52.22 10.05
O4 MAN IA . 44.56 50.15 8.76
O5 MAN IA . 43.68 48.55 11.95
O6 MAN IA . 45.02 46.44 10.18
C1 NAG JA . 36.81 19.21 -5.42
C2 NAG JA . 36.44 18.20 -4.31
C3 NAG JA . 37.69 17.48 -3.76
C4 NAG JA . 38.55 16.95 -4.89
C5 NAG JA . 38.85 18.09 -5.87
C6 NAG JA . 39.70 17.65 -7.03
C7 NAG JA . 36.10 19.79 -2.39
C8 NAG JA . 35.10 20.21 -1.35
N2 NAG JA . 35.67 18.82 -3.23
O3 NAG JA . 37.31 16.42 -2.90
O4 NAG JA . 39.76 16.40 -4.39
O5 NAG JA . 37.62 18.57 -6.40
O6 NAG JA . 39.62 18.58 -8.10
O7 NAG JA . 37.19 20.33 -2.48
C1 NAG JA . 39.75 14.96 -4.53
C2 NAG JA . 41.19 14.43 -4.45
C3 NAG JA . 41.20 12.91 -4.51
C4 NAG JA . 40.30 12.32 -3.43
C5 NAG JA . 38.90 12.91 -3.55
C6 NAG JA . 37.97 12.49 -2.44
C7 NAG JA . 42.76 16.09 -5.33
C8 NAG JA . 43.56 16.54 -6.52
N2 NAG JA . 42.02 15.00 -5.51
O3 NAG JA . 42.53 12.43 -4.35
O4 NAG JA . 40.25 10.92 -3.55
O5 NAG JA . 38.96 14.35 -3.50
O6 NAG JA . 37.10 13.57 -2.07
O7 NAG JA . 42.79 16.70 -4.27
C1 NAG KA . 18.34 19.74 -33.93
C2 NAG KA . 17.30 19.44 -34.99
C3 NAG KA . 16.76 18.02 -34.81
C4 NAG KA . 17.89 17.00 -34.82
C5 NAG KA . 18.98 17.40 -33.81
C6 NAG KA . 20.23 16.55 -33.92
C7 NAG KA . 15.64 20.82 -36.11
C8 NAG KA . 14.49 21.77 -35.95
N2 NAG KA . 16.20 20.38 -34.98
O3 NAG KA . 15.81 17.73 -35.83
O4 NAG KA . 17.38 15.74 -34.41
O5 NAG KA . 19.39 18.77 -34.01
O6 NAG KA . 20.29 15.86 -35.17
O7 NAG KA . 16.05 20.47 -37.21
C1 NAG KA . 17.16 14.78 -35.47
C2 NAG KA . 16.95 13.41 -34.81
C3 NAG KA . 16.58 12.36 -35.85
C4 NAG KA . 15.36 12.82 -36.64
C5 NAG KA . 15.67 14.16 -37.30
C6 NAG KA . 14.50 14.73 -38.07
C7 NAG KA . 18.33 13.28 -32.79
C8 NAG KA . 19.62 12.79 -32.20
N2 NAG KA . 18.14 13.01 -34.09
O3 NAG KA . 16.30 11.14 -35.18
O4 NAG KA . 14.86 11.88 -37.58
O5 NAG KA . 16.00 15.12 -36.28
O6 NAG KA . 14.79 16.02 -38.57
O7 NAG KA . 17.50 13.89 -32.13
C1 BMA KA . 15.81 11.19 -38.42
C2 BMA KA . 15.21 9.79 -38.71
C3 BMA KA . 15.22 9.51 -40.21
C4 BMA KA . 16.58 9.84 -40.87
C5 BMA KA . 17.07 11.25 -40.46
C6 BMA KA . 17.34 12.13 -41.65
O2 BMA KA . 13.85 9.72 -38.27
O3 BMA KA . 14.16 10.19 -40.88
O4 BMA KA . 17.55 8.86 -40.51
O5 BMA KA . 16.07 11.88 -39.64
O6 BMA KA . 16.11 12.31 -42.34
C1 MAN KA . 13.62 9.34 -41.92
C2 MAN KA . 13.74 10.08 -43.31
C3 MAN KA . 12.63 11.10 -43.50
C4 MAN KA . 11.26 10.48 -43.21
C5 MAN KA . 11.26 10.00 -41.76
C6 MAN KA . 9.94 9.39 -41.33
O2 MAN KA . 13.61 9.17 -44.39
O3 MAN KA . 12.65 11.68 -44.80
O4 MAN KA . 10.23 11.43 -43.41
O5 MAN KA . 12.26 8.97 -41.61
O6 MAN KA . 10.01 8.00 -41.57
C1 NAG LA . -41.68 29.99 4.74
C2 NAG LA . -43.12 30.31 4.29
C3 NAG LA . -44.15 29.83 5.32
C4 NAG LA . -43.90 28.38 5.72
C5 NAG LA . -42.44 28.19 6.12
C6 NAG LA . -42.08 26.76 6.45
C7 NAG LA . -43.17 32.78 4.81
C8 NAG LA . -43.43 34.12 4.20
N2 NAG LA . -43.31 31.73 3.97
O3 NAG LA . -45.46 29.99 4.79
O4 NAG LA . -44.73 28.03 6.83
O5 NAG LA . -41.58 28.60 5.06
O6 NAG LA . -40.76 26.67 6.97
O7 NAG LA . -42.86 32.66 6.00
C1 NAG LA . -45.78 27.11 6.47
C2 NAG LA . -47.13 27.81 6.67
C3 NAG LA . -48.28 26.88 6.30
C4 NAG LA . -48.10 26.35 4.88
C5 NAG LA . -46.73 25.70 4.73
C6 NAG LA . -46.43 25.29 3.31
C7 NAG LA . -47.76 29.48 8.35
C8 NAG LA . -47.84 29.82 9.81
N2 NAG LA . -47.27 28.28 8.04
O3 NAG LA . -49.51 27.58 6.41
O4 NAG LA . -49.12 25.40 4.59
O5 NAG LA . -45.69 26.62 5.10
O6 NAG LA . -45.33 26.01 2.77
O7 NAG LA . -48.14 30.26 7.48
C1 NAG MA . -48.52 33.68 -6.96
C2 NAG MA . -49.34 33.98 -8.21
C3 NAG MA . -50.80 34.22 -7.83
C4 NAG MA . -51.35 33.10 -6.97
C5 NAG MA . -50.41 32.80 -5.80
C6 NAG MA . -50.80 31.58 -5.01
C7 NAG MA . -48.07 35.01 -10.03
C8 NAG MA . -47.61 36.30 -10.65
N2 NAG MA . -48.82 35.13 -8.92
O3 NAG MA . -51.57 34.36 -9.02
O4 NAG MA . -52.59 33.51 -6.41
O5 NAG MA . -49.08 32.57 -6.28
O6 NAG MA . -50.72 31.83 -3.61
O7 NAG MA . -47.79 33.92 -10.50
C1 NAG MA . -53.71 32.81 -6.98
C2 NAG MA . -54.83 32.90 -5.93
C3 NAG MA . -56.13 32.33 -6.49
C4 NAG MA . -56.49 33.03 -7.80
C5 NAG MA . -55.34 32.84 -8.78
C6 NAG MA . -55.57 33.56 -10.09
C7 NAG MA . -54.81 32.59 -3.49
C8 NAG MA . -54.32 31.74 -2.36
N2 NAG MA . -54.44 32.20 -4.72
O3 NAG MA . -57.17 32.51 -5.54
O4 NAG MA . -57.75 32.61 -8.32
O5 NAG MA . -54.15 33.40 -8.21
O6 NAG MA . -54.47 34.39 -10.43
O7 NAG MA . -55.52 33.57 -3.32
C1 BMA MA . -57.96 31.21 -8.58
C2 BMA MA . -59.20 30.74 -7.76
C3 BMA MA . -59.64 29.34 -8.20
C4 BMA MA . -59.83 29.26 -9.72
C5 BMA MA . -58.52 29.66 -10.41
C6 BMA MA . -58.64 29.64 -11.93
O2 BMA MA . -60.30 31.60 -7.97
O3 BMA MA . -60.85 28.99 -7.54
O4 BMA MA . -60.18 27.95 -10.11
O5 BMA MA . -58.14 31.00 -9.99
O6 BMA MA . -60.00 29.87 -12.29
C1 MAN MA . -60.58 28.01 -6.52
C2 MAN MA . -61.88 27.22 -6.28
C3 MAN MA . -62.93 28.13 -5.63
C4 MAN MA . -62.38 28.84 -4.37
C5 MAN MA . -61.07 29.57 -4.71
C6 MAN MA . -60.38 30.16 -3.50
O2 MAN MA . -61.68 26.13 -5.38
O3 MAN MA . -64.13 27.43 -5.31
O4 MAN MA . -63.33 29.77 -3.90
O5 MAN MA . -60.13 28.63 -5.33
O6 MAN MA . -59.18 30.79 -3.93
C1 NAG NA . -30.58 34.23 0.01
C2 NAG NA . -30.88 35.04 -1.26
C3 NAG NA . -29.88 36.17 -1.43
C4 NAG NA . -29.74 37.00 -0.16
C5 NAG NA . -29.45 36.08 1.02
C6 NAG NA . -29.38 36.79 2.36
C7 NAG NA . -31.98 33.64 -2.94
C8 NAG NA . -31.78 32.76 -4.14
N2 NAG NA . -30.87 34.17 -2.42
O3 NAG NA . -30.27 36.99 -2.51
O4 NAG NA . -28.67 37.92 -0.33
O5 NAG NA . -30.50 35.11 1.13
O6 NAG NA . -28.57 36.07 3.27
O7 NAG NA . -33.09 33.86 -2.47
C1 NAG NA . -29.16 39.29 -0.26
C2 NAG NA . -27.97 40.22 -0.39
C3 NAG NA . -28.44 41.68 -0.31
C4 NAG NA . -29.52 41.94 -1.36
C5 NAG NA . -30.65 40.92 -1.24
C6 NAG NA . -31.66 41.04 -2.36
C7 NAG NA . -25.93 39.15 0.44
C8 NAG NA . -25.00 38.98 1.61
N2 NAG NA . -26.98 39.96 0.64
O3 NAG NA . -27.33 42.55 -0.52
O4 NAG NA . -30.05 43.24 -1.19
O5 NAG NA . -30.12 39.58 -1.30
O6 NAG NA . -31.03 41.41 -3.57
O7 NAG NA . -25.74 38.59 -0.63
C1 NAG OA . -22.86 33.90 12.48
C2 NAG OA . -24.25 33.48 12.98
C3 NAG OA . -24.92 34.57 13.81
C4 NAG OA . -23.99 35.14 14.87
C5 NAG OA . -22.65 35.53 14.26
C6 NAG OA . -21.64 35.93 15.30
C7 NAG OA . -25.57 33.79 10.86
C8 NAG OA . -26.46 33.09 9.88
N2 NAG OA . -25.12 33.05 11.88
O3 NAG OA . -26.09 34.04 14.42
O4 NAG OA . -24.58 36.32 15.39
O5 NAG OA . -22.09 34.40 13.58
O6 NAG OA . -21.64 35.00 16.37
O7 NAG OA . -25.28 34.98 10.71
C1 NAG OA . -25.02 36.17 16.75
C2 NAG OA . -25.10 37.57 17.33
C3 NAG OA . -25.61 37.52 18.78
C4 NAG OA . -26.92 36.74 18.85
C5 NAG OA . -26.77 35.37 18.21
C6 NAG OA . -28.06 34.60 18.14
C7 NAG OA . -23.43 39.04 16.28
C8 NAG OA . -22.07 39.62 16.38
N2 NAG OA . -23.80 38.23 17.28
O3 NAG OA . -25.82 38.85 19.24
O4 NAG OA . -27.31 36.58 20.22
O5 NAG OA . -26.30 35.52 16.86
O6 NAG OA . -28.97 35.21 17.23
O7 NAG OA . -24.19 39.28 15.34
C1 NAG PA . -34.59 -21.65 -18.95
C2 NAG PA . -35.74 -22.03 -18.03
C3 NAG PA . -35.50 -23.43 -17.46
C4 NAG PA . -35.21 -24.44 -18.56
C5 NAG PA . -34.16 -23.93 -19.54
C6 NAG PA . -34.02 -24.80 -20.77
C7 NAG PA . -36.79 -20.06 -17.01
C8 NAG PA . -36.81 -19.14 -15.83
N2 NAG PA . -35.89 -21.05 -16.96
O3 NAG PA . -36.64 -23.82 -16.72
O4 NAG PA . -34.71 -25.62 -17.94
O5 NAG PA . -34.49 -22.60 -20.01
O6 NAG PA . -32.93 -24.38 -21.58
O7 NAG PA . -37.53 -19.90 -17.98
C1 NAG PA . -35.59 -26.75 -18.02
C2 NAG PA . -35.09 -27.76 -16.99
C3 NAG PA . -35.96 -29.01 -17.02
C4 NAG PA . -37.43 -28.64 -16.80
C5 NAG PA . -37.86 -27.56 -17.81
C6 NAG PA . -39.26 -27.05 -17.55
C7 NAG PA . -32.70 -27.66 -16.44
C8 NAG PA . -31.32 -28.12 -16.81
N2 NAG PA . -33.70 -28.10 -17.22
O3 NAG PA . -35.54 -29.92 -16.01
O4 NAG PA . -38.25 -29.78 -16.95
O5 NAG PA . -36.98 -26.43 -17.75
O6 NAG PA . -39.71 -26.22 -18.60
O7 NAG PA . -32.92 -26.92 -15.48
C1 NAG QA . -26.06 6.83 -21.64
C2 NAG QA . -25.79 7.87 -20.57
C3 NAG QA . -25.85 9.27 -21.15
C4 NAG QA . -24.92 9.40 -22.36
C5 NAG QA . -25.24 8.30 -23.37
C6 NAG QA . -24.30 8.29 -24.55
C7 NAG QA . -26.43 8.04 -18.22
C8 NAG QA . -27.52 7.86 -17.20
N2 NAG QA . -26.73 7.73 -19.47
O3 NAG QA . -25.48 10.21 -20.16
O4 NAG QA . -25.10 10.67 -22.96
O5 NAG QA . -25.15 7.02 -22.73
O6 NAG QA . -22.99 8.66 -24.17
O7 NAG QA . -25.32 8.46 -17.90
C1 NAG QA . -23.94 11.49 -22.75
C2 NAG QA . -24.09 12.75 -23.58
C3 NAG QA . -22.89 13.67 -23.37
C4 NAG QA . -22.69 13.95 -21.88
C5 NAG QA . -22.65 12.65 -21.07
C6 NAG QA . -22.66 12.89 -19.58
C7 NAG QA . -25.31 12.76 -25.69
C8 NAG QA . -25.32 12.34 -27.13
N2 NAG QA . -24.24 12.42 -24.99
O3 NAG QA . -23.11 14.88 -24.07
O4 NAG QA . -21.43 14.61 -21.70
O5 NAG QA . -23.80 11.86 -21.36
O6 NAG QA . -23.82 13.63 -19.18
O7 NAG QA . -26.25 13.38 -25.19
C1 BMA QA . -21.59 16.00 -21.34
C2 BMA QA . -20.19 16.49 -20.93
C3 BMA QA . -20.16 18.02 -20.77
C4 BMA QA . -20.90 18.77 -21.89
C5 BMA QA . -22.27 18.14 -22.18
C6 BMA QA . -22.89 18.74 -23.42
O2 BMA QA . -19.23 16.18 -21.93
O3 BMA QA . -18.82 18.48 -20.75
O4 BMA QA . -21.09 20.12 -21.52
O5 BMA QA . -22.09 16.74 -22.43
O6 BMA QA . -21.86 18.96 -24.36
C1 MAN QA . -18.52 19.05 -19.48
C2 MAN QA . -17.47 20.14 -19.73
C3 MAN QA . -16.16 19.50 -20.21
C4 MAN QA . -15.70 18.35 -19.27
C5 MAN QA . -16.85 17.35 -19.08
C6 MAN QA . -16.53 16.27 -18.10
O2 MAN QA . -17.12 20.83 -18.53
O3 MAN QA . -15.12 20.45 -20.35
O4 MAN QA . -14.60 17.68 -19.82
O5 MAN QA . -18.03 18.06 -18.61
O6 MAN QA . -15.18 15.88 -18.31
C1 MAN QA . -22.05 18.11 -25.51
C2 MAN QA . -20.89 17.09 -25.57
C3 MAN QA . -19.58 17.83 -25.85
C4 MAN QA . -19.68 18.73 -27.09
C5 MAN QA . -20.89 19.69 -26.95
C6 MAN QA . -21.15 20.47 -28.20
O2 MAN QA . -21.05 16.20 -26.66
O3 MAN QA . -18.49 16.92 -26.01
O4 MAN QA . -18.50 19.51 -27.22
O5 MAN QA . -22.08 18.90 -26.69
O6 MAN QA . -21.29 19.55 -29.27
C1 NAG RA . -35.95 13.43 -26.73
C2 NAG RA . -37.25 13.72 -27.48
C3 NAG RA . -37.03 13.60 -28.98
C4 NAG RA . -35.86 14.46 -29.44
C5 NAG RA . -34.62 14.13 -28.60
C6 NAG RA . -33.44 15.04 -28.88
C7 NAG RA . -39.29 13.23 -26.23
C8 NAG RA . -40.31 12.18 -25.87
N2 NAG RA . -38.31 12.84 -27.04
O3 NAG RA . -38.22 14.01 -29.65
O4 NAG RA . -35.57 14.21 -30.81
O5 NAG RA . -34.93 14.28 -27.21
O6 NAG RA . -32.31 14.66 -28.12
O7 NAG RA . -39.35 14.37 -25.78
C1 NAG RA . -35.91 15.35 -31.62
C2 NAG RA . -35.06 15.33 -32.89
C3 NAG RA . -35.48 16.47 -33.83
C4 NAG RA . -36.98 16.46 -34.08
C5 NAG RA . -37.72 16.47 -32.74
C6 NAG RA . -39.22 16.35 -32.89
C7 NAG RA . -32.88 14.37 -32.29
C8 NAG RA . -31.44 14.66 -32.00
N2 NAG RA . -33.64 15.43 -32.59
O3 NAG RA . -34.78 16.32 -35.06
O4 NAG RA . -37.35 17.60 -34.83
O5 NAG RA . -37.30 15.35 -31.95
O6 NAG RA . -39.86 16.47 -31.64
O7 NAG RA . -33.34 13.24 -32.24
C1 NAG SA . -27.32 30.70 -17.39
C2 NAG SA . -27.51 30.80 -18.89
C3 NAG SA . -26.24 31.32 -19.56
C4 NAG SA . -25.83 32.65 -18.95
C5 NAG SA . -25.68 32.49 -17.44
C6 NAG SA . -25.40 33.79 -16.71
C7 NAG SA . -28.99 29.33 -20.19
C8 NAG SA . -29.22 27.94 -20.70
N2 NAG SA . -27.88 29.51 -19.46
O3 NAG SA . -26.46 31.47 -20.96
O4 NAG SA . -24.59 33.08 -19.52
O5 NAG SA . -26.90 31.98 -16.88
O6 NAG SA . -24.66 33.56 -15.52
O7 NAG SA . -29.77 30.25 -20.43
C1 NAG SA . -24.76 34.33 -20.23
C2 NAG SA . -23.44 35.10 -20.18
C3 NAG SA . -23.56 36.41 -20.96
C4 NAG SA . -24.04 36.15 -22.38
C5 NAG SA . -25.35 35.35 -22.34
C6 NAG SA . -25.84 34.97 -23.72
C7 NAG SA . -22.24 34.54 -18.11
C8 NAG SA . -21.91 34.98 -16.72
N2 NAG SA . -23.03 35.36 -18.80
O3 NAG SA . -22.28 37.05 -20.99
O4 NAG SA . -24.26 37.39 -23.05
O5 NAG SA . -25.15 34.13 -21.61
O6 NAG SA . -26.31 33.62 -23.73
O7 NAG SA . -21.82 33.49 -18.59
C1 NAG TA . -48.31 4.45 -5.68
C2 NAG TA . -47.53 5.47 -4.90
C3 NAG TA . -48.34 5.95 -3.70
C4 NAG TA . -49.71 6.46 -4.15
C5 NAG TA . -50.40 5.41 -5.03
C6 NAG TA . -51.65 5.93 -5.69
C7 NAG TA . -45.09 5.51 -4.86
C8 NAG TA . -43.84 4.85 -4.34
N2 NAG TA . -46.24 4.96 -4.48
O3 NAG TA . -47.60 6.97 -3.05
O4 NAG TA . -50.54 6.71 -3.02
O5 NAG TA . -49.54 4.99 -6.10
O6 NAG TA . -51.65 7.36 -5.76
O7 NAG TA . -45.04 6.48 -5.60
C1 NAG TA . -50.62 8.13 -2.71
C2 NAG TA . -51.95 8.45 -2.06
C3 NAG TA . -52.00 9.92 -1.62
C4 NAG TA . -50.80 10.27 -0.75
C5 NAG TA . -49.52 9.88 -1.47
C6 NAG TA . -48.27 10.08 -0.64
C7 NAG TA . -53.65 6.96 -3.00
C8 NAG TA . -54.81 6.84 -3.95
N2 NAG TA . -53.07 8.16 -2.94
O3 NAG TA . -53.22 10.13 -0.91
O4 NAG TA . -50.75 11.67 -0.49
O5 NAG TA . -49.55 8.49 -1.82
O6 NAG TA . -47.11 10.16 -1.47
O7 NAG TA . -53.26 6.01 -2.32
C1 BMA TA . -51.30 12.08 0.80
C2 BMA TA . -50.46 11.50 1.96
C3 BMA TA . -51.08 11.94 3.27
C4 BMA TA . -51.21 13.47 3.35
C5 BMA TA . -51.94 14.03 2.11
C6 BMA TA . -51.90 15.55 2.03
O2 BMA TA . -49.15 12.05 1.93
O3 BMA TA . -50.32 11.47 4.37
O4 BMA TA . -51.94 13.81 4.52
O5 BMA TA . -51.33 13.51 0.91
O6 BMA TA . -51.49 16.08 3.29
C1 NAG UA . -45.91 9.93 -8.33
C2 NAG UA . -46.01 10.59 -6.95
C3 NAG UA . -47.46 10.58 -6.44
C4 NAG UA . -48.43 11.14 -7.49
C5 NAG UA . -48.23 10.40 -8.80
C6 NAG UA . -49.07 10.96 -9.92
C7 NAG UA . -44.58 10.52 -4.96
C8 NAG UA . -43.71 9.66 -4.10
N2 NAG UA . -45.14 9.92 -6.01
O3 NAG UA . -47.53 11.37 -5.26
O4 NAG UA . -49.76 10.92 -7.07
O5 NAG UA . -46.86 10.51 -9.22
O6 NAG UA . -48.30 11.10 -11.11
O7 NAG UA . -44.80 11.70 -4.71
C1 NAG UA . -50.52 12.06 -6.59
C2 NAG UA . -51.98 11.61 -6.60
C3 NAG UA . -52.88 12.64 -5.93
C4 NAG UA . -52.37 12.91 -4.52
C5 NAG UA . -50.97 13.51 -4.63
C6 NAG UA . -50.37 13.83 -3.29
C7 NAG UA . -53.09 10.19 -8.25
C8 NAG UA . -53.52 10.06 -9.67
N2 NAG UA . -52.45 11.33 -7.94
O3 NAG UA . -54.21 12.13 -5.90
O4 NAG UA . -53.26 13.65 -3.68
O5 NAG UA . -50.13 12.54 -5.27
O6 NAG UA . -49.14 13.11 -3.10
O7 NAG UA . -53.32 9.33 -7.41
C1 BMA UA . -53.87 14.87 -4.12
C2 BMA UA . -55.40 14.67 -4.04
C3 BMA UA . -56.13 15.99 -4.11
C4 BMA UA . -55.60 16.96 -3.07
C5 BMA UA . -54.13 17.23 -3.40
C6 BMA UA . -53.47 18.19 -2.42
O2 BMA UA . -55.75 14.10 -2.79
O3 BMA UA . -57.54 15.82 -3.94
O4 BMA UA . -56.32 18.17 -3.09
O5 BMA UA . -53.39 15.97 -3.34
O6 BMA UA . -54.47 19.09 -1.94
C1 MAN UA . -58.18 16.23 -5.16
C2 MAN UA . -59.38 17.14 -4.79
C3 MAN UA . -60.50 16.29 -4.17
C4 MAN UA . -60.88 15.11 -5.08
C5 MAN UA . -59.63 14.26 -5.34
C6 MAN UA . -59.88 13.12 -6.31
O2 MAN UA . -59.96 17.73 -5.96
O3 MAN UA . -61.65 17.09 -3.91
O4 MAN UA . -61.86 14.31 -4.43
O5 MAN UA . -58.59 15.09 -5.93
O6 MAN UA . -60.17 13.68 -7.58
C1 NAG VA . -40.91 17.07 -21.76
C2 NAG VA . -40.14 18.23 -22.33
C3 NAG VA . -40.72 19.53 -21.81
C4 NAG VA . -42.22 19.62 -22.11
C5 NAG VA . -42.92 18.36 -21.63
C6 NAG VA . -44.36 18.27 -22.08
C7 NAG VA . -37.83 17.63 -22.88
C8 NAG VA . -36.41 17.60 -22.40
N2 NAG VA . -38.72 18.13 -22.01
O3 NAG VA . -40.00 20.61 -22.42
O4 NAG VA . -42.81 20.72 -21.44
O5 NAG VA . -42.27 17.18 -22.13
O6 NAG VA . -44.53 17.23 -23.04
O7 NAG VA . -38.16 17.22 -23.98
C1 NAG VA . -43.00 21.79 -22.39
C2 NAG VA . -44.21 22.62 -22.03
C3 NAG VA . -44.34 23.81 -22.99
C4 NAG VA . -43.05 24.62 -22.99
C5 NAG VA . -41.85 23.72 -23.26
C6 NAG VA . -40.53 24.44 -23.07
C7 NAG VA . -46.06 21.18 -22.95
C8 NAG VA . -47.33 20.49 -22.58
N2 NAG VA . -45.45 21.85 -21.96
O3 NAG VA . -45.46 24.59 -22.58
O4 NAG VA . -43.06 25.60 -24.03
O5 NAG VA . -41.83 22.61 -22.35
O6 NAG VA . -39.94 24.09 -21.82
O7 NAG VA . -45.60 21.11 -24.09
C1 BMA VA . -43.43 26.89 -23.52
C2 BMA VA . -42.51 27.96 -24.12
C3 BMA VA . -43.13 29.36 -23.96
C4 BMA VA . -44.62 29.38 -24.36
C5 BMA VA . -45.38 28.28 -23.61
C6 BMA VA . -46.79 28.15 -24.09
O2 BMA VA . -42.38 27.76 -25.52
O3 BMA VA . -42.36 30.30 -24.72
O4 BMA VA . -45.24 30.61 -24.08
O5 BMA VA . -44.77 27.04 -23.90
O6 BMA VA . -46.70 28.09 -25.51
C1 MAN VA . -42.16 31.57 -24.07
C2 MAN VA . -41.45 32.47 -25.12
C3 MAN VA . -39.99 32.02 -25.28
C4 MAN VA . -39.25 31.98 -23.94
C5 MAN VA . -39.99 31.07 -22.97
C6 MAN VA . -39.42 31.13 -21.58
O2 MAN VA . -41.44 33.83 -24.72
O3 MAN VA . -39.29 32.84 -26.21
O4 MAN VA . -37.95 31.47 -24.14
O5 MAN VA . -41.38 31.46 -22.86
O6 MAN VA . -39.95 32.29 -20.95
C1 MAN VA . -42.06 34.58 -25.78
C2 MAN VA . -41.63 36.06 -25.63
C3 MAN VA . -42.37 36.67 -24.47
C4 MAN VA . -43.86 36.64 -24.79
C5 MAN VA . -44.30 35.17 -24.79
C6 MAN VA . -45.76 35.00 -25.15
O2 MAN VA . -42.08 36.83 -26.71
O3 MAN VA . -41.95 38.00 -24.23
O4 MAN VA . -44.61 37.35 -23.81
O5 MAN VA . -43.50 34.43 -25.79
O6 MAN VA . -46.47 36.17 -24.76
C1 MAN VA . -41.00 37.11 -27.60
C2 MAN VA . -41.26 38.51 -28.13
C3 MAN VA . -42.61 38.52 -28.84
C4 MAN VA . -42.70 37.43 -29.94
C5 MAN VA . -42.26 36.05 -29.37
C6 MAN VA . -42.06 35.01 -30.46
O2 MAN VA . -40.31 38.87 -29.12
O3 MAN VA . -42.91 39.79 -29.40
O4 MAN VA . -44.04 37.34 -30.41
O5 MAN VA . -41.00 36.18 -28.64
O6 MAN VA . -41.79 33.76 -29.82
C1 MAN VA . -48.01 28.01 -26.11
C2 MAN VA . -47.78 27.47 -27.54
C3 MAN VA . -47.07 28.53 -28.39
C4 MAN VA . -47.78 29.91 -28.30
C5 MAN VA . -47.96 30.33 -26.84
C6 MAN VA . -48.75 31.60 -26.65
O2 MAN VA . -49.00 27.23 -28.21
O3 MAN VA . -46.99 28.11 -29.72
O4 MAN VA . -47.00 30.88 -28.97
O5 MAN VA . -48.66 29.26 -26.12
O6 MAN VA . -50.13 31.29 -26.70
C1 MAN VA . -45.60 28.02 -30.08
C2 MAN VA . -45.40 28.72 -31.45
C3 MAN VA . -45.99 27.87 -32.57
C4 MAN VA . -45.45 26.44 -32.52
C5 MAN VA . -45.79 25.82 -31.14
C6 MAN VA . -45.21 24.43 -30.98
O2 MAN VA . -44.02 28.86 -31.77
O3 MAN VA . -45.74 28.45 -33.85
O4 MAN VA . -46.05 25.66 -33.55
O5 MAN VA . -45.20 26.64 -30.11
O6 MAN VA . -45.16 23.81 -32.25
C1 MAN VA . -50.76 32.21 -27.64
C2 MAN VA . -52.23 32.44 -27.17
C3 MAN VA . -53.10 31.21 -27.45
C4 MAN VA . -52.93 30.68 -28.89
C5 MAN VA . -51.44 30.44 -29.19
C6 MAN VA . -51.18 30.02 -30.62
O2 MAN VA . -52.84 33.52 -27.89
O3 MAN VA . -54.48 31.47 -27.19
O4 MAN VA . -53.64 29.46 -29.05
O5 MAN VA . -50.71 31.67 -28.96
O6 MAN VA . -50.00 29.21 -30.66
C1 NAG WA . -30.01 3.70 -29.08
C2 NAG WA . -28.59 4.32 -29.12
C3 NAG WA . -28.12 4.58 -30.57
C4 NAG WA . -28.34 3.34 -31.43
C5 NAG WA . -29.79 2.90 -31.32
C6 NAG WA . -30.12 1.68 -32.13
C7 NAG WA . -29.14 6.69 -28.51
C8 NAG WA . -28.80 7.78 -27.54
N2 NAG WA . -28.49 5.53 -28.31
O3 NAG WA . -26.74 4.94 -30.61
O4 NAG WA . -28.01 3.61 -32.79
O5 NAG WA . -30.06 2.58 -29.95
O6 NAG WA . -31.39 1.15 -31.78
O7 NAG WA . -29.97 6.86 -29.39
C1 NAG WA . -26.81 2.91 -33.18
C2 NAG WA . -26.76 2.81 -34.70
C3 NAG WA . -25.46 2.16 -35.16
C4 NAG WA . -24.26 2.90 -34.58
C5 NAG WA . -24.40 2.98 -33.05
C6 NAG WA . -23.32 3.81 -32.40
C7 NAG WA . -29.03 2.68 -35.64
C8 NAG WA . -30.10 1.77 -36.15
N2 NAG WA . -27.91 2.08 -35.23
O3 NAG WA . -25.38 2.15 -36.58
O4 NAG WA . -23.05 2.23 -34.92
O5 NAG WA . -25.64 3.59 -32.71
O6 NAG WA . -23.86 4.55 -31.31
O7 NAG WA . -29.16 3.90 -35.59
C1 NAG XA . -36.14 -22.67 -8.49
C2 NAG XA . -35.97 -23.77 -7.46
C3 NAG XA . -34.50 -24.19 -7.39
C4 NAG XA . -33.97 -24.58 -8.77
C5 NAG XA . -34.29 -23.48 -9.79
C6 NAG XA . -33.98 -23.89 -11.22
C7 NAG XA . -37.02 -24.23 -5.33
C8 NAG XA . -37.41 -23.70 -3.99
N2 NAG XA . -36.43 -23.36 -6.15
O3 NAG XA . -34.37 -25.28 -6.48
O4 NAG XA . -32.55 -24.67 -8.68
O5 NAG XA . -35.67 -23.12 -9.76
O6 NAG XA . -33.76 -25.29 -11.34
O7 NAG XA . -37.22 -25.40 -5.65
C1 NAG XA . -32.02 -26.01 -8.60
C2 NAG XA . -30.51 -25.93 -8.81
C3 NAG XA . -29.85 -27.30 -8.62
C4 NAG XA . -30.21 -27.85 -7.26
C5 NAG XA . -31.73 -27.95 -7.14
C6 NAG XA . -32.18 -28.43 -5.78
C7 NAG XA . -29.96 -24.08 -10.33
C8 NAG XA . -29.65 -23.70 -11.74
N2 NAG XA . -30.20 -25.39 -10.13
O3 NAG XA . -28.44 -27.14 -8.74
O4 NAG XA . -29.59 -29.10 -6.95
O5 NAG XA . -32.30 -26.65 -7.33
O6 NAG XA . -33.60 -28.43 -5.69
O7 NAG XA . -29.99 -23.27 -9.42
C1 BMA XA . -29.59 -30.12 -7.98
C2 BMA XA . -28.30 -30.93 -7.80
C3 BMA XA . -28.62 -32.43 -7.76
C4 BMA XA . -29.57 -32.86 -8.91
C5 BMA XA . -30.81 -31.92 -8.98
C6 BMA XA . -32.11 -32.66 -8.86
O2 BMA XA . -27.66 -30.63 -6.57
O3 BMA XA . -29.18 -32.82 -6.50
O4 BMA XA . -28.88 -32.85 -10.15
O5 BMA XA . -30.73 -30.96 -7.91
O6 BMA XA . -32.18 -33.21 -7.56
C1 MAN XA . -28.68 -34.12 -6.14
C2 MAN XA . -29.90 -35.09 -5.91
C3 MAN XA . -30.53 -34.88 -4.52
C4 MAN XA . -29.46 -34.92 -3.44
C5 MAN XA . -28.46 -33.79 -3.71
C6 MAN XA . -27.37 -33.70 -2.67
O2 MAN XA . -29.50 -36.46 -5.94
O3 MAN XA . -31.54 -35.84 -4.26
O4 MAN XA . -30.04 -34.75 -2.17
O5 MAN XA . -27.82 -34.03 -4.98
O6 MAN XA . -26.24 -34.38 -3.18
C1 NAG YA . -11.47 15.57 47.68
C2 NAG YA . -11.47 15.22 49.18
C3 NAG YA . -10.34 15.96 49.91
C4 NAG YA . -9.01 15.77 49.21
C5 NAG YA . -9.13 16.12 47.72
C6 NAG YA . -7.87 15.86 46.94
C7 NAG YA . -13.42 16.63 49.93
C8 NAG YA . -14.74 16.56 50.64
N2 NAG YA . -12.77 15.46 49.81
O3 NAG YA . -10.28 15.47 51.25
O4 NAG YA . -8.03 16.61 49.80
O5 NAG YA . -10.17 15.33 47.13
O6 NAG YA . -7.95 16.46 45.65
O7 NAG YA . -12.97 17.70 49.50
C1 NAG YA . -7.05 15.88 50.58
C2 NAG YA . -7.16 16.34 52.03
C3 NAG YA . -6.19 15.56 52.92
C4 NAG YA . -6.36 14.07 52.74
C5 NAG YA . -6.24 13.70 51.26
C6 NAG YA . -6.53 12.24 50.99
C7 NAG YA . -7.69 18.55 52.95
C8 NAG YA . -7.34 20.01 52.96
N2 NAG YA . -6.96 17.77 52.16
O3 NAG YA . -6.40 15.91 54.28
O4 NAG YA . -5.36 13.38 53.47
O5 NAG YA . -7.20 14.44 50.50
O6 NAG YA . -7.66 12.07 50.15
O7 NAG YA . -8.60 18.10 53.65
C1 NAG ZA . -17.21 6.16 56.50
C2 NAG ZA . -17.65 5.10 57.49
C3 NAG ZA . -17.26 5.51 58.91
C4 NAG ZA . -15.79 5.90 59.00
C5 NAG ZA . -15.43 6.89 57.90
C6 NAG ZA . -13.95 7.19 57.83
C7 NAG ZA . -19.61 3.78 56.84
C8 NAG ZA . -21.10 3.70 56.85
N2 NAG ZA . -19.08 4.87 57.41
O3 NAG ZA . -17.54 4.43 59.81
O4 NAG ZA . -15.57 6.57 60.24
O5 NAG ZA . -15.81 6.36 56.62
O6 NAG ZA . -13.73 8.55 57.47
O7 NAG ZA . -18.91 2.91 56.36
C1 NAG ZA . -14.86 5.77 61.19
C2 NAG ZA . -14.16 6.76 62.14
C3 NAG ZA . -13.53 6.01 63.32
C4 NAG ZA . -14.54 5.11 64.00
C5 NAG ZA . -15.11 4.15 62.97
C6 NAG ZA . -16.20 3.25 63.53
C7 NAG ZA . -12.86 8.80 61.75
C8 NAG ZA . -11.81 9.45 60.89
N2 NAG ZA . -13.18 7.54 61.42
O3 NAG ZA . -13.01 6.96 64.25
O4 NAG ZA . -14.01 4.45 65.15
O5 NAG ZA . -15.73 4.91 61.92
O6 NAG ZA . -17.40 3.37 62.78
O7 NAG ZA . -13.39 9.38 62.69
C1 BMA ZA . -12.84 3.63 64.98
C2 BMA ZA . -11.71 4.14 65.93
C3 BMA ZA . -10.53 3.17 65.93
C4 BMA ZA . -10.98 1.73 66.22
C5 BMA ZA . -12.06 1.32 65.20
C6 BMA ZA . -12.61 -0.07 65.48
O2 BMA ZA . -12.19 4.22 67.26
O3 BMA ZA . -9.57 3.58 66.89
O4 BMA ZA . -9.89 0.84 66.14
O5 BMA ZA . -13.16 2.26 65.24
O6 BMA ZA . -12.51 -0.34 66.88
C1 MAN ZA . -8.39 4.05 66.20
C2 MAN ZA . -7.21 3.90 67.18
C3 MAN ZA . -7.41 4.85 68.37
C4 MAN ZA . -7.63 6.31 67.90
C5 MAN ZA . -8.78 6.37 66.87
C6 MAN ZA . -8.91 7.75 66.23
O2 MAN ZA . -5.97 4.28 66.58
O3 MAN ZA . -6.33 4.79 69.29
O4 MAN ZA . -7.95 7.12 69.02
O5 MAN ZA . -8.55 5.40 65.80
O6 MAN ZA . -10.09 7.76 65.44
C1 NAG AB . -20.45 13.08 38.89
C2 NAG AB . -21.59 12.28 39.55
C3 NAG AB . -22.93 12.62 38.89
C4 NAG AB . -23.15 14.13 38.79
C5 NAG AB . -21.94 14.77 38.12
C6 NAG AB . -22.00 16.28 38.01
C7 NAG AB . -20.66 10.18 40.36
C8 NAG AB . -20.48 8.71 40.09
N2 NAG AB . -21.34 10.86 39.44
O3 NAG AB . -23.98 12.02 39.63
O4 NAG AB . -24.32 14.38 38.02
O5 NAG AB . -20.77 14.46 38.89
O6 NAG AB . -21.16 16.76 36.97
O7 NAG AB . -20.21 10.71 41.37
C1 NAG AB . -25.31 14.99 38.88
C2 NAG AB . -26.52 15.35 38.04
C3 NAG AB . -27.57 16.03 38.93
C4 NAG AB . -27.92 15.13 40.10
C5 NAG AB . -26.66 14.70 40.86
C6 NAG AB . -26.95 13.66 41.91
C7 NAG AB . -25.92 15.73 35.69
C8 NAG AB . -25.56 16.74 34.65
N2 NAG AB . -26.16 16.21 36.92
O3 NAG AB . -28.73 16.31 38.15
O4 NAG AB . -28.79 15.82 41.00
O5 NAG AB . -25.70 14.12 39.96
O6 NAG AB . -27.91 12.73 41.44
O7 NAG AB . -25.98 14.53 35.45
C1 NAG BB . -17.77 24.57 30.21
C2 NAG BB . -16.74 24.79 31.34
C3 NAG BB . -17.13 25.98 32.23
C4 NAG BB . -17.46 27.22 31.39
C5 NAG BB . -18.46 26.88 30.30
C6 NAG BB . -18.68 28.02 29.34
C7 NAG BB . -17.42 22.96 32.92
C8 NAG BB . -16.90 21.75 33.65
N2 NAG BB . -16.51 23.59 32.15
O3 NAG BB . -16.05 26.26 33.12
O4 NAG BB . -18.06 28.17 32.26
O5 NAG BB . -17.98 25.79 29.51
O6 NAG BB . -17.42 28.53 28.91
O7 NAG BB . -18.60 23.32 33.03
C1 NAG BB . -17.25 29.34 32.47
C2 NAG BB . -18.20 30.49 32.85
C3 NAG BB . -17.40 31.75 33.15
C4 NAG BB . -16.31 31.49 34.18
C5 NAG BB . -15.45 30.32 33.74
C6 NAG BB . -14.43 29.91 34.78
C7 NAG BB . -20.36 30.12 31.75
C8 NAG BB . -21.24 30.49 30.59
N2 NAG BB . -19.17 30.72 31.79
O3 NAG BB . -18.29 32.75 33.65
O4 NAG BB . -15.49 32.64 34.32
O5 NAG BB . -16.28 29.15 33.51
O6 NAG BB . -15.06 29.30 35.91
O7 NAG BB . -20.71 29.31 32.59
C1 NAG CB . 21.95 -27.05 28.78
C2 NAG CB . 22.99 -26.39 29.66
C3 NAG CB . 24.35 -26.40 28.97
C4 NAG CB . 24.72 -27.80 28.51
C5 NAG CB . 23.56 -28.51 27.78
C6 NAG CB . 23.81 -29.98 27.58
C7 NAG CB . 21.96 -24.71 31.12
C8 NAG CB . 21.64 -23.25 31.31
N2 NAG CB . 22.60 -25.02 29.99
O3 NAG CB . 25.34 -25.91 29.85
O4 NAG CB . 25.80 -27.69 27.56
O5 NAG CB . 22.34 -28.40 28.53
O6 NAG CB . 22.97 -30.51 26.56
O7 NAG CB . 21.64 -25.55 31.95
C1 NAG CB . 27.05 -28.19 28.05
C2 NAG CB . 28.13 -27.58 27.16
C3 NAG CB . 29.50 -28.07 27.59
C4 NAG CB . 29.73 -27.78 29.08
C5 NAG CB . 28.59 -28.35 29.91
C6 NAG CB . 28.69 -27.95 31.36
C7 NAG CB . 27.49 -26.94 24.88
C8 NAG CB . 27.30 -27.42 23.47
N2 NAG CB . 27.89 -27.87 25.76
O3 NAG CB . 30.51 -27.43 26.82
O4 NAG CB . 30.96 -28.35 29.50
O5 NAG CB . 27.32 -27.88 29.44
O6 NAG CB . 27.60 -28.49 32.12
O7 NAG CB . 27.30 -25.79 25.21
C1 NAG DB . -6.53 -17.70 29.30
C2 NAG DB . -7.04 -16.28 29.11
C3 NAG DB . -8.49 -16.17 29.59
C4 NAG DB . -9.35 -17.21 28.90
C5 NAG DB . -8.75 -18.60 29.10
C6 NAG DB . -9.48 -19.69 28.34
C7 NAG DB . -5.94 -14.11 29.34
C8 NAG DB . -5.08 -13.24 30.20
N2 NAG DB . -6.21 -15.32 29.83
O3 NAG DB . -8.96 -14.86 29.32
O4 NAG DB . -10.66 -17.18 29.45
O5 NAG DB . -7.40 -18.62 28.62
O6 NAG DB . -9.94 -19.22 27.09
O7 NAG DB . -6.37 -13.74 28.26
C1 NAG DB . -11.57 -16.66 28.46
C2 NAG DB . -12.98 -16.94 28.95
C3 NAG DB . -14.00 -16.36 27.99
C4 NAG DB . -13.74 -14.89 27.72
C5 NAG DB . -12.28 -14.68 27.30
C6 NAG DB . -11.91 -13.22 27.16
C7 NAG DB . -13.35 -18.93 30.34
C8 NAG DB . -13.55 -20.41 30.34
N2 NAG DB . -13.19 -18.36 29.13
O3 NAG DB . -15.31 -16.53 28.54
O4 NAG DB . -14.58 -14.44 26.67
O5 NAG DB . -11.40 -15.25 28.27
O6 NAG DB . -11.95 -12.56 28.42
O7 NAG DB . -13.33 -18.27 31.36
C1 BMA DB . -15.61 -13.54 27.15
C2 BMA DB . -16.37 -13.04 25.91
C3 BMA DB . -17.60 -12.23 26.32
C4 BMA DB . -18.44 -12.92 27.41
C5 BMA DB . -17.56 -13.42 28.57
C6 BMA DB . -18.35 -14.32 29.49
O2 BMA DB . -16.85 -14.13 25.14
O3 BMA DB . -18.43 -12.01 25.19
O4 BMA DB . -19.41 -12.03 27.90
O5 BMA DB . -16.48 -14.20 28.05
O6 BMA DB . -19.27 -15.07 28.70
C1 MAN DB . -18.51 -10.61 24.92
C2 MAN DB . -19.87 -10.37 24.25
C3 MAN DB . -19.88 -11.04 22.87
C4 MAN DB . -18.64 -10.62 22.03
C5 MAN DB . -17.37 -10.89 22.82
C6 MAN DB . -16.13 -10.41 22.11
O2 MAN DB . -20.10 -8.98 24.00
O3 MAN DB . -21.07 -10.75 22.15
O4 MAN DB . -18.60 -11.36 20.82
O5 MAN DB . -17.45 -10.20 24.09
O6 MAN DB . -16.24 -10.77 20.74
C1 MAN DB . -18.90 -16.47 28.72
C2 MAN DB . -18.41 -16.86 27.30
C3 MAN DB . -19.56 -16.80 26.31
C4 MAN DB . -20.78 -17.62 26.81
C5 MAN DB . -21.16 -17.17 28.22
C6 MAN DB . -22.23 -18.05 28.82
O2 MAN DB . -17.95 -18.21 27.27
O3 MAN DB . -19.18 -17.24 25.02
O4 MAN DB . -21.88 -17.43 25.93
O5 MAN DB . -20.01 -17.26 29.09
O6 MAN DB . -21.71 -19.37 28.87
C1 NAG EB . -11.20 -19.82 40.80
C2 NAG EB . -11.37 -20.41 42.19
C3 NAG EB . -11.90 -21.84 42.09
C4 NAG EB . -13.17 -21.89 41.23
C5 NAG EB . -12.93 -21.20 39.89
C6 NAG EB . -14.19 -21.04 39.07
C7 NAG EB . -9.93 -19.60 43.98
C8 NAG EB . -8.58 -19.69 44.63
N2 NAG EB . -10.12 -20.38 42.93
O3 NAG EB . -12.18 -22.30 43.40
O4 NAG EB . -13.53 -23.24 41.01
O5 NAG EB . -12.42 -19.88 40.10
O6 NAG EB . -13.93 -20.34 37.86
O7 NAG EB . -10.80 -18.85 44.41
C1 NAG EB . -14.76 -23.52 41.69
C2 NAG EB . -15.47 -24.70 41.01
C3 NAG EB . -16.70 -25.11 41.81
C4 NAG EB . -16.37 -25.32 43.28
C5 NAG EB . -15.67 -24.09 43.83
C6 NAG EB . -15.23 -24.24 45.27
C7 NAG EB . -15.01 -24.38 38.60
C8 NAG EB . -15.60 -24.01 37.28
N2 NAG EB . -15.85 -24.36 39.64
O3 NAG EB . -17.23 -26.32 41.26
O4 NAG EB . -17.57 -25.54 44.02
O5 NAG EB . -14.50 -23.84 43.05
O6 NAG EB . -14.63 -23.04 45.75
O7 NAG EB . -13.83 -24.68 38.74
C1 NAG FB . -25.14 -4.06 36.68
C2 NAG FB . -25.78 -5.40 37.03
C3 NAG FB . -26.86 -5.74 36.01
C4 NAG FB . -27.88 -4.61 35.90
C5 NAG FB . -27.16 -3.31 35.60
C6 NAG FB . -28.08 -2.10 35.61
C7 NAG FB . -24.80 -7.38 38.06
C8 NAG FB . -23.70 -8.41 37.99
N2 NAG FB . -24.79 -6.46 37.10
O3 NAG FB . -27.50 -6.96 36.40
O4 NAG FB . -28.81 -4.91 34.86
O5 NAG FB . -26.16 -3.06 36.59
O6 NAG FB . -27.69 -1.14 34.64
O7 NAG FB . -25.64 -7.40 38.95
C1 NAG FB . -30.14 -5.07 35.41
C2 NAG FB . -31.15 -4.69 34.32
C3 NAG FB . -32.57 -4.89 34.84
C4 NAG FB . -32.76 -6.30 35.37
C5 NAG FB . -31.68 -6.62 36.41
C6 NAG FB . -31.73 -8.07 36.88
C7 NAG FB . -30.25 -3.02 32.77
C8 NAG FB . -30.15 -1.56 32.44
N2 NAG FB . -30.95 -3.33 33.87
O3 NAG FB . -33.50 -4.63 33.80
O4 NAG FB . -34.05 -6.43 35.98
O5 NAG FB . -30.38 -6.42 35.84
O6 NAG FB . -30.47 -8.69 36.73
O7 NAG FB . -29.72 -3.89 32.08
C1 NAG GB . 8.21 -4.67 47.82
C2 NAG GB . 7.42 -3.49 47.27
C3 NAG GB . 7.72 -2.25 48.09
C4 NAG GB . 7.48 -2.50 49.58
C5 NAG GB . 8.23 -3.76 50.02
C6 NAG GB . 7.91 -4.19 51.43
C7 NAG GB . 6.80 -3.36 44.91
C8 NAG GB . 7.27 -3.10 43.51
N2 NAG GB . 7.72 -3.27 45.87
O3 NAG GB . 6.87 -1.20 47.61
O4 NAG GB . 7.98 -1.40 50.33
O5 NAG GB . 7.89 -4.88 49.18
O6 NAG GB . 6.80 -3.49 51.97
O7 NAG GB . 5.62 -3.62 45.16
C1 NAG GB . 6.96 -0.46 50.75
C2 NAG GB . 7.46 0.25 52.00
C3 NAG GB . 6.43 1.28 52.46
C4 NAG GB . 6.10 2.25 51.33
C5 NAG GB . 5.68 1.47 50.08
C6 NAG GB . 5.48 2.33 48.87
C7 NAG GB . 8.95 -1.20 53.29
C8 NAG GB . 9.07 -2.17 54.43
N2 NAG GB . 7.73 -0.71 53.06
O3 NAG GB . 6.96 1.96 53.59
O4 NAG GB . 5.01 3.10 51.70
O5 NAG GB . 6.70 0.51 49.73
O6 NAG GB . 4.84 1.62 47.81
O7 NAG GB . 9.92 -0.86 52.61
C1 BMA GB . 5.39 4.41 52.18
C2 BMA GB . 6.10 5.22 51.06
C3 BMA GB . 6.47 6.59 51.61
C4 BMA GB . 5.23 7.32 52.17
C5 BMA GB . 4.50 6.44 53.21
C6 BMA GB . 3.17 7.02 53.65
O2 BMA GB . 5.21 5.46 50.00
O3 BMA GB . 7.09 7.39 50.63
O4 BMA GB . 5.63 8.52 52.79
O5 BMA GB . 4.24 5.13 52.64
O6 BMA GB . 3.10 8.39 53.27
C1 NAG HB . 1.79 -4.65 47.39
C2 NAG HB . 1.88 -3.11 47.47
C3 NAG HB . 2.56 -2.66 48.77
C4 NAG HB . 1.97 -3.35 50.00
C5 NAG HB . 1.99 -4.85 49.78
C6 NAG HB . 1.37 -5.64 50.90
C7 NAG HB . 2.47 -1.37 45.84
C8 NAG HB . 3.30 -1.03 44.64
N2 NAG HB . 2.59 -2.60 46.31
O3 NAG HB . 2.41 -1.25 48.91
O4 NAG HB . 2.77 -3.09 51.13
O5 NAG HB . 1.24 -5.16 48.59
O6 NAG HB . 0.89 -6.90 50.44
O7 NAG HB . 1.72 -0.54 46.36
C1 NAG HB . 2.23 -2.20 52.13
C2 NAG HB . 3.07 -2.44 53.39
C3 NAG HB . 2.74 -1.44 54.48
C4 NAG HB . 2.95 -0.03 53.94
C5 NAG HB . 1.98 0.18 52.79
C6 NAG HB . 2.09 1.55 52.16
C7 NAG HB . 3.91 -4.57 54.25
C8 NAG HB . 3.56 -5.94 54.75
N2 NAG HB . 2.89 -3.80 53.89
O3 NAG HB . 3.60 -1.68 55.59
O4 NAG HB . 2.92 1.01 54.92
O5 NAG HB . 2.28 -0.78 51.76
O6 NAG HB . 2.33 1.46 50.77
O7 NAG HB . 5.08 -4.18 54.17
C1 BMA HB . 1.85 1.08 55.87
C2 BMA HB . 2.52 1.03 57.27
C3 BMA HB . 1.55 1.46 58.35
C4 BMA HB . 0.92 2.80 58.02
C5 BMA HB . 0.16 2.66 56.70
C6 BMA HB . -0.50 3.96 56.27
O2 BMA HB . 3.60 1.95 57.33
O3 BMA HB . 2.20 1.52 59.61
O4 BMA HB . 0.04 3.19 59.05
O5 BMA HB . 1.08 2.25 55.66
O6 BMA HB . -0.81 4.73 57.42
C1 MAN HB . 1.62 0.53 60.47
C2 MAN HB . 1.35 1.19 61.83
C3 MAN HB . 2.68 1.50 62.51
C4 MAN HB . 3.56 0.25 62.62
C5 MAN HB . 3.77 -0.35 61.21
C6 MAN HB . 4.52 -1.68 61.25
O2 MAN HB . 0.67 0.29 62.71
O3 MAN HB . 2.48 2.08 63.80
O4 MAN HB . 4.82 0.59 63.18
O5 MAN HB . 2.48 -0.60 60.59
O6 MAN HB . 3.67 -2.66 61.81
C1 NAG IB . -11.05 -14.28 46.03
C2 NAG IB . -12.51 -14.24 45.66
C3 NAG IB . -13.23 -13.23 46.54
C4 NAG IB . -12.99 -13.54 48.01
C5 NAG IB . -11.50 -13.73 48.30
C6 NAG IB . -11.23 -14.28 49.68
C7 NAG IB . -12.87 -14.86 43.32
C8 NAG IB . -13.04 -14.38 41.91
N2 NAG IB . -12.69 -13.92 44.24
O3 NAG IB . -14.61 -13.27 46.21
O4 NAG IB . -13.45 -12.47 48.83
O5 NAG IB . -10.92 -14.66 47.38
O6 NAG IB . -10.41 -15.44 49.62
O7 NAG IB . -12.89 -16.05 43.60
C1 NAG IB . -14.69 -12.86 49.43
C2 NAG IB . -14.89 -12.14 50.75
C3 NAG IB . -16.24 -12.50 51.36
C4 NAG IB . -17.36 -12.24 50.35
C5 NAG IB . -17.05 -12.89 49.00
C6 NAG IB . -18.01 -12.45 47.92
C7 NAG IB . -13.39 -13.48 52.26
C8 NAG IB . -12.24 -13.38 53.20
N2 NAG IB . -13.79 -12.33 51.70
O3 NAG IB . -16.41 -11.75 52.55
O4 NAG IB . -18.58 -12.83 50.80
O5 NAG IB . -15.74 -12.52 48.54
O6 NAG IB . -17.49 -11.35 47.19
O7 NAG IB . -13.92 -14.57 52.00
C1 BMA IB . -19.41 -11.85 51.43
C2 BMA IB . -20.86 -12.04 51.00
C3 BMA IB . -21.77 -11.16 51.88
C4 BMA IB . -21.47 -11.36 53.39
C5 BMA IB . -19.96 -11.25 53.68
C6 BMA IB . -19.63 -11.75 55.04
O2 BMA IB . -21.27 -13.37 51.22
O3 BMA IB . -23.13 -11.45 51.56
O4 BMA IB . -22.12 -10.41 54.20
O5 BMA IB . -19.26 -12.10 52.79
O6 BMA IB . -20.21 -13.05 55.13
C1 MAN IB . -23.99 -10.29 51.57
C2 MAN IB . -25.40 -10.83 51.24
C3 MAN IB . -25.50 -11.12 49.74
C4 MAN IB . -25.16 -9.89 48.91
C5 MAN IB . -23.73 -9.45 49.22
C6 MAN IB . -23.37 -8.14 48.55
O2 MAN IB . -26.40 -9.88 51.55
O3 MAN IB . -26.78 -11.61 49.37
O4 MAN IB . -25.25 -10.20 47.52
O5 MAN IB . -23.58 -9.25 50.66
O6 MAN IB . -24.11 -7.10 49.20
C1 MAN IB . -27.31 -10.54 52.46
C2 MAN IB . -28.64 -9.73 52.47
C3 MAN IB . -28.43 -8.47 53.24
C4 MAN IB . -28.11 -8.83 54.69
C5 MAN IB . -26.73 -9.51 54.69
C6 MAN IB . -26.32 -10.01 56.07
O2 MAN IB . -29.62 -10.40 53.23
O3 MAN IB . -29.58 -7.66 53.18
O4 MAN IB . -28.09 -7.68 55.52
O5 MAN IB . -26.76 -10.68 53.79
O6 MAN IB . -27.08 -9.31 57.06
C1 MAN IB . -30.53 -11.08 52.37
C2 MAN IB . -31.88 -11.02 53.09
C3 MAN IB . -31.77 -11.78 54.42
C4 MAN IB . -31.22 -13.21 54.22
C5 MAN IB . -29.89 -13.16 53.42
C6 MAN IB . -29.35 -14.51 53.03
O2 MAN IB . -32.88 -11.70 52.34
O3 MAN IB . -33.03 -11.84 55.09
O4 MAN IB . -30.98 -13.81 55.49
O5 MAN IB . -30.10 -12.40 52.20
O6 MAN IB . -28.06 -14.31 52.45
C1 MAN IB . -19.95 -13.63 56.41
C2 MAN IB . -20.10 -15.15 56.22
C3 MAN IB . -21.56 -15.48 55.91
C4 MAN IB . -22.54 -14.85 56.92
C5 MAN IB . -22.26 -13.35 57.07
C6 MAN IB . -23.07 -12.69 58.17
O2 MAN IB . -19.81 -15.86 57.40
O3 MAN IB . -21.74 -16.88 55.86
O4 MAN IB . -23.87 -15.04 56.49
O5 MAN IB . -20.87 -13.15 57.38
O6 MAN IB . -22.37 -12.85 59.40
C1 MAN IB . -22.17 -17.20 54.54
C2 MAN IB . -23.37 -18.19 54.66
C3 MAN IB . -22.87 -19.57 55.08
C4 MAN IB . -21.75 -20.05 54.16
C5 MAN IB . -20.60 -19.04 54.20
C6 MAN IB . -19.45 -19.40 53.28
O2 MAN IB . -24.02 -18.39 53.40
O3 MAN IB . -23.93 -20.51 55.11
O4 MAN IB . -21.29 -21.32 54.58
O5 MAN IB . -21.10 -17.74 53.78
O6 MAN IB . -19.41 -20.81 53.14
C1 MAN IB . -23.30 -13.39 60.36
C2 MAN IB . -22.88 -12.91 61.78
C3 MAN IB . -21.64 -13.69 62.28
C4 MAN IB . -21.80 -15.21 62.11
C5 MAN IB . -22.14 -15.55 60.66
C6 MAN IB . -22.41 -17.02 60.44
O2 MAN IB . -23.90 -13.15 62.74
O3 MAN IB . -21.35 -13.37 63.64
O4 MAN IB . -20.59 -15.85 62.47
O5 MAN IB . -23.35 -14.82 60.27
O6 MAN IB . -22.06 -17.34 59.09
C1 NAG JB . -5.48 -25.69 32.52
C2 NAG JB . -6.49 -25.46 31.36
C3 NAG JB . -7.38 -26.69 31.15
C4 NAG JB . -6.55 -27.97 31.10
C5 NAG JB . -5.66 -28.04 32.33
C6 NAG JB . -4.79 -29.26 32.37
C7 NAG JB . -8.17 -24.00 32.50
C8 NAG JB . -8.89 -22.69 32.39
N2 NAG JB . -7.28 -24.25 31.54
O3 NAG JB . -8.13 -26.56 29.95
O4 NAG JB . -7.39 -29.11 31.03
O5 NAG JB . -4.79 -26.90 32.34
O6 NAG JB . -3.76 -29.12 33.34
O7 NAG JB . -8.39 -24.77 33.44
C1 NAG JB . -7.31 -29.72 29.72
C2 NAG JB . -7.83 -31.16 29.80
C3 NAG JB . -7.82 -31.80 28.42
C4 NAG JB . -8.59 -30.95 27.43
C5 NAG JB . -8.04 -29.52 27.43
C6 NAG JB . -8.84 -28.57 26.57
C7 NAG JB . -7.42 -32.10 32.03
C8 NAG JB . -6.53 -32.97 32.86
N2 NAG JB . -7.06 -31.94 30.75
O3 NAG JB . -8.39 -33.11 28.49
O4 NAG JB . -8.49 -31.51 26.13
O5 NAG JB . -8.07 -28.99 28.76
O6 NAG JB . -8.84 -27.26 27.13
O7 NAG JB . -8.43 -31.57 32.49
C1 NAG KB . 27.40 -17.83 28.69
C2 NAG KB . 28.70 -17.31 28.12
C3 NAG KB . 28.67 -17.35 26.60
C4 NAG KB . 28.33 -18.75 26.10
C5 NAG KB . 27.07 -19.28 26.79
C6 NAG KB . 26.79 -20.74 26.50
C7 NAG KB . 30.25 -15.59 28.85
C8 NAG KB . 30.42 -14.16 29.28
N2 NAG KB . 29.01 -15.98 28.58
O3 NAG KB . 29.93 -16.93 26.09
O4 NAG KB . 28.04 -18.66 24.71
O5 NAG KB . 27.16 -19.16 28.22
O6 NAG KB . 27.91 -21.40 25.95
O7 NAG KB . 31.21 -16.35 28.76
C1 NAG KB . 29.09 -19.13 23.83
C2 NAG KB . 28.47 -19.29 22.44
C3 NAG KB . 29.53 -19.67 21.41
C4 NAG KB . 30.66 -18.65 21.43
C5 NAG KB . 31.24 -18.59 22.84
C6 NAG KB . 32.34 -17.56 22.98
C7 NAG KB . 26.11 -19.94 22.62
C8 NAG KB . 25.13 -21.09 22.61
N2 NAG KB . 27.39 -20.28 22.46
O3 NAG KB . 28.93 -19.71 20.12
O4 NAG KB . 31.67 -18.86 20.45
O5 NAG KB . 30.21 -18.22 23.76
O6 NAG KB . 32.77 -17.45 24.32
O7 NAG KB . 25.75 -18.78 22.76
C1 BMA KB . 32.16 -20.21 20.28
C2 BMA KB . 32.54 -20.35 18.78
C3 BMA KB . 33.99 -20.87 18.65
C4 BMA KB . 34.24 -22.10 19.57
C5 BMA KB . 33.76 -21.83 21.02
C6 BMA KB . 34.84 -22.01 22.04
O2 BMA KB . 32.51 -19.09 18.13
O3 BMA KB . 34.95 -19.84 18.94
O4 BMA KB . 33.59 -23.25 19.04
O5 BMA KB . 33.28 -20.48 21.11
O6 BMA KB . 35.84 -21.03 21.80
C1 MAN KB . 36.08 -20.00 18.05
C2 MAN KB . 37.38 -20.20 18.91
C3 MAN KB . 37.93 -18.86 19.42
C4 MAN KB . 38.06 -17.85 18.28
C5 MAN KB . 36.65 -17.63 17.70
C6 MAN KB . 36.65 -16.60 16.58
O2 MAN KB . 38.44 -20.75 18.13
O3 MAN KB . 39.18 -19.02 20.08
O4 MAN KB . 38.58 -16.64 18.76
O5 MAN KB . 36.17 -18.88 17.15
O6 MAN KB . 36.78 -17.30 15.36
C1 NAG LB . -3.15 34.39 -2.48
C2 NAG LB . -3.61 34.48 -3.93
C3 NAG LB . -2.61 35.27 -4.76
C4 NAG LB . -2.37 36.64 -4.14
C5 NAG LB . -1.95 36.49 -2.68
C6 NAG LB . -1.83 37.83 -1.97
C7 NAG LB . -4.99 32.64 -4.79
C8 NAG LB . -4.99 31.25 -5.36
N2 NAG LB . -3.79 33.15 -4.49
O3 NAG LB . -3.12 35.43 -6.07
O4 NAG LB . -1.35 37.33 -4.86
O5 NAG LB . -2.93 35.72 -1.96
O6 NAG LB . -2.92 38.67 -2.28
O7 NAG LB . -6.03 33.27 -4.61
C1 NAG MB . 39.37 28.86 -35.38
C2 NAG MB . 39.05 27.98 -36.59
C3 NAG MB . 39.61 26.57 -36.37
C4 NAG MB . 41.09 26.62 -36.03
C5 NAG MB . 41.32 27.57 -34.84
C6 NAG MB . 42.79 27.75 -34.51
C7 NAG MB . 37.00 28.64 -37.76
C8 NAG MB . 35.51 28.46 -37.85
N2 NAG MB . 37.62 27.92 -36.81
O3 NAG MB . 39.42 25.81 -37.56
O4 NAG MB . 41.56 25.33 -35.70
O5 NAG MB . 40.79 28.86 -35.15
O6 NAG MB . 43.03 27.64 -33.12
O7 NAG MB . 37.61 29.38 -38.51
C1 NAG NB . 29.60 44.51 -13.98
C2 NAG NB . 28.91 44.91 -12.66
C3 NAG NB . 29.19 46.38 -12.32
C4 NAG NB . 30.67 46.71 -12.44
C5 NAG NB . 31.20 46.29 -13.80
C6 NAG NB . 32.68 46.50 -13.94
C7 NAG NB . 26.70 44.45 -11.69
C8 NAG NB . 25.24 44.23 -11.99
N2 NAG NB . 27.49 44.67 -12.74
O3 NAG NB . 28.78 46.63 -10.98
O4 NAG NB . 30.87 48.11 -12.27
O5 NAG NB . 30.97 44.88 -13.95
O6 NAG NB . 33.41 45.34 -13.58
O7 NAG NB . 27.14 44.46 -10.54
C1 NAG OB . -29.94 11.59 13.13
C2 NAG OB . -30.45 10.27 13.74
C3 NAG OB . -31.77 9.88 13.11
C4 NAG OB . -32.78 11.02 13.21
C5 NAG OB . -32.20 12.29 12.61
C6 NAG OB . -33.10 13.49 12.80
C7 NAG OB . -28.79 8.69 14.61
C8 NAG OB . -27.81 7.60 14.26
N2 NAG OB . -29.47 9.22 13.58
O3 NAG OB . -32.28 8.73 13.78
O4 NAG OB . -33.98 10.67 12.53
O5 NAG OB . -30.95 12.61 13.25
O6 NAG OB . -33.65 13.52 14.10
O7 NAG OB . -28.95 9.08 15.76
C1 NAG PB . -50.89 -19.66 -25.70
C2 NAG PB . -50.51 -21.14 -25.55
C3 NAG PB . -49.39 -21.50 -26.53
C4 NAG PB . -49.76 -21.10 -27.96
C5 NAG PB . -50.16 -19.62 -28.00
C6 NAG PB . -50.66 -19.19 -29.36
C7 NAG PB . -50.92 -22.03 -23.30
C8 NAG PB . -50.34 -22.24 -21.94
N2 NAG PB . -50.11 -21.43 -24.19
O3 NAG PB . -49.14 -22.90 -26.46
O4 NAG PB . -48.66 -21.31 -28.82
O5 NAG PB . -51.23 -19.38 -27.08
O6 NAG PB . -49.96 -18.03 -29.81
O7 NAG PB . -52.06 -22.36 -23.59
C1 NAG QB . -53.24 5.92 -13.88
C2 NAG QB . -52.81 7.28 -13.32
C3 NAG QB . -54.00 8.24 -13.23
C4 NAG QB . -54.77 8.30 -14.54
C5 NAG QB . -55.17 6.89 -14.96
C6 NAG QB . -55.85 6.86 -16.31
C7 NAG QB . -51.27 7.96 -11.52
C8 NAG QB . -50.74 7.61 -10.16
N2 NAG QB . -52.19 7.12 -12.02
O3 NAG QB . -53.53 9.55 -12.92
O4 NAG QB . -55.94 9.10 -14.39
O5 NAG QB . -53.98 6.10 -15.09
O6 NAG QB . -54.91 6.97 -17.36
O7 NAG QB . -50.90 8.96 -12.13
C1 NAG RB . 4.27 15.87 30.40
C2 NAG RB . 5.79 15.90 30.41
C3 NAG RB . 6.33 15.13 31.61
C4 NAG RB . 5.71 15.66 32.90
C5 NAG RB . 4.19 15.61 32.80
C6 NAG RB . 3.51 16.23 34.00
C7 NAG RB . 6.98 16.08 28.27
C8 NAG RB . 7.47 15.35 27.06
N2 NAG RB . 6.33 15.35 29.18
O3 NAG RB . 7.74 15.28 31.67
O4 NAG RB . 6.13 14.87 34.01
O5 NAG RB . 3.75 16.35 31.65
O6 NAG RB . 4.06 17.52 34.30
O7 NAG RB . 7.16 17.29 28.42
C1 NAG SB . 22.59 -32.55 45.44
C2 NAG SB . 23.83 -33.01 44.64
C3 NAG SB . 23.44 -34.03 43.59
C4 NAG SB . 22.64 -35.18 44.21
C5 NAG SB . 21.45 -34.63 44.99
C6 NAG SB . 20.67 -35.69 45.72
C7 NAG SB . 25.54 -31.25 44.54
C8 NAG SB . 26.07 -30.08 43.76
N2 NAG SB . 24.47 -31.86 44.02
O3 NAG SB . 24.61 -34.55 42.98
O4 NAG SB . 22.17 -36.05 43.19
O5 NAG SB . 21.93 -33.71 45.99
O6 NAG SB . 19.28 -35.56 45.47
O7 NAG SB . 26.05 -31.62 45.59
C1 NAG TB . 5.47 -11.50 53.66
C2 NAG TB . 4.40 -10.39 53.62
C3 NAG TB . 4.02 -9.94 55.04
C4 NAG TB . 3.71 -11.13 55.94
C5 NAG TB . 4.86 -12.12 55.90
C6 NAG TB . 4.58 -13.38 56.70
C7 NAG TB . 4.09 -8.40 52.22
C8 NAG TB . 4.78 -7.29 51.46
N2 NAG TB . 4.88 -9.27 52.84
O3 NAG TB . 2.86 -9.12 54.96
O4 NAG TB . 3.52 -10.67 57.27
O5 NAG TB . 5.05 -12.53 54.55
O6 NAG TB . 4.09 -14.41 55.86
O7 NAG TB . 2.87 -8.49 52.25
#